data_8FKJ
#
_entry.id   8FKJ
#
_cell.length_a   1.00
_cell.length_b   1.00
_cell.length_c   1.00
_cell.angle_alpha   90.00
_cell.angle_beta   90.00
_cell.angle_gamma   90.00
#
_symmetry.space_group_name_H-M   'P 1'
#
loop_
_entity.id
_entity.type
_entity.pdbx_description
1 polymer 'ATP synthase subunit 5, mitochondrial'
2 polymer 'ATP synthase subunit alpha'
3 polymer 'ATP synthase subunit beta'
4 polymer 'ATP synthase subunit 9, mitochondrial'
5 polymer 'ATP synthase subunit 4, mitochondrial'
6 polymer 'ATP synthase subunit d, mitochondrial'
7 polymer 'ATP synthase subunit H, mitochondrial'
8 polymer 'ATP synthase subunit f, mitochondrial'
9 polymer 'ATP synthase protein 8'
10 polymer 'ATP synthase subunit a'
11 polymer 'ATP18 isoform 1'
12 polymer 'ATP synthase subunit gamma'
13 polymer 'ATP synthase subunit delta, mitochondrial'
14 polymer 'ATP synthase subunit epsilon, mitochondrial'
#
loop_
_entity_poly.entity_id
_entity_poly.type
_entity_poly.pdbx_seq_one_letter_code
_entity_poly.pdbx_strand_id
1 'polypeptide(L)'
;PPPVRLFGVEGTYATALYQAAAKNSSIDAAFQSLQKVESTVKKNPKLGHLLLNPALSLKDRNSVIDAIVETHKNLDGYVV
NLLKVLSENNRLGCFEKIASDFGVLNDAHNGLLKGTVTSAEPLDPKSFKRIEKALSASKLVGQGKSLKLENVVKPEIKGG
LIVELG
;
Y
2 'polypeptide(L)'
;KAQPTEVSSILEERIKGVSDEANLNETGRVLAVGDGIARVFGLNNIQAEELVEFSSGVKGMALNLEPGQVGIVLFGSDRL
VKEGELVKRTGNIVDVPVGPGLLGRVVDALGNPIDGKGPIDAAGRSRAQVKAPGILPRRSVHEPVQTGLKAVDALVPIGR
GQRELIIGDRQTGKTAVALDTILNQKRWNNGSDESKKLYCVYVAVGQKRSTVAQLVQTLEQHDAMKYSIIVAATASEAAP
LQYLAPFTAASIGEWFRDNGKHALIVYDDLSKQAVAYRQLSLLLRRPPGREAYPGDVFYLHSRLLERAAKLSEKEGSGSL
TALPVIETQGGDVSAYIPTNVISITDGQIFLEAELFYKGIRPAINVGLSVSRVGSAAQVKALKQVAGSLKLFLAQYREVA
AFAQFGSDLDASTKQTLVRGERLTQLLKQNQYSPLATEEQVPLIYAGVNGHLDGIELSRIGEFESSFLSYLKSNHNELLT
EIREKGELSKELLASLKSATESFVATF
;
A,B,C
3 'polypeptide(L)'
;STPITGKVTAVIGAIVDVHFEQSELPAILNALEIKTPQGKLVLEVAQHLGENTVRTIAMDGTEGLVRGEKVLDTGGPISV
PVGRETLGRIINVIGEPIDERGPIKSKLRKPIHADPPSFAEQSTSAEILETGIKVVDLLAPYARGGKIGLFGGAGVGKTV
FIQELINNIAKAHGGFSVFTGVGERTREGNDLYREMKETGVINLEGESKVALVFGQMNEPPGARARVALTGLTIAEYFRD
EEGQDVLLFIDNIFRFTQAGSEVSALLGRIPSAVGYQPTLATDMGLLQERITTTKKGSVTSVQAVYVPADDLTDPAPATT
FAHLDATTVLSRGISELGIYPAVDPLDSKSRLLDAAVVGQEHYDVASKVQETLQTYKSLQDIIAILGMDELSEQDKLTVE
RARKIQRFLSQPFAVAEVFTGIPGKLVRLKDTVASFKAVLEGKYDNIPEHAFYMVGGIEDVVAKAEKLAAEAN
;
D,E,F
4 'polypeptide(L)' QLVLAAKYIGAGISTIGLLGAGIGIAIVFAALINGVSRNPSIKDTVFPMAILGFALSEATGLFCLMVSFLLLFG R,S,T,K,L,M,N,O,P,Q
5 'polypeptide(L)'
;NDESILLLTFLGFTGLVAKYLAPAYKDFADARMKKVSDVLNASRNKHVEAVKDRIDSVSQLQNVAETTKVLFDVSKETVE
LESEAFELKQKVELAHEAKAVLDSWVRYEASLRQLEQRQLAKSVISRVQSELGNPKFQEKVLQQSISEIEQLLSK
;
Z
6 'polypeptide(L)'
;AKSAANKLDWAKVISSLRITGSTATQLSSFKKRNDEARRQLLELQSQPTEVDFSHYRSVLKNTSVIDKIESYVKQYKPVK
IDASKQLQVIESFEKHAMTNAKETESLVSKELKDLQSTLDNIQSARPFDELTVDDLTKIKPEIDAKVEEMVKKGKWDVPG
YKDRFGNLNVM
;
7
7 'polypeptide(L)'
;QDLYLRELKDTKLAPSTLQDAEGNVKPWNPPQKPNLPELELQGPEALKAYTEQNVETAHVAKESEEGESEPIEEDWLVLD
DAEETKESH
;
6
8 'polypeptide(L)'
;VSTLIPPKVVSSKNIGSAPNAKRIANVVHFYKSLPQGPAPAIKANTRLARYKAKYFDGDNASGKPLWHFALGIIAFGYSM
EYYFH
;
U
9 'polypeptide(L)' FYFMNQLTYGFLLMITLLILFSQFFLPMILRLYVSRLFISK 8
10 'polypeptide(L)'
;LTTFSLYTIIVLLVITSLYTLTNNNNKIIGSRWLISQEAIYDTIMNMTKGQIGGKNWGLYFPMIFTLFMFIFIANLISMI
PYSFALSAHLVFIISLSIVIWLGNTILGLYKHGWVFFSLFVPAGTPLPLVPLLVIIETLSYFARAISLGLRLGSNILAGH
LLMVILAGLTFNFMLINLFTLVFGFVPLAMILAIMMLEFAIGIIQGYVWAILTASYLKDAVYLH
;
X
11 'polypeptide(L)' MLKRFPTPILKVYWPFFVAGAAVYYGMSKAADLSSNT J
12 'polypeptide(L)'
;EVEMRLKSIKNIEKITKTMKIVASTRLSKAEKAKISAKKMDEAEQLFYKNAETKNLDVEATETGAPKELIVAITSDKGLC
GSIHSQLAKAVRRHLNDQPNADIVTIGDKIKMQLLRTHPNNIKLSINGIGKDAPTFQESALIADKLLSVMKAGTYPKISI
FYNDPVSSLSFEPSEKPIFNAKTIEQSPSFGKFEIDTDANVPRDLFEYTLANQMLTAMAQGYAAEISARRNAMDNASKNA
GDMINRYSILYNRTRQAVITNELVDIITGA
;
G
13 'polypeptide(L)'
;SSGLKLQFALPHETLYSGSEVTQVNLPAKSGRIGVLANHVPTVEQLLPGVVEVMEGSNSKKFFISGGFATVQPDSQLCVT
AIEAFPLESFSQENIKNLLAEAKKNVSSSDAREAAEAAIQVEVLENLQSVLK
;
H
14 'polypeptide(L)' SAWRKAGISYAAYLNVAAQAIRSSLKTELQTASVLNRSQTDAFYTQYKNGTAASEPTPI I
#
# COMPACT_ATOMS: atom_id res chain seq x y z
N PRO A 1 53.32 -45.63 -43.24
CA PRO A 1 52.52 -45.78 -42.03
C PRO A 1 53.08 -46.84 -41.09
N PRO A 2 53.24 -46.50 -39.82
CA PRO A 2 53.77 -47.47 -38.85
C PRO A 2 52.82 -48.63 -38.69
N PRO A 3 53.27 -49.72 -38.04
CA PRO A 3 52.38 -50.87 -37.84
C PRO A 3 51.08 -50.52 -37.14
N VAL A 4 51.14 -49.68 -36.11
CA VAL A 4 49.96 -49.13 -35.45
C VAL A 4 50.41 -47.97 -34.59
N ARG A 5 49.61 -46.90 -34.56
CA ARG A 5 49.97 -45.71 -33.81
C ARG A 5 49.94 -46.02 -32.32
N LEU A 6 50.97 -45.55 -31.60
CA LEU A 6 51.13 -45.87 -30.20
C LEU A 6 50.40 -44.92 -29.26
N PHE A 7 49.49 -44.09 -29.78
CA PHE A 7 48.66 -43.21 -28.97
C PHE A 7 49.50 -42.27 -28.11
N GLY A 8 50.57 -41.75 -28.69
CA GLY A 8 51.27 -40.61 -28.15
C GLY A 8 51.82 -40.80 -26.74
N VAL A 9 51.72 -39.72 -25.97
CA VAL A 9 52.20 -39.63 -24.59
C VAL A 9 53.70 -39.86 -24.56
N GLU A 10 54.46 -38.92 -25.12
CA GLU A 10 55.91 -39.05 -25.28
C GLU A 10 56.28 -40.27 -26.11
N GLY A 11 55.27 -40.95 -26.67
CA GLY A 11 55.47 -41.95 -27.69
C GLY A 11 55.54 -41.39 -29.08
N THR A 12 55.28 -40.10 -29.22
CA THR A 12 55.48 -39.45 -30.51
C THR A 12 56.93 -39.52 -30.94
N TYR A 13 57.86 -39.28 -30.02
CA TYR A 13 59.27 -39.38 -30.37
C TYR A 13 59.63 -40.78 -30.85
N ALA A 14 59.15 -41.80 -30.13
CA ALA A 14 59.44 -43.17 -30.54
C ALA A 14 58.78 -43.51 -31.87
N THR A 15 57.54 -43.05 -32.06
CA THR A 15 56.87 -43.32 -33.32
C THR A 15 57.63 -42.71 -34.49
N ALA A 16 58.10 -41.47 -34.32
CA ALA A 16 58.87 -40.81 -35.36
C ALA A 16 60.19 -41.53 -35.60
N LEU A 17 60.85 -41.98 -34.52
CA LEU A 17 62.10 -42.72 -34.70
C LEU A 17 61.87 -43.98 -35.50
N TYR A 18 60.79 -44.71 -35.19
CA TYR A 18 60.46 -45.91 -35.94
C TYR A 18 60.21 -45.59 -37.40
N GLN A 19 59.45 -44.53 -37.67
CA GLN A 19 59.14 -44.19 -39.06
C GLN A 19 60.40 -43.80 -39.83
N ALA A 20 61.22 -42.93 -39.25
CA ALA A 20 62.43 -42.50 -39.94
C ALA A 20 63.39 -43.66 -40.16
N ALA A 21 63.65 -44.45 -39.12
CA ALA A 21 64.52 -45.60 -39.28
C ALA A 21 63.94 -46.63 -40.23
N ALA A 22 62.62 -46.68 -40.37
CA ALA A 22 61.99 -47.56 -41.35
C ALA A 22 62.11 -47.02 -42.76
N LYS A 23 62.35 -45.72 -42.92
CA LYS A 23 62.75 -45.24 -44.23
C LYS A 23 64.03 -45.93 -44.68
N ASN A 24 65.00 -46.09 -43.76
CA ASN A 24 66.17 -46.90 -43.97
C ASN A 24 65.86 -48.33 -43.54
N SER A 25 66.87 -49.21 -43.58
CA SER A 25 66.69 -50.51 -42.96
C SER A 25 66.53 -50.35 -41.46
N SER A 26 67.61 -49.96 -40.80
CA SER A 26 67.63 -49.40 -39.45
C SER A 26 66.56 -50.00 -38.54
N ILE A 27 66.50 -51.33 -38.51
CA ILE A 27 65.50 -52.05 -37.73
C ILE A 27 66.15 -52.79 -36.57
N ASP A 28 66.93 -53.83 -36.87
CA ASP A 28 67.79 -54.41 -35.85
C ASP A 28 68.88 -53.42 -35.46
N ALA A 29 69.36 -52.65 -36.43
CA ALA A 29 70.37 -51.63 -36.14
C ALA A 29 69.85 -50.60 -35.16
N ALA A 30 68.61 -50.15 -35.35
CA ALA A 30 68.02 -49.21 -34.41
C ALA A 30 67.80 -49.82 -33.03
N PHE A 31 67.15 -50.98 -32.96
CA PHE A 31 66.86 -51.62 -31.68
C PHE A 31 68.11 -52.03 -30.93
N GLN A 32 69.21 -52.33 -31.63
CA GLN A 32 70.42 -52.77 -30.95
C GLN A 32 71.06 -51.66 -30.15
N SER A 33 71.22 -50.48 -30.75
CA SER A 33 71.78 -49.36 -30.00
C SER A 33 70.87 -48.99 -28.84
N LEU A 34 69.55 -49.08 -29.04
CA LEU A 34 68.62 -48.78 -27.96
C LEU A 34 68.76 -49.78 -26.81
N GLN A 35 68.88 -51.07 -27.14
CA GLN A 35 69.06 -52.08 -26.11
C GLN A 35 70.36 -51.86 -25.36
N LYS A 36 71.43 -51.53 -26.09
CA LYS A 36 72.70 -51.24 -25.43
C LYS A 36 72.59 -50.02 -24.53
N VAL A 37 71.88 -48.99 -24.99
CA VAL A 37 71.73 -47.78 -24.19
C VAL A 37 70.95 -48.06 -22.92
N GLU A 38 69.85 -48.79 -23.04
CA GLU A 38 69.05 -49.14 -21.87
C GLU A 38 69.85 -50.00 -20.90
N SER A 39 70.62 -50.95 -21.43
CA SER A 39 71.48 -51.76 -20.58
C SER A 39 72.53 -50.91 -19.87
N THR A 40 73.10 -49.94 -20.59
CA THR A 40 74.08 -49.05 -19.96
C THR A 40 73.44 -48.25 -18.85
N VAL A 41 72.23 -47.73 -19.08
CA VAL A 41 71.54 -46.95 -18.07
C VAL A 41 71.27 -47.81 -16.84
N LYS A 42 70.84 -49.05 -17.07
CA LYS A 42 70.65 -49.97 -15.94
C LYS A 42 71.97 -50.27 -15.26
N LYS A 43 73.06 -50.28 -16.03
CA LYS A 43 74.38 -50.59 -15.50
C LYS A 43 74.93 -49.49 -14.60
N ASN A 44 74.35 -48.29 -14.66
CA ASN A 44 74.68 -47.20 -13.73
C ASN A 44 73.43 -46.92 -12.92
N PRO A 45 73.36 -47.42 -11.68
CA PRO A 45 72.19 -47.15 -10.84
C PRO A 45 71.90 -45.67 -10.72
N LYS A 46 72.84 -44.93 -10.16
CA LYS A 46 72.81 -43.48 -10.26
C LYS A 46 73.58 -43.04 -11.49
N LEU A 47 73.49 -41.74 -11.80
CA LEU A 47 74.15 -41.14 -12.96
C LEU A 47 73.76 -41.89 -14.23
N GLY A 48 72.46 -41.87 -14.49
CA GLY A 48 71.88 -42.69 -15.54
C GLY A 48 70.46 -43.05 -15.19
N HIS A 49 70.11 -42.97 -13.91
CA HIS A 49 68.73 -42.94 -13.46
C HIS A 49 68.36 -41.63 -12.80
N LEU A 50 69.18 -41.16 -11.85
CA LEU A 50 69.07 -39.78 -11.42
C LEU A 50 69.38 -38.83 -12.57
N LEU A 51 70.05 -39.32 -13.61
CA LEU A 51 70.19 -38.56 -14.84
C LEU A 51 68.88 -38.45 -15.60
N LEU A 52 67.90 -39.30 -15.30
CA LEU A 52 66.57 -39.20 -15.90
C LEU A 52 65.65 -38.38 -14.99
N ASN A 53 66.09 -37.16 -14.70
CA ASN A 53 65.35 -36.27 -13.81
C ASN A 53 65.09 -34.95 -14.50
N PRO A 54 63.94 -34.29 -14.25
CA PRO A 54 63.69 -33.01 -14.90
C PRO A 54 64.68 -31.93 -14.52
N ALA A 55 65.24 -31.99 -13.32
CA ALA A 55 66.08 -30.91 -12.83
C ALA A 55 67.41 -30.78 -13.59
N LEU A 56 67.74 -31.73 -14.46
CA LEU A 56 69.00 -31.67 -15.18
C LEU A 56 69.01 -30.47 -16.13
N SER A 57 70.10 -29.70 -16.10
CA SER A 57 70.21 -28.51 -16.91
C SER A 57 70.35 -28.86 -18.39
N LEU A 58 70.05 -27.89 -19.24
CA LEU A 58 70.15 -28.11 -20.68
C LEU A 58 71.57 -28.47 -21.08
N LYS A 59 72.55 -27.72 -20.59
CA LYS A 59 73.93 -28.16 -20.75
C LYS A 59 74.14 -29.50 -20.09
N ASP A 60 73.58 -29.67 -18.88
CA ASP A 60 73.70 -30.95 -18.19
C ASP A 60 73.01 -32.06 -18.97
N ARG A 61 71.85 -31.79 -19.55
CA ARG A 61 71.14 -32.82 -20.31
C ARG A 61 71.92 -33.22 -21.56
N ASN A 62 72.40 -32.23 -22.32
CA ASN A 62 73.19 -32.54 -23.50
C ASN A 62 74.46 -33.30 -23.12
N SER A 63 75.10 -32.91 -22.01
CA SER A 63 76.31 -33.57 -21.58
C SER A 63 76.05 -35.00 -21.13
N VAL A 64 74.95 -35.23 -20.42
CA VAL A 64 74.61 -36.58 -19.98
C VAL A 64 74.31 -37.47 -21.18
N ILE A 65 73.55 -36.94 -22.13
CA ILE A 65 73.27 -37.72 -23.35
C ILE A 65 74.58 -38.03 -24.08
N ASP A 66 75.47 -37.04 -24.18
CA ASP A 66 76.74 -37.27 -24.84
C ASP A 66 77.57 -38.33 -24.11
N ALA A 67 77.59 -38.28 -22.78
CA ALA A 67 78.35 -39.25 -22.01
C ALA A 67 77.80 -40.65 -22.17
N ILE A 68 76.47 -40.78 -22.20
CA ILE A 68 75.86 -42.07 -22.44
C ILE A 68 76.23 -42.58 -23.84
N VAL A 69 76.25 -41.69 -24.81
CA VAL A 69 76.67 -42.05 -26.16
C VAL A 69 78.16 -42.35 -26.21
N GLU A 70 78.92 -41.89 -25.22
CA GLU A 70 80.37 -42.04 -25.25
C GLU A 70 80.79 -43.48 -25.08
N THR A 71 79.88 -44.36 -24.70
CA THR A 71 80.23 -45.77 -24.56
C THR A 71 80.51 -46.33 -25.94
N HIS A 72 81.70 -46.04 -26.46
CA HIS A 72 82.10 -46.40 -27.82
C HIS A 72 81.02 -46.06 -28.84
N LYS A 73 80.66 -47.02 -29.70
CA LYS A 73 79.67 -46.84 -30.75
C LYS A 73 78.38 -47.55 -30.38
N ASN A 74 78.12 -47.63 -29.08
CA ASN A 74 76.89 -48.23 -28.60
C ASN A 74 75.68 -47.35 -28.93
N LEU A 75 75.93 -46.08 -29.23
CA LEU A 75 74.88 -45.14 -29.62
C LEU A 75 74.89 -44.94 -31.13
N ASP A 76 75.20 -46.01 -31.86
CA ASP A 76 75.30 -45.91 -33.30
C ASP A 76 73.92 -45.79 -33.94
N GLY A 77 73.86 -45.00 -35.01
CA GLY A 77 72.64 -44.85 -35.77
C GLY A 77 71.85 -43.59 -35.47
N TYR A 78 70.63 -43.51 -35.99
CA TYR A 78 69.78 -42.35 -35.75
C TYR A 78 69.37 -42.21 -34.29
N VAL A 79 69.61 -43.24 -33.48
CA VAL A 79 69.28 -43.17 -32.06
C VAL A 79 70.09 -42.06 -31.38
N VAL A 80 71.29 -41.79 -31.89
CA VAL A 80 72.08 -40.68 -31.35
C VAL A 80 71.33 -39.36 -31.54
N ASN A 81 70.84 -39.13 -32.75
CA ASN A 81 70.12 -37.89 -33.02
C ASN A 81 68.84 -37.81 -32.20
N LEU A 82 68.13 -38.92 -32.08
CA LEU A 82 66.90 -38.93 -31.29
C LEU A 82 67.19 -38.62 -29.83
N LEU A 83 68.26 -39.21 -29.29
CA LEU A 83 68.63 -38.96 -27.90
C LEU A 83 68.98 -37.49 -27.69
N LYS A 84 69.76 -36.92 -28.61
CA LYS A 84 70.12 -35.51 -28.48
C LYS A 84 68.87 -34.62 -28.59
N VAL A 85 67.96 -34.95 -29.51
CA VAL A 85 66.75 -34.17 -29.66
C VAL A 85 65.91 -34.21 -28.38
N LEU A 86 65.75 -35.40 -27.81
CA LEU A 86 65.03 -35.51 -26.56
C LEU A 86 65.75 -34.78 -25.43
N SER A 87 67.08 -34.66 -25.53
CA SER A 87 67.86 -34.06 -24.45
C SER A 87 67.39 -32.65 -24.14
N GLU A 88 66.77 -31.99 -25.13
CA GLU A 88 66.11 -30.72 -24.88
C GLU A 88 64.60 -30.81 -25.02
N ASN A 89 64.08 -31.79 -25.75
CA ASN A 89 62.65 -31.85 -26.02
C ASN A 89 61.88 -32.49 -24.87
N ASN A 90 62.33 -33.66 -24.42
CA ASN A 90 61.70 -34.37 -23.31
C ASN A 90 62.75 -35.26 -22.68
N ARG A 91 63.00 -35.07 -21.38
CA ARG A 91 64.13 -35.72 -20.74
C ARG A 91 63.97 -37.23 -20.68
N LEU A 92 62.78 -37.70 -20.35
CA LEU A 92 62.57 -39.10 -19.99
C LEU A 92 62.02 -39.89 -21.18
N GLY A 93 62.74 -40.92 -21.57
CA GLY A 93 62.34 -41.74 -22.70
C GLY A 93 62.65 -43.21 -22.47
N CYS A 94 62.82 -43.60 -21.22
CA CYS A 94 62.90 -45.03 -20.92
C CYS A 94 61.61 -45.71 -21.33
N PHE A 95 60.48 -45.08 -21.03
CA PHE A 95 59.23 -45.52 -21.63
C PHE A 95 59.28 -45.40 -23.13
N GLU A 96 60.00 -44.40 -23.65
CA GLU A 96 60.18 -44.32 -25.10
C GLU A 96 61.10 -45.43 -25.59
N LYS A 97 62.05 -45.88 -24.76
CA LYS A 97 62.84 -47.05 -25.14
C LYS A 97 61.97 -48.29 -25.21
N ILE A 98 61.10 -48.48 -24.21
CA ILE A 98 60.17 -49.59 -24.24
C ILE A 98 59.21 -49.48 -25.42
N ALA A 99 58.84 -48.25 -25.79
CA ALA A 99 57.95 -48.06 -26.93
C ALA A 99 58.68 -48.36 -28.23
N SER A 100 59.96 -48.00 -28.32
CA SER A 100 60.77 -48.40 -29.47
C SER A 100 60.83 -49.91 -29.57
N ASP A 101 60.98 -50.58 -28.42
CA ASP A 101 60.94 -52.04 -28.40
C ASP A 101 59.58 -52.54 -28.87
N PHE A 102 58.51 -51.87 -28.45
CA PHE A 102 57.17 -52.26 -28.87
C PHE A 102 57.02 -52.12 -30.38
N GLY A 103 57.55 -51.04 -30.93
CA GLY A 103 57.51 -50.86 -32.37
C GLY A 103 58.32 -51.94 -33.08
N VAL A 104 59.47 -52.30 -32.50
CA VAL A 104 60.29 -53.36 -33.09
C VAL A 104 59.54 -54.68 -33.10
N LEU A 105 58.86 -54.99 -31.99
CA LEU A 105 58.05 -56.21 -31.92
C LEU A 105 56.91 -56.15 -32.93
N ASN A 106 56.28 -54.98 -33.07
CA ASN A 106 55.20 -54.83 -34.04
C ASN A 106 55.72 -55.03 -35.47
N ASP A 107 56.94 -54.55 -35.73
CA ASP A 107 57.53 -54.74 -37.05
C ASP A 107 57.86 -56.21 -37.30
N ALA A 108 58.34 -56.92 -36.28
CA ALA A 108 58.82 -58.28 -36.47
C ALA A 108 58.17 -59.33 -35.58
N HIS A 109 57.94 -59.05 -34.30
CA HIS A 109 57.66 -60.12 -33.34
C HIS A 109 56.17 -60.30 -33.08
N ASN A 110 55.46 -59.23 -32.73
CA ASN A 110 54.05 -59.29 -32.35
C ASN A 110 53.83 -60.21 -31.17
N GLY A 111 52.57 -60.41 -30.80
CA GLY A 111 52.25 -61.33 -29.73
C GLY A 111 52.08 -60.64 -28.40
N LEU A 112 51.09 -61.11 -27.64
CA LEU A 112 50.83 -60.68 -26.28
C LEU A 112 50.01 -61.76 -25.60
N LEU A 113 49.97 -61.70 -24.27
CA LEU A 113 49.24 -62.70 -23.50
C LEU A 113 47.76 -62.66 -23.86
N LYS A 114 47.13 -63.84 -23.93
CA LYS A 114 45.71 -63.91 -24.28
C LYS A 114 44.86 -63.44 -23.11
N GLY A 115 44.86 -64.18 -22.01
CA GLY A 115 44.07 -63.82 -20.86
C GLY A 115 42.79 -64.61 -20.69
N THR A 116 41.67 -64.02 -21.10
CA THR A 116 40.34 -64.62 -20.97
C THR A 116 40.08 -64.99 -19.51
N VAL A 117 40.34 -66.25 -19.15
CA VAL A 117 40.29 -66.70 -17.78
C VAL A 117 41.66 -67.16 -17.30
N THR A 118 42.72 -66.83 -18.03
CA THR A 118 44.07 -67.23 -17.68
C THR A 118 44.93 -66.00 -17.47
N SER A 119 45.75 -66.04 -16.43
CA SER A 119 46.66 -64.96 -16.09
C SER A 119 48.10 -65.27 -16.49
N ALA A 120 48.24 -66.14 -17.48
CA ALA A 120 49.57 -66.60 -17.88
C ALA A 120 50.38 -65.46 -18.47
N GLU A 121 51.70 -65.62 -18.48
CA GLU A 121 52.62 -64.62 -19.00
C GLU A 121 53.41 -65.23 -20.15
N PRO A 122 52.72 -65.72 -21.17
CA PRO A 122 53.42 -66.33 -22.30
C PRO A 122 53.57 -65.40 -23.49
N LEU A 123 54.06 -65.93 -24.61
CA LEU A 123 54.23 -65.15 -25.82
C LEU A 123 54.09 -66.08 -27.01
N ASP A 124 53.63 -65.53 -28.13
CA ASP A 124 53.49 -66.28 -29.38
C ASP A 124 54.16 -65.51 -30.51
N PRO A 125 55.48 -65.57 -30.62
CA PRO A 125 56.18 -64.73 -31.62
C PRO A 125 56.01 -65.25 -33.05
N LYS A 126 54.82 -65.02 -33.61
CA LYS A 126 54.55 -65.42 -34.97
C LYS A 126 53.51 -64.47 -35.56
N SER A 127 53.65 -64.17 -36.85
CA SER A 127 52.74 -63.23 -37.48
C SER A 127 51.30 -63.73 -37.43
N PHE A 128 51.09 -65.02 -37.72
CA PHE A 128 49.75 -65.58 -37.72
C PHE A 128 49.24 -65.77 -36.30
N LYS A 129 47.92 -65.67 -36.15
CA LYS A 129 47.24 -65.81 -34.87
C LYS A 129 46.05 -66.75 -35.01
N ARG A 130 46.21 -67.78 -35.84
CA ARG A 130 45.17 -68.78 -36.06
C ARG A 130 45.71 -70.21 -35.97
N ILE A 131 47.01 -70.38 -35.79
CA ILE A 131 47.61 -71.70 -35.69
C ILE A 131 48.41 -71.86 -34.40
N GLU A 132 49.44 -71.02 -34.22
CA GLU A 132 50.38 -71.22 -33.14
C GLU A 132 49.79 -70.94 -31.75
N LYS A 133 48.62 -70.31 -31.69
CA LYS A 133 48.07 -69.91 -30.40
C LYS A 133 47.80 -71.12 -29.51
N ALA A 134 47.16 -72.14 -30.08
CA ALA A 134 46.83 -73.33 -29.29
C ALA A 134 48.08 -74.05 -28.81
N LEU A 135 49.07 -74.18 -29.70
CA LEU A 135 50.32 -74.83 -29.31
C LEU A 135 51.01 -74.06 -28.20
N SER A 136 51.05 -72.74 -28.31
CA SER A 136 51.68 -71.95 -27.25
C SER A 136 50.94 -72.13 -25.93
N ALA A 137 49.61 -72.10 -25.96
CA ALA A 137 48.85 -72.23 -24.72
C ALA A 137 49.06 -73.60 -24.09
N SER A 138 48.96 -74.67 -24.89
CA SER A 138 49.13 -76.01 -24.35
C SER A 138 50.54 -76.22 -23.81
N LYS A 139 51.55 -75.68 -24.52
CA LYS A 139 52.92 -75.81 -24.03
C LYS A 139 53.10 -75.09 -22.71
N LEU A 140 52.64 -73.84 -22.62
CA LEU A 140 52.80 -73.08 -21.38
C LEU A 140 52.04 -73.72 -20.24
N VAL A 141 50.94 -74.43 -20.54
CA VAL A 141 50.26 -75.21 -19.53
C VAL A 141 51.06 -76.43 -19.10
N GLY A 142 51.61 -77.18 -20.06
CA GLY A 142 52.30 -78.42 -19.76
C GLY A 142 53.78 -78.23 -19.47
N GLN A 143 54.27 -77.02 -19.69
CA GLN A 143 55.64 -76.67 -19.36
C GLN A 143 55.64 -75.42 -18.51
N GLY A 144 56.34 -75.48 -17.38
CA GLY A 144 56.36 -74.39 -16.44
C GLY A 144 55.12 -74.34 -15.56
N LYS A 145 53.98 -73.98 -16.15
CA LYS A 145 52.70 -73.88 -15.44
C LYS A 145 52.83 -72.98 -14.19
N SER A 146 53.25 -71.75 -14.44
CA SER A 146 53.60 -70.83 -13.36
C SER A 146 52.34 -70.26 -12.71
N LEU A 147 52.51 -69.13 -12.02
CA LEU A 147 51.40 -68.43 -11.39
C LEU A 147 50.55 -67.74 -12.45
N LYS A 148 49.65 -68.50 -13.08
CA LYS A 148 48.64 -67.96 -13.97
C LYS A 148 47.29 -67.81 -13.29
N LEU A 149 47.29 -67.55 -11.98
CA LEU A 149 46.07 -67.63 -11.17
C LEU A 149 45.28 -66.32 -11.24
N GLU A 150 44.09 -66.39 -11.83
CA GLU A 150 43.07 -65.36 -11.68
C GLU A 150 42.20 -65.62 -10.45
N ASN A 151 42.74 -66.31 -9.44
CA ASN A 151 42.02 -66.75 -8.27
C ASN A 151 40.96 -67.77 -8.66
N VAL A 152 39.87 -67.30 -9.27
CA VAL A 152 38.82 -68.17 -9.79
C VAL A 152 38.25 -67.50 -11.03
N VAL A 153 37.53 -68.28 -11.82
CA VAL A 153 36.81 -67.77 -12.98
C VAL A 153 35.78 -66.78 -12.48
N LYS A 154 35.73 -65.61 -13.12
CA LYS A 154 34.70 -64.63 -12.77
C LYS A 154 33.30 -65.21 -12.87
N PRO A 155 33.05 -66.27 -13.65
CA PRO A 155 31.69 -66.83 -13.71
C PRO A 155 31.16 -67.23 -12.34
N GLU A 156 32.05 -67.54 -11.39
CA GLU A 156 31.58 -67.77 -10.02
C GLU A 156 30.91 -66.54 -9.47
N ILE A 157 31.53 -65.38 -9.64
CA ILE A 157 30.91 -64.11 -9.23
C ILE A 157 29.62 -63.90 -10.02
N LYS A 158 29.65 -64.22 -11.30
CA LYS A 158 28.48 -64.07 -12.15
C LYS A 158 27.29 -64.87 -11.64
N GLY A 159 27.48 -66.17 -11.40
CA GLY A 159 26.41 -66.98 -10.88
C GLY A 159 25.97 -66.56 -9.49
N GLY A 160 26.94 -66.20 -8.64
CA GLY A 160 26.58 -65.76 -7.29
C GLY A 160 25.68 -64.55 -7.30
N LEU A 161 26.03 -63.54 -8.11
CA LEU A 161 25.17 -62.37 -8.23
C LEU A 161 23.83 -62.75 -8.89
N ILE A 162 23.88 -63.62 -9.91
CA ILE A 162 22.66 -63.96 -10.64
C ILE A 162 21.65 -64.62 -9.71
N VAL A 163 22.10 -65.57 -8.91
CA VAL A 163 21.20 -66.22 -7.97
C VAL A 163 20.81 -65.27 -6.85
N GLU A 164 21.74 -64.45 -6.37
CA GLU A 164 21.49 -63.62 -5.21
C GLU A 164 20.57 -62.44 -5.49
N LEU A 165 20.20 -62.21 -6.75
CA LEU A 165 19.39 -61.06 -7.12
C LEU A 165 18.12 -61.46 -7.87
N GLY A 166 17.64 -62.68 -7.68
CA GLY A 166 16.41 -63.11 -8.33
C GLY A 166 16.52 -63.23 -9.83
N LYS B 1 88.03 -51.96 -19.91
CA LYS B 1 86.66 -51.48 -19.75
C LYS B 1 86.61 -50.25 -18.86
N ALA B 2 87.76 -49.61 -18.67
CA ALA B 2 87.83 -48.43 -17.81
C ALA B 2 86.98 -47.28 -18.33
N GLN B 3 86.69 -47.27 -19.63
CA GLN B 3 85.91 -46.18 -20.21
C GLN B 3 84.53 -46.06 -19.57
N PRO B 4 83.77 -47.14 -19.37
CA PRO B 4 82.46 -46.98 -18.72
C PRO B 4 82.55 -46.41 -17.32
N THR B 5 83.50 -46.90 -16.52
CA THR B 5 83.65 -46.40 -15.15
C THR B 5 84.04 -44.93 -15.15
N GLU B 6 84.98 -44.56 -16.02
CA GLU B 6 85.39 -43.17 -16.10
C GLU B 6 84.24 -42.28 -16.53
N VAL B 7 83.46 -42.72 -17.52
CA VAL B 7 82.34 -41.93 -18.00
C VAL B 7 81.29 -41.77 -16.90
N SER B 8 81.00 -42.85 -16.17
CA SER B 8 80.01 -42.78 -15.11
C SER B 8 80.47 -41.86 -14.00
N SER B 9 81.75 -41.94 -13.61
CA SER B 9 82.25 -41.10 -12.53
C SER B 9 82.33 -39.65 -12.94
N ILE B 10 82.61 -39.39 -14.23
CA ILE B 10 82.60 -38.03 -14.74
C ILE B 10 81.18 -37.48 -14.80
N LEU B 11 80.22 -38.33 -15.19
CA LEU B 11 78.83 -37.91 -15.24
C LEU B 11 78.29 -37.61 -13.85
N GLU B 12 78.60 -38.46 -12.87
CA GLU B 12 78.24 -38.16 -11.50
C GLU B 12 78.92 -36.89 -11.03
N GLU B 13 80.20 -36.73 -11.38
CA GLU B 13 80.92 -35.51 -11.11
C GLU B 13 80.48 -34.43 -12.10
N ARG B 14 81.15 -33.29 -12.10
CA ARG B 14 80.84 -32.11 -12.91
C ARG B 14 79.42 -31.61 -12.66
N ILE B 15 78.72 -32.15 -11.67
CA ILE B 15 77.35 -31.78 -11.38
C ILE B 15 77.26 -30.92 -10.14
N LYS B 16 78.34 -30.19 -9.83
CA LYS B 16 78.43 -29.37 -8.63
C LYS B 16 78.20 -30.23 -7.39
N GLY B 17 76.96 -30.25 -6.90
CA GLY B 17 76.59 -31.16 -5.83
C GLY B 17 75.18 -31.68 -5.92
N VAL B 18 74.49 -31.35 -7.01
CA VAL B 18 73.08 -31.72 -7.15
C VAL B 18 72.91 -33.23 -7.17
N SER B 19 73.74 -33.92 -7.96
CA SER B 19 73.79 -35.37 -7.92
C SER B 19 75.11 -35.85 -7.31
N ASP B 20 75.99 -34.92 -6.94
CA ASP B 20 77.26 -35.22 -6.31
C ASP B 20 77.07 -35.06 -4.80
N GLU B 21 76.98 -36.19 -4.10
CA GLU B 21 76.95 -36.32 -2.65
C GLU B 21 75.63 -35.87 -2.02
N ALA B 22 74.73 -35.27 -2.78
CA ALA B 22 73.48 -34.78 -2.19
C ALA B 22 72.25 -35.47 -2.76
N ASN B 23 72.20 -35.68 -4.07
CA ASN B 23 71.05 -36.29 -4.75
C ASN B 23 69.76 -35.54 -4.46
N LEU B 24 69.84 -34.34 -3.91
CA LEU B 24 68.68 -33.53 -3.55
C LEU B 24 67.76 -34.25 -2.58
N ASN B 25 68.29 -35.15 -1.76
CA ASN B 25 67.47 -35.91 -0.84
C ASN B 25 67.13 -35.11 0.42
N GLU B 26 68.14 -34.48 1.01
CA GLU B 26 67.94 -33.64 2.18
C GLU B 26 67.83 -32.16 1.85
N THR B 27 68.53 -31.70 0.82
CA THR B 27 68.39 -30.35 0.29
C THR B 27 67.61 -30.42 -1.02
N GLY B 28 67.29 -29.27 -1.58
CA GLY B 28 66.38 -29.21 -2.70
C GLY B 28 66.84 -28.25 -3.79
N ARG B 29 66.44 -28.56 -5.02
CA ARG B 29 66.69 -27.71 -6.17
C ARG B 29 65.36 -27.13 -6.66
N VAL B 30 65.28 -25.81 -6.73
CA VAL B 30 64.04 -25.13 -7.06
C VAL B 30 63.90 -25.04 -8.57
N LEU B 31 62.99 -25.83 -9.13
CA LEU B 31 62.77 -25.78 -10.57
C LEU B 31 62.21 -24.44 -11.02
N ALA B 32 61.24 -23.89 -10.30
CA ALA B 32 60.61 -22.65 -10.71
C ALA B 32 59.96 -21.99 -9.49
N VAL B 33 59.68 -20.70 -9.62
CA VAL B 33 59.05 -19.95 -8.55
C VAL B 33 58.08 -18.96 -9.16
N GLY B 34 56.79 -19.23 -9.03
CA GLY B 34 55.80 -18.36 -9.65
C GLY B 34 55.65 -17.01 -9.02
N ASP B 35 55.10 -16.99 -7.81
CA ASP B 35 54.96 -15.77 -7.01
C ASP B 35 55.48 -15.98 -5.60
N GLY B 36 54.95 -16.97 -4.90
CA GLY B 36 55.54 -17.48 -3.68
C GLY B 36 55.62 -18.98 -3.80
N ILE B 37 55.07 -19.52 -4.88
CA ILE B 37 55.15 -20.93 -5.16
C ILE B 37 56.59 -21.27 -5.49
N ALA B 38 56.99 -22.51 -5.25
CA ALA B 38 58.33 -22.95 -5.56
C ALA B 38 58.26 -24.43 -5.93
N ARG B 39 58.00 -24.71 -7.20
CA ARG B 39 58.06 -26.08 -7.66
C ARG B 39 59.51 -26.55 -7.56
N VAL B 40 59.79 -27.38 -6.55
CA VAL B 40 61.15 -27.76 -6.22
C VAL B 40 61.34 -29.23 -6.52
N PHE B 41 62.34 -29.55 -7.32
CA PHE B 41 62.79 -30.93 -7.47
C PHE B 41 63.91 -31.20 -6.49
N GLY B 42 63.67 -32.12 -5.57
CA GLY B 42 64.62 -32.40 -4.52
C GLY B 42 64.00 -32.43 -3.14
N LEU B 43 64.85 -32.37 -2.11
CA LEU B 43 64.40 -32.50 -0.73
C LEU B 43 63.58 -33.77 -0.54
N ASN B 44 64.23 -34.91 -0.83
CA ASN B 44 63.53 -36.19 -0.80
C ASN B 44 63.25 -36.66 0.62
N ASN B 45 63.40 -35.80 1.62
CA ASN B 45 63.10 -36.16 3.01
C ASN B 45 62.17 -35.17 3.68
N ILE B 46 61.78 -34.10 2.99
CA ILE B 46 60.91 -33.11 3.59
C ILE B 46 59.48 -33.64 3.63
N GLN B 47 58.84 -33.45 4.77
CA GLN B 47 57.48 -33.94 5.01
C GLN B 47 56.49 -32.92 4.49
N ALA B 48 55.21 -33.27 4.56
CA ALA B 48 54.19 -32.31 4.21
C ALA B 48 54.17 -31.18 5.22
N GLU B 49 53.77 -29.99 4.77
CA GLU B 49 53.68 -28.81 5.61
C GLU B 49 55.02 -28.55 6.29
N GLU B 50 56.03 -28.29 5.46
CA GLU B 50 57.40 -28.19 5.92
C GLU B 50 57.91 -26.77 5.75
N LEU B 51 58.46 -26.21 6.83
CA LEU B 51 59.23 -24.98 6.71
C LEU B 51 60.60 -25.28 6.14
N VAL B 52 60.95 -24.61 5.06
CA VAL B 52 62.18 -24.90 4.34
C VAL B 52 62.97 -23.62 4.13
N GLU B 53 64.29 -23.73 4.24
CA GLU B 53 65.19 -22.62 3.99
C GLU B 53 65.61 -22.64 2.53
N PHE B 54 65.09 -21.71 1.74
CA PHE B 54 65.28 -21.70 0.31
C PHE B 54 66.65 -21.17 -0.10
N SER B 55 67.60 -21.08 0.82
CA SER B 55 68.97 -20.68 0.56
C SER B 55 69.08 -19.34 -0.15
N SER B 56 68.03 -18.53 -0.06
CA SER B 56 68.11 -17.16 -0.57
C SER B 56 67.89 -16.18 0.55
N GLY B 57 67.97 -16.63 1.80
CA GLY B 57 67.67 -15.81 2.94
C GLY B 57 66.19 -15.71 3.26
N VAL B 58 65.34 -16.33 2.45
CA VAL B 58 63.90 -16.26 2.64
C VAL B 58 63.38 -17.67 2.87
N LYS B 59 62.65 -17.83 3.97
CA LYS B 59 62.05 -19.11 4.31
C LYS B 59 60.71 -19.23 3.60
N GLY B 60 60.04 -20.35 3.84
CA GLY B 60 58.78 -20.60 3.18
C GLY B 60 58.22 -21.92 3.65
N MET B 61 57.08 -22.28 3.08
CA MET B 61 56.38 -23.48 3.53
C MET B 61 56.23 -24.44 2.37
N ALA B 62 56.47 -25.72 2.65
CA ALA B 62 56.24 -26.80 1.69
C ALA B 62 54.87 -27.39 2.00
N LEU B 63 53.83 -26.80 1.40
CA LEU B 63 52.46 -27.12 1.78
C LEU B 63 51.77 -27.98 0.73
N ASN B 64 52.53 -28.62 -0.14
CA ASN B 64 51.99 -29.65 -1.02
C ASN B 64 53.15 -30.42 -1.64
N LEU B 65 52.95 -31.72 -1.84
CA LEU B 65 53.93 -32.57 -2.48
C LEU B 65 53.28 -33.29 -3.65
N GLU B 66 54.03 -33.48 -4.71
CA GLU B 66 53.48 -33.99 -5.96
C GLU B 66 54.34 -35.13 -6.48
N PRO B 67 54.13 -35.54 -7.74
CA PRO B 67 54.94 -36.63 -8.27
C PRO B 67 56.43 -36.33 -8.29
N GLY B 68 56.85 -35.35 -9.07
CA GLY B 68 58.27 -35.12 -9.30
C GLY B 68 58.81 -33.80 -8.79
N GLN B 69 57.93 -32.98 -8.23
CA GLN B 69 58.33 -31.69 -7.70
C GLN B 69 57.43 -31.34 -6.53
N VAL B 70 57.99 -30.63 -5.57
CA VAL B 70 57.26 -30.25 -4.36
C VAL B 70 56.99 -28.77 -4.42
N GLY B 71 55.71 -28.40 -4.30
CA GLY B 71 55.35 -27.00 -4.36
C GLY B 71 55.44 -26.35 -3.00
N ILE B 72 56.56 -25.71 -2.72
CA ILE B 72 56.84 -25.14 -1.41
C ILE B 72 56.60 -23.64 -1.48
N VAL B 73 55.45 -23.20 -0.98
CA VAL B 73 55.08 -21.79 -0.99
C VAL B 73 56.11 -21.01 -0.18
N LEU B 74 56.54 -19.87 -0.70
CA LEU B 74 57.64 -19.12 -0.11
C LEU B 74 57.10 -18.01 0.80
N PHE B 75 57.76 -17.82 1.93
CA PHE B 75 57.39 -16.79 2.91
C PHE B 75 58.19 -15.52 2.70
N GLY B 76 58.26 -15.06 1.46
CA GLY B 76 59.02 -13.88 1.11
C GLY B 76 58.82 -13.54 -0.35
N SER B 77 59.41 -12.41 -0.74
CA SER B 77 59.21 -11.92 -2.10
C SER B 77 59.82 -12.89 -3.10
N ASP B 78 59.21 -12.93 -4.29
CA ASP B 78 59.68 -13.81 -5.35
C ASP B 78 61.07 -13.47 -5.84
N ARG B 79 61.40 -12.19 -6.00
CA ARG B 79 62.73 -11.83 -6.48
C ARG B 79 63.81 -12.23 -5.48
N LEU B 80 63.43 -12.39 -4.21
CA LEU B 80 64.38 -12.70 -3.17
C LEU B 80 65.06 -14.05 -3.36
N VAL B 81 64.50 -14.91 -4.22
CA VAL B 81 65.11 -16.18 -4.59
C VAL B 81 65.30 -16.16 -6.10
N LYS B 82 65.71 -17.30 -6.66
CA LYS B 82 65.85 -17.46 -8.10
C LYS B 82 65.69 -18.91 -8.48
N GLU B 83 65.29 -19.15 -9.72
CA GLU B 83 65.11 -20.53 -10.21
C GLU B 83 66.44 -21.25 -10.26
N GLY B 84 66.44 -22.51 -9.81
CA GLY B 84 67.62 -23.34 -9.80
C GLY B 84 68.44 -23.30 -8.53
N GLU B 85 68.14 -22.39 -7.61
CA GLU B 85 68.92 -22.27 -6.39
C GLU B 85 68.72 -23.49 -5.50
N LEU B 86 69.72 -23.79 -4.69
CA LEU B 86 69.62 -24.86 -3.72
C LEU B 86 68.61 -24.49 -2.64
N VAL B 87 68.00 -25.51 -2.05
CA VAL B 87 67.02 -25.32 -0.98
C VAL B 87 67.36 -26.27 0.15
N LYS B 88 67.59 -25.72 1.34
CA LYS B 88 67.95 -26.52 2.50
C LYS B 88 66.71 -26.75 3.35
N ARG B 89 66.55 -27.99 3.81
CA ARG B 89 65.39 -28.36 4.61
C ARG B 89 65.63 -28.04 6.07
N THR B 90 64.75 -27.21 6.64
CA THR B 90 64.87 -26.85 8.05
C THR B 90 64.53 -28.01 8.98
N GLY B 91 63.87 -29.04 8.47
CA GLY B 91 63.54 -30.19 9.30
C GLY B 91 62.56 -29.92 10.41
N ASN B 92 61.50 -29.17 10.13
CA ASN B 92 60.47 -28.93 11.12
C ASN B 92 59.21 -28.43 10.43
N ILE B 93 58.07 -28.83 10.97
CA ILE B 93 56.81 -28.24 10.56
C ILE B 93 56.64 -26.88 11.24
N VAL B 94 55.66 -26.11 10.77
CA VAL B 94 55.48 -24.75 11.24
C VAL B 94 55.41 -24.73 12.76
N ASP B 95 56.31 -23.98 13.38
CA ASP B 95 56.39 -23.91 14.82
C ASP B 95 56.65 -22.48 15.24
N VAL B 96 56.29 -22.15 16.48
CA VAL B 96 56.40 -20.78 16.98
C VAL B 96 57.14 -20.76 18.31
N PRO B 97 57.73 -19.62 18.68
CA PRO B 97 58.32 -19.51 20.02
C PRO B 97 57.25 -19.36 21.08
N VAL B 98 57.54 -19.87 22.28
CA VAL B 98 56.58 -19.91 23.37
C VAL B 98 57.24 -19.40 24.63
N GLY B 99 56.58 -18.48 25.33
CA GLY B 99 57.09 -17.97 26.57
C GLY B 99 56.34 -16.76 27.09
N PRO B 100 56.56 -16.41 28.36
CA PRO B 100 55.95 -15.19 28.91
C PRO B 100 56.43 -13.92 28.24
N GLY B 101 57.58 -13.92 27.58
CA GLY B 101 58.04 -12.73 26.88
C GLY B 101 57.21 -12.38 25.68
N LEU B 102 56.28 -13.25 25.28
CA LEU B 102 55.44 -12.99 24.12
C LEU B 102 54.54 -11.77 24.30
N LEU B 103 53.95 -11.58 25.48
CA LEU B 103 53.18 -10.38 25.73
C LEU B 103 54.12 -9.18 25.69
N GLY B 104 53.63 -8.07 25.14
CA GLY B 104 54.47 -6.90 25.00
C GLY B 104 55.61 -7.08 24.03
N ARG B 105 55.42 -7.88 22.99
CA ARG B 105 56.35 -7.96 21.87
C ARG B 105 55.57 -8.45 20.65
N VAL B 106 55.22 -7.52 19.77
CA VAL B 106 54.44 -7.85 18.58
C VAL B 106 55.34 -8.49 17.54
N VAL B 107 54.95 -9.68 17.06
CA VAL B 107 55.79 -10.48 16.19
C VAL B 107 55.05 -10.78 14.89
N ASP B 108 55.83 -11.20 13.89
CA ASP B 108 55.33 -11.49 12.55
C ASP B 108 54.83 -12.94 12.49
N ALA B 109 54.40 -13.36 11.30
CA ALA B 109 53.72 -14.65 11.16
C ALA B 109 54.58 -15.80 11.68
N LEU B 110 55.83 -15.86 11.28
CA LEU B 110 56.73 -16.87 11.80
C LEU B 110 57.25 -16.51 13.18
N GLY B 111 56.65 -15.53 13.85
CA GLY B 111 57.07 -15.14 15.16
C GLY B 111 58.26 -14.21 15.20
N ASN B 112 58.64 -13.64 14.07
CA ASN B 112 59.82 -12.78 14.03
C ASN B 112 59.61 -11.59 14.96
N PRO B 113 60.56 -11.34 15.87
CA PRO B 113 60.33 -10.28 16.88
C PRO B 113 60.32 -8.89 16.27
N ILE B 114 59.29 -8.60 15.46
CA ILE B 114 59.22 -7.37 14.69
C ILE B 114 58.82 -6.18 15.55
N ASP B 115 58.61 -6.36 16.85
CA ASP B 115 58.42 -5.22 17.73
C ASP B 115 59.67 -4.37 17.81
N GLY B 116 60.83 -5.00 17.88
CA GLY B 116 62.09 -4.28 17.98
C GLY B 116 62.42 -3.78 19.35
N LYS B 117 61.54 -4.00 20.33
CA LYS B 117 61.75 -3.53 21.69
C LYS B 117 62.51 -4.55 22.52
N GLY B 118 63.64 -5.00 21.99
CA GLY B 118 64.41 -6.05 22.61
C GLY B 118 64.12 -7.40 21.98
N PRO B 119 65.13 -8.25 21.90
CA PRO B 119 64.96 -9.54 21.23
C PRO B 119 63.97 -10.44 21.97
N ILE B 120 63.26 -11.25 21.21
CA ILE B 120 62.34 -12.20 21.79
C ILE B 120 63.11 -13.18 22.68
N ASP B 121 62.53 -13.51 23.84
CA ASP B 121 63.17 -14.39 24.80
C ASP B 121 62.21 -15.48 25.27
N ALA B 122 61.52 -16.12 24.33
CA ALA B 122 60.51 -17.10 24.67
C ALA B 122 61.11 -18.27 25.44
N ALA B 123 60.38 -18.75 26.44
CA ALA B 123 60.81 -19.87 27.28
C ALA B 123 60.19 -21.15 26.72
N GLY B 124 60.54 -21.46 25.47
CA GLY B 124 60.04 -22.64 24.80
C GLY B 124 59.46 -22.33 23.44
N ARG B 125 58.90 -23.38 22.84
CA ARG B 125 58.34 -23.31 21.50
C ARG B 125 57.14 -24.24 21.41
N SER B 126 56.42 -24.14 20.29
CA SER B 126 55.18 -24.89 20.11
C SER B 126 54.91 -25.09 18.63
N ARG B 127 54.13 -26.12 18.30
CA ARG B 127 53.78 -26.38 16.92
C ARG B 127 52.72 -25.41 16.45
N ALA B 128 52.99 -24.75 15.33
CA ALA B 128 52.05 -23.74 14.83
C ALA B 128 50.77 -24.39 14.33
N GLN B 129 50.87 -25.21 13.28
CA GLN B 129 49.71 -25.92 12.77
C GLN B 129 49.51 -27.14 13.65
N VAL B 130 48.83 -26.95 14.77
CA VAL B 130 48.67 -27.98 15.79
C VAL B 130 47.23 -28.02 16.24
N LYS B 131 46.66 -29.22 16.29
CA LYS B 131 45.32 -29.39 16.86
C LYS B 131 45.36 -29.15 18.36
N ALA B 132 44.33 -28.48 18.88
CA ALA B 132 44.21 -28.26 20.30
C ALA B 132 43.49 -29.43 20.97
N PRO B 133 43.17 -29.30 22.26
CA PRO B 133 42.46 -30.38 22.94
C PRO B 133 41.07 -30.60 22.36
N GLY B 134 40.66 -31.86 22.35
CA GLY B 134 39.38 -32.25 21.77
C GLY B 134 38.22 -31.99 22.72
N ILE B 135 37.24 -32.89 22.62
CA ILE B 135 36.01 -32.74 23.40
C ILE B 135 36.27 -33.03 24.88
N LEU B 136 36.98 -34.09 25.18
CA LEU B 136 37.07 -34.55 26.56
C LEU B 136 37.82 -33.55 27.43
N PRO B 137 39.10 -33.36 27.19
CA PRO B 137 39.89 -32.54 28.13
C PRO B 137 39.50 -31.07 28.07
N ARG B 138 38.25 -30.77 28.43
CA ARG B 138 37.79 -29.39 28.46
C ARG B 138 36.49 -29.32 29.24
N ARG B 139 36.43 -28.38 30.17
CA ARG B 139 35.22 -28.10 30.93
C ARG B 139 34.52 -26.89 30.30
N SER B 140 33.20 -26.87 30.43
CA SER B 140 32.40 -25.83 29.79
C SER B 140 32.85 -24.44 30.22
N VAL B 141 32.57 -23.45 29.37
CA VAL B 141 33.05 -22.09 29.60
C VAL B 141 32.19 -21.43 30.67
N HIS B 142 32.80 -21.07 31.78
CA HIS B 142 32.10 -20.35 32.83
C HIS B 142 32.61 -18.94 33.05
N GLU B 143 33.92 -18.72 32.98
CA GLU B 143 34.50 -17.44 33.38
C GLU B 143 34.08 -16.34 32.40
N PRO B 144 33.44 -15.28 32.86
CA PRO B 144 33.16 -14.16 31.95
C PRO B 144 34.40 -13.34 31.72
N VAL B 145 34.55 -12.86 30.48
CA VAL B 145 35.56 -11.89 30.12
C VAL B 145 34.87 -10.55 30.03
N GLN B 146 35.22 -9.64 30.95
CA GLN B 146 34.52 -8.37 31.03
C GLN B 146 34.67 -7.59 29.72
N THR B 147 33.57 -7.50 28.97
CA THR B 147 33.65 -7.03 27.58
C THR B 147 34.09 -5.58 27.50
N GLY B 148 33.47 -4.72 28.30
CA GLY B 148 33.71 -3.29 28.18
C GLY B 148 32.82 -2.58 27.18
N LEU B 149 32.03 -3.32 26.40
CA LEU B 149 31.03 -2.74 25.51
C LEU B 149 29.66 -3.13 26.05
N LYS B 150 28.82 -2.12 26.27
CA LYS B 150 27.53 -2.38 26.91
C LYS B 150 26.69 -3.34 26.09
N ALA B 151 26.62 -3.13 24.78
CA ALA B 151 25.86 -4.02 23.92
C ALA B 151 26.45 -5.42 23.94
N VAL B 152 27.77 -5.52 24.08
CA VAL B 152 28.43 -6.82 24.09
C VAL B 152 27.89 -7.68 25.24
N ASP B 153 27.77 -7.08 26.42
CA ASP B 153 27.19 -7.80 27.54
C ASP B 153 25.67 -7.81 27.48
N ALA B 154 25.08 -6.99 26.62
CA ALA B 154 23.64 -6.80 26.63
C ALA B 154 22.86 -8.01 26.13
N LEU B 155 23.03 -8.37 24.86
CA LEU B 155 22.26 -9.45 24.26
C LEU B 155 23.09 -10.71 24.08
N VAL B 156 24.31 -10.58 23.56
CA VAL B 156 25.15 -11.73 23.26
C VAL B 156 26.52 -11.54 23.92
N PRO B 157 26.67 -11.85 25.21
CA PRO B 157 27.99 -11.83 25.81
C PRO B 157 28.70 -13.17 25.63
N ILE B 158 30.03 -13.11 25.61
CA ILE B 158 30.88 -14.28 25.54
C ILE B 158 32.02 -14.10 26.53
N GLY B 159 32.29 -15.14 27.33
CA GLY B 159 33.35 -15.12 28.31
C GLY B 159 34.39 -16.18 28.00
N ARG B 160 35.18 -16.51 29.02
CA ARG B 160 36.39 -17.30 28.81
C ARG B 160 35.97 -18.68 28.30
N GLY B 161 36.06 -18.85 26.99
CA GLY B 161 35.81 -20.14 26.38
C GLY B 161 35.00 -20.07 25.10
N GLN B 162 34.03 -19.16 25.05
CA GLN B 162 33.16 -19.08 23.89
C GLN B 162 33.92 -18.56 22.69
N ARG B 163 33.82 -19.28 21.57
CA ARG B 163 34.44 -18.86 20.33
C ARG B 163 33.48 -17.91 19.62
N GLU B 164 33.55 -16.61 19.96
CA GLU B 164 32.64 -15.60 19.43
C GLU B 164 33.42 -14.60 18.59
N LEU B 165 33.00 -14.41 17.35
CA LEU B 165 33.71 -13.55 16.41
C LEU B 165 32.82 -12.40 15.96
N ILE B 166 33.26 -11.18 16.22
CA ILE B 166 32.50 -9.98 15.89
C ILE B 166 32.51 -9.87 14.38
N ILE B 167 31.43 -10.30 13.75
CA ILE B 167 31.29 -10.29 12.29
C ILE B 167 30.71 -8.95 11.87
N GLY B 168 31.36 -8.28 10.94
CA GLY B 168 30.93 -6.97 10.55
C GLY B 168 31.39 -6.61 9.16
N ASP B 169 31.20 -5.34 8.82
CA ASP B 169 31.47 -4.82 7.48
C ASP B 169 32.97 -4.61 7.32
N ARG B 170 33.35 -3.77 6.37
CA ARG B 170 34.75 -3.37 6.23
C ARG B 170 35.38 -3.11 7.59
N GLN B 171 34.91 -2.09 8.29
CA GLN B 171 35.12 -1.97 9.73
C GLN B 171 33.92 -1.22 10.29
N THR B 172 32.90 -1.97 10.69
CA THR B 172 31.75 -1.40 11.39
C THR B 172 32.02 -1.42 12.89
N GLY B 173 33.16 -0.83 13.23
CA GLY B 173 33.69 -0.89 14.56
C GLY B 173 34.51 -2.12 14.88
N LYS B 174 34.67 -3.04 13.92
CA LYS B 174 35.35 -4.30 14.19
C LYS B 174 36.77 -4.06 14.68
N THR B 175 37.55 -3.25 13.95
CA THR B 175 38.85 -2.85 14.46
C THR B 175 38.73 -2.09 15.77
N ALA B 176 37.77 -1.17 15.83
CA ALA B 176 37.53 -0.43 17.07
C ALA B 176 37.06 -1.34 18.19
N VAL B 177 36.18 -2.29 17.88
CA VAL B 177 35.71 -3.21 18.91
C VAL B 177 36.87 -4.03 19.46
N ALA B 178 37.76 -4.47 18.57
CA ALA B 178 38.94 -5.20 19.01
C ALA B 178 39.80 -4.34 19.92
N LEU B 179 40.02 -3.08 19.51
CA LEU B 179 40.79 -2.18 20.35
C LEU B 179 40.14 -2.01 21.72
N ASP B 180 38.82 -1.86 21.75
CA ASP B 180 38.10 -1.63 23.00
C ASP B 180 38.19 -2.84 23.91
N THR B 181 37.90 -4.02 23.38
CA THR B 181 37.94 -5.22 24.19
C THR B 181 39.34 -5.46 24.72
N ILE B 182 40.35 -5.30 23.87
CA ILE B 182 41.72 -5.54 24.31
C ILE B 182 42.10 -4.56 25.41
N LEU B 183 41.75 -3.29 25.23
CA LEU B 183 42.09 -2.29 26.24
C LEU B 183 41.36 -2.51 27.55
N ASN B 184 40.07 -2.88 27.50
CA ASN B 184 39.32 -3.06 28.73
C ASN B 184 39.86 -4.22 29.54
N GLN B 185 40.63 -5.09 28.90
CA GLN B 185 41.28 -6.18 29.63
C GLN B 185 42.11 -5.65 30.78
N LYS B 186 42.67 -4.45 30.65
CA LYS B 186 43.42 -3.86 31.74
C LYS B 186 42.58 -3.72 33.00
N ARG B 187 41.26 -3.62 32.86
CA ARG B 187 40.40 -3.50 34.04
C ARG B 187 40.64 -4.66 34.99
N TRP B 188 40.82 -5.87 34.45
CA TRP B 188 41.09 -7.04 35.26
C TRP B 188 42.57 -7.35 35.40
N ASN B 189 43.34 -7.21 34.33
CA ASN B 189 44.76 -7.53 34.40
C ASN B 189 45.51 -6.58 35.32
N ASN B 190 44.90 -5.45 35.65
CA ASN B 190 45.57 -4.47 36.52
C ASN B 190 45.86 -5.03 37.90
N GLY B 191 45.10 -6.02 38.35
CA GLY B 191 45.35 -6.59 39.66
C GLY B 191 46.54 -7.51 39.66
N SER B 192 46.39 -8.69 40.26
CA SER B 192 47.44 -9.69 40.30
C SER B 192 46.90 -11.12 40.24
N ASP B 193 45.59 -11.28 40.08
CA ASP B 193 44.94 -12.59 40.17
C ASP B 193 45.17 -13.37 38.89
N GLU B 194 46.01 -14.41 38.99
CA GLU B 194 46.25 -15.30 37.86
C GLU B 194 44.99 -16.03 37.43
N SER B 195 43.99 -16.10 38.32
CA SER B 195 42.72 -16.71 37.96
C SER B 195 42.02 -15.96 36.85
N LYS B 196 42.06 -14.63 36.87
CA LYS B 196 41.38 -13.82 35.87
C LYS B 196 42.34 -13.03 34.97
N LYS B 197 43.60 -12.85 35.35
CA LYS B 197 44.54 -12.15 34.49
C LYS B 197 44.71 -12.90 33.17
N LEU B 198 44.57 -12.18 32.07
CA LEU B 198 44.59 -12.76 30.74
C LEU B 198 45.72 -12.15 29.92
N TYR B 199 46.40 -12.98 29.13
CA TYR B 199 47.48 -12.53 28.27
C TYR B 199 46.98 -12.51 26.82
N CYS B 200 46.19 -11.49 26.50
CA CYS B 200 45.55 -11.43 25.19
C CYS B 200 46.55 -11.12 24.08
N VAL B 201 46.20 -11.54 22.86
CA VAL B 201 46.99 -11.26 21.67
C VAL B 201 46.05 -11.04 20.49
N TYR B 202 46.58 -10.44 19.42
CA TYR B 202 45.79 -10.14 18.24
C TYR B 202 46.57 -10.50 16.99
N VAL B 203 45.89 -11.21 16.09
CA VAL B 203 46.45 -11.59 14.80
C VAL B 203 46.14 -10.49 13.81
N ALA B 204 46.93 -10.38 12.75
CA ALA B 204 46.78 -9.25 11.84
C ALA B 204 46.47 -9.66 10.41
N VAL B 205 45.44 -10.46 10.19
CA VAL B 205 45.05 -10.83 8.83
C VAL B 205 44.47 -9.64 8.10
N GLY B 206 44.93 -9.39 6.88
CA GLY B 206 44.34 -8.40 6.00
C GLY B 206 44.38 -6.97 6.50
N GLN B 207 45.53 -6.53 7.01
CA GLN B 207 45.67 -5.19 7.54
C GLN B 207 46.92 -4.53 6.96
N LYS B 208 46.76 -3.26 6.57
CA LYS B 208 47.92 -2.46 6.19
C LYS B 208 48.73 -2.10 7.42
N ARG B 209 50.05 -2.01 7.24
CA ARG B 209 50.95 -1.80 8.37
C ARG B 209 50.61 -0.56 9.16
N SER B 210 49.98 0.43 8.53
CA SER B 210 49.58 1.62 9.26
C SER B 210 48.57 1.28 10.34
N THR B 211 47.61 0.40 10.04
CA THR B 211 46.60 0.06 11.03
C THR B 211 47.24 -0.60 12.24
N VAL B 212 48.18 -1.52 12.01
CA VAL B 212 48.87 -2.17 13.11
C VAL B 212 49.66 -1.16 13.93
N ALA B 213 50.34 -0.23 13.23
CA ALA B 213 51.06 0.81 13.94
C ALA B 213 50.12 1.61 14.83
N GLN B 214 48.94 1.94 14.32
CA GLN B 214 47.98 2.73 15.08
C GLN B 214 47.49 1.96 16.30
N LEU B 215 47.17 0.68 16.12
CA LEU B 215 46.69 -0.12 17.26
C LEU B 215 47.77 -0.26 18.32
N VAL B 216 49.02 -0.48 17.90
CA VAL B 216 50.11 -0.58 18.85
C VAL B 216 50.29 0.73 19.61
N GLN B 217 50.23 1.85 18.89
CA GLN B 217 50.37 3.15 19.53
C GLN B 217 49.25 3.38 20.54
N THR B 218 48.01 3.07 20.14
CA THR B 218 46.89 3.27 21.05
C THR B 218 47.02 2.42 22.30
N LEU B 219 47.43 1.16 22.13
CA LEU B 219 47.62 0.28 23.28
C LEU B 219 48.70 0.81 24.20
N GLU B 220 49.85 1.18 23.64
CA GLU B 220 50.92 1.72 24.48
C GLU B 220 50.49 3.01 25.18
N GLN B 221 49.61 3.79 24.53
CA GLN B 221 49.13 5.02 25.14
C GLN B 221 48.34 4.76 26.40
N HIS B 222 47.45 3.77 26.37
CA HIS B 222 46.78 3.31 27.57
C HIS B 222 47.68 2.42 28.43
N ASP B 223 48.96 2.31 28.06
CA ASP B 223 49.93 1.47 28.77
C ASP B 223 49.54 0.00 28.70
N ALA B 224 49.22 -0.48 27.50
CA ALA B 224 48.88 -1.87 27.29
C ALA B 224 50.04 -2.70 26.76
N MET B 225 51.26 -2.15 26.76
CA MET B 225 52.43 -2.93 26.38
C MET B 225 52.89 -3.85 27.51
N LYS B 226 52.03 -4.12 28.48
CA LYS B 226 52.42 -4.96 29.61
C LYS B 226 52.10 -6.42 29.35
N TYR B 227 50.87 -6.73 28.98
CA TYR B 227 50.40 -8.11 28.94
C TYR B 227 49.67 -8.47 27.65
N SER B 228 49.81 -7.67 26.61
CA SER B 228 49.18 -7.95 25.33
C SER B 228 50.24 -8.37 24.33
N ILE B 229 49.83 -9.12 23.31
CA ILE B 229 50.70 -9.52 22.22
C ILE B 229 49.99 -9.23 20.92
N ILE B 230 50.73 -9.18 19.82
CA ILE B 230 50.17 -8.86 18.52
C ILE B 230 50.90 -9.67 17.46
N VAL B 231 50.20 -10.63 16.87
CA VAL B 231 50.68 -11.33 15.70
C VAL B 231 50.58 -10.36 14.54
N ALA B 232 51.70 -10.10 13.89
CA ALA B 232 51.79 -9.07 12.86
C ALA B 232 51.83 -9.72 11.49
N ALA B 233 50.79 -9.51 10.69
CA ALA B 233 50.82 -9.80 9.27
C ALA B 233 50.49 -8.49 8.57
N THR B 234 51.50 -7.64 8.41
CA THR B 234 51.31 -6.42 7.65
C THR B 234 50.99 -6.78 6.20
N ALA B 235 50.05 -6.03 5.62
CA ALA B 235 49.58 -6.34 4.27
C ALA B 235 50.72 -6.41 3.27
N SER B 236 51.91 -5.95 3.65
CA SER B 236 53.08 -6.14 2.81
C SER B 236 53.39 -7.62 2.63
N GLU B 237 53.25 -8.40 3.70
CA GLU B 237 53.61 -9.82 3.66
C GLU B 237 52.71 -10.58 2.69
N ALA B 238 53.31 -11.54 2.00
CA ALA B 238 52.63 -12.26 0.94
C ALA B 238 51.73 -13.34 1.52
N ALA B 239 51.19 -14.16 0.62
CA ALA B 239 50.21 -15.17 1.00
C ALA B 239 50.71 -16.13 2.07
N PRO B 240 51.96 -16.59 2.04
CA PRO B 240 52.39 -17.55 3.08
C PRO B 240 52.29 -17.01 4.48
N LEU B 241 52.82 -15.81 4.72
CA LEU B 241 52.73 -15.22 6.04
C LEU B 241 51.27 -15.08 6.46
N GLN B 242 50.39 -14.73 5.53
CA GLN B 242 48.98 -14.57 5.88
C GLN B 242 48.34 -15.90 6.26
N TYR B 243 48.47 -16.92 5.42
CA TYR B 243 47.74 -18.16 5.66
C TYR B 243 48.37 -18.97 6.78
N LEU B 244 49.55 -18.58 7.26
CA LEU B 244 50.08 -19.24 8.45
C LEU B 244 50.06 -18.36 9.69
N ALA B 245 49.83 -17.06 9.54
CA ALA B 245 49.86 -16.17 10.70
C ALA B 245 48.73 -16.45 11.69
N PRO B 246 47.48 -16.62 11.28
CA PRO B 246 46.45 -16.94 12.27
C PRO B 246 46.76 -18.21 13.04
N PHE B 247 47.30 -19.23 12.37
CA PHE B 247 47.59 -20.49 13.04
C PHE B 247 48.75 -20.34 14.03
N THR B 248 49.83 -19.66 13.62
CA THR B 248 50.94 -19.45 14.53
C THR B 248 50.53 -18.60 15.72
N ALA B 249 49.65 -17.63 15.48
CA ALA B 249 49.09 -16.86 16.58
C ALA B 249 48.34 -17.76 17.54
N ALA B 250 47.53 -18.68 16.99
CA ALA B 250 46.81 -19.62 17.85
C ALA B 250 47.78 -20.47 18.66
N SER B 251 48.90 -20.85 18.05
CA SER B 251 49.88 -21.63 18.79
C SER B 251 50.47 -20.84 19.95
N ILE B 252 50.77 -19.55 19.71
CA ILE B 252 51.20 -18.70 20.81
C ILE B 252 50.13 -18.64 21.88
N GLY B 253 48.87 -18.54 21.43
CA GLY B 253 47.76 -18.52 22.36
C GLY B 253 47.68 -19.76 23.20
N GLU B 254 47.93 -20.93 22.61
CA GLU B 254 47.96 -22.17 23.38
C GLU B 254 49.14 -22.18 24.35
N TRP B 255 50.30 -21.69 23.90
CA TRP B 255 51.44 -21.54 24.80
C TRP B 255 51.04 -20.75 26.05
N PHE B 256 50.18 -19.76 25.87
CA PHE B 256 49.61 -19.09 27.02
C PHE B 256 48.63 -19.99 27.76
N ARG B 257 47.71 -20.63 27.03
CA ARG B 257 46.52 -21.22 27.65
C ARG B 257 46.84 -22.45 28.46
N ASP B 258 47.61 -23.38 27.89
CA ASP B 258 47.92 -24.62 28.60
C ASP B 258 48.67 -24.36 29.90
N ASN B 259 49.29 -23.19 30.05
CA ASN B 259 49.81 -22.77 31.34
C ASN B 259 48.70 -22.57 32.36
N GLY B 260 47.44 -22.71 31.96
CA GLY B 260 46.31 -22.60 32.84
C GLY B 260 45.73 -21.22 32.97
N LYS B 261 46.39 -20.21 32.41
CA LYS B 261 45.96 -18.83 32.57
C LYS B 261 44.80 -18.55 31.62
N HIS B 262 44.46 -17.28 31.47
CA HIS B 262 43.48 -16.85 30.50
C HIS B 262 44.17 -15.97 29.46
N ALA B 263 43.45 -15.69 28.38
CA ALA B 263 43.99 -14.90 27.28
C ALA B 263 42.87 -14.60 26.31
N LEU B 264 43.16 -13.74 25.34
CA LEU B 264 42.20 -13.41 24.29
C LEU B 264 42.93 -13.22 22.97
N ILE B 265 42.66 -14.09 22.01
CA ILE B 265 43.22 -14.00 20.66
C ILE B 265 42.27 -13.16 19.83
N VAL B 266 42.83 -12.43 18.87
CA VAL B 266 42.04 -11.64 17.94
C VAL B 266 42.54 -11.95 16.54
N TYR B 267 41.90 -12.91 15.87
CA TYR B 267 42.20 -13.21 14.47
C TYR B 267 41.53 -12.15 13.63
N ASP B 268 42.12 -10.96 13.60
CA ASP B 268 41.48 -9.79 13.02
C ASP B 268 41.28 -9.97 11.53
N ASP B 269 40.03 -9.85 11.09
CA ASP B 269 39.66 -10.02 9.69
C ASP B 269 40.17 -11.36 9.15
N LEU B 270 39.63 -12.44 9.73
CA LEU B 270 39.98 -13.76 9.24
C LEU B 270 39.55 -13.94 7.79
N SER B 271 38.59 -13.15 7.32
CA SER B 271 38.11 -13.29 5.95
C SER B 271 39.24 -13.03 4.95
N LYS B 272 40.03 -11.99 5.20
CA LYS B 272 41.16 -11.72 4.30
C LYS B 272 42.18 -12.85 4.37
N GLN B 273 42.35 -13.46 5.55
CA GLN B 273 43.21 -14.64 5.63
C GLN B 273 42.67 -15.76 4.76
N ALA B 274 41.34 -15.93 4.75
CA ALA B 274 40.74 -16.92 3.87
C ALA B 274 41.00 -16.59 2.40
N VAL B 275 40.91 -15.31 2.05
CA VAL B 275 41.18 -14.92 0.66
C VAL B 275 42.63 -15.22 0.30
N ALA B 276 43.55 -14.97 1.24
CA ALA B 276 44.94 -15.32 1.02
C ALA B 276 45.09 -16.81 0.79
N TYR B 277 44.36 -17.62 1.55
CA TYR B 277 44.39 -19.04 1.31
C TYR B 277 43.85 -19.37 -0.07
N ARG B 278 42.83 -18.64 -0.51
CA ARG B 278 42.28 -18.89 -1.84
C ARG B 278 43.31 -18.63 -2.92
N GLN B 279 44.04 -17.52 -2.80
CA GLN B 279 45.12 -17.24 -3.74
C GLN B 279 46.19 -18.31 -3.67
N LEU B 280 46.56 -18.73 -2.45
CA LEU B 280 47.60 -19.74 -2.30
C LEU B 280 47.19 -21.04 -2.98
N SER B 281 45.94 -21.44 -2.81
CA SER B 281 45.45 -22.63 -3.48
C SER B 281 45.49 -22.48 -4.99
N LEU B 282 45.01 -21.35 -5.49
CA LEU B 282 44.97 -21.16 -6.94
C LEU B 282 46.37 -21.22 -7.55
N LEU B 283 47.32 -20.49 -6.96
CA LEU B 283 48.68 -20.56 -7.46
C LEU B 283 49.25 -21.97 -7.31
N LEU B 284 49.06 -22.59 -6.15
CA LEU B 284 49.53 -23.96 -5.98
C LEU B 284 48.72 -24.96 -6.78
N ARG B 285 47.82 -24.48 -7.64
CA ARG B 285 47.13 -25.29 -8.62
C ARG B 285 46.22 -26.34 -7.98
N ARG B 286 45.87 -26.18 -6.71
CA ARG B 286 44.86 -27.03 -6.11
C ARG B 286 43.53 -26.76 -6.81
N PRO B 287 42.77 -27.77 -7.18
CA PRO B 287 41.58 -27.54 -8.02
C PRO B 287 40.63 -26.56 -7.37
N PRO B 288 40.10 -25.61 -8.12
CA PRO B 288 39.15 -24.65 -7.56
C PRO B 288 37.81 -25.30 -7.27
N GLY B 289 37.10 -24.71 -6.32
CA GLY B 289 35.78 -25.18 -5.94
C GLY B 289 34.77 -24.07 -5.82
N ARG B 290 33.77 -24.25 -4.96
CA ARG B 290 32.76 -23.23 -4.73
C ARG B 290 33.42 -21.95 -4.24
N GLU B 291 32.97 -20.81 -4.79
CA GLU B 291 33.52 -19.50 -4.46
C GLU B 291 34.99 -19.40 -4.80
N ALA B 292 35.47 -20.38 -5.57
CA ALA B 292 36.78 -20.48 -6.19
C ALA B 292 37.90 -20.62 -5.17
N TYR B 293 37.64 -20.46 -3.88
CA TYR B 293 38.64 -20.80 -2.88
C TYR B 293 38.71 -22.31 -2.79
N PRO B 294 39.86 -22.89 -2.49
CA PRO B 294 39.89 -24.34 -2.22
C PRO B 294 39.00 -24.65 -1.04
N GLY B 295 38.29 -25.77 -1.15
CA GLY B 295 37.42 -26.20 -0.06
C GLY B 295 38.16 -26.31 1.25
N ASP B 296 39.48 -26.50 1.17
CA ASP B 296 40.35 -26.57 2.34
C ASP B 296 40.32 -25.29 3.17
N VAL B 297 39.69 -24.23 2.65
CA VAL B 297 39.55 -23.02 3.43
C VAL B 297 38.78 -23.31 4.72
N PHE B 298 37.69 -24.06 4.61
CA PHE B 298 36.93 -24.43 5.79
C PHE B 298 37.76 -25.29 6.73
N TYR B 299 38.58 -26.18 6.19
CA TYR B 299 39.40 -27.04 7.02
C TYR B 299 40.39 -26.22 7.84
N LEU B 300 41.12 -25.34 7.16
CA LEU B 300 42.11 -24.50 7.83
C LEU B 300 41.42 -23.60 8.84
N HIS B 301 40.27 -23.04 8.47
CA HIS B 301 39.56 -22.15 9.39
C HIS B 301 39.07 -22.89 10.62
N SER B 302 38.52 -24.09 10.45
CA SER B 302 38.06 -24.87 11.59
C SER B 302 39.22 -25.20 12.51
N ARG B 303 40.32 -25.70 11.94
CA ARG B 303 41.47 -26.02 12.77
C ARG B 303 42.00 -24.79 13.49
N LEU B 304 41.96 -23.63 12.85
CA LEU B 304 42.48 -22.41 13.49
C LEU B 304 41.49 -21.87 14.52
N LEU B 305 40.22 -22.19 14.36
CA LEU B 305 39.18 -21.70 15.26
C LEU B 305 38.97 -22.58 16.48
N GLU B 306 38.96 -23.90 16.30
CA GLU B 306 38.80 -24.78 17.45
C GLU B 306 40.05 -24.82 18.32
N ARG B 307 41.04 -23.98 18.05
CA ARG B 307 42.23 -23.97 18.88
C ARG B 307 41.91 -23.55 20.32
N ALA B 308 41.05 -22.55 20.49
CA ALA B 308 40.89 -21.96 21.81
C ALA B 308 39.61 -22.43 22.48
N ALA B 309 39.70 -22.62 23.80
CA ALA B 309 38.55 -22.89 24.67
C ALA B 309 38.97 -22.79 26.13
N LYS B 310 38.07 -23.08 27.05
CA LYS B 310 38.35 -23.08 28.48
C LYS B 310 38.70 -24.50 28.88
N LEU B 311 39.90 -24.70 29.42
CA LEU B 311 40.32 -26.03 29.80
C LEU B 311 39.68 -26.45 31.12
N SER B 312 39.64 -27.76 31.35
CA SER B 312 39.07 -28.32 32.56
C SER B 312 40.11 -28.34 33.67
N GLU B 313 39.65 -28.69 34.88
CA GLU B 313 40.55 -28.82 36.01
C GLU B 313 41.51 -29.99 35.84
N LYS B 314 41.27 -30.86 34.86
CA LYS B 314 42.17 -31.98 34.62
C LYS B 314 43.57 -31.51 34.25
N GLU B 315 43.66 -30.51 33.38
CA GLU B 315 44.94 -29.99 32.92
C GLU B 315 45.28 -28.61 33.48
N GLY B 316 44.51 -28.12 34.45
CA GLY B 316 44.78 -26.83 35.05
C GLY B 316 43.85 -25.71 34.65
N SER B 317 42.95 -25.93 33.69
CA SER B 317 41.93 -24.96 33.30
C SER B 317 42.54 -23.67 32.76
N GLY B 318 43.06 -23.74 31.54
CA GLY B 318 43.42 -22.55 30.80
C GLY B 318 42.23 -21.98 30.05
N SER B 319 42.26 -20.66 29.84
CA SER B 319 41.18 -19.95 29.18
C SER B 319 41.74 -19.13 28.03
N LEU B 320 40.92 -18.96 26.98
CA LEU B 320 41.36 -18.23 25.80
C LEU B 320 40.13 -17.75 25.02
N THR B 321 40.13 -16.47 24.65
CA THR B 321 39.02 -15.86 23.93
C THR B 321 39.45 -15.49 22.53
N ALA B 322 38.60 -15.77 21.55
CA ALA B 322 38.87 -15.47 20.16
C ALA B 322 38.13 -14.20 19.77
N LEU B 323 38.78 -13.38 18.96
CA LEU B 323 38.17 -12.15 18.43
C LEU B 323 38.39 -12.12 16.93
N PRO B 324 37.80 -13.06 16.21
CA PRO B 324 37.89 -13.03 14.74
C PRO B 324 36.88 -12.05 14.16
N VAL B 325 37.21 -11.53 12.99
CA VAL B 325 36.35 -10.60 12.27
C VAL B 325 36.22 -11.08 10.85
N ILE B 326 35.15 -10.68 10.17
CA ILE B 326 34.90 -11.04 8.78
C ILE B 326 34.45 -9.81 8.02
N GLU B 327 34.12 -9.98 6.74
CA GLU B 327 33.74 -8.88 5.87
C GLU B 327 32.43 -9.22 5.17
N THR B 328 31.33 -8.68 5.69
CA THR B 328 30.02 -8.93 5.11
C THR B 328 29.91 -8.21 3.77
N GLN B 329 30.18 -8.96 2.71
CA GLN B 329 30.06 -8.42 1.36
C GLN B 329 28.58 -8.31 1.01
N GLY B 330 28.02 -7.17 1.35
CA GLY B 330 26.59 -6.97 1.21
C GLY B 330 25.83 -7.97 2.05
N GLY B 331 26.33 -8.20 3.27
CA GLY B 331 25.74 -9.24 4.09
C GLY B 331 25.86 -10.61 3.47
N ASP B 332 27.07 -10.98 3.04
CA ASP B 332 27.25 -12.15 2.17
C ASP B 332 26.89 -13.42 2.95
N VAL B 333 25.59 -13.57 3.20
CA VAL B 333 25.10 -14.73 3.94
C VAL B 333 25.30 -16.03 3.16
N SER B 334 24.98 -16.03 1.86
CA SER B 334 25.21 -17.22 1.06
C SER B 334 26.66 -17.44 0.71
N ALA B 335 27.58 -16.62 1.24
CA ALA B 335 28.99 -16.78 0.94
C ALA B 335 29.54 -18.02 1.64
N TYR B 336 30.70 -18.48 1.19
CA TYR B 336 31.32 -19.63 1.83
C TYR B 336 32.12 -19.21 3.05
N ILE B 337 33.11 -18.32 2.86
CA ILE B 337 33.95 -17.91 3.99
C ILE B 337 33.15 -17.24 5.08
N PRO B 338 32.26 -16.29 4.80
CA PRO B 338 31.47 -15.68 5.88
C PRO B 338 30.63 -16.71 6.62
N THR B 339 30.05 -17.66 5.90
CA THR B 339 29.22 -18.67 6.54
C THR B 339 30.05 -19.55 7.47
N ASN B 340 31.23 -19.97 7.01
CA ASN B 340 32.10 -20.78 7.85
C ASN B 340 32.58 -20.00 9.06
N VAL B 341 32.87 -18.71 8.88
CA VAL B 341 33.30 -17.90 10.00
C VAL B 341 32.19 -17.79 11.04
N ILE B 342 30.94 -17.64 10.57
CA ILE B 342 29.83 -17.55 11.50
C ILE B 342 29.63 -18.87 12.23
N SER B 343 29.51 -19.96 11.47
CA SER B 343 29.16 -21.24 12.08
C SER B 343 30.26 -21.73 13.01
N ILE B 344 31.53 -21.64 12.57
CA ILE B 344 32.63 -22.09 13.41
C ILE B 344 32.62 -21.34 14.73
N THR B 345 32.43 -20.04 14.68
CA THR B 345 32.29 -19.26 15.90
C THR B 345 31.08 -19.76 16.67
N ASP B 346 31.21 -19.76 17.99
CA ASP B 346 30.07 -20.01 18.87
C ASP B 346 29.22 -18.77 19.02
N GLY B 347 28.79 -18.20 17.89
CA GLY B 347 28.03 -16.98 17.90
C GLY B 347 28.13 -16.23 16.58
N GLN B 348 27.37 -15.15 16.44
CA GLN B 348 27.40 -14.34 15.24
C GLN B 348 26.92 -12.94 15.60
N ILE B 349 27.81 -12.11 16.14
CA ILE B 349 27.45 -10.73 16.50
C ILE B 349 27.58 -9.93 15.22
N PHE B 350 26.59 -10.08 14.35
CA PHE B 350 26.64 -9.55 12.99
C PHE B 350 26.41 -8.06 13.00
N LEU B 351 27.47 -7.29 13.22
CA LEU B 351 27.38 -5.85 13.37
C LEU B 351 27.20 -5.28 11.97
N GLU B 352 25.95 -5.26 11.50
CA GLU B 352 25.66 -4.76 10.17
C GLU B 352 26.00 -3.28 10.09
N ALA B 353 26.30 -2.82 8.87
CA ALA B 353 26.75 -1.45 8.68
C ALA B 353 25.67 -0.43 8.96
N GLU B 354 24.40 -0.77 8.67
CA GLU B 354 23.34 0.24 8.69
C GLU B 354 23.28 0.98 10.01
N LEU B 355 23.32 0.26 11.12
CA LEU B 355 23.27 0.92 12.42
C LEU B 355 24.54 1.75 12.65
N PHE B 356 25.66 1.32 12.08
CA PHE B 356 26.88 2.13 12.19
C PHE B 356 26.72 3.44 11.42
N TYR B 357 26.00 3.39 10.31
CA TYR B 357 25.79 4.56 9.46
C TYR B 357 24.89 5.60 10.10
N LYS B 358 24.08 5.22 11.09
CA LYS B 358 23.33 6.19 11.87
C LYS B 358 24.20 6.90 12.91
N GLY B 359 25.52 6.90 12.71
CA GLY B 359 26.45 7.57 13.57
C GLY B 359 27.03 6.70 14.66
N ILE B 360 26.46 5.53 14.89
CA ILE B 360 26.80 4.71 16.05
C ILE B 360 28.18 4.11 15.80
N ARG B 361 29.07 4.25 16.79
CA ARG B 361 30.38 3.61 16.72
C ARG B 361 30.30 2.11 17.00
N PRO B 362 29.72 1.66 18.15
CA PRO B 362 29.53 0.21 18.36
C PRO B 362 28.11 -0.26 18.05
N ALA B 363 27.78 -0.43 16.78
CA ALA B 363 26.39 -0.62 16.34
C ALA B 363 26.02 -2.07 16.04
N ILE B 364 25.97 -2.95 17.05
CA ILE B 364 25.54 -4.33 16.81
C ILE B 364 24.10 -4.36 16.36
N ASN B 365 23.69 -5.49 15.78
CA ASN B 365 22.31 -5.72 15.36
C ASN B 365 21.60 -6.48 16.47
N VAL B 366 20.41 -5.99 16.85
CA VAL B 366 19.68 -6.57 17.98
C VAL B 366 19.16 -7.96 17.67
N GLY B 367 18.49 -8.13 16.52
CA GLY B 367 17.89 -9.42 16.23
C GLY B 367 18.91 -10.50 15.94
N LEU B 368 20.00 -10.15 15.26
CA LEU B 368 20.89 -11.15 14.69
C LEU B 368 21.81 -11.80 15.70
N SER B 369 22.30 -11.07 16.70
CA SER B 369 23.30 -11.61 17.61
C SER B 369 22.68 -12.62 18.56
N VAL B 370 23.14 -13.87 18.48
CA VAL B 370 22.66 -14.91 19.39
C VAL B 370 23.85 -15.73 19.84
N SER B 371 24.35 -15.43 21.04
CA SER B 371 25.47 -16.13 21.63
C SER B 371 24.96 -17.35 22.37
N ARG B 372 25.19 -18.54 21.79
CA ARG B 372 24.58 -19.75 22.32
C ARG B 372 25.02 -20.02 23.75
N VAL B 373 26.32 -19.93 24.01
CA VAL B 373 26.87 -20.27 25.33
C VAL B 373 27.12 -19.01 26.15
N GLY B 374 26.39 -17.93 25.85
CA GLY B 374 26.58 -16.68 26.58
C GLY B 374 26.16 -16.75 28.03
N SER B 375 25.05 -17.44 28.32
CA SER B 375 24.59 -17.55 29.70
C SER B 375 25.66 -18.17 30.58
N ALA B 376 26.30 -19.24 30.10
CA ALA B 376 27.35 -19.89 30.87
C ALA B 376 28.50 -18.93 31.14
N ALA B 377 28.59 -17.86 30.36
CA ALA B 377 29.54 -16.79 30.64
C ALA B 377 28.86 -15.50 31.09
N GLN B 378 27.52 -15.46 31.11
CA GLN B 378 26.83 -14.24 31.48
C GLN B 378 27.05 -13.92 32.94
N VAL B 379 27.06 -12.62 33.25
CA VAL B 379 27.06 -12.16 34.64
C VAL B 379 25.61 -11.95 35.07
N LYS B 380 25.22 -12.55 36.20
CA LYS B 380 23.82 -12.64 36.57
C LYS B 380 23.19 -11.26 36.74
N ALA B 381 23.90 -10.34 37.40
CA ALA B 381 23.32 -9.04 37.67
C ALA B 381 22.93 -8.34 36.38
N LEU B 382 23.81 -8.39 35.37
CA LEU B 382 23.45 -7.83 34.07
C LEU B 382 22.25 -8.53 33.48
N LYS B 383 22.21 -9.87 33.57
CA LYS B 383 21.09 -10.62 33.02
C LYS B 383 19.77 -10.14 33.60
N GLN B 384 19.77 -9.80 34.88
CA GLN B 384 18.56 -9.33 35.53
C GLN B 384 17.89 -8.21 34.75
N VAL B 385 18.67 -7.24 34.27
CA VAL B 385 18.12 -6.15 33.47
C VAL B 385 18.03 -6.49 31.99
N ALA B 386 18.99 -7.22 31.45
CA ALA B 386 19.00 -7.55 30.03
C ALA B 386 17.81 -8.40 29.62
N GLY B 387 17.19 -9.11 30.57
CA GLY B 387 15.97 -9.82 30.23
C GLY B 387 14.92 -8.90 29.65
N SER B 388 14.71 -7.74 30.28
CA SER B 388 13.76 -6.77 29.75
C SER B 388 14.30 -6.04 28.54
N LEU B 389 15.64 -5.87 28.46
CA LEU B 389 16.22 -5.22 27.29
C LEU B 389 15.96 -6.04 26.03
N LYS B 390 16.08 -7.36 26.13
CA LYS B 390 15.85 -8.22 24.97
C LYS B 390 14.42 -8.07 24.47
N LEU B 391 13.44 -8.12 25.39
CA LEU B 391 12.05 -7.97 25.00
C LEU B 391 11.80 -6.59 24.42
N PHE B 392 12.42 -5.56 25.00
CA PHE B 392 12.24 -4.20 24.49
C PHE B 392 12.76 -4.10 23.05
N LEU B 393 13.91 -4.70 22.78
CA LEU B 393 14.46 -4.68 21.43
C LEU B 393 13.55 -5.45 20.47
N ALA B 394 13.10 -6.64 20.86
CA ALA B 394 12.25 -7.44 19.99
C ALA B 394 10.95 -6.70 19.69
N GLN B 395 10.38 -6.03 20.70
CA GLN B 395 9.16 -5.28 20.52
C GLN B 395 9.37 -4.06 19.64
N TYR B 396 10.51 -3.37 19.80
CA TYR B 396 10.80 -2.23 18.94
C TYR B 396 10.88 -2.67 17.49
N ARG B 397 11.55 -3.80 17.24
CA ARG B 397 11.62 -4.35 15.90
C ARG B 397 10.25 -4.75 15.38
N GLU B 398 9.42 -5.34 16.24
CA GLU B 398 8.10 -5.79 15.82
C GLU B 398 7.14 -4.64 15.57
N VAL B 399 7.29 -3.53 16.29
CA VAL B 399 6.31 -2.46 16.26
C VAL B 399 6.71 -1.30 15.34
N ALA B 400 8.00 -1.18 15.00
CA ALA B 400 8.39 -0.11 14.08
C ALA B 400 7.87 -0.34 12.67
N ALA B 401 7.15 -1.43 12.43
CA ALA B 401 6.54 -1.65 11.13
C ALA B 401 5.49 -0.58 10.83
N PHE B 402 4.66 -0.25 11.82
CA PHE B 402 3.56 0.69 11.62
C PHE B 402 4.06 2.14 11.67
N ALA B 403 5.06 2.46 10.85
CA ALA B 403 5.65 3.79 10.92
C ALA B 403 4.66 4.88 10.55
N GLN B 404 3.89 4.66 9.48
CA GLN B 404 2.98 5.67 8.96
C GLN B 404 1.58 5.58 9.56
N PHE B 405 1.35 4.71 10.53
CA PHE B 405 0.08 4.62 11.23
C PHE B 405 0.28 4.61 12.75
N GLY B 406 1.12 5.51 13.26
CA GLY B 406 1.49 5.54 14.67
C GLY B 406 0.54 6.28 15.59
N SER B 407 -0.25 7.22 15.07
CA SER B 407 -1.22 7.91 15.91
C SER B 407 -2.28 6.95 16.44
N ASP B 408 -2.79 6.08 15.57
CA ASP B 408 -3.80 5.11 15.96
C ASP B 408 -3.21 3.93 16.72
N LEU B 409 -1.89 3.85 16.82
CA LEU B 409 -1.25 2.72 17.50
C LEU B 409 -1.59 2.74 18.99
N ASP B 410 -1.56 1.56 19.59
CA ASP B 410 -1.89 1.44 21.00
C ASP B 410 -0.93 2.26 21.84
N ALA B 411 -1.47 2.87 22.90
CA ALA B 411 -0.66 3.70 23.78
C ALA B 411 0.42 2.89 24.49
N SER B 412 0.08 1.67 24.91
CA SER B 412 1.11 0.78 25.46
C SER B 412 2.16 0.48 24.42
N THR B 413 1.74 0.31 23.16
CA THR B 413 2.71 0.15 22.08
C THR B 413 3.57 1.40 21.92
N LYS B 414 2.99 2.58 22.14
CA LYS B 414 3.77 3.80 22.09
C LYS B 414 4.81 3.86 23.21
N GLN B 415 4.43 3.42 24.41
CA GLN B 415 5.38 3.34 25.51
C GLN B 415 6.46 2.30 25.22
N THR B 416 6.09 1.20 24.58
CA THR B 416 7.06 0.19 24.16
C THR B 416 8.03 0.76 23.15
N LEU B 417 7.53 1.54 22.19
CA LEU B 417 8.39 2.20 21.23
C LEU B 417 9.32 3.19 21.94
N VAL B 418 8.79 3.92 22.93
CA VAL B 418 9.61 4.84 23.71
C VAL B 418 10.72 4.07 24.42
N ARG B 419 10.38 2.92 24.98
CA ARG B 419 11.37 2.08 25.66
C ARG B 419 12.42 1.56 24.68
N GLY B 420 11.99 1.11 23.51
CA GLY B 420 12.95 0.65 22.51
C GLY B 420 13.89 1.76 22.07
N GLU B 421 13.35 2.94 21.83
CA GLU B 421 14.18 4.09 21.45
C GLU B 421 15.16 4.44 22.57
N ARG B 422 14.68 4.46 23.81
CA ARG B 422 15.54 4.84 24.92
C ARG B 422 16.66 3.82 25.12
N LEU B 423 16.33 2.53 25.04
CA LEU B 423 17.36 1.50 25.17
C LEU B 423 18.36 1.59 24.04
N THR B 424 17.89 1.81 22.81
CA THR B 424 18.80 1.93 21.67
C THR B 424 19.68 3.16 21.81
N GLN B 425 19.13 4.28 22.27
CA GLN B 425 19.91 5.47 22.49
C GLN B 425 20.97 5.27 23.57
N LEU B 426 20.61 4.60 24.67
CA LEU B 426 21.62 4.26 25.67
C LEU B 426 22.62 3.25 25.14
N LEU B 427 22.26 2.55 24.05
CA LEU B 427 23.13 1.49 23.52
C LEU B 427 24.35 2.04 22.81
N LYS B 428 24.42 3.35 22.56
CA LYS B 428 25.64 3.91 22.00
C LYS B 428 26.77 3.79 23.02
N GLN B 429 28.01 3.79 22.53
CA GLN B 429 29.13 3.57 23.42
C GLN B 429 30.34 4.35 22.96
N ASN B 430 31.29 4.50 23.89
CA ASN B 430 32.58 5.10 23.58
C ASN B 430 33.59 4.01 23.23
N GLN B 431 34.66 4.42 22.57
CA GLN B 431 35.68 3.49 22.11
C GLN B 431 37.03 3.88 22.70
N TYR B 432 37.96 2.94 22.70
CA TYR B 432 39.34 3.09 23.15
C TYR B 432 39.44 3.35 24.66
N SER B 433 38.32 3.42 25.37
CA SER B 433 38.34 3.60 26.83
C SER B 433 37.03 3.03 27.37
N PRO B 434 36.97 1.72 27.57
CA PRO B 434 35.67 1.07 27.78
C PRO B 434 35.11 1.31 29.17
N LEU B 435 33.96 0.68 29.43
CA LEU B 435 33.28 0.74 30.71
C LEU B 435 33.24 -0.63 31.37
N ALA B 436 33.71 -0.72 32.61
CA ALA B 436 33.70 -1.98 33.33
C ALA B 436 32.27 -2.32 33.77
N THR B 437 32.13 -3.47 34.43
CA THR B 437 30.80 -3.98 34.76
C THR B 437 30.12 -3.16 35.85
N GLU B 438 30.88 -2.64 36.83
CA GLU B 438 30.26 -1.91 37.92
C GLU B 438 29.51 -0.69 37.42
N GLU B 439 30.08 0.03 36.46
CA GLU B 439 29.41 1.18 35.87
C GLU B 439 28.23 0.77 35.01
N GLN B 440 28.10 -0.51 34.67
CA GLN B 440 27.18 -0.92 33.62
C GLN B 440 25.76 -1.08 34.17
N VAL B 441 25.57 -2.02 35.11
CA VAL B 441 24.22 -2.45 35.46
C VAL B 441 23.32 -1.29 35.88
N PRO B 442 23.83 -0.19 36.44
CA PRO B 442 22.94 0.93 36.75
C PRO B 442 22.21 1.46 35.54
N LEU B 443 22.91 1.58 34.40
CA LEU B 443 22.28 2.10 33.19
C LEU B 443 21.18 1.18 32.70
N ILE B 444 21.44 -0.13 32.70
CA ILE B 444 20.44 -1.09 32.24
C ILE B 444 19.24 -1.11 33.18
N TYR B 445 19.48 -1.00 34.49
CA TYR B 445 18.37 -0.90 35.43
C TYR B 445 17.56 0.36 35.18
N ALA B 446 18.25 1.47 34.90
CA ALA B 446 17.56 2.72 34.62
C ALA B 446 16.75 2.64 33.32
N GLY B 447 17.24 1.86 32.36
CA GLY B 447 16.58 1.83 31.06
C GLY B 447 15.42 0.86 31.01
N VAL B 448 15.67 -0.40 31.37
CA VAL B 448 14.68 -1.45 31.18
C VAL B 448 13.40 -1.22 31.99
N ASN B 449 13.52 -0.79 33.24
CA ASN B 449 12.36 -0.56 34.10
C ASN B 449 11.57 0.69 33.72
N GLY B 450 11.85 1.28 32.56
CA GLY B 450 11.17 2.48 32.13
C GLY B 450 11.67 3.75 32.76
N HIS B 451 12.64 3.67 33.68
CA HIS B 451 13.09 4.85 34.40
C HIS B 451 13.91 5.77 33.50
N LEU B 452 14.39 5.26 32.36
CA LEU B 452 15.11 6.12 31.42
C LEU B 452 14.24 6.54 30.24
N ASP B 453 13.11 5.87 30.02
CA ASP B 453 12.22 6.27 28.94
C ASP B 453 11.67 7.66 29.17
N GLY B 454 11.35 7.98 30.42
CA GLY B 454 10.79 9.29 30.72
C GLY B 454 11.71 10.44 30.38
N ILE B 455 13.01 10.26 30.61
CA ILE B 455 13.98 11.29 30.25
C ILE B 455 13.93 11.51 28.76
N GLU B 456 14.16 12.76 28.34
CA GLU B 456 14.19 13.08 26.93
C GLU B 456 15.27 12.26 26.22
N LEU B 457 14.85 11.54 25.17
CA LEU B 457 15.76 10.66 24.45
C LEU B 457 16.99 11.42 23.97
N SER B 458 16.83 12.73 23.71
CA SER B 458 17.95 13.57 23.33
C SER B 458 19.02 13.62 24.43
N ARG B 459 18.63 13.48 25.69
CA ARG B 459 19.58 13.54 26.78
C ARG B 459 20.00 12.17 27.29
N ILE B 460 19.90 11.13 26.46
CA ILE B 460 20.10 9.76 26.97
C ILE B 460 21.54 9.56 27.42
N GLY B 461 22.50 9.93 26.58
CA GLY B 461 23.90 9.77 26.95
C GLY B 461 24.31 10.67 28.10
N GLU B 462 23.84 11.92 28.08
CA GLU B 462 24.10 12.83 29.18
C GLU B 462 23.56 12.26 30.49
N PHE B 463 22.36 11.67 30.43
CA PHE B 463 21.75 11.08 31.62
C PHE B 463 22.53 9.88 32.13
N GLU B 464 22.96 9.00 31.21
CA GLU B 464 23.77 7.86 31.63
C GLU B 464 25.05 8.33 32.29
N SER B 465 25.74 9.29 31.67
CA SER B 465 27.01 9.78 32.21
C SER B 465 26.80 10.48 33.55
N SER B 466 25.74 11.29 33.65
CA SER B 466 25.46 11.99 34.89
C SER B 466 25.16 11.01 36.01
N PHE B 467 24.35 10.00 35.73
CA PHE B 467 24.08 8.98 36.74
C PHE B 467 25.36 8.27 37.15
N LEU B 468 26.22 7.98 36.17
CA LEU B 468 27.49 7.35 36.48
C LEU B 468 28.35 8.21 37.39
N SER B 469 28.40 9.51 37.14
CA SER B 469 29.21 10.36 38.00
C SER B 469 28.60 10.51 39.39
N TYR B 470 27.29 10.78 39.46
CA TYR B 470 26.65 11.01 40.75
C TYR B 470 26.67 9.77 41.61
N LEU B 471 26.36 8.61 41.02
CA LEU B 471 26.43 7.36 41.76
C LEU B 471 27.85 7.09 42.23
N LYS B 472 28.83 7.29 41.36
CA LYS B 472 30.22 7.24 41.80
C LYS B 472 30.50 8.25 42.89
N SER B 473 29.86 9.41 42.83
CA SER B 473 29.94 10.35 43.93
C SER B 473 29.13 9.87 45.12
N ASN B 474 27.86 9.51 44.88
CA ASN B 474 26.94 9.18 45.95
C ASN B 474 26.90 7.68 46.27
N HIS B 475 26.41 6.85 45.35
CA HIS B 475 26.20 5.43 45.62
C HIS B 475 27.43 4.58 45.36
N ASN B 476 28.63 5.14 45.54
CA ASN B 476 29.86 4.42 45.25
C ASN B 476 29.93 3.09 45.98
N GLU B 477 29.47 3.05 47.24
CA GLU B 477 29.52 1.81 47.99
C GLU B 477 28.65 0.74 47.33
N LEU B 478 27.47 1.12 46.84
CA LEU B 478 26.63 0.17 46.13
C LEU B 478 27.31 -0.37 44.89
N LEU B 479 28.01 0.49 44.15
CA LEU B 479 28.70 0.05 42.95
C LEU B 479 29.84 -0.90 43.30
N THR B 480 30.61 -0.59 44.33
CA THR B 480 31.68 -1.48 44.75
C THR B 480 31.12 -2.82 45.19
N GLU B 481 29.99 -2.80 45.91
CA GLU B 481 29.35 -4.03 46.33
C GLU B 481 28.91 -4.84 45.12
N ILE B 482 28.28 -4.18 44.14
CA ILE B 482 27.81 -4.89 42.96
C ILE B 482 28.98 -5.50 42.21
N ARG B 483 30.08 -4.76 42.06
CA ARG B 483 31.25 -5.29 41.38
C ARG B 483 31.82 -6.49 42.14
N GLU B 484 31.88 -6.40 43.46
CA GLU B 484 32.40 -7.50 44.27
C GLU B 484 31.56 -8.75 44.15
N LYS B 485 30.23 -8.64 44.17
CA LYS B 485 29.33 -9.80 44.15
C LYS B 485 28.80 -10.09 42.75
N GLY B 486 28.40 -9.07 42.02
CA GLY B 486 27.88 -9.26 40.69
C GLY B 486 26.58 -10.02 40.62
N GLU B 487 25.93 -10.25 41.75
CA GLU B 487 24.65 -10.93 41.79
C GLU B 487 23.56 -9.90 42.05
N LEU B 488 22.49 -9.96 41.25
CA LEU B 488 21.43 -8.95 41.31
C LEU B 488 20.70 -9.10 42.65
N SER B 489 21.36 -8.64 43.71
CA SER B 489 20.85 -8.79 45.06
C SER B 489 19.65 -7.86 45.27
N LYS B 490 18.73 -8.32 46.13
CA LYS B 490 17.50 -7.56 46.39
C LYS B 490 17.82 -6.21 47.02
N GLU B 491 18.69 -6.21 48.02
CA GLU B 491 19.15 -4.94 48.57
C GLU B 491 19.86 -4.13 47.50
N LEU B 492 20.69 -4.79 46.70
CA LEU B 492 21.34 -4.11 45.58
C LEU B 492 20.32 -3.57 44.60
N LEU B 493 19.30 -4.38 44.25
CA LEU B 493 18.31 -3.93 43.28
C LEU B 493 17.55 -2.71 43.79
N ALA B 494 17.10 -2.75 45.04
CA ALA B 494 16.34 -1.65 45.60
C ALA B 494 17.22 -0.40 45.73
N SER B 495 18.42 -0.56 46.29
CA SER B 495 19.31 0.59 46.47
C SER B 495 19.69 1.18 45.12
N LEU B 496 19.95 0.34 44.13
CA LEU B 496 20.28 0.82 42.80
C LEU B 496 19.11 1.59 42.19
N LYS B 497 17.89 1.06 42.30
CA LYS B 497 16.75 1.77 41.73
C LYS B 497 16.50 3.08 42.46
N SER B 498 16.72 3.10 43.78
CA SER B 498 16.52 4.32 44.54
C SER B 498 17.52 5.39 44.13
N ALA B 499 18.81 5.05 44.14
CA ALA B 499 19.82 6.00 43.69
C ALA B 499 19.61 6.36 42.23
N THR B 500 19.01 5.45 41.45
CA THR B 500 18.80 5.70 40.03
C THR B 500 17.72 6.75 39.80
N GLU B 501 16.56 6.57 40.45
CA GLU B 501 15.52 7.60 40.37
C GLU B 501 16.03 8.91 40.95
N SER B 502 16.85 8.83 42.01
CA SER B 502 17.42 10.03 42.61
C SER B 502 18.32 10.76 41.62
N PHE B 503 19.14 10.03 40.87
CA PHE B 503 20.00 10.66 39.88
C PHE B 503 19.18 11.17 38.70
N VAL B 504 18.11 10.45 38.33
CA VAL B 504 17.24 10.90 37.26
C VAL B 504 16.60 12.24 37.61
N ALA B 505 16.19 12.39 38.86
CA ALA B 505 15.73 13.70 39.33
C ALA B 505 16.87 14.71 39.33
N THR B 506 18.04 14.30 39.85
CA THR B 506 19.19 15.19 39.89
C THR B 506 19.70 15.51 38.50
N PHE B 507 19.74 14.51 37.63
CA PHE B 507 20.27 14.68 36.28
C PHE B 507 19.87 13.51 35.37
N LYS C 1 14.19 -72.01 -3.35
CA LYS C 1 13.46 -71.98 -4.61
C LYS C 1 14.15 -72.84 -5.66
N ALA C 2 13.50 -73.94 -6.04
CA ALA C 2 14.03 -74.80 -7.09
C ALA C 2 14.10 -74.05 -8.40
N GLN C 3 13.12 -73.19 -8.66
CA GLN C 3 13.20 -72.26 -9.79
C GLN C 3 14.43 -71.39 -9.72
N PRO C 4 14.84 -70.87 -8.54
CA PRO C 4 16.12 -70.15 -8.49
C PRO C 4 17.29 -71.02 -8.88
N THR C 5 17.27 -72.30 -8.50
CA THR C 5 18.32 -73.22 -8.92
C THR C 5 18.32 -73.39 -10.43
N GLU C 6 17.14 -73.54 -11.03
CA GLU C 6 17.05 -73.68 -12.48
C GLU C 6 17.55 -72.42 -13.18
N VAL C 7 17.20 -71.26 -12.64
CA VAL C 7 17.67 -69.99 -13.20
C VAL C 7 19.18 -69.90 -13.10
N SER C 8 19.73 -70.33 -11.95
CA SER C 8 21.19 -70.35 -11.80
C SER C 8 21.84 -71.27 -12.81
N SER C 9 21.25 -72.44 -13.03
CA SER C 9 21.82 -73.37 -14.01
C SER C 9 21.77 -72.79 -15.41
N ILE C 10 20.66 -72.15 -15.77
CA ILE C 10 20.54 -71.57 -17.11
C ILE C 10 21.52 -70.43 -17.29
N LEU C 11 21.63 -69.55 -16.29
CA LEU C 11 22.54 -68.41 -16.39
C LEU C 11 23.99 -68.88 -16.43
N GLU C 12 24.35 -69.88 -15.63
CA GLU C 12 25.71 -70.39 -15.65
C GLU C 12 25.99 -71.15 -16.94
N GLU C 13 24.98 -71.79 -17.53
CA GLU C 13 25.17 -72.39 -18.85
C GLU C 13 25.43 -71.31 -19.89
N ARG C 14 24.69 -70.21 -19.82
CA ARG C 14 24.97 -69.08 -20.70
C ARG C 14 26.38 -68.54 -20.48
N ILE C 15 26.81 -68.48 -19.22
CA ILE C 15 28.15 -68.01 -18.89
C ILE C 15 29.21 -68.98 -19.40
N LYS C 16 28.94 -70.28 -19.32
CA LYS C 16 29.89 -71.26 -19.85
C LYS C 16 30.00 -71.13 -21.36
N GLY C 17 28.87 -70.92 -22.05
CA GLY C 17 28.93 -70.66 -23.48
C GLY C 17 29.72 -69.40 -23.79
N VAL C 18 29.50 -68.35 -23.00
CA VAL C 18 30.22 -67.09 -23.20
C VAL C 18 31.71 -67.31 -23.04
N SER C 19 32.10 -68.04 -21.98
CA SER C 19 33.51 -68.33 -21.74
C SER C 19 34.10 -69.14 -22.88
N ASP C 20 33.36 -70.14 -23.37
CA ASP C 20 33.85 -70.94 -24.48
C ASP C 20 34.00 -70.13 -25.76
N GLU C 21 33.19 -69.10 -25.94
CA GLU C 21 33.28 -68.22 -27.11
C GLU C 21 33.64 -66.82 -26.65
N ALA C 22 34.68 -66.73 -25.82
CA ALA C 22 35.07 -65.45 -25.24
C ALA C 22 35.40 -64.43 -26.32
N ASN C 23 36.18 -64.83 -27.33
CA ASN C 23 36.57 -63.99 -28.45
C ASN C 23 37.03 -62.62 -27.95
N LEU C 24 37.82 -62.66 -26.88
CA LEU C 24 38.31 -61.46 -26.20
C LEU C 24 39.77 -61.69 -25.83
N ASN C 25 40.67 -61.35 -26.75
CA ASN C 25 42.10 -61.48 -26.52
C ASN C 25 42.80 -60.13 -26.46
N GLU C 26 42.43 -59.20 -27.34
CA GLU C 26 42.98 -57.86 -27.33
C GLU C 26 42.01 -56.83 -26.77
N THR C 27 40.92 -57.27 -26.13
CA THR C 27 39.96 -56.34 -25.55
C THR C 27 40.62 -55.52 -24.44
N GLY C 28 40.03 -54.36 -24.17
CA GLY C 28 40.71 -53.36 -23.39
C GLY C 28 40.84 -53.71 -21.92
N ARG C 29 41.86 -53.12 -21.30
CA ARG C 29 42.07 -53.18 -19.86
C ARG C 29 41.89 -51.78 -19.30
N VAL C 30 41.06 -51.65 -18.27
CA VAL C 30 40.75 -50.35 -17.72
C VAL C 30 42.01 -49.75 -17.10
N LEU C 31 42.53 -48.69 -17.72
CA LEU C 31 43.73 -48.02 -17.24
C LEU C 31 43.52 -47.32 -15.90
N ALA C 32 42.44 -46.56 -15.76
CA ALA C 32 42.12 -45.90 -14.50
C ALA C 32 40.63 -45.63 -14.46
N VAL C 33 40.12 -45.39 -13.25
CA VAL C 33 38.70 -45.18 -13.04
C VAL C 33 38.48 -44.23 -11.88
N GLY C 34 37.37 -43.51 -11.96
CA GLY C 34 37.02 -42.57 -10.91
C GLY C 34 35.77 -41.78 -11.23
N ASP C 35 35.05 -41.36 -10.18
CA ASP C 35 33.86 -40.53 -10.33
C ASP C 35 32.88 -41.15 -11.31
N GLY C 36 32.79 -42.47 -11.30
CA GLY C 36 31.94 -43.14 -12.25
C GLY C 36 32.41 -43.06 -13.68
N ILE C 37 33.64 -42.59 -13.91
CA ILE C 37 34.24 -42.57 -15.24
C ILE C 37 35.52 -43.37 -15.19
N ALA C 38 35.69 -44.27 -16.16
CA ALA C 38 36.85 -45.16 -16.16
C ALA C 38 37.63 -44.95 -17.44
N ARG C 39 38.89 -44.56 -17.32
CA ARG C 39 39.76 -44.44 -18.48
C ARG C 39 40.39 -45.79 -18.76
N VAL C 40 40.11 -46.32 -19.94
CA VAL C 40 40.50 -47.68 -20.30
C VAL C 40 41.25 -47.67 -21.62
N PHE C 41 42.38 -48.34 -21.64
CA PHE C 41 43.19 -48.49 -22.85
C PHE C 41 42.58 -49.61 -23.70
N GLY C 42 43.31 -50.00 -24.74
CA GLY C 42 42.87 -51.12 -25.56
C GLY C 42 41.52 -50.86 -26.21
N LEU C 43 40.73 -51.93 -26.32
CA LEU C 43 39.40 -51.86 -26.93
C LEU C 43 39.48 -51.22 -28.31
N ASN C 44 40.47 -51.66 -29.07
CA ASN C 44 40.91 -50.91 -30.24
C ASN C 44 39.82 -50.74 -31.29
N ASN C 45 38.77 -51.56 -31.26
CA ASN C 45 37.75 -51.50 -32.28
C ASN C 45 36.35 -51.37 -31.69
N ILE C 46 36.20 -50.63 -30.60
CA ILE C 46 34.90 -50.50 -29.95
C ILE C 46 34.07 -49.47 -30.67
N GLN C 47 32.88 -49.86 -31.13
CA GLN C 47 31.97 -48.93 -31.75
C GLN C 47 31.52 -47.89 -30.74
N ALA C 48 31.35 -46.66 -31.21
CA ALA C 48 31.11 -45.53 -30.31
C ALA C 48 29.75 -45.65 -29.64
N GLU C 49 29.70 -45.23 -28.37
CA GLU C 49 28.47 -45.26 -27.57
C GLU C 49 27.90 -46.67 -27.49
N GLU C 50 28.77 -47.61 -27.15
CA GLU C 50 28.38 -49.00 -26.94
C GLU C 50 28.72 -49.38 -25.51
N LEU C 51 27.78 -50.06 -24.85
CA LEU C 51 27.99 -50.47 -23.47
C LEU C 51 29.24 -51.33 -23.38
N VAL C 52 29.99 -51.15 -22.30
CA VAL C 52 31.17 -51.96 -22.05
C VAL C 52 30.96 -52.75 -20.76
N GLU C 53 31.27 -54.04 -20.83
CA GLU C 53 31.05 -54.91 -19.68
C GLU C 53 32.36 -55.02 -18.93
N PHE C 54 32.32 -54.68 -17.65
CA PHE C 54 33.52 -54.56 -16.84
C PHE C 54 33.58 -55.72 -15.84
N SER C 55 34.80 -56.08 -15.48
CA SER C 55 35.02 -57.24 -14.63
C SER C 55 34.40 -57.09 -13.26
N SER C 56 34.48 -55.91 -12.66
CA SER C 56 33.90 -55.71 -11.33
C SER C 56 32.39 -55.87 -11.32
N GLY C 57 31.78 -56.11 -12.47
CA GLY C 57 30.36 -56.34 -12.58
C GLY C 57 29.57 -55.15 -13.08
N VAL C 58 29.85 -53.96 -12.58
CA VAL C 58 29.12 -52.77 -13.03
C VAL C 58 29.58 -52.40 -14.43
N LYS C 59 28.63 -52.20 -15.33
CA LYS C 59 28.95 -51.82 -16.70
C LYS C 59 28.89 -50.30 -16.81
N GLY C 60 29.02 -49.79 -18.04
CA GLY C 60 28.89 -48.37 -18.28
C GLY C 60 29.01 -48.06 -19.76
N MET C 61 28.59 -46.86 -20.11
CA MET C 61 28.61 -46.42 -21.50
C MET C 61 30.02 -46.02 -21.86
N ALA C 62 30.33 -45.98 -23.16
CA ALA C 62 31.60 -45.46 -23.66
C ALA C 62 31.30 -44.19 -24.46
N LEU C 63 31.62 -43.03 -23.88
CA LEU C 63 31.25 -41.75 -24.47
C LEU C 63 32.32 -41.22 -25.41
N ASN C 64 33.49 -40.88 -24.88
CA ASN C 64 34.53 -40.21 -25.64
C ASN C 64 35.53 -41.22 -26.15
N LEU C 65 35.43 -41.57 -27.42
CA LEU C 65 36.38 -42.48 -28.04
C LEU C 65 37.64 -41.69 -28.42
N GLU C 66 38.37 -41.28 -27.37
CA GLU C 66 39.52 -40.43 -27.55
C GLU C 66 40.67 -41.19 -28.21
N PRO C 67 41.66 -40.47 -28.74
CA PRO C 67 42.77 -41.15 -29.40
C PRO C 67 43.49 -42.09 -28.45
N GLY C 68 43.27 -43.39 -28.66
CA GLY C 68 43.80 -44.42 -27.78
C GLY C 68 42.91 -44.72 -26.60
N GLN C 69 42.99 -43.89 -25.56
CA GLN C 69 42.26 -44.14 -24.33
C GLN C 69 40.78 -43.83 -24.55
N VAL C 70 40.00 -44.90 -24.68
CA VAL C 70 38.57 -44.79 -24.93
C VAL C 70 37.87 -44.67 -23.57
N GLY C 71 37.17 -43.56 -23.39
CA GLY C 71 36.60 -43.24 -22.09
C GLY C 71 35.22 -43.86 -21.91
N ILE C 72 35.12 -44.73 -20.91
CA ILE C 72 33.88 -45.38 -20.56
C ILE C 72 33.53 -44.98 -19.14
N VAL C 73 32.40 -44.30 -18.97
CA VAL C 73 31.91 -43.97 -17.64
C VAL C 73 31.42 -45.26 -17.00
N LEU C 74 31.45 -45.31 -15.67
CA LEU C 74 31.02 -46.49 -14.92
C LEU C 74 29.58 -46.26 -14.48
N PHE C 75 28.68 -47.14 -14.91
CA PHE C 75 27.26 -47.06 -14.54
C PHE C 75 27.01 -47.84 -13.25
N GLY C 76 27.82 -47.56 -12.25
CA GLY C 76 27.71 -48.22 -10.97
C GLY C 76 28.85 -47.80 -10.06
N SER C 77 28.78 -48.28 -8.82
CA SER C 77 29.70 -47.84 -7.79
C SER C 77 31.14 -48.25 -8.12
N ASP C 78 32.08 -47.47 -7.62
CA ASP C 78 33.50 -47.66 -7.90
C ASP C 78 34.21 -48.52 -6.87
N ARG C 79 33.63 -48.69 -5.67
CA ARG C 79 34.28 -49.45 -4.62
C ARG C 79 34.60 -50.87 -5.10
N LEU C 80 33.75 -51.40 -5.97
CA LEU C 80 34.07 -52.67 -6.62
C LEU C 80 35.16 -52.49 -7.67
N VAL C 81 35.04 -51.47 -8.51
CA VAL C 81 35.91 -51.36 -9.67
C VAL C 81 37.34 -51.04 -9.22
N LYS C 82 38.28 -51.32 -10.12
CA LYS C 82 39.68 -51.02 -9.88
C LYS C 82 40.41 -50.95 -11.21
N GLU C 83 41.56 -50.28 -11.20
CA GLU C 83 42.35 -50.15 -12.41
C GLU C 83 42.89 -51.50 -12.84
N GLY C 84 42.99 -51.71 -14.14
CA GLY C 84 43.57 -52.91 -14.67
C GLY C 84 42.64 -54.08 -14.84
N GLU C 85 41.44 -54.02 -14.24
CA GLU C 85 40.48 -55.07 -14.47
C GLU C 85 40.10 -55.10 -15.94
N LEU C 86 39.83 -56.30 -16.44
CA LEU C 86 39.53 -56.44 -17.86
C LEU C 86 38.23 -55.72 -18.21
N VAL C 87 38.21 -55.12 -19.41
CA VAL C 87 37.05 -54.44 -19.94
C VAL C 87 36.56 -55.22 -21.16
N LYS C 88 35.34 -55.74 -21.07
CA LYS C 88 34.79 -56.58 -22.11
C LYS C 88 33.80 -55.77 -22.93
N ARG C 89 33.99 -55.76 -24.24
CA ARG C 89 33.17 -54.99 -25.15
C ARG C 89 31.85 -55.71 -25.38
N THR C 90 30.75 -55.10 -24.96
CA THR C 90 29.45 -55.73 -25.16
C THR C 90 29.12 -55.84 -26.64
N GLY C 91 29.75 -55.03 -27.48
CA GLY C 91 29.56 -55.11 -28.91
C GLY C 91 28.28 -54.48 -29.41
N ASN C 92 27.47 -53.89 -28.54
CA ASN C 92 26.20 -53.31 -28.93
C ASN C 92 26.06 -51.92 -28.32
N ILE C 93 25.43 -51.02 -29.07
CA ILE C 93 25.08 -49.73 -28.52
C ILE C 93 24.16 -49.96 -27.32
N VAL C 94 24.22 -49.04 -26.35
CA VAL C 94 23.39 -49.16 -25.16
C VAL C 94 21.94 -49.28 -25.58
N ASP C 95 21.33 -50.42 -25.25
CA ASP C 95 19.94 -50.67 -25.58
C ASP C 95 19.18 -51.05 -24.32
N VAL C 96 17.90 -50.70 -24.30
CA VAL C 96 17.11 -50.87 -23.09
C VAL C 96 16.13 -52.01 -23.28
N PRO C 97 15.99 -52.91 -22.32
CA PRO C 97 14.93 -53.93 -22.41
C PRO C 97 13.58 -53.25 -22.43
N VAL C 98 12.94 -53.26 -23.59
CA VAL C 98 11.73 -52.49 -23.81
C VAL C 98 10.65 -53.41 -24.36
N GLY C 99 9.40 -53.03 -24.09
CA GLY C 99 8.25 -53.80 -24.51
C GLY C 99 7.07 -53.62 -23.57
N PRO C 100 5.89 -54.04 -24.02
CA PRO C 100 4.69 -53.85 -23.19
C PRO C 100 4.72 -54.57 -21.86
N GLY C 101 5.59 -55.57 -21.71
CA GLY C 101 5.58 -56.38 -20.51
C GLY C 101 6.07 -55.64 -19.28
N LEU C 102 6.94 -54.65 -19.48
CA LEU C 102 7.49 -53.89 -18.35
C LEU C 102 6.42 -53.23 -17.50
N LEU C 103 5.15 -53.33 -17.90
CA LEU C 103 4.05 -52.70 -17.19
C LEU C 103 4.14 -53.00 -15.71
N GLY C 104 4.05 -51.94 -14.91
CA GLY C 104 4.05 -52.10 -13.48
C GLY C 104 5.39 -52.43 -12.87
N ARG C 105 6.45 -52.45 -13.66
CA ARG C 105 7.77 -52.79 -13.15
C ARG C 105 8.66 -51.55 -13.15
N VAL C 106 9.45 -51.42 -12.09
CA VAL C 106 10.41 -50.33 -11.95
C VAL C 106 11.78 -50.85 -12.38
N VAL C 107 12.33 -50.25 -13.43
CA VAL C 107 13.55 -50.75 -14.07
C VAL C 107 14.67 -49.76 -13.85
N ASP C 108 15.89 -50.29 -13.75
CA ASP C 108 17.07 -49.47 -13.52
C ASP C 108 17.49 -48.79 -14.82
N ALA C 109 18.74 -48.32 -14.86
CA ALA C 109 19.20 -47.46 -15.95
C ALA C 109 18.92 -48.07 -17.32
N LEU C 110 19.62 -49.15 -17.66
CA LEU C 110 19.40 -49.79 -18.94
C LEU C 110 18.10 -50.58 -18.98
N GLY C 111 17.41 -50.72 -17.86
CA GLY C 111 16.24 -51.56 -17.77
C GLY C 111 16.37 -52.73 -16.83
N ASN C 112 17.35 -52.74 -15.95
CA ASN C 112 17.46 -53.80 -14.96
C ASN C 112 16.31 -53.66 -13.96
N PRO C 113 15.45 -54.66 -13.81
CA PRO C 113 14.38 -54.55 -12.82
C PRO C 113 14.96 -54.41 -11.42
N ILE C 114 14.31 -53.58 -10.61
CA ILE C 114 14.81 -53.27 -9.29
C ILE C 114 13.79 -53.53 -8.18
N ASP C 115 12.50 -53.65 -8.50
CA ASP C 115 11.52 -53.95 -7.46
C ASP C 115 11.77 -55.32 -6.84
N GLY C 116 12.12 -56.32 -7.64
CA GLY C 116 12.28 -57.67 -7.16
C GLY C 116 11.23 -58.62 -7.73
N LYS C 117 10.69 -58.27 -8.90
CA LYS C 117 9.67 -59.08 -9.55
C LYS C 117 10.23 -60.04 -10.59
N GLY C 118 11.53 -60.10 -10.76
CA GLY C 118 12.12 -60.99 -11.72
C GLY C 118 12.10 -60.42 -13.12
N PRO C 119 12.21 -61.28 -14.12
CA PRO C 119 12.25 -60.81 -15.52
C PRO C 119 10.92 -60.22 -15.98
N ILE C 120 11.02 -59.29 -16.91
CA ILE C 120 9.88 -58.74 -17.63
C ILE C 120 10.15 -58.87 -19.12
N ASP C 121 9.15 -59.35 -19.86
CA ASP C 121 9.36 -59.67 -21.27
C ASP C 121 9.72 -58.42 -22.06
N ALA C 122 10.17 -58.64 -23.29
CA ALA C 122 10.66 -57.57 -24.15
C ALA C 122 10.03 -57.67 -25.53
N ALA C 123 9.67 -56.53 -26.08
CA ALA C 123 9.20 -56.41 -27.46
C ALA C 123 10.18 -55.63 -28.29
N GLY C 124 11.46 -55.70 -27.91
CA GLY C 124 12.51 -54.99 -28.59
C GLY C 124 13.42 -54.25 -27.63
N ARG C 125 14.73 -54.32 -27.88
CA ARG C 125 15.72 -53.62 -27.06
C ARG C 125 16.44 -52.67 -28.01
N SER C 126 15.97 -51.42 -28.08
CA SER C 126 16.52 -50.44 -29.00
C SER C 126 17.51 -49.53 -28.28
N ARG C 127 18.35 -48.88 -29.06
CA ARG C 127 19.38 -48.01 -28.51
C ARG C 127 18.77 -46.85 -27.76
N ALA C 128 19.52 -46.32 -26.80
CA ALA C 128 18.99 -45.30 -25.91
C ALA C 128 18.87 -43.94 -26.58
N GLN C 129 19.46 -43.76 -27.76
CA GLN C 129 19.42 -42.49 -28.47
C GLN C 129 18.95 -42.75 -29.90
N VAL C 130 17.64 -42.74 -30.10
CA VAL C 130 17.03 -43.01 -31.39
C VAL C 130 16.83 -41.68 -32.10
N LYS C 131 16.87 -41.71 -33.43
CA LYS C 131 16.59 -40.51 -34.21
C LYS C 131 15.09 -40.28 -34.33
N ALA C 132 14.64 -39.11 -33.87
CA ALA C 132 13.22 -38.80 -33.83
C ALA C 132 12.65 -38.64 -35.24
N PRO C 133 11.33 -38.83 -35.39
CA PRO C 133 10.73 -38.67 -36.72
C PRO C 133 10.80 -37.23 -37.17
N GLY C 134 11.07 -37.05 -38.46
CA GLY C 134 11.32 -35.75 -39.05
C GLY C 134 10.06 -34.96 -39.30
N ILE C 135 9.95 -34.44 -40.52
CA ILE C 135 8.77 -33.66 -40.88
C ILE C 135 7.68 -34.59 -41.39
N LEU C 136 7.92 -35.27 -42.51
CA LEU C 136 6.87 -36.11 -43.11
C LEU C 136 6.35 -37.15 -42.14
N PRO C 137 7.18 -37.91 -41.43
CA PRO C 137 6.65 -38.86 -40.44
C PRO C 137 6.03 -38.20 -39.23
N ARG C 138 5.97 -36.87 -39.18
CA ARG C 138 5.35 -36.16 -38.07
C ARG C 138 3.99 -35.63 -38.50
N ARG C 139 3.22 -35.16 -37.52
CA ARG C 139 1.86 -34.69 -37.78
C ARG C 139 1.46 -33.69 -36.71
N SER C 140 0.26 -33.15 -36.89
CA SER C 140 -0.27 -32.17 -35.95
C SER C 140 -0.85 -32.85 -34.73
N VAL C 141 -1.26 -32.04 -33.76
CA VAL C 141 -1.99 -32.54 -32.60
C VAL C 141 -3.48 -32.49 -32.93
N HIS C 142 -3.96 -33.51 -33.65
CA HIS C 142 -5.36 -33.64 -34.06
C HIS C 142 -6.21 -34.41 -33.05
N GLU C 143 -5.58 -35.20 -32.19
CA GLU C 143 -6.30 -35.90 -31.14
C GLU C 143 -5.99 -35.29 -29.77
N PRO C 144 -7.00 -34.80 -29.08
CA PRO C 144 -6.77 -34.25 -27.74
C PRO C 144 -6.72 -35.36 -26.69
N VAL C 145 -6.49 -34.93 -25.44
CA VAL C 145 -6.48 -35.82 -24.29
C VAL C 145 -6.89 -35.02 -23.07
N GLN C 146 -6.85 -35.65 -21.90
CA GLN C 146 -7.21 -35.01 -20.65
C GLN C 146 -6.00 -35.03 -19.72
N THR C 147 -5.74 -33.91 -19.05
CA THR C 147 -4.69 -33.90 -18.04
C THR C 147 -5.16 -34.48 -16.72
N GLY C 148 -6.43 -34.84 -16.62
CA GLY C 148 -6.97 -35.40 -15.40
C GLY C 148 -7.39 -34.34 -14.41
N LEU C 149 -6.44 -33.80 -13.65
CA LEU C 149 -6.77 -32.68 -12.78
C LEU C 149 -7.16 -31.48 -13.65
N LYS C 150 -8.25 -30.81 -13.31
CA LYS C 150 -8.66 -29.62 -14.06
C LYS C 150 -7.49 -28.65 -14.18
N ALA C 151 -6.76 -28.45 -13.09
CA ALA C 151 -5.36 -28.02 -13.08
C ALA C 151 -5.03 -27.06 -14.19
N VAL C 152 -5.94 -26.11 -14.45
CA VAL C 152 -5.80 -25.17 -15.56
C VAL C 152 -5.60 -25.94 -16.85
N ASP C 153 -6.19 -27.13 -16.94
CA ASP C 153 -5.96 -27.97 -18.11
C ASP C 153 -6.93 -27.69 -19.24
N ALA C 154 -8.21 -27.47 -18.94
CA ALA C 154 -9.11 -26.99 -19.97
C ALA C 154 -8.67 -25.62 -20.47
N LEU C 155 -8.07 -24.82 -19.58
CA LEU C 155 -7.47 -23.57 -19.98
C LEU C 155 -6.36 -23.78 -21.00
N VAL C 156 -5.28 -24.45 -20.59
CA VAL C 156 -4.18 -24.79 -21.48
C VAL C 156 -4.14 -26.31 -21.63
N PRO C 157 -4.57 -26.85 -22.76
CA PRO C 157 -4.67 -28.30 -22.88
C PRO C 157 -3.30 -28.99 -22.86
N ILE C 158 -3.35 -30.30 -23.02
CA ILE C 158 -2.16 -31.12 -23.23
C ILE C 158 -2.52 -32.23 -24.23
N GLY C 159 -2.26 -31.96 -25.50
CA GLY C 159 -2.79 -32.77 -26.57
C GLY C 159 -1.81 -33.82 -27.06
N ARG C 160 -2.10 -34.37 -28.23
CA ARG C 160 -1.27 -35.39 -28.83
C ARG C 160 0.12 -34.88 -29.13
N GLY C 161 1.09 -35.29 -28.32
CA GLY C 161 2.46 -34.85 -28.50
C GLY C 161 2.78 -33.49 -27.95
N GLN C 162 1.93 -32.93 -27.10
CA GLN C 162 2.16 -31.60 -26.57
C GLN C 162 3.28 -31.65 -25.56
N ARG C 163 4.45 -31.22 -25.99
CA ARG C 163 5.64 -31.26 -25.16
C ARG C 163 5.54 -30.13 -24.15
N GLU C 164 4.82 -30.37 -23.06
CA GLU C 164 4.62 -29.38 -22.02
C GLU C 164 5.74 -29.49 -20.99
N LEU C 165 6.03 -28.37 -20.32
CA LEU C 165 7.06 -28.32 -19.29
C LEU C 165 6.50 -27.71 -18.01
N ILE C 166 7.25 -27.90 -16.92
CA ILE C 166 6.87 -27.41 -15.61
C ILE C 166 8.09 -26.83 -14.92
N ILE C 167 7.89 -26.32 -13.71
CA ILE C 167 8.98 -25.75 -12.92
C ILE C 167 8.49 -25.62 -11.48
N GLY C 168 9.44 -25.51 -10.57
CA GLY C 168 9.09 -25.34 -9.17
C GLY C 168 10.30 -25.41 -8.27
N ASP C 169 10.09 -25.01 -7.01
CA ASP C 169 11.13 -25.09 -6.01
C ASP C 169 11.28 -26.52 -5.50
N ARG C 170 12.19 -26.68 -4.53
CA ARG C 170 12.37 -27.98 -3.91
C ARG C 170 11.12 -28.36 -3.13
N GLN C 171 10.77 -29.64 -3.19
CA GLN C 171 9.57 -30.17 -2.53
C GLN C 171 8.33 -29.37 -2.94
N THR C 172 8.27 -29.01 -4.22
CA THR C 172 7.12 -28.27 -4.74
C THR C 172 5.98 -29.20 -5.13
N GLY C 173 6.19 -30.50 -5.03
CA GLY C 173 5.16 -31.44 -5.40
C GLY C 173 4.77 -31.37 -6.86
N LYS C 174 5.57 -30.70 -7.70
CA LYS C 174 5.35 -30.81 -9.14
C LYS C 174 5.38 -32.27 -9.54
N THR C 175 6.18 -33.07 -8.83
CA THR C 175 6.09 -34.52 -8.95
C THR C 175 4.67 -34.99 -8.69
N ALA C 176 3.99 -34.40 -7.70
CA ALA C 176 2.60 -34.79 -7.45
C ALA C 176 1.69 -34.34 -8.57
N VAL C 177 1.97 -33.18 -9.18
CA VAL C 177 1.21 -32.79 -10.35
C VAL C 177 1.35 -33.85 -11.43
N ALA C 178 2.57 -34.35 -11.60
CA ALA C 178 2.79 -35.43 -12.55
C ALA C 178 2.00 -36.67 -12.16
N LEU C 179 2.02 -37.02 -10.88
CA LEU C 179 1.37 -38.25 -10.44
C LEU C 179 -0.13 -38.19 -10.69
N ASP C 180 -0.74 -37.05 -10.35
CA ASP C 180 -2.16 -36.88 -10.64
C ASP C 180 -2.41 -36.93 -12.14
N THR C 181 -1.56 -36.29 -12.94
CA THR C 181 -1.69 -36.38 -14.37
C THR C 181 -1.69 -37.83 -14.83
N ILE C 182 -0.84 -38.65 -14.21
CA ILE C 182 -0.77 -40.06 -14.58
C ILE C 182 -2.07 -40.76 -14.19
N LEU C 183 -2.61 -40.43 -13.01
CA LEU C 183 -3.78 -41.15 -12.52
C LEU C 183 -4.95 -41.06 -13.47
N ASN C 184 -4.95 -40.04 -14.33
CA ASN C 184 -5.99 -39.95 -15.35
C ASN C 184 -5.89 -41.09 -16.35
N GLN C 185 -4.79 -41.83 -16.32
CA GLN C 185 -4.73 -43.08 -17.08
C GLN C 185 -5.41 -44.18 -16.27
N LYS C 186 -6.63 -43.90 -15.79
CA LYS C 186 -7.50 -44.88 -15.19
C LYS C 186 -8.96 -44.69 -15.60
N ARG C 187 -9.33 -43.49 -16.01
CA ARG C 187 -10.67 -43.21 -16.49
C ARG C 187 -10.81 -43.42 -18.00
N TRP C 188 -9.71 -43.53 -18.71
CA TRP C 188 -9.70 -43.93 -20.11
C TRP C 188 -8.89 -45.18 -20.37
N ASN C 189 -7.67 -45.25 -19.84
CA ASN C 189 -6.83 -46.41 -20.10
C ASN C 189 -7.39 -47.67 -19.48
N ASN C 190 -7.98 -47.57 -18.28
CA ASN C 190 -8.43 -48.76 -17.58
C ASN C 190 -9.65 -49.38 -18.22
N GLY C 191 -10.24 -48.73 -19.22
CA GLY C 191 -11.34 -49.32 -19.96
C GLY C 191 -10.83 -50.37 -20.90
N SER C 192 -11.08 -50.17 -22.19
CA SER C 192 -10.42 -50.99 -23.20
C SER C 192 -10.08 -50.19 -24.45
N ASP C 193 -10.09 -48.87 -24.40
CA ASP C 193 -10.02 -48.04 -25.60
C ASP C 193 -8.59 -47.64 -25.89
N GLU C 194 -8.04 -48.16 -26.99
CA GLU C 194 -6.73 -47.71 -27.46
C GLU C 194 -6.75 -46.24 -27.84
N SER C 195 -7.80 -45.81 -28.54
CA SER C 195 -7.92 -44.39 -28.89
C SER C 195 -7.98 -43.52 -27.64
N LYS C 196 -8.59 -44.02 -26.57
CA LYS C 196 -8.51 -43.34 -25.29
C LYS C 196 -7.27 -43.70 -24.51
N LYS C 197 -6.59 -44.77 -24.89
CA LYS C 197 -5.39 -45.18 -24.16
C LYS C 197 -4.30 -44.14 -24.32
N LEU C 198 -3.70 -43.76 -23.20
CA LEU C 198 -2.49 -42.96 -23.14
C LEU C 198 -1.60 -43.64 -22.11
N TYR C 199 -0.88 -44.67 -22.54
CA TYR C 199 -0.14 -45.51 -21.61
C TYR C 199 1.06 -44.73 -21.08
N CYS C 200 0.88 -44.10 -19.93
CA CYS C 200 1.92 -43.24 -19.38
C CYS C 200 3.10 -44.07 -18.90
N VAL C 201 4.28 -43.45 -18.90
CA VAL C 201 5.49 -44.05 -18.36
C VAL C 201 6.24 -42.95 -17.63
N TYR C 202 6.07 -42.86 -16.32
CA TYR C 202 6.80 -41.86 -15.57
C TYR C 202 8.29 -42.21 -15.57
N VAL C 203 9.07 -41.35 -14.94
CA VAL C 203 10.50 -41.55 -14.78
C VAL C 203 10.85 -41.24 -13.34
N ALA C 204 12.02 -41.69 -12.92
CA ALA C 204 12.56 -41.34 -11.61
C ALA C 204 14.03 -41.04 -11.80
N VAL C 205 14.33 -39.77 -12.08
CA VAL C 205 15.68 -39.30 -12.29
C VAL C 205 16.15 -38.66 -11.00
N GLY C 206 17.01 -39.36 -10.27
CA GLY C 206 17.64 -38.80 -9.10
C GLY C 206 16.72 -38.39 -7.98
N GLN C 207 15.96 -39.31 -7.42
CA GLN C 207 15.10 -39.02 -6.27
C GLN C 207 15.45 -39.94 -5.11
N LYS C 208 15.25 -39.45 -3.89
CA LYS C 208 15.47 -40.28 -2.71
C LYS C 208 14.64 -41.55 -2.80
N ARG C 209 15.28 -42.69 -2.63
CA ARG C 209 14.60 -43.97 -2.86
C ARG C 209 13.34 -44.08 -1.99
N SER C 210 13.31 -43.39 -0.86
CA SER C 210 12.08 -43.33 -0.08
C SER C 210 10.97 -42.67 -0.89
N THR C 211 11.29 -41.59 -1.60
CA THR C 211 10.29 -40.99 -2.47
C THR C 211 9.87 -41.98 -3.55
N VAL C 212 10.79 -42.83 -3.99
CA VAL C 212 10.44 -43.85 -4.96
C VAL C 212 9.42 -44.81 -4.38
N ALA C 213 9.63 -45.20 -3.12
CA ALA C 213 8.66 -46.09 -2.48
C ALA C 213 7.31 -45.41 -2.34
N GLN C 214 7.32 -44.12 -1.99
CA GLN C 214 6.06 -43.39 -1.90
C GLN C 214 5.35 -43.38 -3.23
N LEU C 215 6.09 -43.16 -4.31
CA LEU C 215 5.49 -43.17 -5.64
C LEU C 215 4.93 -44.54 -5.97
N VAL C 216 5.66 -45.61 -5.65
CA VAL C 216 5.19 -46.96 -5.96
C VAL C 216 3.90 -47.26 -5.20
N GLN C 217 3.87 -46.90 -3.91
CA GLN C 217 2.68 -47.16 -3.12
C GLN C 217 1.49 -46.36 -3.62
N THR C 218 1.71 -45.08 -3.97
CA THR C 218 0.62 -44.27 -4.49
C THR C 218 0.15 -44.79 -5.84
N LEU C 219 1.05 -45.42 -6.60
CA LEU C 219 0.65 -46.02 -7.86
C LEU C 219 -0.19 -47.26 -7.64
N GLU C 220 0.19 -48.10 -6.68
CA GLU C 220 -0.55 -49.33 -6.45
C GLU C 220 -1.91 -49.08 -5.81
N GLN C 221 -1.95 -48.23 -4.77
CA GLN C 221 -3.19 -48.06 -4.00
C GLN C 221 -4.30 -47.50 -4.86
N HIS C 222 -4.04 -46.43 -5.60
CA HIS C 222 -5.02 -45.91 -6.54
C HIS C 222 -5.05 -46.72 -7.82
N ASP C 223 -4.35 -47.86 -7.86
CA ASP C 223 -4.34 -48.77 -9.00
C ASP C 223 -3.84 -48.04 -10.26
N ALA C 224 -2.63 -47.52 -10.15
CA ALA C 224 -1.96 -46.91 -11.30
C ALA C 224 -0.91 -47.81 -11.91
N MET C 225 -0.21 -48.61 -11.10
CA MET C 225 0.85 -49.45 -11.62
C MET C 225 0.39 -50.37 -12.74
N LYS C 226 -0.92 -50.49 -12.94
CA LYS C 226 -1.42 -51.22 -14.09
C LYS C 226 -1.14 -50.51 -15.40
N TYR C 227 -0.77 -49.22 -15.37
CA TYR C 227 -0.62 -48.48 -16.62
C TYR C 227 0.61 -47.58 -16.65
N SER C 228 1.52 -47.68 -15.68
CA SER C 228 2.66 -46.78 -15.58
C SER C 228 3.95 -47.55 -15.31
N ILE C 229 4.90 -47.44 -16.23
CA ILE C 229 6.23 -48.01 -16.08
C ILE C 229 7.14 -46.89 -15.60
N ILE C 230 7.62 -47.00 -14.36
CA ILE C 230 8.38 -45.95 -13.71
C ILE C 230 9.84 -46.37 -13.65
N VAL C 231 10.61 -46.00 -14.66
CA VAL C 231 12.04 -46.23 -14.69
C VAL C 231 12.65 -45.42 -13.55
N ALA C 232 13.59 -46.03 -12.84
CA ALA C 232 14.08 -45.47 -11.59
C ALA C 232 15.58 -45.21 -11.70
N ALA C 233 16.04 -44.16 -11.02
CA ALA C 233 17.45 -43.83 -10.89
C ALA C 233 17.62 -43.19 -9.53
N THR C 234 18.21 -43.92 -8.60
CA THR C 234 18.30 -43.46 -7.23
C THR C 234 19.31 -42.32 -7.11
N ALA C 235 19.09 -41.47 -6.10
CA ALA C 235 20.14 -40.56 -5.71
C ALA C 235 21.37 -41.33 -5.25
N SER C 236 21.18 -42.42 -4.51
CA SER C 236 22.29 -43.28 -4.16
C SER C 236 22.86 -43.95 -5.40
N GLU C 237 22.09 -44.02 -6.48
CA GLU C 237 22.56 -44.63 -7.72
C GLU C 237 23.65 -43.74 -8.33
N ALA C 238 24.42 -44.29 -9.25
CA ALA C 238 25.59 -43.59 -9.76
C ALA C 238 25.20 -42.62 -10.87
N ALA C 239 26.08 -41.64 -11.09
CA ALA C 239 25.78 -40.57 -12.03
C ALA C 239 25.48 -41.07 -13.44
N PRO C 240 26.26 -41.98 -14.02
CA PRO C 240 25.92 -42.44 -15.37
C PRO C 240 24.53 -43.05 -15.45
N LEU C 241 24.10 -43.73 -14.40
CA LEU C 241 22.74 -44.26 -14.39
C LEU C 241 21.72 -43.14 -14.52
N GLN C 242 21.83 -42.12 -13.69
CA GLN C 242 20.89 -41.01 -13.75
C GLN C 242 20.93 -40.34 -15.11
N TYR C 243 22.13 -40.14 -15.66
CA TYR C 243 22.23 -39.48 -16.95
C TYR C 243 21.57 -40.30 -18.05
N LEU C 244 21.78 -41.62 -18.06
CA LEU C 244 21.21 -42.45 -19.11
C LEU C 244 19.72 -42.70 -18.92
N ALA C 245 19.20 -42.49 -17.71
CA ALA C 245 17.80 -42.80 -17.45
C ALA C 245 16.84 -42.10 -18.40
N PRO C 246 16.94 -40.79 -18.62
CA PRO C 246 16.01 -40.16 -19.56
C PRO C 246 16.07 -40.80 -20.94
N PHE C 247 17.26 -41.22 -21.36
CA PHE C 247 17.37 -41.94 -22.62
C PHE C 247 16.62 -43.26 -22.56
N THR C 248 16.66 -43.93 -21.42
CA THR C 248 15.88 -45.16 -21.27
C THR C 248 14.39 -44.89 -21.40
N ALA C 249 13.91 -43.81 -20.77
CA ALA C 249 12.51 -43.47 -20.90
C ALA C 249 12.17 -43.15 -22.35
N ALA C 250 13.07 -42.48 -23.04
CA ALA C 250 12.88 -42.25 -24.47
C ALA C 250 12.72 -43.57 -25.20
N SER C 251 13.57 -44.54 -24.86
CA SER C 251 13.48 -45.84 -25.52
C SER C 251 12.13 -46.49 -25.26
N ILE C 252 11.66 -46.43 -24.02
CA ILE C 252 10.36 -47.02 -23.70
C ILE C 252 9.26 -46.31 -24.48
N GLY C 253 9.36 -44.99 -24.56
CA GLY C 253 8.36 -44.24 -25.32
C GLY C 253 8.37 -44.63 -26.78
N GLU C 254 9.54 -44.85 -27.35
CA GLU C 254 9.59 -45.33 -28.72
C GLU C 254 8.95 -46.71 -28.83
N TRP C 255 9.27 -47.61 -27.90
CA TRP C 255 8.74 -48.97 -27.96
C TRP C 255 7.22 -48.97 -27.90
N PHE C 256 6.65 -48.04 -27.13
CA PHE C 256 5.20 -47.94 -27.08
C PHE C 256 4.64 -47.21 -28.29
N ARG C 257 4.96 -45.92 -28.42
CA ARG C 257 4.29 -45.10 -29.43
C ARG C 257 4.57 -45.61 -30.83
N ASP C 258 5.81 -46.00 -31.10
CA ASP C 258 6.17 -46.49 -32.42
C ASP C 258 5.29 -47.66 -32.83
N ASN C 259 4.79 -48.41 -31.86
CA ASN C 259 3.91 -49.50 -32.23
C ASN C 259 2.60 -49.02 -32.87
N GLY C 260 2.21 -47.75 -32.70
CA GLY C 260 1.00 -47.26 -33.31
C GLY C 260 -0.13 -46.93 -32.37
N LYS C 261 0.06 -47.09 -31.06
CA LYS C 261 -0.93 -46.67 -30.09
C LYS C 261 -0.52 -45.36 -29.43
N HIS C 262 -1.50 -44.52 -29.17
CA HIS C 262 -1.27 -43.20 -28.60
C HIS C 262 -0.80 -43.39 -27.17
N ALA C 263 0.43 -42.98 -26.89
CA ALA C 263 1.03 -43.16 -25.59
C ALA C 263 1.50 -41.81 -25.06
N LEU C 264 1.89 -41.80 -23.80
CA LEU C 264 2.33 -40.58 -23.13
C LEU C 264 3.54 -40.88 -22.27
N ILE C 265 4.24 -39.81 -21.89
CA ILE C 265 5.40 -39.93 -21.01
C ILE C 265 5.42 -38.71 -20.11
N VAL C 266 6.12 -38.83 -18.99
CA VAL C 266 6.34 -37.70 -18.10
C VAL C 266 7.70 -37.92 -17.46
N TYR C 267 8.72 -37.26 -17.98
CA TYR C 267 10.05 -37.36 -17.39
C TYR C 267 10.02 -36.78 -15.98
N ASP C 268 10.80 -37.38 -15.09
CA ASP C 268 10.82 -36.93 -13.72
C ASP C 268 11.52 -35.59 -13.63
N ASP C 269 11.94 -35.22 -12.42
CA ASP C 269 12.76 -34.03 -12.26
C ASP C 269 13.97 -34.14 -13.17
N LEU C 270 13.98 -33.36 -14.26
CA LEU C 270 15.07 -33.42 -15.23
C LEU C 270 16.23 -32.55 -14.83
N SER C 271 16.06 -31.69 -13.83
CA SER C 271 17.18 -30.93 -13.33
C SER C 271 18.25 -31.85 -12.77
N LYS C 272 17.83 -32.95 -12.13
CA LYS C 272 18.81 -33.94 -11.71
C LYS C 272 19.49 -34.57 -12.91
N GLN C 273 18.76 -34.79 -14.01
CA GLN C 273 19.40 -35.32 -15.21
C GLN C 273 20.44 -34.35 -15.73
N ALA C 274 20.14 -33.06 -15.70
CA ALA C 274 21.13 -32.07 -16.09
C ALA C 274 22.34 -32.10 -15.18
N VAL C 275 22.12 -32.22 -13.87
CA VAL C 275 23.24 -32.30 -12.94
C VAL C 275 24.07 -33.55 -13.25
N ALA C 276 23.41 -34.63 -13.65
CA ALA C 276 24.14 -35.84 -14.02
C ALA C 276 24.97 -35.62 -15.27
N TYR C 277 24.41 -34.94 -16.27
CA TYR C 277 25.21 -34.61 -17.46
C TYR C 277 26.37 -33.71 -17.08
N ARG C 278 26.16 -32.83 -16.11
CA ARG C 278 27.24 -32.00 -15.61
C ARG C 278 28.34 -32.85 -15.01
N GLN C 279 27.95 -33.84 -14.20
CA GLN C 279 28.93 -34.73 -13.61
C GLN C 279 29.68 -35.49 -14.70
N LEU C 280 28.96 -36.00 -15.68
CA LEU C 280 29.54 -36.79 -16.75
C LEU C 280 30.53 -35.98 -17.58
N SER C 281 30.19 -34.72 -17.86
CA SER C 281 31.08 -33.89 -18.67
C SER C 281 32.23 -33.37 -17.84
N LEU C 282 31.93 -32.57 -16.81
CA LEU C 282 32.96 -31.92 -16.02
C LEU C 282 33.84 -32.91 -15.26
N LEU C 283 33.43 -34.17 -15.15
CA LEU C 283 34.24 -35.15 -14.46
C LEU C 283 35.09 -35.97 -15.40
N LEU C 284 34.68 -36.17 -16.65
CA LEU C 284 35.49 -37.05 -17.48
C LEU C 284 36.67 -36.30 -18.06
N ARG C 285 36.44 -35.46 -19.08
CA ARG C 285 37.44 -34.47 -19.45
C ARG C 285 36.86 -33.23 -20.12
N ARG C 286 35.56 -33.15 -20.35
CA ARG C 286 35.04 -32.18 -21.30
C ARG C 286 34.96 -30.80 -20.66
N PRO C 287 35.48 -29.77 -21.30
CA PRO C 287 35.46 -28.44 -20.71
C PRO C 287 34.04 -27.96 -20.48
N PRO C 288 33.78 -27.25 -19.39
CA PRO C 288 32.43 -26.79 -19.10
C PRO C 288 32.00 -25.67 -20.05
N GLY C 289 30.69 -25.47 -20.13
CA GLY C 289 30.12 -24.45 -20.98
C GLY C 289 29.44 -23.32 -20.24
N ARG C 290 28.31 -22.86 -20.74
CA ARG C 290 27.58 -21.76 -20.12
C ARG C 290 26.99 -22.18 -18.78
N GLU C 291 26.81 -21.20 -17.90
CA GLU C 291 26.25 -21.43 -16.57
C GLU C 291 27.01 -22.52 -15.82
N ALA C 292 28.30 -22.69 -16.14
CA ALA C 292 29.17 -23.70 -15.54
C ALA C 292 28.70 -25.12 -15.83
N TYR C 293 27.54 -25.28 -16.47
CA TYR C 293 27.01 -26.57 -16.83
C TYR C 293 27.57 -27.03 -18.16
N PRO C 294 27.47 -28.31 -18.48
CA PRO C 294 28.07 -28.81 -19.72
C PRO C 294 27.46 -28.11 -20.92
N GLY C 295 28.26 -27.96 -21.97
CA GLY C 295 27.83 -27.16 -23.11
C GLY C 295 26.61 -27.70 -23.82
N ASP C 296 26.53 -29.01 -23.99
CA ASP C 296 25.45 -29.63 -24.74
C ASP C 296 24.23 -29.91 -23.89
N VAL C 297 23.97 -29.10 -22.85
CA VAL C 297 22.78 -29.29 -22.04
C VAL C 297 21.53 -29.19 -22.92
N PHE C 298 21.49 -28.20 -23.80
CA PHE C 298 20.38 -28.08 -24.72
C PHE C 298 20.32 -29.29 -25.65
N TYR C 299 21.48 -29.77 -26.10
CA TYR C 299 21.49 -30.92 -27.00
C TYR C 299 20.85 -32.13 -26.33
N LEU C 300 21.27 -32.43 -25.10
CA LEU C 300 20.70 -33.56 -24.39
C LEU C 300 19.21 -33.34 -24.14
N HIS C 301 18.84 -32.14 -23.71
CA HIS C 301 17.44 -31.88 -23.40
C HIS C 301 16.57 -32.04 -24.64
N SER C 302 17.02 -31.54 -25.79
CA SER C 302 16.27 -31.70 -27.02
C SER C 302 16.19 -33.15 -27.42
N ARG C 303 17.33 -33.84 -27.44
CA ARG C 303 17.34 -35.25 -27.82
C ARG C 303 16.43 -36.06 -26.92
N LEU C 304 16.17 -35.60 -25.70
CA LEU C 304 15.11 -36.21 -24.91
C LEU C 304 13.73 -35.79 -25.41
N LEU C 305 13.41 -34.51 -25.33
CA LEU C 305 12.08 -34.02 -25.68
C LEU C 305 11.76 -34.21 -27.15
N GLU C 306 12.71 -33.93 -28.05
CA GLU C 306 12.42 -34.03 -29.47
C GLU C 306 12.06 -35.44 -29.88
N ARG C 307 12.38 -36.45 -29.07
CA ARG C 307 11.91 -37.79 -29.38
C ARG C 307 10.38 -37.83 -29.37
N ALA C 308 9.76 -37.11 -28.45
CA ALA C 308 8.30 -37.09 -28.38
C ALA C 308 7.71 -36.32 -29.55
N ALA C 309 6.62 -36.84 -30.10
CA ALA C 309 5.92 -36.21 -31.22
C ALA C 309 4.55 -36.86 -31.36
N LYS C 310 3.86 -36.53 -32.44
CA LYS C 310 2.58 -37.14 -32.78
C LYS C 310 2.61 -37.47 -34.27
N LEU C 311 3.08 -38.68 -34.59
CA LEU C 311 3.23 -39.07 -35.98
C LEU C 311 1.89 -39.08 -36.68
N SER C 312 1.93 -39.16 -38.01
CA SER C 312 0.73 -39.18 -38.83
C SER C 312 0.23 -40.62 -39.03
N GLU C 313 -0.90 -40.73 -39.72
CA GLU C 313 -1.45 -42.05 -40.04
C GLU C 313 -0.48 -42.86 -40.86
N LYS C 314 0.44 -42.19 -41.57
CA LYS C 314 1.51 -42.91 -42.25
C LYS C 314 2.29 -43.77 -41.27
N GLU C 315 2.54 -43.25 -40.08
CA GLU C 315 3.20 -44.01 -39.03
C GLU C 315 2.22 -44.58 -38.00
N GLY C 316 0.92 -44.52 -38.29
CA GLY C 316 -0.09 -45.08 -37.41
C GLY C 316 -0.83 -44.07 -36.57
N SER C 317 -0.61 -42.79 -36.78
CA SER C 317 -1.30 -41.73 -36.05
C SER C 317 -1.12 -41.85 -34.55
N GLY C 318 -0.15 -42.63 -34.10
CA GLY C 318 0.15 -42.70 -32.69
C GLY C 318 0.97 -41.51 -32.25
N SER C 319 1.17 -41.40 -30.94
CA SER C 319 1.89 -40.26 -30.40
C SER C 319 2.48 -40.63 -29.05
N LEU C 320 3.51 -39.89 -28.67
CA LEU C 320 4.14 -40.03 -27.36
C LEU C 320 4.17 -38.65 -26.72
N THR C 321 3.03 -38.22 -26.19
CA THR C 321 2.99 -36.91 -25.55
C THR C 321 3.86 -36.95 -24.30
N ALA C 322 4.59 -35.86 -24.08
CA ALA C 322 5.59 -35.82 -23.03
C ALA C 322 5.33 -34.63 -22.13
N LEU C 323 5.66 -34.78 -20.86
CA LEU C 323 5.51 -33.71 -19.87
C LEU C 323 6.81 -33.60 -19.10
N PRO C 324 7.89 -33.18 -19.76
CA PRO C 324 9.17 -33.06 -19.05
C PRO C 324 9.03 -32.10 -17.88
N VAL C 325 9.66 -32.46 -16.77
CA VAL C 325 9.57 -31.68 -15.54
C VAL C 325 10.97 -31.18 -15.19
N ILE C 326 11.12 -29.87 -15.16
CA ILE C 326 12.39 -29.26 -14.79
C ILE C 326 12.21 -28.56 -13.46
N GLU C 327 13.30 -28.40 -12.74
CA GLU C 327 13.29 -27.79 -11.41
C GLU C 327 14.27 -26.63 -11.40
N THR C 328 13.95 -25.60 -10.65
CA THR C 328 14.83 -24.44 -10.48
C THR C 328 15.16 -24.28 -9.00
N GLN C 329 15.84 -23.18 -8.70
CA GLN C 329 16.08 -22.75 -7.33
C GLN C 329 15.35 -21.42 -7.17
N GLY C 330 14.52 -21.33 -6.13
CA GLY C 330 13.72 -20.13 -5.92
C GLY C 330 12.67 -19.91 -6.99
N GLY C 331 12.17 -20.99 -7.58
CA GLY C 331 11.17 -20.87 -8.63
C GLY C 331 11.66 -20.09 -9.83
N ASP C 332 12.96 -20.15 -10.11
CA ASP C 332 13.60 -19.27 -11.08
C ASP C 332 13.18 -19.68 -12.49
N VAL C 333 12.29 -18.88 -13.08
CA VAL C 333 11.98 -19.05 -14.49
C VAL C 333 13.19 -18.67 -15.33
N SER C 334 13.95 -17.68 -14.90
CA SER C 334 15.11 -17.17 -15.65
C SER C 334 16.39 -17.91 -15.25
N ALA C 335 16.63 -19.03 -15.92
CA ALA C 335 17.84 -19.81 -15.72
C ALA C 335 18.24 -20.49 -17.02
N TYR C 336 19.51 -20.90 -17.09
CA TYR C 336 20.03 -21.53 -18.30
C TYR C 336 19.22 -22.76 -18.66
N ILE C 337 19.21 -23.77 -17.79
CA ILE C 337 18.40 -24.96 -18.03
C ILE C 337 16.92 -24.61 -18.14
N PRO C 338 16.34 -23.84 -17.22
CA PRO C 338 14.90 -23.56 -17.33
C PRO C 338 14.53 -22.83 -18.61
N THR C 339 15.16 -21.69 -18.89
CA THR C 339 14.79 -20.94 -20.10
C THR C 339 15.10 -21.73 -21.35
N ASN C 340 16.26 -22.41 -21.40
CA ASN C 340 16.60 -23.17 -22.59
C ASN C 340 15.59 -24.26 -22.84
N VAL C 341 15.16 -24.96 -21.79
CA VAL C 341 14.16 -26.00 -21.97
C VAL C 341 12.82 -25.40 -22.39
N ILE C 342 12.44 -24.28 -21.79
CA ILE C 342 11.17 -23.66 -22.13
C ILE C 342 11.13 -23.27 -23.60
N SER C 343 12.30 -23.10 -24.20
CA SER C 343 12.36 -23.00 -25.65
C SER C 343 12.07 -24.33 -26.32
N ILE C 344 12.53 -25.43 -25.74
CA ILE C 344 12.35 -26.75 -26.33
C ILE C 344 10.93 -27.28 -26.14
N THR C 345 10.42 -27.29 -24.92
CA THR C 345 9.08 -27.79 -24.68
C THR C 345 8.03 -26.80 -25.18
N ASP C 346 6.91 -27.34 -25.64
CA ASP C 346 5.86 -26.52 -26.24
C ASP C 346 4.85 -26.00 -25.24
N GLY C 347 4.94 -26.38 -23.98
CA GLY C 347 3.98 -25.90 -23.00
C GLY C 347 4.67 -25.69 -21.66
N GLN C 348 4.14 -24.73 -20.92
CA GLN C 348 4.74 -24.40 -19.63
C GLN C 348 3.65 -24.26 -18.60
N ILE C 349 3.89 -24.81 -17.41
CA ILE C 349 3.01 -24.63 -16.28
C ILE C 349 3.89 -24.27 -15.08
N PHE C 350 3.87 -23.00 -14.70
CA PHE C 350 4.79 -22.49 -13.70
C PHE C 350 4.19 -22.66 -12.31
N LEU C 351 4.95 -23.26 -11.40
CA LEU C 351 4.54 -23.43 -10.02
C LEU C 351 5.40 -22.54 -9.14
N GLU C 352 4.75 -21.65 -8.39
CA GLU C 352 5.44 -20.61 -7.66
C GLU C 352 5.81 -21.06 -6.27
N ALA C 353 6.38 -20.13 -5.49
CA ALA C 353 6.71 -20.41 -4.10
C ALA C 353 5.64 -19.85 -3.17
N GLU C 354 5.22 -18.61 -3.41
CA GLU C 354 4.14 -18.02 -2.62
C GLU C 354 2.88 -18.87 -2.70
N LEU C 355 2.30 -18.95 -3.91
CA LEU C 355 1.08 -19.72 -4.09
C LEU C 355 1.23 -21.14 -3.59
N PHE C 356 2.43 -21.71 -3.68
CA PHE C 356 2.68 -23.02 -3.11
C PHE C 356 2.49 -23.02 -1.60
N TYR C 357 2.52 -21.86 -0.97
CA TYR C 357 2.09 -21.74 0.40
C TYR C 357 0.96 -20.74 0.60
N LYS C 358 0.50 -20.07 -0.47
CA LYS C 358 -0.44 -18.95 -0.34
C LYS C 358 -1.89 -19.39 -0.44
N GLY C 359 -2.27 -20.02 -1.55
CA GLY C 359 -3.70 -20.21 -1.71
C GLY C 359 -4.23 -21.45 -2.38
N ILE C 360 -3.38 -22.35 -2.85
CA ILE C 360 -3.85 -23.46 -3.67
C ILE C 360 -2.93 -24.66 -3.49
N ARG C 361 -3.51 -25.82 -3.21
CA ARG C 361 -2.75 -27.06 -3.29
C ARG C 361 -2.17 -27.25 -4.67
N PRO C 362 -2.87 -26.93 -5.76
CA PRO C 362 -2.22 -26.92 -7.08
C PRO C 362 -1.21 -25.80 -7.25
N ALA C 363 -1.59 -24.55 -6.95
CA ALA C 363 -0.70 -23.40 -6.96
C ALA C 363 -0.01 -23.23 -8.32
N ILE C 364 -0.78 -23.53 -9.37
CA ILE C 364 -0.29 -23.38 -10.74
C ILE C 364 -0.59 -21.96 -11.18
N ASN C 365 0.46 -21.22 -11.56
CA ASN C 365 0.32 -19.83 -11.96
C ASN C 365 -0.40 -19.79 -13.30
N VAL C 366 -1.71 -19.56 -13.27
CA VAL C 366 -2.53 -19.68 -14.48
C VAL C 366 -2.05 -18.72 -15.55
N GLY C 367 -1.76 -17.48 -15.16
CA GLY C 367 -1.25 -16.51 -16.12
C GLY C 367 0.10 -16.89 -16.67
N LEU C 368 1.02 -17.29 -15.79
CA LEU C 368 2.34 -17.71 -16.24
C LEU C 368 2.29 -18.96 -17.09
N SER C 369 1.47 -19.93 -16.72
CA SER C 369 1.39 -21.18 -17.46
C SER C 369 0.83 -20.92 -18.86
N VAL C 370 1.32 -21.67 -19.84
CA VAL C 370 0.87 -21.54 -21.21
C VAL C 370 1.23 -22.81 -21.97
N SER C 371 0.50 -23.06 -23.05
CA SER C 371 0.79 -24.18 -23.94
C SER C 371 0.61 -23.71 -25.37
N ARG C 372 1.54 -24.09 -26.24
CA ARG C 372 1.56 -23.59 -27.61
C ARG C 372 0.42 -24.11 -28.48
N VAL C 373 -0.50 -24.91 -27.94
CA VAL C 373 -1.67 -25.37 -28.68
C VAL C 373 -2.86 -25.31 -27.71
N GLY C 374 -3.64 -24.23 -27.81
CA GLY C 374 -4.86 -24.10 -27.05
C GLY C 374 -6.08 -24.51 -27.85
N SER C 375 -6.18 -24.04 -29.09
CA SER C 375 -7.30 -24.42 -29.93
C SER C 375 -7.18 -25.87 -30.37
N ALA C 376 -6.32 -26.13 -31.34
CA ALA C 376 -6.08 -27.48 -31.80
C ALA C 376 -5.60 -28.34 -30.64
N ALA C 377 -6.23 -29.50 -30.51
CA ALA C 377 -5.99 -30.43 -29.40
C ALA C 377 -6.31 -29.77 -28.05
N GLN C 378 -7.59 -29.47 -27.85
CA GLN C 378 -8.12 -29.17 -26.54
C GLN C 378 -9.35 -30.03 -26.32
N VAL C 379 -9.73 -30.20 -25.06
CA VAL C 379 -10.92 -30.97 -24.73
C VAL C 379 -12.09 -30.37 -25.48
N LYS C 380 -12.67 -31.14 -26.41
CA LYS C 380 -13.75 -30.62 -27.22
C LYS C 380 -14.90 -30.11 -26.35
N ALA C 381 -15.05 -30.68 -25.15
CA ALA C 381 -15.97 -30.08 -24.19
C ALA C 381 -15.49 -28.70 -23.76
N LEU C 382 -14.19 -28.53 -23.57
CA LEU C 382 -13.68 -27.26 -23.07
C LEU C 382 -13.56 -26.20 -24.14
N LYS C 383 -13.61 -26.55 -25.43
CA LYS C 383 -13.49 -25.57 -26.49
C LYS C 383 -14.70 -25.51 -27.42
N GLN C 384 -15.14 -26.66 -27.95
CA GLN C 384 -16.21 -26.67 -28.93
C GLN C 384 -17.47 -25.98 -28.42
N VAL C 385 -17.74 -26.11 -27.12
CA VAL C 385 -18.80 -25.35 -26.48
C VAL C 385 -18.22 -24.24 -25.61
N ALA C 386 -17.21 -24.57 -24.81
CA ALA C 386 -16.63 -23.65 -23.84
C ALA C 386 -15.40 -22.92 -24.36
N GLY C 387 -15.29 -22.75 -25.68
CA GLY C 387 -14.23 -21.91 -26.20
C GLY C 387 -14.33 -20.49 -25.70
N SER C 388 -15.56 -19.96 -25.65
CA SER C 388 -15.79 -18.71 -24.94
C SER C 388 -15.35 -18.83 -23.49
N LEU C 389 -15.48 -20.02 -22.89
CA LEU C 389 -15.01 -20.19 -21.52
C LEU C 389 -13.48 -20.16 -21.46
N LYS C 390 -12.81 -20.62 -22.51
CA LYS C 390 -11.35 -20.51 -22.54
C LYS C 390 -10.92 -19.05 -22.68
N LEU C 391 -11.56 -18.31 -23.58
CA LEU C 391 -11.27 -16.89 -23.70
C LEU C 391 -11.61 -16.16 -22.40
N PHE C 392 -12.64 -16.64 -21.69
CA PHE C 392 -12.99 -16.07 -20.40
C PHE C 392 -11.96 -16.43 -19.33
N LEU C 393 -11.36 -17.60 -19.44
CA LEU C 393 -10.25 -17.95 -18.56
C LEU C 393 -9.09 -16.99 -18.76
N ALA C 394 -8.71 -16.76 -20.01
CA ALA C 394 -7.64 -15.81 -20.29
C ALA C 394 -8.00 -14.41 -19.82
N GLN C 395 -9.26 -14.00 -20.07
CA GLN C 395 -9.71 -12.67 -19.67
C GLN C 395 -9.73 -12.50 -18.16
N TYR C 396 -10.21 -13.51 -17.43
CA TYR C 396 -10.27 -13.40 -15.98
C TYR C 396 -8.88 -13.48 -15.35
N ARG C 397 -7.98 -14.25 -15.98
CA ARG C 397 -6.59 -14.22 -15.53
C ARG C 397 -5.98 -12.84 -15.70
N GLU C 398 -6.19 -12.22 -16.87
CA GLU C 398 -5.76 -10.84 -17.05
C GLU C 398 -6.44 -9.92 -16.05
N VAL C 399 -7.69 -10.22 -15.71
CA VAL C 399 -8.43 -9.39 -14.75
C VAL C 399 -7.79 -9.45 -13.37
N ALA C 400 -7.54 -10.67 -12.89
CA ALA C 400 -6.88 -10.86 -11.61
C ALA C 400 -5.44 -10.37 -11.64
N ALA C 401 -4.88 -10.17 -12.84
CA ALA C 401 -3.52 -9.61 -12.92
C ALA C 401 -3.47 -8.20 -12.37
N PHE C 402 -4.52 -7.42 -12.58
CA PHE C 402 -4.55 -6.01 -12.18
C PHE C 402 -5.12 -5.81 -10.78
N ALA C 403 -5.49 -6.91 -10.12
CA ALA C 403 -6.18 -6.86 -8.83
C ALA C 403 -5.21 -6.86 -7.65
N GLN C 404 -4.32 -5.88 -7.58
CA GLN C 404 -3.40 -5.75 -6.45
C GLN C 404 -3.68 -4.53 -5.58
N PHE C 405 -3.57 -3.32 -6.14
CA PHE C 405 -3.77 -2.12 -5.35
C PHE C 405 -4.57 -1.04 -6.06
N GLY C 406 -5.09 -1.30 -7.24
CA GLY C 406 -5.94 -0.33 -7.89
C GLY C 406 -7.24 -0.11 -7.12
N SER C 407 -7.83 1.07 -7.30
CA SER C 407 -9.04 1.43 -6.60
C SER C 407 -10.23 0.69 -7.22
N ASP C 408 -11.43 1.11 -6.87
CA ASP C 408 -12.66 0.57 -7.44
C ASP C 408 -13.20 1.58 -8.43
N LEU C 409 -12.71 1.49 -9.67
CA LEU C 409 -13.14 2.45 -10.70
C LEU C 409 -14.63 2.31 -10.99
N ASP C 410 -15.13 1.08 -11.02
CA ASP C 410 -16.53 0.82 -11.33
C ASP C 410 -16.96 -0.44 -10.60
N ALA C 411 -18.12 -0.97 -11.01
CA ALA C 411 -18.59 -2.23 -10.47
C ALA C 411 -18.22 -3.39 -11.38
N SER C 412 -17.99 -3.14 -12.67
CA SER C 412 -17.65 -4.21 -13.60
C SER C 412 -16.36 -4.91 -13.19
N THR C 413 -15.31 -4.13 -12.88
CA THR C 413 -14.05 -4.72 -12.48
C THR C 413 -14.20 -5.51 -11.18
N LYS C 414 -14.95 -4.96 -10.21
CA LYS C 414 -15.12 -5.64 -8.93
C LYS C 414 -15.88 -6.94 -9.10
N GLN C 415 -16.91 -6.95 -9.93
CA GLN C 415 -17.67 -8.16 -10.18
C GLN C 415 -16.81 -9.22 -10.86
N THR C 416 -16.01 -8.81 -11.85
CA THR C 416 -15.10 -9.74 -12.49
C THR C 416 -14.12 -10.30 -11.48
N LEU C 417 -13.62 -9.45 -10.58
CA LEU C 417 -12.66 -9.90 -9.58
C LEU C 417 -13.28 -10.94 -8.64
N VAL C 418 -14.47 -10.65 -8.12
CA VAL C 418 -15.10 -11.58 -7.17
C VAL C 418 -15.42 -12.91 -7.84
N ARG C 419 -16.01 -12.87 -9.04
CA ARG C 419 -16.36 -14.11 -9.73
C ARG C 419 -15.14 -14.92 -10.12
N GLY C 420 -14.10 -14.27 -10.66
CA GLY C 420 -12.89 -14.99 -11.02
C GLY C 420 -12.15 -15.54 -9.82
N GLU C 421 -12.19 -14.82 -8.69
CA GLU C 421 -11.55 -15.31 -7.48
C GLU C 421 -12.27 -16.52 -6.92
N ARG C 422 -13.61 -16.51 -6.96
CA ARG C 422 -14.35 -17.73 -6.61
C ARG C 422 -13.97 -18.87 -7.56
N LEU C 423 -13.84 -18.55 -8.85
CA LEU C 423 -13.43 -19.56 -9.82
C LEU C 423 -12.05 -20.13 -9.49
N THR C 424 -11.10 -19.29 -9.13
CA THR C 424 -9.76 -19.76 -8.81
C THR C 424 -9.75 -20.60 -7.55
N GLN C 425 -10.51 -20.18 -6.53
CA GLN C 425 -10.65 -21.00 -5.34
C GLN C 425 -11.33 -22.32 -5.67
N LEU C 426 -12.06 -22.36 -6.79
CA LEU C 426 -12.74 -23.59 -7.18
C LEU C 426 -11.80 -24.52 -7.95
N LEU C 427 -11.04 -23.97 -8.90
CA LEU C 427 -10.48 -24.77 -9.99
C LEU C 427 -9.43 -25.76 -9.52
N LYS C 428 -8.88 -25.59 -8.31
CA LYS C 428 -7.83 -26.50 -7.87
C LYS C 428 -8.36 -27.92 -7.68
N GLN C 429 -8.04 -28.81 -8.62
CA GLN C 429 -8.46 -30.20 -8.55
C GLN C 429 -7.63 -30.90 -7.50
N ASN C 430 -8.28 -31.35 -6.44
CA ASN C 430 -7.59 -31.87 -5.27
C ASN C 430 -6.65 -33.00 -5.66
N GLN C 431 -5.63 -33.19 -4.82
CA GLN C 431 -4.57 -34.14 -5.13
C GLN C 431 -5.14 -35.54 -5.30
N TYR C 432 -4.59 -36.27 -6.27
CA TYR C 432 -4.96 -37.65 -6.55
C TYR C 432 -6.48 -37.79 -6.72
N SER C 433 -7.12 -36.75 -7.23
CA SER C 433 -8.56 -36.76 -7.44
C SER C 433 -8.83 -36.35 -8.88
N PRO C 434 -8.42 -37.18 -9.83
CA PRO C 434 -8.64 -36.86 -11.25
C PRO C 434 -10.06 -37.21 -11.67
N LEU C 435 -10.86 -36.18 -11.95
CA LEU C 435 -12.23 -36.37 -12.43
C LEU C 435 -12.58 -35.09 -13.19
N ALA C 436 -12.61 -35.17 -14.52
CA ALA C 436 -12.63 -33.97 -15.34
C ALA C 436 -13.74 -33.93 -16.39
N THR C 437 -13.66 -34.73 -17.46
CA THR C 437 -14.36 -34.39 -18.71
C THR C 437 -15.88 -34.50 -18.57
N GLU C 438 -16.40 -34.05 -17.43
CA GLU C 438 -17.80 -34.15 -17.09
C GLU C 438 -18.46 -32.82 -16.75
N GLU C 439 -17.78 -31.91 -16.05
CA GLU C 439 -18.34 -30.60 -15.75
C GLU C 439 -17.24 -29.56 -15.75
N GLN C 440 -16.37 -29.63 -16.76
CA GLN C 440 -15.23 -28.72 -16.82
C GLN C 440 -15.70 -27.28 -17.01
N VAL C 441 -16.45 -27.04 -18.07
CA VAL C 441 -16.95 -25.71 -18.43
C VAL C 441 -17.84 -25.19 -17.30
N PRO C 442 -18.40 -26.08 -16.48
CA PRO C 442 -19.46 -25.68 -15.56
C PRO C 442 -19.07 -24.51 -14.68
N LEU C 443 -17.82 -24.46 -14.22
CA LEU C 443 -17.42 -23.40 -13.32
C LEU C 443 -17.54 -22.02 -13.97
N ILE C 444 -16.94 -21.83 -15.14
CA ILE C 444 -16.98 -20.53 -15.80
C ILE C 444 -18.39 -20.22 -16.30
N TYR C 445 -19.08 -21.24 -16.82
CA TYR C 445 -20.44 -21.02 -17.32
C TYR C 445 -21.37 -20.57 -16.20
N ALA C 446 -21.27 -21.20 -15.02
CA ALA C 446 -22.08 -20.80 -13.88
C ALA C 446 -21.65 -19.43 -13.36
N GLY C 447 -20.36 -19.13 -13.38
CA GLY C 447 -19.92 -17.82 -12.95
C GLY C 447 -20.49 -16.71 -13.82
N VAL C 448 -20.40 -16.86 -15.14
CA VAL C 448 -20.98 -15.87 -16.04
C VAL C 448 -22.50 -15.93 -16.01
N ASN C 449 -23.08 -17.13 -15.83
CA ASN C 449 -24.52 -17.27 -15.68
C ASN C 449 -24.96 -17.09 -14.24
N GLY C 450 -24.04 -16.78 -13.33
CA GLY C 450 -24.40 -16.45 -11.96
C GLY C 450 -25.03 -17.58 -11.17
N HIS C 451 -24.46 -18.76 -11.22
CA HIS C 451 -24.94 -19.86 -10.39
C HIS C 451 -24.05 -20.11 -9.18
N LEU C 452 -22.75 -20.32 -9.39
CA LEU C 452 -21.84 -20.49 -8.26
C LEU C 452 -21.42 -19.14 -7.68
N ASP C 453 -21.30 -18.10 -8.52
CA ASP C 453 -20.80 -16.81 -8.06
C ASP C 453 -21.65 -16.24 -6.94
N GLY C 454 -22.94 -16.59 -6.93
CA GLY C 454 -23.81 -16.17 -5.84
C GLY C 454 -23.54 -16.88 -4.53
N ILE C 455 -22.85 -18.01 -4.58
CA ILE C 455 -22.47 -18.72 -3.36
C ILE C 455 -21.29 -18.00 -2.71
N GLU C 456 -21.10 -18.25 -1.42
CA GLU C 456 -19.94 -17.70 -0.75
C GLU C 456 -18.66 -18.35 -1.27
N LEU C 457 -17.59 -17.56 -1.34
CA LEU C 457 -16.34 -18.04 -1.90
C LEU C 457 -15.78 -19.22 -1.11
N SER C 458 -15.76 -19.11 0.22
CA SER C 458 -15.24 -20.20 1.04
C SER C 458 -16.12 -21.44 0.92
N ARG C 459 -17.44 -21.25 0.89
CA ARG C 459 -18.36 -22.37 0.86
C ARG C 459 -18.25 -23.17 -0.42
N ILE C 460 -17.67 -22.60 -1.47
CA ILE C 460 -17.55 -23.31 -2.75
C ILE C 460 -16.79 -24.61 -2.56
N GLY C 461 -15.89 -24.65 -1.57
CA GLY C 461 -15.10 -25.84 -1.33
C GLY C 461 -15.94 -27.09 -1.11
N GLU C 462 -17.17 -26.92 -0.65
CA GLU C 462 -18.14 -28.01 -0.59
C GLU C 462 -19.27 -27.87 -1.60
N PHE C 463 -19.57 -26.63 -2.00
CA PHE C 463 -20.64 -26.40 -2.96
C PHE C 463 -20.34 -27.08 -4.30
N GLU C 464 -19.08 -27.03 -4.71
CA GLU C 464 -18.69 -27.71 -5.93
C GLU C 464 -18.91 -29.21 -5.81
N SER C 465 -18.54 -29.78 -4.67
CA SER C 465 -18.73 -31.22 -4.47
C SER C 465 -20.20 -31.59 -4.55
N SER C 466 -21.04 -30.79 -3.90
CA SER C 466 -22.48 -31.04 -3.94
C SER C 466 -23.02 -30.91 -5.36
N PHE C 467 -22.57 -29.90 -6.09
CA PHE C 467 -23.05 -29.70 -7.47
C PHE C 467 -22.63 -30.88 -8.35
N LEU C 468 -21.40 -31.35 -8.17
CA LEU C 468 -20.92 -32.50 -8.93
C LEU C 468 -21.73 -33.75 -8.60
N SER C 469 -21.98 -33.98 -7.31
CA SER C 469 -22.76 -35.17 -6.93
C SER C 469 -24.18 -35.08 -7.45
N TYR C 470 -24.75 -33.87 -7.47
CA TYR C 470 -26.08 -33.68 -8.01
C TYR C 470 -26.10 -33.96 -9.50
N LEU C 471 -25.08 -33.49 -10.23
CA LEU C 471 -24.98 -33.83 -11.64
C LEU C 471 -24.84 -35.34 -11.82
N LYS C 472 -24.15 -36.00 -10.89
CA LYS C 472 -23.91 -37.43 -11.01
C LYS C 472 -25.17 -38.27 -10.79
N SER C 473 -25.88 -38.02 -9.70
CA SER C 473 -27.01 -38.88 -9.33
C SER C 473 -28.35 -38.32 -9.79
N ASN C 474 -28.38 -37.09 -10.23
CA ASN C 474 -29.60 -36.42 -10.65
C ASN C 474 -29.56 -36.02 -12.11
N HIS C 475 -28.49 -35.40 -12.57
CA HIS C 475 -28.28 -35.11 -13.98
C HIS C 475 -27.48 -36.21 -14.65
N ASN C 476 -27.73 -37.46 -14.25
CA ASN C 476 -26.90 -38.57 -14.71
C ASN C 476 -26.88 -38.70 -16.21
N GLU C 477 -28.02 -38.54 -16.89
CA GLU C 477 -28.02 -38.65 -18.35
C GLU C 477 -27.21 -37.52 -18.98
N LEU C 478 -27.47 -36.27 -18.58
CA LEU C 478 -26.77 -35.14 -19.16
C LEU C 478 -25.28 -35.16 -18.81
N LEU C 479 -24.95 -35.48 -17.56
CA LEU C 479 -23.54 -35.54 -17.17
C LEU C 479 -22.81 -36.67 -17.90
N THR C 480 -23.44 -37.84 -18.00
CA THR C 480 -22.81 -38.94 -18.73
C THR C 480 -22.65 -38.59 -20.20
N GLU C 481 -23.62 -37.89 -20.79
CA GLU C 481 -23.47 -37.47 -22.17
C GLU C 481 -22.31 -36.48 -22.33
N ILE C 482 -22.21 -35.50 -21.42
CA ILE C 482 -21.09 -34.57 -21.47
C ILE C 482 -19.78 -35.33 -21.36
N ARG C 483 -19.78 -36.42 -20.60
CA ARG C 483 -18.62 -37.31 -20.60
C ARG C 483 -18.40 -37.92 -21.98
N GLU C 484 -19.47 -38.40 -22.61
CA GLU C 484 -19.36 -39.28 -23.77
C GLU C 484 -19.72 -38.61 -25.10
N LYS C 485 -20.74 -37.76 -25.13
CA LYS C 485 -21.17 -37.18 -26.40
C LYS C 485 -20.07 -36.33 -27.02
N GLY C 486 -19.11 -35.89 -26.21
CA GLY C 486 -17.98 -35.14 -26.71
C GLY C 486 -18.21 -33.65 -26.84
N GLU C 487 -19.39 -33.15 -26.52
CA GLU C 487 -19.68 -31.72 -26.57
C GLU C 487 -20.84 -31.40 -25.64
N LEU C 488 -20.88 -30.16 -25.18
CA LEU C 488 -21.97 -29.66 -24.34
C LEU C 488 -22.84 -28.74 -25.20
N SER C 489 -23.83 -29.32 -25.86
CA SER C 489 -24.62 -28.59 -26.84
C SER C 489 -25.51 -27.56 -26.16
N LYS C 490 -26.10 -26.67 -26.99
CA LYS C 490 -27.00 -25.67 -26.46
C LYS C 490 -28.18 -26.32 -25.75
N GLU C 491 -28.66 -27.46 -26.28
CA GLU C 491 -29.68 -28.22 -25.57
C GLU C 491 -29.11 -28.83 -24.29
N LEU C 492 -27.92 -29.43 -24.38
CA LEU C 492 -27.26 -29.91 -23.19
C LEU C 492 -26.90 -28.75 -22.27
N LEU C 493 -26.63 -27.57 -22.84
CA LEU C 493 -26.40 -26.39 -22.02
C LEU C 493 -27.67 -26.01 -21.26
N ALA C 494 -28.83 -26.15 -21.90
CA ALA C 494 -30.09 -25.86 -21.23
C ALA C 494 -30.40 -26.88 -20.14
N SER C 495 -30.15 -28.17 -20.43
CA SER C 495 -30.37 -29.19 -19.42
C SER C 495 -29.40 -29.04 -18.24
N LEU C 496 -28.15 -28.65 -18.54
CA LEU C 496 -27.20 -28.35 -17.48
C LEU C 496 -27.61 -27.10 -16.73
N LYS C 497 -28.25 -26.16 -17.41
CA LYS C 497 -28.81 -24.99 -16.72
C LYS C 497 -29.91 -25.41 -15.75
N SER C 498 -30.76 -26.35 -16.18
CA SER C 498 -31.78 -26.89 -15.29
C SER C 498 -31.14 -27.60 -14.10
N ALA C 499 -30.13 -28.42 -14.37
CA ALA C 499 -29.41 -29.08 -13.28
C ALA C 499 -28.74 -28.06 -12.39
N THR C 500 -28.30 -26.93 -12.96
CA THR C 500 -27.69 -25.87 -12.18
C THR C 500 -28.71 -25.20 -11.29
N GLU C 501 -29.92 -25.02 -11.81
CA GLU C 501 -31.02 -24.51 -10.98
C GLU C 501 -31.31 -25.48 -9.84
N SER C 502 -31.29 -26.78 -10.13
CA SER C 502 -31.51 -27.77 -9.08
C SER C 502 -30.40 -27.72 -8.03
N PHE C 503 -29.15 -27.60 -8.46
CA PHE C 503 -28.04 -27.50 -7.52
C PHE C 503 -28.14 -26.25 -6.68
N VAL C 504 -28.49 -25.12 -7.30
CA VAL C 504 -28.70 -23.88 -6.57
C VAL C 504 -29.82 -24.04 -5.56
N ALA C 505 -30.84 -24.84 -5.91
CA ALA C 505 -32.01 -24.96 -5.05
C ALA C 505 -31.72 -25.76 -3.78
N THR C 506 -31.39 -27.03 -3.91
CA THR C 506 -31.34 -27.93 -2.77
C THR C 506 -30.27 -27.52 -1.75
N GLN D 3 56.58 -47.30 -7.36
CA GLN D 3 56.69 -46.35 -8.45
C GLN D 3 58.09 -45.75 -8.52
N PRO D 4 58.93 -46.29 -9.40
CA PRO D 4 60.33 -45.82 -9.47
C PRO D 4 60.44 -44.33 -9.79
N THR D 5 59.59 -43.80 -10.65
CA THR D 5 59.66 -42.42 -11.08
C THR D 5 58.28 -41.97 -11.55
N GLU D 6 58.28 -40.93 -12.38
CA GLU D 6 57.09 -40.50 -13.10
C GLU D 6 57.10 -41.07 -14.52
N VAL D 7 56.16 -40.61 -15.35
CA VAL D 7 56.08 -41.06 -16.73
C VAL D 7 57.22 -40.46 -17.56
N SER D 8 57.19 -40.74 -18.87
CA SER D 8 58.21 -40.21 -19.77
C SER D 8 58.12 -38.69 -19.92
N SER D 9 56.93 -38.10 -19.78
CA SER D 9 56.79 -36.68 -20.04
C SER D 9 55.44 -36.20 -19.49
N ILE D 10 55.11 -34.95 -19.82
CA ILE D 10 53.87 -34.30 -19.41
C ILE D 10 53.19 -33.67 -20.61
N LEU D 11 53.94 -32.88 -21.38
CA LEU D 11 53.39 -32.15 -22.52
C LEU D 11 54.42 -32.09 -23.63
N GLU D 12 54.00 -31.54 -24.78
CA GLU D 12 54.84 -31.40 -25.96
C GLU D 12 54.57 -30.07 -26.66
N GLU D 13 55.46 -29.71 -27.58
CA GLU D 13 55.30 -28.49 -28.38
C GLU D 13 55.40 -28.74 -29.88
N ARG D 14 56.28 -29.65 -30.32
CA ARG D 14 56.50 -29.96 -31.73
C ARG D 14 56.28 -31.45 -31.95
N ILE D 15 55.96 -31.83 -33.20
CA ILE D 15 55.54 -33.19 -33.52
C ILE D 15 56.38 -33.81 -34.62
N LYS D 16 56.51 -33.14 -35.77
CA LYS D 16 57.08 -33.77 -36.97
C LYS D 16 58.49 -34.29 -36.72
N GLY D 17 58.88 -35.28 -37.52
CA GLY D 17 60.07 -36.05 -37.22
C GLY D 17 61.22 -35.98 -38.20
N VAL D 18 61.57 -34.77 -38.64
CA VAL D 18 62.80 -34.62 -39.42
C VAL D 18 64.01 -34.81 -38.52
N SER D 19 64.04 -34.12 -37.37
CA SER D 19 65.15 -34.19 -36.40
C SER D 19 66.48 -33.87 -37.08
N ASP D 20 66.58 -32.67 -37.63
CA ASP D 20 67.73 -32.23 -38.40
C ASP D 20 67.79 -30.71 -38.43
N GLU D 21 68.62 -30.18 -39.32
CA GLU D 21 68.88 -28.74 -39.38
C GLU D 21 67.66 -27.97 -39.87
N ALA D 22 67.63 -26.67 -39.56
CA ALA D 22 66.47 -25.81 -39.81
C ALA D 22 66.74 -24.89 -40.99
N ASN D 23 66.16 -25.24 -42.14
CA ASN D 23 66.17 -24.39 -43.31
C ASN D 23 64.85 -23.63 -43.49
N LEU D 24 63.97 -23.66 -42.49
CA LEU D 24 62.69 -22.95 -42.56
C LEU D 24 62.81 -21.64 -41.78
N ASN D 25 63.72 -20.78 -42.24
CA ASN D 25 63.94 -19.48 -41.63
C ASN D 25 63.17 -18.39 -42.37
N GLU D 26 62.94 -18.58 -43.67
CA GLU D 26 62.11 -17.69 -44.45
C GLU D 26 60.78 -18.31 -44.84
N THR D 27 60.74 -19.63 -45.06
CA THR D 27 59.52 -20.34 -45.36
C THR D 27 59.01 -21.00 -44.09
N GLY D 28 57.72 -21.35 -44.09
CA GLY D 28 57.11 -21.92 -42.92
C GLY D 28 56.44 -23.24 -43.23
N ARG D 29 56.10 -23.96 -42.16
CA ARG D 29 55.30 -25.17 -42.24
C ARG D 29 54.02 -24.96 -41.43
N VAL D 30 52.87 -25.10 -42.09
CA VAL D 30 51.59 -24.83 -41.45
C VAL D 30 51.12 -26.13 -40.79
N LEU D 31 51.63 -26.40 -39.59
CA LEU D 31 51.21 -27.59 -38.86
C LEU D 31 49.73 -27.52 -38.53
N ALA D 32 49.34 -26.54 -37.71
CA ALA D 32 47.96 -26.39 -37.30
C ALA D 32 47.37 -25.17 -38.01
N VAL D 33 46.23 -25.38 -38.65
CA VAL D 33 45.56 -24.31 -39.39
C VAL D 33 44.07 -24.56 -39.37
N GLY D 34 43.33 -23.56 -38.91
CA GLY D 34 41.89 -23.71 -38.86
C GLY D 34 41.17 -22.66 -38.04
N ASP D 35 39.91 -22.41 -38.39
CA ASP D 35 39.07 -21.45 -37.67
C ASP D 35 39.73 -20.07 -37.64
N GLY D 36 40.37 -19.70 -38.75
CA GLY D 36 40.94 -18.37 -38.85
C GLY D 36 42.21 -18.19 -38.06
N ILE D 37 42.68 -19.21 -37.36
CA ILE D 37 43.96 -19.16 -36.67
C ILE D 37 44.79 -20.33 -37.14
N ALA D 38 46.06 -20.09 -37.44
CA ALA D 38 46.92 -21.12 -37.98
C ALA D 38 48.26 -21.09 -37.24
N ARG D 39 48.72 -22.26 -36.83
CA ARG D 39 50.08 -22.40 -36.33
C ARG D 39 51.00 -22.58 -37.52
N VAL D 40 52.22 -22.08 -37.41
CA VAL D 40 53.22 -22.21 -38.46
C VAL D 40 54.52 -22.68 -37.84
N PHE D 41 55.14 -23.67 -38.49
CA PHE D 41 56.48 -24.11 -38.13
C PHE D 41 57.47 -23.52 -39.12
N GLY D 42 58.46 -22.81 -38.60
CA GLY D 42 59.37 -22.07 -39.43
C GLY D 42 59.46 -20.63 -38.99
N LEU D 43 60.13 -19.79 -39.77
CA LEU D 43 60.38 -18.40 -39.39
C LEU D 43 61.04 -18.34 -38.02
N ASN D 44 62.34 -18.70 -38.02
CA ASN D 44 63.07 -18.85 -36.76
C ASN D 44 63.13 -17.55 -35.98
N ASN D 45 63.41 -16.44 -36.65
CA ASN D 45 63.60 -15.15 -35.99
C ASN D 45 62.68 -14.07 -36.55
N ILE D 46 61.42 -14.40 -36.82
CA ILE D 46 60.52 -13.45 -37.45
C ILE D 46 60.24 -12.30 -36.49
N GLN D 47 60.10 -11.10 -37.04
CA GLN D 47 59.64 -9.94 -36.28
C GLN D 47 58.20 -10.16 -35.88
N ALA D 48 57.92 -9.94 -34.59
CA ALA D 48 56.58 -10.15 -34.08
C ALA D 48 55.59 -9.26 -34.81
N GLU D 49 54.40 -9.80 -35.07
CA GLU D 49 53.34 -9.08 -35.77
C GLU D 49 53.76 -8.69 -37.18
N GLU D 50 54.45 -9.59 -37.86
CA GLU D 50 54.85 -9.40 -39.25
C GLU D 50 53.82 -10.03 -40.17
N LEU D 51 53.43 -9.30 -41.22
CA LEU D 51 52.53 -9.89 -42.20
C LEU D 51 53.22 -11.05 -42.88
N VAL D 52 52.47 -12.14 -43.08
CA VAL D 52 53.02 -13.36 -43.65
C VAL D 52 52.03 -13.92 -44.66
N GLU D 53 52.57 -14.44 -45.76
CA GLU D 53 51.76 -14.90 -46.87
C GLU D 53 51.76 -16.41 -46.94
N PHE D 54 50.57 -16.98 -46.94
CA PHE D 54 50.37 -18.40 -47.13
C PHE D 54 50.36 -18.71 -48.62
N SER D 55 51.04 -19.79 -49.01
CA SER D 55 51.30 -20.04 -50.42
C SER D 55 50.02 -20.24 -51.21
N SER D 56 48.93 -20.68 -50.58
CA SER D 56 47.69 -20.89 -51.31
C SER D 56 47.18 -19.60 -51.92
N GLY D 57 47.38 -18.47 -51.23
CA GLY D 57 46.99 -17.19 -51.80
C GLY D 57 46.41 -16.21 -50.79
N VAL D 58 46.31 -16.61 -49.53
CA VAL D 58 45.76 -15.75 -48.49
C VAL D 58 46.90 -15.26 -47.62
N LYS D 59 46.89 -13.97 -47.31
CA LYS D 59 47.92 -13.38 -46.48
C LYS D 59 47.66 -13.71 -45.01
N GLY D 60 48.51 -13.19 -44.13
CA GLY D 60 48.25 -13.33 -42.71
C GLY D 60 49.23 -12.52 -41.90
N MET D 61 48.80 -12.17 -40.70
CA MET D 61 49.63 -11.49 -39.73
C MET D 61 49.94 -12.46 -38.61
N ALA D 62 51.13 -12.36 -38.04
CA ALA D 62 51.58 -13.34 -37.07
C ALA D 62 51.63 -12.72 -35.68
N LEU D 63 50.54 -12.87 -34.94
CA LEU D 63 50.46 -12.37 -33.58
C LEU D 63 51.07 -13.35 -32.58
N ASN D 64 51.08 -14.64 -32.91
CA ASN D 64 51.60 -15.67 -32.02
C ASN D 64 52.95 -16.17 -32.51
N LEU D 65 53.95 -16.10 -31.64
CA LEU D 65 55.30 -16.54 -31.91
C LEU D 65 55.79 -17.46 -30.81
N GLU D 66 54.98 -18.46 -30.48
CA GLU D 66 55.31 -19.34 -29.37
C GLU D 66 56.61 -20.08 -29.65
N PRO D 67 57.33 -20.48 -28.60
CA PRO D 67 58.70 -20.97 -28.78
C PRO D 67 58.83 -22.06 -29.83
N GLY D 68 57.96 -23.05 -29.79
CA GLY D 68 58.03 -24.10 -30.80
C GLY D 68 57.58 -23.60 -32.15
N GLN D 69 56.28 -23.32 -32.29
CA GLN D 69 55.71 -22.86 -33.55
C GLN D 69 55.11 -21.49 -33.34
N VAL D 70 55.16 -20.67 -34.39
CA VAL D 70 54.62 -19.32 -34.36
C VAL D 70 53.28 -19.35 -35.07
N GLY D 71 52.27 -18.76 -34.45
CA GLY D 71 50.93 -18.79 -35.00
C GLY D 71 50.57 -17.48 -35.67
N ILE D 72 50.01 -17.58 -36.87
CA ILE D 72 49.71 -16.41 -37.68
C ILE D 72 48.24 -16.44 -38.06
N VAL D 73 47.55 -15.32 -37.86
CA VAL D 73 46.13 -15.20 -38.19
C VAL D 73 45.98 -15.28 -39.69
N LEU D 74 44.96 -16.01 -40.15
CA LEU D 74 44.72 -16.22 -41.58
C LEU D 74 43.64 -15.27 -42.07
N PHE D 75 44.04 -14.08 -42.48
CA PHE D 75 43.11 -12.98 -42.75
C PHE D 75 42.34 -13.22 -44.05
N GLY D 76 41.50 -14.24 -44.02
CA GLY D 76 40.65 -14.51 -45.16
C GLY D 76 39.86 -15.79 -44.95
N SER D 77 39.08 -16.12 -45.99
CA SER D 77 38.40 -17.40 -45.99
C SER D 77 39.42 -18.52 -45.91
N ASP D 78 39.30 -19.34 -44.87
CA ASP D 78 40.32 -20.32 -44.55
C ASP D 78 40.28 -21.54 -45.47
N ARG D 79 39.31 -21.63 -46.37
CA ARG D 79 39.15 -22.84 -47.17
C ARG D 79 40.37 -23.08 -48.06
N LEU D 80 41.09 -22.02 -48.41
CA LEU D 80 42.24 -22.16 -49.29
C LEU D 80 43.47 -22.74 -48.58
N VAL D 81 43.65 -22.42 -47.30
CA VAL D 81 44.79 -22.89 -46.54
C VAL D 81 44.67 -24.39 -46.34
N LYS D 82 45.82 -25.04 -46.15
CA LYS D 82 45.85 -26.47 -45.89
C LYS D 82 47.11 -26.79 -45.10
N GLU D 83 47.09 -27.94 -44.42
CA GLU D 83 48.26 -28.35 -43.66
C GLU D 83 49.44 -28.58 -44.58
N GLY D 84 50.61 -28.18 -44.13
CA GLY D 84 51.81 -28.37 -44.89
C GLY D 84 52.02 -27.40 -46.03
N GLU D 85 51.06 -26.53 -46.31
CA GLU D 85 51.24 -25.54 -47.36
C GLU D 85 52.36 -24.60 -46.98
N LEU D 86 53.14 -24.19 -47.99
CA LEU D 86 54.25 -23.28 -47.75
C LEU D 86 53.72 -21.93 -47.27
N VAL D 87 54.52 -21.24 -46.46
CA VAL D 87 54.22 -19.90 -46.00
C VAL D 87 55.45 -19.04 -46.22
N LYS D 88 55.27 -17.90 -46.88
CA LYS D 88 56.37 -17.01 -47.20
C LYS D 88 56.31 -15.79 -46.27
N ARG D 89 57.45 -15.41 -45.73
CA ARG D 89 57.52 -14.23 -44.90
C ARG D 89 57.52 -12.97 -45.76
N THR D 90 56.54 -12.10 -45.55
CA THR D 90 56.56 -10.79 -46.20
C THR D 90 57.40 -9.79 -45.41
N GLY D 91 57.79 -10.15 -44.18
CA GLY D 91 58.77 -9.40 -43.44
C GLY D 91 58.42 -7.96 -43.11
N ASN D 92 57.15 -7.58 -43.20
CA ASN D 92 56.81 -6.19 -42.94
C ASN D 92 55.58 -6.13 -42.04
N ILE D 93 55.47 -5.03 -41.30
CA ILE D 93 54.22 -4.75 -40.60
C ILE D 93 53.15 -4.39 -41.61
N VAL D 94 51.90 -4.39 -41.14
CA VAL D 94 50.75 -4.28 -42.03
C VAL D 94 50.85 -2.99 -42.84
N ASP D 95 50.99 -3.14 -44.15
CA ASP D 95 51.19 -2.02 -45.05
C ASP D 95 50.00 -1.88 -45.98
N VAL D 96 49.39 -0.70 -45.96
CA VAL D 96 48.24 -0.44 -46.82
C VAL D 96 48.46 0.87 -47.58
N PRO D 97 48.37 0.86 -48.90
CA PRO D 97 48.47 2.13 -49.65
C PRO D 97 47.28 3.03 -49.34
N VAL D 98 47.55 4.11 -48.62
CA VAL D 98 46.53 5.07 -48.20
C VAL D 98 47.11 6.48 -48.37
N GLY D 99 46.28 7.41 -48.85
CA GLY D 99 46.75 8.73 -49.18
C GLY D 99 45.66 9.67 -49.62
N PRO D 100 46.05 10.89 -50.02
CA PRO D 100 45.04 11.89 -50.39
C PRO D 100 44.14 11.44 -51.52
N GLY D 101 44.57 10.50 -52.34
CA GLY D 101 43.72 9.96 -53.38
C GLY D 101 42.78 8.85 -52.94
N LEU D 102 42.81 8.50 -51.65
CA LEU D 102 41.96 7.43 -51.16
C LEU D 102 40.49 7.81 -51.10
N LEU D 103 40.17 9.07 -50.86
CA LEU D 103 38.81 9.47 -50.53
C LEU D 103 37.85 9.19 -51.68
N GLY D 104 36.55 9.22 -51.36
CA GLY D 104 35.54 9.07 -52.37
C GLY D 104 35.30 7.66 -52.85
N ARG D 105 35.95 6.67 -52.24
CA ARG D 105 35.75 5.27 -52.60
C ARG D 105 35.74 4.44 -51.33
N VAL D 106 35.68 3.13 -51.51
CA VAL D 106 35.69 2.18 -50.40
C VAL D 106 36.77 1.14 -50.67
N VAL D 107 37.79 1.11 -49.83
CA VAL D 107 38.86 0.15 -49.94
C VAL D 107 38.73 -0.83 -48.79
N ASP D 108 39.31 -2.01 -48.96
CA ASP D 108 39.37 -2.97 -47.87
C ASP D 108 40.38 -2.47 -46.84
N ALA D 109 40.17 -2.85 -45.58
CA ALA D 109 41.08 -2.40 -44.53
C ALA D 109 42.49 -2.92 -44.78
N LEU D 110 42.62 -3.92 -45.66
CA LEU D 110 43.90 -4.30 -46.22
C LEU D 110 44.32 -3.42 -47.38
N GLY D 111 43.81 -2.19 -47.44
CA GLY D 111 44.23 -1.21 -48.42
C GLY D 111 43.67 -1.42 -49.81
N ASN D 112 43.33 -2.63 -50.19
CA ASN D 112 42.90 -2.89 -51.55
C ASN D 112 41.60 -2.14 -51.82
N PRO D 113 41.54 -1.33 -52.87
CA PRO D 113 40.31 -0.60 -53.18
C PRO D 113 39.26 -1.55 -53.73
N ILE D 114 38.23 -1.82 -52.93
CA ILE D 114 37.18 -2.76 -53.31
C ILE D 114 35.87 -2.05 -53.66
N ASP D 115 35.90 -0.73 -53.82
CA ASP D 115 34.68 -0.01 -54.13
C ASP D 115 34.12 -0.43 -55.48
N GLY D 116 34.95 -1.02 -56.33
CA GLY D 116 34.53 -1.41 -57.66
C GLY D 116 34.54 -0.30 -58.67
N LYS D 117 34.89 0.91 -58.26
CA LYS D 117 34.94 2.07 -59.15
C LYS D 117 36.38 2.36 -59.55
N GLY D 118 37.17 1.31 -59.73
CA GLY D 118 38.52 1.44 -60.22
C GLY D 118 39.58 1.40 -59.14
N PRO D 119 40.85 1.50 -59.54
CA PRO D 119 41.94 1.38 -58.57
C PRO D 119 42.05 2.61 -57.69
N ILE D 120 43.01 2.58 -56.78
CA ILE D 120 43.25 3.68 -55.87
C ILE D 120 44.71 4.08 -55.95
N ASP D 121 44.95 5.38 -56.10
CA ASP D 121 46.28 5.96 -56.08
C ASP D 121 46.43 6.75 -54.79
N ALA D 122 47.51 6.51 -54.07
CA ALA D 122 47.70 7.08 -52.75
C ALA D 122 49.17 7.35 -52.50
N ALA D 123 49.43 8.18 -51.48
CA ALA D 123 50.78 8.59 -51.17
C ALA D 123 51.71 7.42 -50.88
N GLY D 124 51.16 6.23 -50.70
CA GLY D 124 51.98 5.06 -50.51
C GLY D 124 51.48 4.27 -49.33
N ARG D 125 52.08 3.10 -49.13
CA ARG D 125 51.64 2.21 -48.08
C ARG D 125 52.34 2.60 -46.79
N SER D 126 51.58 2.69 -45.71
CA SER D 126 52.12 3.09 -44.41
C SER D 126 51.79 2.05 -43.37
N ARG D 127 52.71 1.88 -42.42
CA ARG D 127 52.52 0.92 -41.34
C ARG D 127 51.34 1.35 -40.48
N ALA D 128 50.43 0.40 -40.25
CA ALA D 128 49.14 0.72 -39.65
C ALA D 128 49.15 0.76 -38.13
N GLN D 129 50.22 0.35 -37.49
CA GLN D 129 50.30 0.37 -36.03
C GLN D 129 51.63 0.98 -35.65
N VAL D 130 51.62 2.27 -35.30
CA VAL D 130 52.85 2.99 -34.97
C VAL D 130 52.64 3.77 -33.68
N LYS D 131 53.75 4.09 -33.01
CA LYS D 131 53.69 4.88 -31.79
C LYS D 131 53.06 6.23 -32.08
N ALA D 132 51.95 6.51 -31.41
CA ALA D 132 51.18 7.70 -31.72
C ALA D 132 51.92 8.97 -31.30
N PRO D 133 51.52 10.12 -31.81
CA PRO D 133 52.15 11.38 -31.36
C PRO D 133 52.03 11.54 -29.85
N GLY D 134 53.18 11.50 -29.19
CA GLY D 134 53.24 11.40 -27.75
C GLY D 134 52.90 12.70 -27.06
N ILE D 135 53.78 13.10 -26.15
CA ILE D 135 53.56 14.31 -25.37
C ILE D 135 54.10 15.53 -26.11
N LEU D 136 55.19 15.36 -26.85
CA LEU D 136 55.89 16.51 -27.39
C LEU D 136 55.11 17.24 -28.48
N PRO D 137 55.00 16.72 -29.68
CA PRO D 137 54.59 17.54 -30.84
C PRO D 137 53.10 17.81 -30.94
N ARG D 138 52.50 18.26 -29.83
CA ARG D 138 51.07 18.51 -29.80
C ARG D 138 50.76 19.60 -28.80
N ARG D 139 49.81 20.46 -29.15
CA ARG D 139 49.29 21.48 -28.27
C ARG D 139 47.84 21.16 -27.97
N SER D 140 47.32 21.78 -26.92
CA SER D 140 45.94 21.54 -26.52
C SER D 140 45.00 21.84 -27.67
N VAL D 141 43.98 21.00 -27.84
CA VAL D 141 43.04 21.17 -28.94
C VAL D 141 42.32 22.51 -28.76
N HIS D 142 42.56 23.43 -29.69
CA HIS D 142 41.98 24.76 -29.59
C HIS D 142 40.94 24.96 -30.68
N GLU D 143 41.22 24.42 -31.84
CA GLU D 143 40.30 24.54 -32.95
C GLU D 143 39.02 23.81 -32.63
N PRO D 144 37.85 24.43 -32.78
CA PRO D 144 36.59 23.75 -32.53
C PRO D 144 36.20 22.83 -33.69
N VAL D 145 35.25 21.95 -33.41
CA VAL D 145 34.58 21.15 -34.44
C VAL D 145 33.08 21.23 -34.20
N GLN D 146 32.35 21.71 -35.18
CA GLN D 146 30.90 21.93 -35.07
C GLN D 146 30.19 20.73 -35.69
N THR D 147 29.75 19.81 -34.84
CA THR D 147 29.10 18.60 -35.31
C THR D 147 27.66 18.82 -35.74
N GLY D 148 27.30 20.05 -36.10
CA GLY D 148 26.02 20.34 -36.72
C GLY D 148 24.81 20.21 -35.82
N LEU D 149 24.69 19.10 -35.10
CA LEU D 149 23.57 18.93 -34.17
C LEU D 149 23.68 19.95 -33.06
N LYS D 150 22.57 20.59 -32.72
CA LYS D 150 22.61 21.73 -31.81
C LYS D 150 23.19 21.36 -30.46
N ALA D 151 22.64 20.34 -29.80
CA ALA D 151 23.16 19.94 -28.50
C ALA D 151 24.59 19.44 -28.62
N VAL D 152 24.91 18.77 -29.73
CA VAL D 152 26.26 18.24 -29.92
C VAL D 152 27.27 19.36 -29.88
N ASP D 153 27.04 20.42 -30.65
CA ASP D 153 27.97 21.53 -30.65
C ASP D 153 27.91 22.31 -29.34
N ALA D 154 26.73 22.39 -28.74
CA ALA D 154 26.56 23.30 -27.61
C ALA D 154 27.01 22.66 -26.31
N LEU D 155 26.28 21.64 -25.84
CA LEU D 155 26.49 21.14 -24.49
C LEU D 155 27.76 20.31 -24.40
N VAL D 156 28.00 19.45 -25.39
CA VAL D 156 29.16 18.57 -25.36
C VAL D 156 29.92 18.75 -26.66
N PRO D 157 30.56 19.90 -26.86
CA PRO D 157 31.25 20.13 -28.13
C PRO D 157 32.49 19.25 -28.24
N ILE D 158 32.54 18.44 -29.29
CA ILE D 158 33.71 17.63 -29.61
C ILE D 158 34.61 18.49 -30.48
N GLY D 159 35.79 18.83 -29.98
CA GLY D 159 36.64 19.77 -30.66
C GLY D 159 37.29 19.19 -31.90
N ARG D 160 37.99 20.06 -32.63
CA ARG D 160 38.75 19.58 -33.77
C ARG D 160 39.98 18.82 -33.30
N GLY D 161 40.22 17.65 -33.91
CA GLY D 161 41.38 16.85 -33.62
C GLY D 161 41.25 15.91 -32.43
N GLN D 162 40.11 15.88 -31.76
CA GLN D 162 40.00 15.15 -30.51
C GLN D 162 39.56 13.71 -30.71
N ARG D 163 39.49 12.99 -29.60
CA ARG D 163 39.18 11.57 -29.56
C ARG D 163 37.91 11.28 -28.78
N GLU D 164 36.83 12.00 -29.05
CA GLU D 164 35.59 11.76 -28.33
C GLU D 164 34.96 10.45 -28.78
N LEU D 165 34.08 9.92 -27.95
CA LEU D 165 33.37 8.69 -28.24
C LEU D 165 31.88 8.90 -28.01
N ILE D 166 31.09 8.14 -28.75
CA ILE D 166 29.64 8.22 -28.66
C ILE D 166 29.16 6.86 -28.18
N ILE D 167 29.20 6.64 -26.88
CA ILE D 167 28.75 5.37 -26.32
C ILE D 167 27.23 5.38 -26.37
N GLY D 168 26.63 4.22 -26.49
CA GLY D 168 25.18 4.15 -26.57
C GLY D 168 24.71 2.74 -26.82
N ASP D 169 23.39 2.58 -26.79
CA ASP D 169 22.78 1.27 -26.85
C ASP D 169 22.65 0.80 -28.30
N ARG D 170 21.85 -0.25 -28.48
CA ARG D 170 21.74 -0.93 -29.75
C ARG D 170 20.75 -0.22 -30.68
N GLN D 171 21.17 -0.05 -31.94
CA GLN D 171 20.31 0.44 -33.01
C GLN D 171 19.65 1.76 -32.65
N THR D 172 20.43 2.66 -32.04
CA THR D 172 19.96 3.99 -31.66
C THR D 172 20.38 5.04 -32.67
N GLY D 173 20.77 4.63 -33.87
CA GLY D 173 21.22 5.58 -34.87
C GLY D 173 22.41 6.40 -34.44
N LYS D 174 23.32 5.82 -33.66
CA LYS D 174 24.58 6.50 -33.35
C LYS D 174 25.38 6.70 -34.63
N THR D 175 25.45 5.64 -35.46
CA THR D 175 26.01 5.78 -36.78
C THR D 175 25.32 6.91 -37.53
N ALA D 176 24.02 7.07 -37.32
CA ALA D 176 23.32 8.19 -37.95
C ALA D 176 23.81 9.52 -37.41
N VAL D 177 24.17 9.58 -36.13
CA VAL D 177 24.69 10.82 -35.55
C VAL D 177 26.01 11.20 -36.21
N ALA D 178 26.92 10.24 -36.31
CA ALA D 178 28.20 10.56 -36.94
C ALA D 178 28.03 10.85 -38.42
N LEU D 179 27.09 10.15 -39.08
CA LEU D 179 26.79 10.48 -40.46
C LEU D 179 26.27 11.89 -40.58
N ASP D 180 25.50 12.34 -39.58
CA ASP D 180 25.06 13.73 -39.55
C ASP D 180 26.24 14.67 -39.43
N THR D 181 27.21 14.33 -38.58
CA THR D 181 28.39 15.18 -38.45
C THR D 181 29.14 15.26 -39.78
N ILE D 182 29.30 14.13 -40.46
CA ILE D 182 29.99 14.14 -41.75
C ILE D 182 29.23 14.98 -42.75
N LEU D 183 27.91 14.79 -42.83
CA LEU D 183 27.11 15.55 -43.79
C LEU D 183 27.21 17.04 -43.52
N ASN D 184 27.16 17.43 -42.25
CA ASN D 184 27.24 18.84 -41.90
C ASN D 184 28.65 19.39 -42.11
N GLN D 185 29.64 18.51 -42.22
CA GLN D 185 30.98 18.97 -42.59
C GLN D 185 30.96 19.61 -43.98
N LYS D 186 29.97 19.25 -44.80
CA LYS D 186 29.87 19.84 -46.13
C LYS D 186 29.72 21.35 -46.05
N ARG D 187 29.19 21.87 -44.94
CA ARG D 187 29.05 23.32 -44.81
C ARG D 187 30.41 24.00 -44.82
N TRP D 188 31.16 23.88 -43.73
CA TRP D 188 32.43 24.57 -43.63
C TRP D 188 33.49 23.98 -44.56
N ASN D 189 33.18 22.89 -45.27
CA ASN D 189 34.18 22.30 -46.15
C ASN D 189 34.00 22.70 -47.62
N ASN D 190 32.86 23.28 -47.99
CA ASN D 190 32.57 23.55 -49.40
C ASN D 190 33.48 24.60 -50.02
N GLY D 191 34.45 25.14 -49.26
CA GLY D 191 35.35 26.14 -49.78
C GLY D 191 36.82 25.74 -49.69
N SER D 192 37.68 26.72 -49.97
CA SER D 192 39.12 26.51 -49.96
C SER D 192 39.78 26.88 -48.64
N ASP D 193 39.01 27.33 -47.66
CA ASP D 193 39.56 27.62 -46.34
C ASP D 193 40.13 26.34 -45.75
N GLU D 194 41.46 26.22 -45.77
CA GLU D 194 42.08 24.95 -45.43
C GLU D 194 41.75 24.50 -44.02
N SER D 195 41.62 25.43 -43.08
CA SER D 195 41.35 25.04 -41.70
C SER D 195 40.00 24.37 -41.57
N LYS D 196 38.92 25.16 -41.61
CA LYS D 196 37.58 24.62 -41.41
C LYS D 196 37.15 23.67 -42.52
N LYS D 197 38.06 23.33 -43.44
CA LYS D 197 37.85 22.22 -44.35
C LYS D 197 38.06 20.92 -43.59
N LEU D 198 37.07 20.04 -43.61
CA LEU D 198 37.08 18.80 -42.85
C LEU D 198 36.88 17.61 -43.79
N TYR D 199 37.78 16.64 -43.69
CA TYR D 199 37.63 15.38 -44.40
C TYR D 199 37.36 14.27 -43.39
N CYS D 200 36.33 13.49 -43.64
CA CYS D 200 35.93 12.46 -42.69
C CYS D 200 36.43 11.10 -43.13
N VAL D 201 36.87 10.29 -42.18
CA VAL D 201 37.27 8.91 -42.40
C VAL D 201 36.35 7.99 -41.61
N TYR D 202 35.30 7.50 -42.24
CA TYR D 202 34.35 6.60 -41.61
C TYR D 202 34.81 5.18 -41.85
N VAL D 203 35.19 4.50 -40.78
CA VAL D 203 35.61 3.10 -40.83
C VAL D 203 34.55 2.29 -40.12
N ALA D 204 33.83 1.46 -40.88
CA ALA D 204 32.73 0.68 -40.33
C ALA D 204 33.25 -0.71 -39.99
N VAL D 205 33.81 -0.84 -38.79
CA VAL D 205 34.27 -2.13 -38.30
C VAL D 205 33.05 -2.88 -37.78
N GLY D 206 32.56 -3.83 -38.57
CA GLY D 206 31.48 -4.69 -38.16
C GLY D 206 30.12 -4.38 -38.73
N GLN D 207 29.90 -3.19 -39.27
CA GLN D 207 28.64 -2.84 -39.88
C GLN D 207 28.44 -3.69 -41.13
N LYS D 208 27.18 -3.97 -41.46
CA LYS D 208 26.89 -4.81 -42.62
C LYS D 208 27.21 -4.09 -43.93
N ARG D 209 27.84 -4.83 -44.85
CA ARG D 209 28.19 -4.26 -46.14
C ARG D 209 26.96 -3.72 -46.86
N SER D 210 25.81 -4.37 -46.71
CA SER D 210 24.59 -3.79 -47.26
C SER D 210 24.30 -2.46 -46.60
N THR D 211 24.37 -2.42 -45.27
CA THR D 211 24.12 -1.16 -44.58
C THR D 211 25.19 -0.13 -44.93
N VAL D 212 26.43 -0.58 -45.12
CA VAL D 212 27.49 0.36 -45.46
C VAL D 212 27.26 0.95 -46.84
N ALA D 213 26.87 0.12 -47.81
CA ALA D 213 26.58 0.65 -49.15
C ALA D 213 25.40 1.59 -49.11
N GLN D 214 24.40 1.26 -48.29
CA GLN D 214 23.30 2.20 -48.09
C GLN D 214 23.83 3.52 -47.54
N LEU D 215 24.79 3.46 -46.62
CA LEU D 215 25.36 4.67 -46.05
C LEU D 215 26.15 5.46 -47.08
N VAL D 216 26.82 4.76 -48.01
CA VAL D 216 27.52 5.46 -49.08
C VAL D 216 26.53 6.17 -49.98
N GLN D 217 25.43 5.49 -50.31
CA GLN D 217 24.36 6.14 -51.06
C GLN D 217 23.87 7.38 -50.33
N THR D 218 23.72 7.28 -49.01
CA THR D 218 23.23 8.42 -48.23
C THR D 218 24.26 9.54 -48.19
N LEU D 219 25.54 9.21 -48.06
CA LEU D 219 26.57 10.24 -48.00
C LEU D 219 26.71 10.96 -49.34
N GLU D 220 26.56 10.22 -50.44
CA GLU D 220 26.47 10.87 -51.74
C GLU D 220 25.22 11.73 -51.83
N GLN D 221 24.11 11.26 -51.24
CA GLN D 221 22.87 12.02 -51.28
C GLN D 221 23.00 13.35 -50.57
N HIS D 222 23.67 13.38 -49.43
CA HIS D 222 23.95 14.63 -48.74
C HIS D 222 25.25 15.28 -49.19
N ASP D 223 26.05 14.61 -50.01
CA ASP D 223 27.18 15.20 -50.71
C ASP D 223 28.26 15.70 -49.75
N ALA D 224 29.00 14.74 -49.20
CA ALA D 224 30.31 15.01 -48.59
C ALA D 224 31.34 13.94 -48.95
N MET D 225 31.01 13.04 -49.86
CA MET D 225 31.83 11.88 -50.20
C MET D 225 33.18 12.26 -50.78
N LYS D 226 33.35 13.49 -51.27
CA LYS D 226 34.63 13.89 -51.83
C LYS D 226 35.74 13.85 -50.77
N TYR D 227 35.44 14.28 -49.55
CA TYR D 227 36.41 14.26 -48.47
C TYR D 227 36.09 13.13 -47.48
N SER D 228 35.40 12.10 -47.94
CA SER D 228 34.99 10.99 -47.10
C SER D 228 35.67 9.71 -47.57
N ILE D 229 36.11 8.90 -46.61
CA ILE D 229 36.76 7.63 -46.89
C ILE D 229 36.01 6.56 -46.13
N ILE D 230 35.24 5.76 -46.86
CA ILE D 230 34.52 4.64 -46.27
C ILE D 230 35.46 3.44 -46.30
N VAL D 231 36.30 3.32 -45.28
CA VAL D 231 37.14 2.14 -45.11
C VAL D 231 36.31 1.20 -44.23
N ALA D 232 35.38 0.49 -44.86
CA ALA D 232 34.32 -0.22 -44.14
C ALA D 232 34.55 -1.73 -44.24
N ALA D 233 35.14 -2.28 -43.18
CA ALA D 233 35.33 -3.72 -43.03
C ALA D 233 34.05 -4.36 -42.52
N THR D 234 33.17 -4.68 -43.46
CA THR D 234 31.90 -5.27 -43.11
C THR D 234 32.09 -6.62 -42.41
N ALA D 235 30.98 -7.17 -41.93
CA ALA D 235 31.04 -8.48 -41.27
C ALA D 235 31.61 -9.56 -42.17
N SER D 236 31.47 -9.40 -43.49
CA SER D 236 31.99 -10.41 -44.41
C SER D 236 33.49 -10.56 -44.27
N GLU D 237 34.18 -9.54 -43.78
CA GLU D 237 35.61 -9.61 -43.65
C GLU D 237 36.02 -10.65 -42.61
N ALA D 238 37.21 -11.17 -42.77
CA ALA D 238 37.76 -12.10 -41.80
C ALA D 238 38.07 -11.38 -40.50
N ALA D 239 38.31 -12.16 -39.46
CA ALA D 239 38.53 -11.57 -38.15
C ALA D 239 39.73 -10.64 -38.12
N PRO D 240 40.90 -11.01 -38.62
CA PRO D 240 42.04 -10.08 -38.57
C PRO D 240 41.79 -8.79 -39.32
N LEU D 241 41.03 -8.84 -40.42
CA LEU D 241 40.68 -7.60 -41.09
C LEU D 241 39.87 -6.70 -40.17
N GLN D 242 38.91 -7.28 -39.44
CA GLN D 242 38.18 -6.49 -38.46
C GLN D 242 39.10 -5.98 -37.36
N TYR D 243 40.13 -6.76 -37.03
CA TYR D 243 41.07 -6.34 -36.01
C TYR D 243 41.87 -5.13 -36.47
N LEU D 244 42.26 -5.11 -37.74
CA LEU D 244 43.15 -4.11 -38.27
C LEU D 244 42.45 -2.91 -38.88
N ALA D 245 41.14 -2.99 -39.13
CA ALA D 245 40.45 -1.85 -39.72
C ALA D 245 40.66 -0.59 -38.93
N PRO D 246 40.53 -0.59 -37.60
CA PRO D 246 40.77 0.64 -36.85
C PRO D 246 42.19 1.15 -36.93
N PHE D 247 43.20 0.29 -36.77
CA PHE D 247 44.57 0.79 -36.84
C PHE D 247 44.93 1.26 -38.25
N THR D 248 44.43 0.56 -39.26
CA THR D 248 44.68 0.99 -40.64
C THR D 248 44.07 2.36 -40.91
N ALA D 249 42.83 2.56 -40.50
CA ALA D 249 42.24 3.87 -40.69
C ALA D 249 42.91 4.92 -39.82
N ALA D 250 43.49 4.52 -38.68
CA ALA D 250 44.23 5.46 -37.85
C ALA D 250 45.48 5.96 -38.57
N SER D 251 46.21 5.06 -39.22
CA SER D 251 47.34 5.52 -40.02
C SER D 251 46.87 6.32 -41.22
N ILE D 252 45.71 5.98 -41.78
CA ILE D 252 45.20 6.75 -42.93
C ILE D 252 44.93 8.19 -42.52
N GLY D 253 44.23 8.36 -41.42
CA GLY D 253 44.05 9.71 -40.89
C GLY D 253 45.37 10.35 -40.53
N GLU D 254 46.32 9.55 -40.06
CA GLU D 254 47.63 10.08 -39.74
C GLU D 254 48.32 10.65 -40.98
N TRP D 255 48.20 9.97 -42.12
CA TRP D 255 48.83 10.44 -43.34
C TRP D 255 48.11 11.66 -43.90
N PHE D 256 46.79 11.72 -43.72
CA PHE D 256 46.09 12.96 -44.03
C PHE D 256 46.57 14.08 -43.13
N ARG D 257 46.94 13.77 -41.90
CA ARG D 257 47.51 14.78 -41.01
C ARG D 257 48.92 15.18 -41.45
N ASP D 258 49.71 14.21 -41.90
CA ASP D 258 51.02 14.49 -42.46
C ASP D 258 50.93 15.16 -43.82
N ASN D 259 49.82 14.96 -44.52
CA ASN D 259 49.46 15.80 -45.65
C ASN D 259 49.03 17.19 -45.19
N GLY D 260 48.83 17.38 -43.90
CA GLY D 260 48.62 18.70 -43.33
C GLY D 260 47.19 19.02 -42.95
N LYS D 261 46.21 18.27 -43.43
CA LYS D 261 44.83 18.65 -43.22
C LYS D 261 44.36 18.30 -41.81
N HIS D 262 43.28 18.96 -41.39
CA HIS D 262 42.55 18.60 -40.18
C HIS D 262 41.33 17.79 -40.57
N ALA D 263 41.37 16.49 -40.31
CA ALA D 263 40.42 15.56 -40.91
C ALA D 263 39.82 14.67 -39.84
N LEU D 264 38.65 14.11 -40.17
CA LEU D 264 37.83 13.35 -39.23
C LEU D 264 37.98 11.86 -39.48
N ILE D 265 37.98 11.09 -38.40
CA ILE D 265 38.00 9.63 -38.44
C ILE D 265 36.85 9.09 -37.61
N VAL D 266 35.99 8.29 -38.22
CA VAL D 266 34.93 7.61 -37.50
C VAL D 266 35.17 6.12 -37.63
N TYR D 267 35.46 5.47 -36.51
CA TYR D 267 35.66 4.03 -36.47
C TYR D 267 34.43 3.45 -35.76
N ASP D 268 33.37 3.26 -36.53
CA ASP D 268 32.08 2.92 -35.95
C ASP D 268 32.12 1.55 -35.28
N ASP D 269 31.43 1.46 -34.13
CA ASP D 269 31.21 0.21 -33.42
C ASP D 269 32.53 -0.43 -32.96
N LEU D 270 33.38 0.42 -32.35
CA LEU D 270 34.64 -0.09 -31.80
C LEU D 270 34.41 -1.24 -30.85
N SER D 271 33.18 -1.43 -30.37
CA SER D 271 32.85 -2.66 -29.67
C SER D 271 33.06 -3.86 -30.58
N LYS D 272 32.68 -3.75 -31.85
CA LYS D 272 32.93 -4.85 -32.77
C LYS D 272 34.41 -5.10 -32.96
N GLN D 273 35.22 -4.03 -33.00
CA GLN D 273 36.66 -4.22 -33.06
C GLN D 273 37.17 -4.93 -31.82
N ALA D 274 36.67 -4.56 -30.64
CA ALA D 274 37.07 -5.24 -29.43
C ALA D 274 36.66 -6.71 -29.46
N VAL D 275 35.48 -7.01 -29.99
CA VAL D 275 35.02 -8.39 -30.09
C VAL D 275 35.92 -9.17 -31.04
N ALA D 276 36.34 -8.53 -32.13
CA ALA D 276 37.27 -9.19 -33.03
C ALA D 276 38.60 -9.45 -32.35
N TYR D 277 39.05 -8.50 -31.53
CA TYR D 277 40.28 -8.72 -30.77
C TYR D 277 40.12 -9.91 -29.83
N ARG D 278 38.94 -10.06 -29.23
CA ARG D 278 38.68 -11.23 -28.40
C ARG D 278 38.73 -12.51 -29.24
N GLN D 279 38.10 -12.48 -30.41
CA GLN D 279 38.10 -13.66 -31.27
C GLN D 279 39.52 -14.09 -31.59
N LEU D 280 40.34 -13.15 -32.03
CA LEU D 280 41.72 -13.49 -32.37
C LEU D 280 42.49 -13.95 -31.14
N SER D 281 42.39 -13.21 -30.04
CA SER D 281 43.23 -13.49 -28.89
C SER D 281 42.82 -14.78 -28.20
N LEU D 282 41.59 -15.23 -28.41
CA LEU D 282 41.16 -16.49 -27.82
C LEU D 282 41.47 -17.66 -28.73
N LEU D 283 41.06 -17.57 -30.01
CA LEU D 283 41.33 -18.67 -30.93
C LEU D 283 42.82 -18.93 -31.03
N LEU D 284 43.64 -17.89 -30.86
CA LEU D 284 45.08 -18.07 -30.81
C LEU D 284 45.59 -18.43 -29.42
N ARG D 285 44.68 -18.62 -28.46
CA ARG D 285 45.01 -19.10 -27.12
C ARG D 285 45.90 -18.15 -26.34
N ARG D 286 45.53 -16.93 -26.25
CA ARG D 286 46.20 -16.13 -25.25
C ARG D 286 45.51 -16.29 -23.91
N PRO D 287 46.18 -16.00 -22.79
CA PRO D 287 45.56 -16.22 -21.48
C PRO D 287 44.26 -15.44 -21.36
N PRO D 288 43.13 -16.13 -21.23
CA PRO D 288 41.85 -15.42 -21.11
C PRO D 288 41.83 -14.52 -19.89
N GLY D 289 41.07 -13.44 -20.00
CA GLY D 289 41.08 -12.44 -18.94
C GLY D 289 39.70 -12.01 -18.48
N ARG D 290 39.64 -10.99 -17.65
CA ARG D 290 38.38 -10.57 -17.06
C ARG D 290 37.38 -10.20 -18.16
N GLU D 291 36.11 -10.53 -17.91
CA GLU D 291 35.03 -10.34 -18.88
C GLU D 291 35.27 -11.16 -20.15
N ALA D 292 36.17 -12.13 -20.06
CA ALA D 292 36.49 -13.06 -21.14
C ALA D 292 37.10 -12.38 -22.35
N TYR D 293 37.06 -11.06 -22.41
CA TYR D 293 37.76 -10.38 -23.48
C TYR D 293 39.27 -10.50 -23.23
N PRO D 294 40.08 -10.33 -24.27
CA PRO D 294 41.50 -10.63 -24.14
C PRO D 294 42.16 -9.79 -23.05
N GLY D 295 43.41 -10.11 -22.77
CA GLY D 295 44.17 -9.30 -21.85
C GLY D 295 44.82 -8.10 -22.45
N ASP D 296 44.82 -7.99 -23.78
CA ASP D 296 45.40 -6.85 -24.47
C ASP D 296 44.32 -5.92 -25.01
N VAL D 297 43.08 -6.05 -24.53
CA VAL D 297 42.02 -5.19 -25.00
C VAL D 297 42.28 -3.75 -24.60
N PHE D 298 42.71 -3.52 -23.36
CA PHE D 298 43.03 -2.16 -22.94
C PHE D 298 44.09 -1.54 -23.83
N TYR D 299 45.22 -2.23 -24.03
CA TYR D 299 46.29 -1.67 -24.84
C TYR D 299 45.89 -1.55 -26.31
N LEU D 300 45.14 -2.53 -26.82
CA LEU D 300 44.73 -2.45 -28.22
C LEU D 300 43.84 -1.23 -28.46
N HIS D 301 42.83 -1.06 -27.62
CA HIS D 301 41.97 0.11 -27.76
C HIS D 301 42.76 1.39 -27.52
N SER D 302 43.72 1.36 -26.58
CA SER D 302 44.51 2.57 -26.30
C SER D 302 45.31 3.00 -27.51
N ARG D 303 46.02 2.07 -28.14
CA ARG D 303 46.75 2.42 -29.35
C ARG D 303 45.82 2.87 -30.46
N LEU D 304 44.72 2.15 -30.68
CA LEU D 304 43.84 2.50 -31.79
C LEU D 304 43.21 3.87 -31.59
N LEU D 305 43.08 4.29 -30.33
CA LEU D 305 42.49 5.60 -30.09
C LEU D 305 43.54 6.71 -30.15
N GLU D 306 44.67 6.52 -29.47
CA GLU D 306 45.62 7.61 -29.30
C GLU D 306 46.32 7.98 -30.60
N ARG D 307 46.14 7.20 -31.66
CA ARG D 307 46.80 7.47 -32.93
C ARG D 307 46.13 8.61 -33.70
N ALA D 308 45.32 9.43 -33.04
CA ALA D 308 44.80 10.66 -33.60
C ALA D 308 44.72 11.70 -32.50
N ALA D 309 45.16 12.92 -32.78
CA ALA D 309 45.23 13.96 -31.76
C ALA D 309 45.48 15.29 -32.48
N LYS D 310 45.75 16.32 -31.68
CA LYS D 310 46.05 17.66 -32.20
C LYS D 310 47.55 17.85 -32.17
N LEU D 311 48.25 17.29 -33.16
CA LEU D 311 49.65 17.61 -33.33
C LEU D 311 49.78 19.10 -33.61
N SER D 312 50.68 19.74 -32.87
CA SER D 312 50.80 21.19 -32.99
C SER D 312 51.29 21.55 -34.39
N GLU D 313 51.37 22.86 -34.64
CA GLU D 313 51.90 23.30 -35.93
C GLU D 313 53.31 22.81 -36.14
N LYS D 314 54.13 22.81 -35.08
CA LYS D 314 55.53 22.44 -35.22
C LYS D 314 55.68 21.05 -35.81
N GLU D 315 54.81 20.12 -35.43
CA GLU D 315 54.86 18.81 -36.06
C GLU D 315 54.27 18.82 -37.46
N GLY D 316 53.35 19.73 -37.76
CA GLY D 316 52.71 19.72 -39.06
C GLY D 316 51.32 20.33 -39.10
N SER D 317 50.79 20.70 -37.94
CA SER D 317 49.54 21.46 -37.80
C SER D 317 48.31 20.71 -38.28
N GLY D 318 48.47 19.61 -38.99
CA GLY D 318 47.32 18.79 -39.36
C GLY D 318 46.64 18.24 -38.13
N SER D 319 45.45 17.70 -38.32
CA SER D 319 44.66 17.19 -37.21
C SER D 319 43.88 15.97 -37.66
N LEU D 320 43.78 14.99 -36.77
CA LEU D 320 42.92 13.82 -36.99
C LEU D 320 41.93 13.80 -35.84
N THR D 321 40.71 14.24 -36.12
CA THR D 321 39.62 14.15 -35.14
C THR D 321 38.98 12.78 -35.30
N ALA D 322 39.43 11.82 -34.52
CA ALA D 322 38.88 10.48 -34.57
C ALA D 322 37.75 10.34 -33.58
N LEU D 323 36.59 9.91 -34.06
CA LEU D 323 35.41 9.73 -33.23
C LEU D 323 35.09 8.25 -33.15
N PRO D 324 35.39 7.61 -32.02
CA PRO D 324 35.11 6.17 -31.89
C PRO D 324 33.73 5.90 -31.33
N VAL D 325 32.95 5.11 -32.06
CA VAL D 325 31.61 4.75 -31.66
C VAL D 325 31.69 3.42 -30.92
N ILE D 326 31.29 3.41 -29.65
CA ILE D 326 31.35 2.22 -28.81
C ILE D 326 29.94 1.85 -28.40
N GLU D 327 29.34 0.91 -29.14
CA GLU D 327 27.95 0.50 -28.93
C GLU D 327 27.90 -0.43 -27.74
N THR D 328 27.83 0.15 -26.54
CA THR D 328 27.79 -0.61 -25.31
C THR D 328 26.42 -1.25 -25.13
N GLN D 329 26.38 -2.57 -25.08
CA GLN D 329 25.15 -3.33 -24.97
C GLN D 329 24.51 -3.06 -23.62
N GLY D 330 23.18 -2.97 -23.60
CA GLY D 330 22.41 -2.92 -22.37
C GLY D 330 22.68 -1.73 -21.48
N GLY D 331 23.61 -0.86 -21.82
CA GLY D 331 23.88 0.26 -20.95
C GLY D 331 24.71 -0.06 -19.73
N ASP D 332 25.25 -1.27 -19.66
CA ASP D 332 26.13 -1.64 -18.55
C ASP D 332 27.43 -0.86 -18.72
N VAL D 333 27.37 0.40 -18.33
CA VAL D 333 28.51 1.30 -18.52
C VAL D 333 29.74 0.85 -17.75
N SER D 334 29.67 -0.27 -17.03
CA SER D 334 30.85 -0.82 -16.40
C SER D 334 31.47 -1.98 -17.17
N ALA D 335 31.02 -2.26 -18.39
CA ALA D 335 31.59 -3.35 -19.17
C ALA D 335 33.05 -3.06 -19.52
N TYR D 336 33.84 -4.13 -19.55
CA TYR D 336 35.29 -4.04 -19.68
C TYR D 336 35.72 -3.16 -20.84
N ILE D 337 35.31 -3.51 -22.06
CA ILE D 337 35.59 -2.64 -23.20
C ILE D 337 34.95 -1.27 -23.01
N PRO D 338 33.68 -1.16 -22.63
CA PRO D 338 33.11 0.17 -22.40
C PRO D 338 33.85 0.94 -21.32
N THR D 339 34.20 0.28 -20.22
CA THR D 339 34.91 0.97 -19.15
C THR D 339 36.27 1.45 -19.61
N ASN D 340 37.00 0.59 -20.31
CA ASN D 340 38.33 0.96 -20.77
C ASN D 340 38.27 2.13 -21.74
N VAL D 341 37.30 2.10 -22.66
CA VAL D 341 37.19 3.22 -23.59
C VAL D 341 36.84 4.50 -22.83
N ILE D 342 35.90 4.42 -21.88
CA ILE D 342 35.50 5.62 -21.15
C ILE D 342 36.63 6.09 -20.24
N SER D 343 37.59 5.22 -19.96
CA SER D 343 38.77 5.67 -19.23
C SER D 343 39.85 6.21 -20.16
N ILE D 344 39.78 5.89 -21.45
CA ILE D 344 40.80 6.35 -22.38
C ILE D 344 40.26 7.45 -23.28
N THR D 345 38.98 7.36 -23.66
CA THR D 345 38.42 8.30 -24.61
C THR D 345 38.39 9.70 -24.02
N ASP D 346 37.94 10.65 -24.82
CA ASP D 346 37.84 12.04 -24.38
C ASP D 346 36.67 12.27 -23.45
N GLY D 347 35.69 11.38 -23.45
CA GLY D 347 34.45 11.63 -22.73
C GLY D 347 33.37 10.71 -23.28
N GLN D 348 32.17 11.27 -23.41
CA GLN D 348 31.10 10.49 -24.00
C GLN D 348 29.91 11.37 -24.32
N ILE D 349 29.13 10.92 -25.28
CA ILE D 349 27.75 11.38 -25.47
C ILE D 349 26.92 10.13 -25.25
N PHE D 350 26.60 9.84 -23.99
CA PHE D 350 26.05 8.54 -23.62
C PHE D 350 24.59 8.51 -24.02
N LEU D 351 24.33 8.24 -25.29
CA LEU D 351 22.97 8.35 -25.84
C LEU D 351 22.13 7.22 -25.26
N GLU D 352 21.55 7.46 -24.09
CA GLU D 352 20.68 6.47 -23.47
C GLU D 352 19.44 6.25 -24.32
N ALA D 353 18.91 5.03 -24.26
CA ALA D 353 17.79 4.67 -25.14
C ALA D 353 16.52 5.40 -24.74
N GLU D 354 16.39 5.76 -23.47
CA GLU D 354 15.18 6.45 -23.04
C GLU D 354 15.03 7.78 -23.75
N LEU D 355 16.13 8.53 -23.89
CA LEU D 355 16.05 9.81 -24.58
C LEU D 355 15.57 9.65 -26.01
N PHE D 356 16.21 8.76 -26.78
CA PHE D 356 15.80 8.53 -28.15
C PHE D 356 14.36 8.05 -28.21
N TYR D 357 13.93 7.29 -27.21
CA TYR D 357 12.53 6.90 -27.10
C TYR D 357 11.67 8.07 -26.69
N LYS D 358 12.21 9.01 -25.91
CA LYS D 358 11.47 10.20 -25.50
C LYS D 358 11.29 11.19 -26.62
N GLY D 359 11.59 10.80 -27.86
CA GLY D 359 11.40 11.65 -29.01
C GLY D 359 12.58 12.54 -29.35
N ILE D 360 13.48 12.79 -28.39
CA ILE D 360 14.60 13.68 -28.64
C ILE D 360 15.58 12.98 -29.57
N ARG D 361 15.39 13.16 -30.86
CA ARG D 361 16.32 12.64 -31.86
C ARG D 361 17.04 13.83 -32.50
N PRO D 362 18.36 13.94 -32.37
CA PRO D 362 19.35 13.07 -31.73
C PRO D 362 19.20 12.99 -30.22
N ALA D 363 19.82 12.00 -29.59
CA ALA D 363 19.50 11.63 -28.20
C ALA D 363 20.67 11.79 -27.24
N ILE D 364 21.34 12.95 -27.27
CA ILE D 364 22.41 13.19 -26.30
C ILE D 364 21.77 13.45 -24.93
N ASN D 365 21.85 12.45 -24.04
CA ASN D 365 21.38 12.61 -22.68
C ASN D 365 22.34 13.55 -21.97
N VAL D 366 21.96 14.83 -21.96
CA VAL D 366 22.88 15.92 -21.60
C VAL D 366 23.48 15.67 -20.22
N GLY D 367 22.66 15.26 -19.26
CA GLY D 367 23.18 14.99 -17.93
C GLY D 367 24.20 13.86 -17.94
N LEU D 368 23.92 12.80 -18.69
CA LEU D 368 24.83 11.68 -18.78
C LEU D 368 25.96 11.94 -19.78
N SER D 369 25.92 13.05 -20.52
CA SER D 369 27.01 13.38 -21.41
C SER D 369 28.21 13.86 -20.61
N VAL D 370 29.35 13.97 -21.29
CA VAL D 370 30.57 14.50 -20.68
C VAL D 370 31.57 14.81 -21.78
N SER D 371 32.46 15.76 -21.52
CA SER D 371 33.51 16.11 -22.47
C SER D 371 34.63 16.80 -21.70
N ARG D 372 35.78 16.14 -21.61
CA ARG D 372 36.89 16.73 -20.86
C ARG D 372 37.38 18.01 -21.49
N VAL D 373 37.44 18.05 -22.83
CA VAL D 373 37.93 19.24 -23.51
C VAL D 373 37.00 20.42 -23.26
N GLY D 374 35.76 20.32 -23.73
CA GLY D 374 34.78 21.34 -23.42
C GLY D 374 34.86 22.56 -24.31
N SER D 375 34.21 23.64 -23.84
CA SER D 375 34.04 24.85 -24.63
C SER D 375 35.36 25.54 -24.96
N ALA D 376 36.43 25.24 -24.22
CA ALA D 376 37.73 25.78 -24.58
C ALA D 376 38.11 25.36 -25.98
N ALA D 377 37.64 24.20 -26.41
CA ALA D 377 37.71 23.79 -27.80
C ALA D 377 36.38 24.05 -28.50
N GLN D 378 36.00 25.33 -28.57
CA GLN D 378 34.74 25.69 -29.19
C GLN D 378 34.82 27.12 -29.69
N VAL D 379 34.06 27.40 -30.76
CA VAL D 379 33.91 28.77 -31.23
C VAL D 379 33.08 29.54 -30.21
N LYS D 380 33.65 30.64 -29.69
CA LYS D 380 33.04 31.32 -28.56
C LYS D 380 31.64 31.81 -28.89
N ALA D 381 31.34 32.02 -30.17
CA ALA D 381 29.98 32.36 -30.57
C ALA D 381 29.00 31.35 -30.02
N LEU D 382 29.35 30.07 -30.07
CA LEU D 382 28.57 29.08 -29.35
C LEU D 382 28.64 29.30 -27.85
N LYS D 383 29.82 29.68 -27.35
CA LYS D 383 30.06 29.67 -25.90
C LYS D 383 29.15 30.64 -25.18
N GLN D 384 28.92 31.82 -25.77
CA GLN D 384 28.11 32.83 -25.09
C GLN D 384 26.71 32.33 -24.77
N VAL D 385 26.13 31.47 -25.61
CA VAL D 385 24.83 30.90 -25.35
C VAL D 385 24.91 29.56 -24.62
N ALA D 386 25.97 28.77 -24.86
CA ALA D 386 26.10 27.49 -24.19
C ALA D 386 26.34 27.65 -22.70
N GLY D 387 27.02 28.73 -22.30
CA GLY D 387 27.25 28.96 -20.88
C GLY D 387 25.96 29.04 -20.09
N SER D 388 24.87 29.46 -20.74
CA SER D 388 23.57 29.44 -20.11
C SER D 388 22.81 28.16 -20.43
N LEU D 389 23.03 27.61 -21.62
CA LEU D 389 22.32 26.40 -22.02
C LEU D 389 22.63 25.26 -21.06
N LYS D 390 23.91 25.10 -20.70
CA LYS D 390 24.30 24.01 -19.82
C LYS D 390 23.63 24.15 -18.46
N LEU D 391 23.66 25.36 -17.90
CA LEU D 391 23.05 25.56 -16.59
C LEU D 391 21.55 25.38 -16.64
N PHE D 392 20.91 25.79 -17.73
CA PHE D 392 19.47 25.58 -17.88
C PHE D 392 19.13 24.10 -17.94
N LEU D 393 19.89 23.33 -18.70
CA LEU D 393 19.68 21.88 -18.71
C LEU D 393 19.93 21.29 -17.34
N ALA D 394 20.93 21.80 -16.62
CA ALA D 394 21.19 21.32 -15.27
C ALA D 394 20.00 21.58 -14.35
N GLN D 395 19.44 22.79 -14.42
CA GLN D 395 18.28 23.09 -13.61
C GLN D 395 17.12 22.19 -13.98
N TYR D 396 16.88 22.00 -15.29
CA TYR D 396 15.84 21.07 -15.71
C TYR D 396 16.05 19.70 -15.12
N ARG D 397 17.30 19.27 -14.99
CA ARG D 397 17.59 18.03 -14.29
C ARG D 397 17.18 18.12 -12.83
N GLU D 398 17.29 19.32 -12.25
CA GLU D 398 16.90 19.48 -10.85
C GLU D 398 15.40 19.46 -10.65
N VAL D 399 14.63 19.83 -11.68
CA VAL D 399 13.17 19.86 -11.57
C VAL D 399 12.49 18.68 -12.22
N ALA D 400 13.26 17.81 -12.88
CA ALA D 400 12.64 16.66 -13.54
C ALA D 400 11.88 15.80 -12.53
N ALA D 401 12.47 15.55 -11.37
CA ALA D 401 11.77 14.77 -10.35
C ALA D 401 10.55 15.54 -9.82
N PHE D 402 10.71 16.85 -9.59
CA PHE D 402 9.61 17.63 -9.05
C PHE D 402 8.39 17.59 -9.95
N ALA D 403 8.60 17.71 -11.26
CA ALA D 403 7.49 17.61 -12.21
C ALA D 403 7.05 16.17 -12.39
N GLN D 404 7.96 15.21 -12.17
CA GLN D 404 7.59 13.81 -12.20
C GLN D 404 6.52 13.53 -11.15
N PHE D 405 6.66 14.15 -9.98
CA PHE D 405 5.60 14.06 -8.98
C PHE D 405 4.28 14.58 -9.55
N GLY D 406 4.34 15.53 -10.48
CA GLY D 406 3.14 16.08 -11.08
C GLY D 406 2.32 16.84 -10.07
N SER D 407 2.89 17.91 -9.51
CA SER D 407 2.22 18.72 -8.52
C SER D 407 2.75 20.15 -8.62
N ASP D 408 2.18 21.04 -7.81
CA ASP D 408 2.57 22.43 -7.84
C ASP D 408 3.82 22.68 -7.01
N LEU D 409 4.36 23.88 -7.13
CA LEU D 409 5.57 24.27 -6.41
C LEU D 409 5.64 25.80 -6.39
N ASP D 410 6.83 26.31 -6.12
CA ASP D 410 7.06 27.75 -6.10
C ASP D 410 7.25 28.27 -7.52
N ALA D 411 7.58 29.56 -7.62
CA ALA D 411 7.76 30.20 -8.93
C ALA D 411 9.04 29.72 -9.60
N SER D 412 10.12 29.62 -8.83
CA SER D 412 11.40 29.20 -9.41
C SER D 412 11.28 27.81 -10.01
N THR D 413 10.62 26.89 -9.31
CA THR D 413 10.53 25.52 -9.79
C THR D 413 9.74 25.44 -11.09
N LYS D 414 8.54 26.04 -11.12
CA LYS D 414 7.73 25.98 -12.33
C LYS D 414 8.42 26.67 -13.50
N GLN D 415 9.04 27.81 -13.23
CA GLN D 415 9.80 28.50 -14.28
C GLN D 415 10.93 27.63 -14.80
N THR D 416 11.62 26.94 -13.89
CA THR D 416 12.71 26.06 -14.30
C THR D 416 12.18 24.93 -15.16
N LEU D 417 11.05 24.35 -14.78
CA LEU D 417 10.49 23.24 -15.56
C LEU D 417 10.12 23.71 -16.96
N VAL D 418 9.46 24.87 -17.08
CA VAL D 418 9.08 25.37 -18.38
C VAL D 418 10.32 25.69 -19.21
N ARG D 419 11.32 26.31 -18.58
CA ARG D 419 12.55 26.66 -19.28
C ARG D 419 13.26 25.41 -19.77
N GLY D 420 13.35 24.38 -18.93
CA GLY D 420 14.03 23.16 -19.32
C GLY D 420 13.32 22.41 -20.42
N GLU D 421 12.00 22.27 -20.31
CA GLU D 421 11.26 21.60 -21.37
C GLU D 421 11.39 22.36 -22.68
N ARG D 422 11.27 23.69 -22.63
CA ARG D 422 11.41 24.48 -23.84
C ARG D 422 12.79 24.33 -24.44
N LEU D 423 13.83 24.42 -23.61
CA LEU D 423 15.19 24.28 -24.12
C LEU D 423 15.41 22.91 -24.74
N THR D 424 14.98 21.85 -24.06
CA THR D 424 15.20 20.50 -24.58
C THR D 424 14.47 20.30 -25.89
N GLN D 425 13.20 20.71 -25.96
CA GLN D 425 12.50 20.63 -27.23
C GLN D 425 13.19 21.47 -28.28
N LEU D 426 13.89 22.52 -27.86
CA LEU D 426 14.69 23.31 -28.80
C LEU D 426 15.95 22.56 -29.21
N LEU D 427 16.33 21.54 -28.43
CA LEU D 427 17.58 20.84 -28.69
C LEU D 427 17.48 19.79 -29.80
N LYS D 428 16.27 19.41 -30.21
CA LYS D 428 16.12 18.34 -31.19
C LYS D 428 16.54 18.80 -32.57
N GLN D 429 16.69 17.83 -33.49
CA GLN D 429 17.06 18.13 -34.86
C GLN D 429 16.43 17.08 -35.78
N ASN D 430 15.98 17.51 -36.96
CA ASN D 430 15.40 16.57 -37.91
C ASN D 430 16.46 15.63 -38.44
N GLN D 431 16.03 14.44 -38.85
CA GLN D 431 16.98 13.45 -39.35
C GLN D 431 17.69 13.97 -40.59
N TYR D 432 19.02 13.88 -40.57
CA TYR D 432 19.89 14.31 -41.65
C TYR D 432 19.67 15.76 -42.04
N SER D 433 19.66 16.68 -41.08
CA SER D 433 19.52 18.12 -41.34
C SER D 433 20.17 18.91 -40.22
N PRO D 434 21.47 18.75 -40.02
CA PRO D 434 22.15 19.57 -39.01
C PRO D 434 22.21 21.02 -39.41
N LEU D 435 22.23 21.90 -38.41
CA LEU D 435 22.31 23.34 -38.61
C LEU D 435 23.65 23.83 -38.10
N ALA D 436 24.40 24.52 -38.95
CA ALA D 436 25.72 25.00 -38.61
C ALA D 436 25.65 26.02 -37.47
N THR D 437 26.82 26.45 -37.01
CA THR D 437 26.86 27.46 -35.96
C THR D 437 26.17 28.74 -36.39
N GLU D 438 26.33 29.11 -37.67
CA GLU D 438 25.66 30.31 -38.19
C GLU D 438 24.17 30.27 -37.91
N GLU D 439 23.54 29.14 -38.21
CA GLU D 439 22.13 28.99 -37.88
C GLU D 439 21.89 28.79 -36.40
N GLN D 440 22.78 28.05 -35.73
CA GLN D 440 22.49 27.58 -34.38
C GLN D 440 22.47 28.73 -33.38
N VAL D 441 23.46 29.62 -33.44
CA VAL D 441 23.60 30.66 -32.43
C VAL D 441 22.29 31.42 -32.25
N PRO D 442 21.53 31.73 -33.29
CA PRO D 442 20.22 32.36 -33.06
C PRO D 442 19.31 31.53 -32.19
N LEU D 443 19.18 30.24 -32.46
CA LEU D 443 18.27 29.42 -31.66
C LEU D 443 18.74 29.33 -30.22
N ILE D 444 20.04 29.16 -30.01
CA ILE D 444 20.57 29.02 -28.66
C ILE D 444 20.39 30.31 -27.86
N TYR D 445 20.68 31.45 -28.48
CA TYR D 445 20.45 32.72 -27.80
C TYR D 445 18.96 32.93 -27.52
N ALA D 446 18.11 32.62 -28.50
CA ALA D 446 16.68 32.86 -28.35
C ALA D 446 16.09 32.02 -27.23
N GLY D 447 16.50 30.76 -27.13
CA GLY D 447 16.06 29.96 -26.00
C GLY D 447 16.82 30.28 -24.73
N VAL D 448 17.95 30.99 -24.87
CA VAL D 448 18.89 31.11 -23.77
C VAL D 448 18.29 31.90 -22.62
N ASN D 449 18.06 33.19 -22.84
CA ASN D 449 17.64 34.10 -21.77
C ASN D 449 16.14 34.10 -21.59
N GLY D 450 15.48 32.98 -21.83
CA GLY D 450 14.05 32.92 -21.72
C GLY D 450 13.31 33.72 -22.76
N HIS D 451 13.98 34.16 -23.82
CA HIS D 451 13.29 34.89 -24.87
C HIS D 451 12.18 34.06 -25.48
N LEU D 452 12.24 32.73 -25.35
CA LEU D 452 11.11 31.87 -25.61
C LEU D 452 10.63 31.17 -24.35
N ASP D 453 10.86 31.75 -23.16
CA ASP D 453 10.41 31.10 -21.93
C ASP D 453 8.90 30.94 -21.91
N GLY D 454 8.17 31.89 -22.50
CA GLY D 454 6.75 31.72 -22.63
C GLY D 454 6.33 30.83 -23.78
N ILE D 455 7.25 30.50 -24.70
CA ILE D 455 6.89 29.73 -25.87
C ILE D 455 6.38 28.36 -25.45
N GLU D 456 5.24 27.96 -26.01
CA GLU D 456 4.63 26.69 -25.67
C GLU D 456 5.55 25.53 -26.05
N LEU D 457 5.22 24.34 -25.54
CA LEU D 457 6.04 23.17 -25.85
C LEU D 457 5.80 22.66 -27.26
N SER D 458 4.55 22.65 -27.73
CA SER D 458 4.19 21.94 -28.94
C SER D 458 4.67 22.62 -30.21
N ARG D 459 4.61 23.95 -30.29
CA ARG D 459 4.90 24.68 -31.51
C ARG D 459 6.37 25.08 -31.62
N ILE D 460 7.20 24.64 -30.67
CA ILE D 460 8.59 25.08 -30.66
C ILE D 460 9.28 24.66 -31.96
N GLY D 461 8.88 23.53 -32.54
CA GLY D 461 9.38 23.18 -33.85
C GLY D 461 8.89 24.15 -34.91
N GLU D 462 7.60 24.48 -34.84
CA GLU D 462 7.08 25.51 -35.73
C GLU D 462 7.79 26.83 -35.48
N PHE D 463 8.12 27.12 -34.22
CA PHE D 463 8.89 28.33 -33.92
C PHE D 463 10.27 28.24 -34.55
N GLU D 464 10.86 27.05 -34.60
CA GLU D 464 12.12 26.88 -35.29
C GLU D 464 11.96 27.17 -36.77
N SER D 465 10.86 26.72 -37.37
CA SER D 465 10.60 27.01 -38.77
C SER D 465 10.47 28.51 -39.00
N SER D 466 9.72 29.19 -38.13
CA SER D 466 9.52 30.63 -38.27
C SER D 466 10.82 31.40 -38.10
N PHE D 467 11.62 31.03 -37.10
CA PHE D 467 12.88 31.71 -36.87
C PHE D 467 13.86 31.42 -38.00
N LEU D 468 13.79 30.22 -38.58
CA LEU D 468 14.62 29.92 -39.74
C LEU D 468 14.27 30.83 -40.90
N SER D 469 12.99 30.94 -41.22
CA SER D 469 12.56 31.85 -42.27
C SER D 469 12.96 33.28 -41.95
N TYR D 470 12.85 33.67 -40.67
CA TYR D 470 13.13 35.05 -40.29
C TYR D 470 14.62 35.38 -40.37
N LEU D 471 15.46 34.45 -39.92
CA LEU D 471 16.90 34.61 -40.11
C LEU D 471 17.23 34.66 -41.59
N LYS D 472 16.49 33.92 -42.40
CA LYS D 472 16.55 34.09 -43.84
C LYS D 472 15.94 35.41 -44.29
N SER D 473 15.27 36.14 -43.39
CA SER D 473 14.56 37.35 -43.77
C SER D 473 15.22 38.62 -43.22
N ASN D 474 15.35 38.72 -41.89
CA ASN D 474 15.60 40.02 -41.27
C ASN D 474 17.08 40.27 -40.98
N HIS D 475 17.66 39.55 -40.04
CA HIS D 475 19.02 39.84 -39.58
C HIS D 475 20.02 38.90 -40.24
N ASN D 476 20.12 38.98 -41.56
CA ASN D 476 21.20 38.23 -42.21
C ASN D 476 22.54 38.86 -41.88
N GLU D 477 22.58 40.17 -41.72
CA GLU D 477 23.82 40.86 -41.36
C GLU D 477 24.32 40.43 -39.99
N LEU D 478 23.44 40.30 -39.01
CA LEU D 478 23.88 39.92 -37.67
C LEU D 478 24.46 38.51 -37.67
N LEU D 479 23.81 37.58 -38.36
CA LEU D 479 24.33 36.22 -38.45
C LEU D 479 25.68 36.20 -39.17
N THR D 480 25.79 36.96 -40.26
CA THR D 480 27.07 37.03 -40.96
C THR D 480 28.16 37.60 -40.06
N GLU D 481 27.82 38.62 -39.27
CA GLU D 481 28.80 39.24 -38.38
C GLU D 481 29.25 38.27 -37.29
N ILE D 482 28.30 37.55 -36.70
CA ILE D 482 28.65 36.59 -35.66
C ILE D 482 29.56 35.51 -36.23
N ARG D 483 29.22 35.00 -37.41
CA ARG D 483 30.03 33.95 -38.02
C ARG D 483 31.43 34.46 -38.35
N GLU D 484 31.50 35.61 -39.02
CA GLU D 484 32.80 36.12 -39.47
C GLU D 484 33.68 36.51 -38.29
N LYS D 485 33.15 37.30 -37.36
CA LYS D 485 33.93 37.69 -36.19
C LYS D 485 34.21 36.50 -35.29
N GLY D 486 33.46 35.42 -35.47
CA GLY D 486 33.65 34.24 -34.65
C GLY D 486 33.34 34.45 -33.19
N GLU D 487 32.39 35.33 -32.89
CA GLU D 487 32.02 35.63 -31.52
C GLU D 487 30.73 36.43 -31.52
N LEU D 488 30.38 36.96 -30.36
CA LEU D 488 29.29 37.90 -30.22
C LEU D 488 29.80 39.15 -29.54
N SER D 489 29.62 40.30 -30.18
CA SER D 489 30.00 41.59 -29.61
C SER D 489 28.82 42.17 -28.84
N LYS D 490 29.13 43.10 -27.93
CA LYS D 490 28.09 43.70 -27.10
C LYS D 490 27.01 44.31 -27.97
N GLU D 491 27.38 45.11 -28.96
CA GLU D 491 26.42 45.58 -29.95
C GLU D 491 25.86 44.41 -30.76
N LEU D 492 26.71 43.47 -31.15
CA LEU D 492 26.22 42.30 -31.89
C LEU D 492 25.26 41.48 -31.05
N LEU D 493 25.60 41.25 -29.78
CA LEU D 493 24.71 40.47 -28.91
C LEU D 493 23.39 41.20 -28.68
N ALA D 494 23.45 42.52 -28.48
CA ALA D 494 22.22 43.29 -28.30
C ALA D 494 21.36 43.24 -29.56
N SER D 495 21.99 43.31 -30.73
CA SER D 495 21.26 43.16 -31.97
C SER D 495 20.60 41.79 -32.04
N LEU D 496 21.32 40.77 -31.61
CA LEU D 496 20.75 39.43 -31.55
C LEU D 496 19.53 39.40 -30.64
N LYS D 497 19.62 40.07 -29.49
CA LYS D 497 18.51 40.07 -28.55
C LYS D 497 17.28 40.76 -29.13
N SER D 498 17.48 41.95 -29.70
CA SER D 498 16.35 42.67 -30.27
C SER D 498 15.73 41.90 -31.43
N ALA D 499 16.56 41.34 -32.30
CA ALA D 499 16.04 40.57 -33.42
C ALA D 499 15.31 39.33 -32.94
N THR D 500 15.81 38.71 -31.87
CA THR D 500 15.14 37.54 -31.30
C THR D 500 13.76 37.91 -30.78
N GLU D 501 13.68 39.04 -30.07
CA GLU D 501 12.37 39.51 -29.62
C GLU D 501 11.46 39.78 -30.82
N SER D 502 12.02 40.34 -31.89
CA SER D 502 11.24 40.62 -33.08
C SER D 502 10.66 39.34 -33.67
N PHE D 503 11.48 38.31 -33.79
CA PHE D 503 11.01 37.04 -34.35
C PHE D 503 10.00 36.38 -33.43
N VAL D 504 10.23 36.46 -32.11
CA VAL D 504 9.34 35.84 -31.13
C VAL D 504 8.03 36.59 -31.00
N ALA D 505 7.97 37.84 -31.45
CA ALA D 505 6.76 38.64 -31.32
C ALA D 505 5.57 37.97 -31.99
N THR D 506 5.71 37.59 -33.27
CA THR D 506 4.63 36.97 -34.02
C THR D 506 4.58 35.47 -33.77
N PHE D 507 4.58 35.10 -32.50
CA PHE D 507 4.63 33.69 -32.08
C PHE D 507 5.82 32.97 -32.69
N SER E 1 81.26 -8.76 -13.85
CA SER E 1 82.12 -8.92 -15.02
C SER E 1 81.36 -9.50 -16.21
N THR E 2 81.08 -10.80 -16.16
CA THR E 2 80.51 -11.50 -17.29
C THR E 2 79.13 -10.96 -17.62
N PRO E 3 78.87 -10.55 -18.86
CA PRO E 3 77.53 -10.05 -19.20
C PRO E 3 76.57 -11.21 -19.43
N ILE E 4 75.68 -11.43 -18.47
CA ILE E 4 74.68 -12.47 -18.61
C ILE E 4 73.69 -12.08 -19.70
N THR E 5 73.49 -12.97 -20.66
CA THR E 5 72.53 -12.77 -21.73
C THR E 5 71.88 -14.10 -22.09
N GLY E 6 70.70 -14.02 -22.69
CA GLY E 6 69.97 -15.21 -23.09
C GLY E 6 69.36 -15.01 -24.46
N LYS E 7 68.51 -15.95 -24.84
CA LYS E 7 67.82 -15.92 -26.13
C LYS E 7 66.33 -15.73 -25.89
N VAL E 8 65.83 -14.54 -26.17
CA VAL E 8 64.40 -14.28 -26.05
C VAL E 8 63.68 -15.14 -27.07
N THR E 9 63.01 -16.19 -26.60
CA THR E 9 62.52 -17.23 -27.47
C THR E 9 61.10 -17.02 -27.96
N ALA E 10 60.17 -16.65 -27.10
CA ALA E 10 58.76 -16.65 -27.50
C ALA E 10 58.10 -15.35 -27.11
N VAL E 11 57.33 -14.81 -28.05
CA VAL E 11 56.56 -13.58 -27.84
C VAL E 11 55.09 -13.92 -28.00
N ILE E 12 54.35 -13.84 -26.91
CA ILE E 12 52.92 -14.18 -26.88
C ILE E 12 52.21 -13.01 -26.21
N GLY E 13 51.11 -12.58 -26.80
CA GLY E 13 50.41 -11.41 -26.28
C GLY E 13 51.34 -10.23 -26.30
N ALA E 14 51.43 -9.54 -25.17
CA ALA E 14 52.45 -8.52 -25.01
C ALA E 14 53.63 -9.01 -24.21
N ILE E 15 53.73 -10.33 -24.01
CA ILE E 15 54.77 -10.87 -23.15
C ILE E 15 55.82 -11.59 -23.99
N VAL E 16 57.09 -11.37 -23.65
CA VAL E 16 58.20 -12.02 -24.32
C VAL E 16 58.78 -13.06 -23.38
N ASP E 17 58.81 -14.32 -23.83
CA ASP E 17 59.30 -15.42 -23.04
C ASP E 17 60.81 -15.49 -23.13
N VAL E 18 61.49 -14.84 -22.20
CA VAL E 18 62.94 -14.70 -22.24
C VAL E 18 63.52 -15.96 -21.62
N HIS E 19 63.99 -16.87 -22.48
CA HIS E 19 64.81 -17.96 -21.99
C HIS E 19 66.18 -17.42 -21.61
N PHE E 20 67.01 -18.28 -21.03
CA PHE E 20 68.33 -17.86 -20.60
C PHE E 20 69.27 -19.05 -20.63
N GLU E 21 70.55 -18.74 -20.39
CA GLU E 21 71.62 -19.72 -20.35
C GLU E 21 71.79 -20.24 -18.93
N GLN E 22 72.64 -21.25 -18.79
CA GLN E 22 72.93 -21.80 -17.46
C GLN E 22 73.44 -20.68 -16.56
N SER E 23 72.86 -20.61 -15.35
CA SER E 23 73.15 -19.57 -14.37
C SER E 23 72.83 -18.19 -14.88
N GLU E 24 72.32 -18.07 -16.10
CA GLU E 24 71.94 -16.80 -16.69
C GLU E 24 70.46 -16.51 -16.54
N LEU E 25 69.73 -17.34 -15.80
CA LEU E 25 68.31 -17.11 -15.61
C LEU E 25 68.12 -15.83 -14.82
N PRO E 26 67.65 -14.75 -15.43
CA PRO E 26 67.44 -13.51 -14.69
C PRO E 26 66.37 -13.69 -13.62
N ALA E 27 66.50 -12.95 -12.54
CA ALA E 27 65.50 -13.00 -11.50
C ALA E 27 64.23 -12.27 -11.92
N ILE E 28 63.11 -12.63 -11.29
CA ILE E 28 61.87 -11.93 -11.53
C ILE E 28 62.02 -10.46 -11.11
N LEU E 29 61.29 -9.58 -11.79
CA LEU E 29 61.29 -8.15 -11.53
C LEU E 29 62.62 -7.49 -11.85
N ASN E 30 63.62 -8.25 -12.26
CA ASN E 30 64.88 -7.65 -12.65
C ASN E 30 64.73 -6.91 -13.97
N ALA E 31 65.56 -5.90 -14.16
CA ALA E 31 65.58 -5.13 -15.39
C ALA E 31 66.30 -5.97 -16.44
N LEU E 32 65.58 -6.34 -17.49
CA LEU E 32 66.21 -6.91 -18.66
C LEU E 32 66.66 -5.78 -19.56
N GLU E 33 67.26 -6.13 -20.70
CA GLU E 33 67.59 -5.18 -21.74
C GLU E 33 67.31 -5.82 -23.09
N ILE E 34 66.73 -5.03 -23.99
CA ILE E 34 66.48 -5.48 -25.35
C ILE E 34 66.71 -4.31 -26.30
N LYS E 35 67.80 -4.35 -27.05
CA LYS E 35 68.08 -3.33 -28.03
C LYS E 35 67.39 -3.70 -29.33
N THR E 36 66.65 -2.75 -29.88
CA THR E 36 65.81 -2.97 -31.05
C THR E 36 66.12 -1.92 -32.11
N PRO E 37 65.77 -2.20 -33.37
CA PRO E 37 65.93 -1.18 -34.40
C PRO E 37 65.18 0.10 -34.09
N GLN E 38 64.02 0.00 -33.43
CA GLN E 38 63.31 1.19 -32.97
C GLN E 38 63.96 1.79 -31.73
N GLY E 39 64.93 1.11 -31.14
CA GLY E 39 65.62 1.64 -29.98
C GLY E 39 65.79 0.62 -28.88
N LYS E 40 65.37 0.98 -27.67
CA LYS E 40 65.44 0.09 -26.52
C LYS E 40 64.07 -0.53 -26.27
N LEU E 41 64.03 -1.85 -26.14
CA LEU E 41 62.81 -2.54 -25.77
C LEU E 41 62.93 -2.95 -24.31
N VAL E 42 61.96 -2.53 -23.50
CA VAL E 42 62.00 -2.71 -22.06
C VAL E 42 61.10 -3.86 -21.70
N LEU E 43 61.69 -4.91 -21.14
CA LEU E 43 60.96 -6.08 -20.69
C LEU E 43 61.34 -6.38 -19.25
N GLU E 44 60.33 -6.57 -18.41
CA GLU E 44 60.53 -6.94 -17.02
C GLU E 44 60.18 -8.42 -16.86
N VAL E 45 61.12 -9.18 -16.31
CA VAL E 45 60.92 -10.61 -16.13
C VAL E 45 59.71 -10.83 -15.24
N ALA E 46 59.07 -11.97 -15.41
CA ALA E 46 57.90 -12.36 -14.64
C ALA E 46 58.25 -13.57 -13.80
N GLN E 47 57.22 -14.36 -13.49
CA GLN E 47 57.44 -15.68 -12.90
C GLN E 47 58.50 -16.45 -13.67
N HIS E 48 59.62 -16.72 -13.00
CA HIS E 48 60.64 -17.56 -13.60
C HIS E 48 60.09 -18.97 -13.78
N LEU E 49 59.77 -19.33 -15.01
CA LEU E 49 58.96 -20.51 -15.28
C LEU E 49 59.76 -21.79 -15.42
N GLY E 50 60.95 -21.86 -14.83
CA GLY E 50 61.70 -23.09 -14.99
C GLY E 50 62.16 -23.26 -16.43
N GLU E 51 62.71 -24.43 -16.72
CA GLU E 51 63.31 -24.70 -18.02
C GLU E 51 64.29 -23.60 -18.41
N ASN E 52 64.84 -22.94 -17.38
CA ASN E 52 65.69 -21.76 -17.52
C ASN E 52 65.04 -20.67 -18.36
N THR E 53 63.72 -20.58 -18.33
CA THR E 53 63.00 -19.57 -19.09
C THR E 53 62.12 -18.76 -18.16
N VAL E 54 62.48 -17.49 -17.98
CA VAL E 54 61.75 -16.59 -17.09
C VAL E 54 60.83 -15.74 -17.93
N ARG E 55 59.55 -15.75 -17.59
CA ARG E 55 58.57 -15.02 -18.37
C ARG E 55 58.79 -13.52 -18.20
N THR E 56 58.24 -12.74 -19.13
CA THR E 56 58.40 -11.31 -19.11
C THR E 56 57.31 -10.67 -19.94
N ILE E 57 56.66 -9.67 -19.35
CA ILE E 57 55.71 -8.82 -20.05
C ILE E 57 56.35 -7.46 -20.24
N ALA E 58 56.58 -7.08 -21.49
CA ALA E 58 57.46 -5.97 -21.78
C ALA E 58 56.82 -4.63 -21.44
N MET E 59 57.67 -3.62 -21.24
CA MET E 59 57.23 -2.26 -20.99
C MET E 59 57.18 -1.41 -22.26
N ASP E 60 57.43 -2.00 -23.42
CA ASP E 60 57.38 -1.29 -24.68
C ASP E 60 56.55 -2.12 -25.65
N GLY E 61 56.35 -1.58 -26.86
CA GLY E 61 55.56 -2.25 -27.87
C GLY E 61 56.06 -3.63 -28.24
N THR E 62 55.14 -4.59 -28.37
CA THR E 62 55.53 -5.93 -28.73
C THR E 62 55.91 -6.06 -30.20
N GLU E 63 55.69 -5.02 -30.99
CA GLU E 63 55.89 -5.13 -32.43
C GLU E 63 57.37 -5.21 -32.79
N GLY E 64 57.64 -5.79 -33.96
CA GLY E 64 58.97 -5.84 -34.51
C GLY E 64 59.91 -6.82 -33.84
N LEU E 65 59.65 -7.20 -32.59
CA LEU E 65 60.57 -8.08 -31.88
C LEU E 65 60.72 -9.39 -32.63
N VAL E 66 61.95 -9.83 -32.80
CA VAL E 66 62.29 -11.01 -33.58
C VAL E 66 62.73 -12.11 -32.64
N ARG E 67 62.19 -13.31 -32.82
CA ARG E 67 62.49 -14.41 -31.91
C ARG E 67 63.98 -14.70 -31.91
N GLY E 68 64.50 -15.07 -30.75
CA GLY E 68 65.88 -15.43 -30.63
C GLY E 68 66.83 -14.27 -30.48
N GLU E 69 66.33 -13.04 -30.50
CA GLU E 69 67.19 -11.89 -30.24
C GLU E 69 67.75 -11.98 -28.83
N LYS E 70 69.04 -11.74 -28.69
CA LYS E 70 69.69 -11.86 -27.39
C LYS E 70 69.22 -10.74 -26.47
N VAL E 71 68.97 -11.10 -25.21
CA VAL E 71 68.60 -10.13 -24.18
C VAL E 71 69.55 -10.32 -23.01
N LEU E 72 70.25 -9.26 -22.63
CA LEU E 72 71.19 -9.32 -21.52
C LEU E 72 70.62 -8.58 -20.32
N ASP E 73 70.69 -9.23 -19.18
CA ASP E 73 70.11 -8.69 -17.96
C ASP E 73 70.84 -7.43 -17.53
N THR E 74 70.11 -6.52 -16.89
CA THR E 74 70.73 -5.33 -16.32
C THR E 74 71.31 -5.60 -14.95
N GLY E 75 71.18 -6.82 -14.43
CA GLY E 75 71.75 -7.15 -13.15
C GLY E 75 70.92 -6.76 -11.95
N GLY E 76 69.72 -6.23 -12.16
CA GLY E 76 68.87 -5.81 -11.06
C GLY E 76 67.51 -5.39 -11.58
N PRO E 77 66.69 -4.81 -10.71
CA PRO E 77 65.33 -4.46 -11.12
C PRO E 77 65.31 -3.24 -12.04
N ILE E 78 64.12 -2.99 -12.58
CA ILE E 78 63.93 -1.82 -13.44
C ILE E 78 64.26 -0.56 -12.67
N SER E 79 64.86 0.41 -13.36
CA SER E 79 65.42 1.56 -12.68
C SER E 79 65.09 2.86 -13.41
N VAL E 80 64.93 3.92 -12.63
CA VAL E 80 64.87 5.28 -13.13
C VAL E 80 65.79 6.10 -12.24
N PRO E 81 66.35 7.21 -12.72
CA PRO E 81 67.28 7.98 -11.88
C PRO E 81 66.57 8.58 -10.67
N VAL E 82 67.35 8.88 -9.64
CA VAL E 82 66.82 9.43 -8.40
C VAL E 82 67.64 10.64 -7.99
N GLY E 83 66.97 11.73 -7.67
CA GLY E 83 67.64 12.92 -7.19
C GLY E 83 67.00 14.17 -7.75
N ARG E 84 67.48 15.31 -7.26
CA ARG E 84 66.96 16.59 -7.72
C ARG E 84 67.18 16.78 -9.21
N GLU E 85 68.10 16.04 -9.81
CA GLU E 85 68.30 16.11 -11.24
C GLU E 85 67.04 15.73 -12.00
N THR E 86 66.20 14.88 -11.41
CA THR E 86 64.97 14.48 -12.08
C THR E 86 63.98 15.63 -12.18
N LEU E 87 64.16 16.66 -11.37
CA LEU E 87 63.19 17.75 -11.32
C LEU E 87 63.03 18.39 -12.68
N GLY E 88 61.79 18.72 -13.02
CA GLY E 88 61.47 19.35 -14.28
C GLY E 88 61.39 18.44 -15.48
N ARG E 89 61.52 17.13 -15.29
CA ARG E 89 61.57 16.18 -16.39
C ARG E 89 60.36 15.26 -16.38
N ILE E 90 60.07 14.67 -17.54
CA ILE E 90 58.99 13.71 -17.67
C ILE E 90 59.58 12.31 -17.85
N ILE E 91 59.79 11.62 -16.73
CA ILE E 91 60.50 10.35 -16.72
C ILE E 91 59.54 9.26 -17.22
N ASN E 92 59.99 8.51 -18.23
CA ASN E 92 59.16 7.46 -18.80
C ASN E 92 59.26 6.20 -17.96
N VAL E 93 58.36 5.25 -18.24
CA VAL E 93 58.35 3.98 -17.51
C VAL E 93 59.64 3.22 -17.77
N ILE E 94 60.07 3.15 -19.03
CA ILE E 94 61.39 2.62 -19.33
C ILE E 94 62.46 3.51 -18.73
N GLY E 95 62.18 4.80 -18.56
CA GLY E 95 63.13 5.75 -18.06
C GLY E 95 63.75 6.66 -19.09
N GLU E 96 63.46 6.44 -20.38
CA GLU E 96 63.97 7.31 -21.42
C GLU E 96 63.05 8.50 -21.56
N PRO E 97 63.49 9.71 -21.24
CA PRO E 97 62.56 10.85 -21.23
C PRO E 97 61.90 11.02 -22.59
N ILE E 98 60.60 11.28 -22.56
CA ILE E 98 59.81 11.33 -23.78
C ILE E 98 59.64 12.77 -24.24
N ASP E 99 60.14 13.71 -23.43
CA ASP E 99 60.07 15.12 -23.78
C ASP E 99 61.24 15.59 -24.63
N GLU E 100 62.19 14.70 -24.92
CA GLU E 100 63.44 15.06 -25.58
C GLU E 100 64.18 16.14 -24.79
N ARG E 101 64.25 15.97 -23.47
CA ARG E 101 64.83 16.96 -22.57
C ARG E 101 66.25 16.61 -22.16
N GLY E 102 66.86 15.61 -22.78
CA GLY E 102 68.23 15.26 -22.52
C GLY E 102 68.45 14.63 -21.17
N PRO E 103 69.44 13.76 -21.06
CA PRO E 103 69.63 13.01 -19.82
C PRO E 103 70.13 13.88 -18.69
N ILE E 104 69.28 14.04 -17.66
CA ILE E 104 69.64 14.79 -16.46
C ILE E 104 70.31 13.79 -15.54
N LYS E 105 71.63 13.72 -15.62
CA LYS E 105 72.43 12.75 -14.86
C LYS E 105 72.22 12.98 -13.38
N SER E 106 71.85 11.91 -12.67
CA SER E 106 71.65 11.95 -11.24
C SER E 106 72.69 11.08 -10.54
N LYS E 107 72.64 11.10 -9.20
CA LYS E 107 73.59 10.32 -8.42
C LYS E 107 73.40 8.82 -8.67
N LEU E 108 72.15 8.34 -8.65
CA LEU E 108 71.85 6.93 -8.82
C LEU E 108 70.56 6.74 -9.61
N ARG E 109 70.44 5.59 -10.26
CA ARG E 109 69.22 5.17 -10.94
C ARG E 109 68.78 3.91 -10.22
N LYS E 110 68.08 4.09 -9.11
CA LYS E 110 67.83 2.98 -8.21
C LYS E 110 66.83 1.99 -8.82
N PRO E 111 66.90 0.73 -8.41
CA PRO E 111 65.89 -0.24 -8.84
C PRO E 111 64.51 0.15 -8.34
N ILE E 112 63.50 -0.14 -9.16
CA ILE E 112 62.15 0.35 -8.87
C ILE E 112 61.62 -0.27 -7.59
N HIS E 113 61.69 -1.60 -7.47
CA HIS E 113 61.10 -2.32 -6.35
C HIS E 113 62.12 -2.47 -5.24
N ALA E 114 61.67 -2.31 -3.99
CA ALA E 114 62.56 -2.39 -2.85
C ALA E 114 61.76 -2.75 -1.60
N ASP E 115 62.43 -2.61 -0.45
CA ASP E 115 61.78 -2.92 0.82
C ASP E 115 60.95 -1.73 1.29
N PRO E 116 59.89 -1.97 2.06
CA PRO E 116 59.17 -0.85 2.66
C PRO E 116 59.72 -0.54 4.04
N PRO E 117 59.31 0.56 4.65
CA PRO E 117 59.77 0.86 6.00
C PRO E 117 59.35 -0.21 6.98
N SER E 118 60.24 -0.53 7.92
CA SER E 118 59.86 -1.46 8.97
C SER E 118 58.86 -0.78 9.89
N PHE E 119 58.23 -1.57 10.77
CA PHE E 119 57.47 -0.97 11.85
C PHE E 119 58.36 -0.11 12.73
N ALA E 120 59.67 -0.37 12.73
CA ALA E 120 60.63 0.54 13.33
C ALA E 120 61.05 1.65 12.38
N GLU E 121 60.57 1.63 11.14
CA GLU E 121 60.77 2.73 10.20
C GLU E 121 59.45 3.35 9.77
N GLN E 122 58.33 2.82 10.23
CA GLN E 122 57.01 3.37 9.97
C GLN E 122 56.54 4.14 11.19
N SER E 123 56.47 5.47 11.07
CA SER E 123 56.01 6.34 12.13
C SER E 123 54.65 6.90 11.74
N THR E 124 54.07 7.71 12.62
CA THR E 124 52.77 8.29 12.36
C THR E 124 52.62 9.58 13.14
N SER E 125 51.89 10.53 12.56
CA SER E 125 51.75 11.85 13.17
C SER E 125 50.45 12.49 12.69
N ALA E 126 50.07 13.55 13.38
CA ALA E 126 48.85 14.32 13.08
C ALA E 126 49.29 15.71 12.65
N GLU E 127 49.41 15.92 11.35
CA GLU E 127 49.78 17.22 10.79
C GLU E 127 48.82 17.58 9.68
N ILE E 128 48.63 18.89 9.50
CA ILE E 128 47.73 19.43 8.48
C ILE E 128 48.56 20.25 7.50
N LEU E 129 48.23 20.13 6.23
CA LEU E 129 48.96 20.80 5.16
C LEU E 129 48.13 21.96 4.63
N GLU E 130 48.79 23.05 4.28
CA GLU E 130 48.13 24.20 3.68
C GLU E 130 47.88 23.89 2.21
N THR E 131 46.65 23.47 1.91
CA THR E 131 46.28 23.14 0.54
C THR E 131 45.79 24.36 -0.23
N GLY E 132 45.72 25.53 0.40
CA GLY E 132 45.43 26.76 -0.29
C GLY E 132 44.02 26.90 -0.78
N ILE E 133 43.29 25.81 -0.93
CA ILE E 133 41.88 25.85 -1.28
C ILE E 133 41.09 25.83 0.01
N LYS E 134 40.17 26.80 0.15
CA LYS E 134 39.38 26.89 1.37
C LYS E 134 38.59 25.60 1.61
N VAL E 135 38.26 24.88 0.54
CA VAL E 135 37.60 23.59 0.71
C VAL E 135 38.47 22.66 1.54
N VAL E 136 39.74 22.51 1.13
CA VAL E 136 40.66 21.67 1.88
C VAL E 136 41.32 22.43 3.01
N ASP E 137 41.22 23.76 3.02
CA ASP E 137 41.70 24.52 4.17
C ASP E 137 40.76 24.43 5.36
N LEU E 138 39.47 24.19 5.14
CA LEU E 138 38.48 24.15 6.20
C LEU E 138 37.86 22.76 6.39
N LEU E 139 37.18 22.25 5.37
CA LEU E 139 36.32 21.09 5.55
C LEU E 139 37.08 19.78 5.65
N ALA E 140 38.34 19.73 5.20
CA ALA E 140 39.15 18.53 5.26
C ALA E 140 40.62 18.88 5.15
N PRO E 141 41.35 18.92 6.28
CA PRO E 141 42.79 19.16 6.21
C PRO E 141 43.51 18.05 5.45
N TYR E 142 44.59 18.43 4.77
CA TYR E 142 45.48 17.49 4.11
C TYR E 142 46.66 17.20 5.02
N ALA E 143 47.11 15.96 5.03
CA ALA E 143 47.99 15.46 6.07
C ALA E 143 49.45 15.51 5.66
N ARG E 144 50.27 16.10 6.55
CA ARG E 144 51.71 16.12 6.36
C ARG E 144 52.32 14.87 7.01
N GLY E 145 52.04 13.74 6.38
CA GLY E 145 52.45 12.45 6.92
C GLY E 145 51.38 11.39 6.77
N GLY E 146 50.26 11.76 6.15
CA GLY E 146 49.17 10.82 5.94
C GLY E 146 48.60 10.94 4.54
N LYS E 147 48.09 9.83 4.04
CA LYS E 147 47.47 9.81 2.72
C LYS E 147 46.30 10.77 2.66
N ILE E 148 46.10 11.38 1.49
CA ILE E 148 44.96 12.25 1.25
C ILE E 148 44.34 11.85 -0.08
N GLY E 149 43.22 11.14 -0.03
CA GLY E 149 42.60 10.62 -1.23
C GLY E 149 41.69 11.62 -1.91
N LEU E 150 41.05 11.15 -2.98
CA LEU E 150 40.12 11.97 -3.75
C LEU E 150 39.22 11.09 -4.60
N PHE E 151 38.18 11.68 -5.17
CA PHE E 151 37.28 10.96 -6.06
C PHE E 151 36.67 11.93 -7.07
N GLY E 152 35.95 11.37 -8.02
CA GLY E 152 35.26 12.14 -9.03
C GLY E 152 35.60 11.63 -10.42
N GLY E 153 34.56 11.47 -11.22
CA GLY E 153 34.66 10.88 -12.54
C GLY E 153 35.27 11.81 -13.55
N ALA E 154 34.99 11.53 -14.82
CA ALA E 154 35.54 12.34 -15.91
C ALA E 154 34.78 13.65 -16.01
N GLY E 155 35.54 14.74 -16.17
CA GLY E 155 34.97 16.07 -16.14
C GLY E 155 35.12 16.79 -14.83
N VAL E 156 35.37 16.07 -13.73
CA VAL E 156 35.69 16.70 -12.46
C VAL E 156 37.16 17.07 -12.38
N GLY E 157 38.00 16.49 -13.21
CA GLY E 157 39.35 16.98 -13.40
C GLY E 157 40.14 17.11 -12.13
N LYS E 158 40.08 16.11 -11.25
CA LYS E 158 40.76 16.19 -9.98
C LYS E 158 42.24 16.43 -10.16
N THR E 159 42.77 16.03 -11.31
CA THR E 159 44.17 16.32 -11.62
C THR E 159 44.43 17.83 -11.59
N VAL E 160 43.44 18.63 -11.94
CA VAL E 160 43.61 20.08 -11.84
C VAL E 160 43.82 20.46 -10.38
N PHE E 161 43.02 19.90 -9.49
CA PHE E 161 43.22 20.13 -8.07
C PHE E 161 44.59 19.63 -7.63
N ILE E 162 45.05 18.54 -8.25
CA ILE E 162 46.35 17.98 -7.89
C ILE E 162 47.45 18.96 -8.25
N GLN E 163 47.42 19.48 -9.47
CA GLN E 163 48.42 20.45 -9.88
C GLN E 163 48.35 21.69 -9.02
N GLU E 164 47.14 22.15 -8.72
CA GLU E 164 46.99 23.33 -7.88
C GLU E 164 47.57 23.08 -6.50
N LEU E 165 47.30 21.90 -5.94
CA LEU E 165 47.83 21.58 -4.62
C LEU E 165 49.35 21.53 -4.66
N ILE E 166 49.89 20.94 -5.72
CA ILE E 166 51.34 20.87 -5.86
C ILE E 166 51.91 22.28 -5.88
N ASN E 167 51.30 23.16 -6.67
CA ASN E 167 51.83 24.52 -6.81
C ASN E 167 51.75 25.26 -5.49
N ASN E 168 50.59 25.22 -4.83
CA ASN E 168 50.44 25.93 -3.58
C ASN E 168 51.38 25.40 -2.51
N ILE E 169 51.53 24.07 -2.43
CA ILE E 169 52.40 23.48 -1.44
C ILE E 169 53.85 23.85 -1.73
N ALA E 170 54.29 23.68 -2.97
CA ALA E 170 55.64 24.05 -3.34
C ALA E 170 55.91 25.51 -3.07
N LYS E 171 54.90 26.36 -3.21
CA LYS E 171 55.07 27.78 -2.94
C LYS E 171 55.49 28.00 -1.49
N ALA E 172 55.23 27.03 -0.63
CA ALA E 172 55.68 27.09 0.76
C ALA E 172 56.19 25.72 1.20
N HIS E 173 56.89 25.03 0.30
CA HIS E 173 57.46 23.72 0.59
C HIS E 173 58.96 23.84 0.78
N GLY E 174 59.46 23.36 1.91
CA GLY E 174 60.89 23.22 2.09
C GLY E 174 61.44 22.00 1.36
N GLY E 175 60.58 21.05 1.03
CA GLY E 175 60.96 19.89 0.25
C GLY E 175 60.23 19.83 -1.09
N PHE E 176 60.86 19.12 -2.03
CA PHE E 176 60.39 19.05 -3.41
C PHE E 176 59.20 18.13 -3.50
N SER E 177 58.23 18.51 -4.33
CA SER E 177 57.06 17.69 -4.59
C SER E 177 57.42 16.51 -5.49
N VAL E 178 56.38 15.80 -5.92
CA VAL E 178 56.53 14.72 -6.88
C VAL E 178 55.14 14.37 -7.41
N PHE E 179 55.11 13.75 -8.59
CA PHE E 179 53.87 13.29 -9.19
C PHE E 179 54.12 11.92 -9.82
N THR E 180 53.05 11.31 -10.34
CA THR E 180 53.15 10.03 -11.05
C THR E 180 51.94 9.91 -11.97
N GLY E 181 52.15 10.16 -13.26
CA GLY E 181 51.11 10.07 -14.25
C GLY E 181 50.78 8.64 -14.66
N VAL E 182 50.04 7.95 -13.81
CA VAL E 182 49.65 6.57 -14.08
C VAL E 182 48.66 6.58 -15.24
N GLY E 183 49.16 6.40 -16.46
CA GLY E 183 48.31 6.18 -17.62
C GLY E 183 47.32 7.25 -17.97
N GLU E 184 47.76 8.51 -17.97
CA GLU E 184 46.91 9.65 -18.28
C GLU E 184 46.75 9.77 -19.79
N ARG E 185 45.64 10.38 -20.20
CA ARG E 185 45.43 10.66 -21.62
C ARG E 185 46.50 11.59 -22.13
N THR E 186 47.07 11.26 -23.30
CA THR E 186 48.28 11.93 -23.75
C THR E 186 48.06 13.43 -23.89
N ARG E 187 46.92 13.84 -24.45
CA ARG E 187 46.64 15.27 -24.56
C ARG E 187 46.58 15.92 -23.19
N GLU E 188 45.92 15.26 -22.24
CA GLU E 188 45.98 15.76 -20.87
C GLU E 188 47.42 15.77 -20.38
N GLY E 189 48.24 14.84 -20.87
CA GLY E 189 49.64 14.86 -20.50
C GLY E 189 50.34 16.13 -20.96
N ASN E 190 50.14 16.50 -22.23
CA ASN E 190 50.79 17.69 -22.76
C ASN E 190 50.24 18.95 -22.09
N ASP E 191 48.93 19.00 -21.86
CA ASP E 191 48.35 20.16 -21.18
C ASP E 191 48.90 20.29 -19.77
N LEU E 192 49.02 19.15 -19.07
CA LEU E 192 49.65 19.18 -17.76
C LEU E 192 51.07 19.67 -17.86
N TYR E 193 51.78 19.23 -18.91
CA TYR E 193 53.14 19.71 -19.12
C TYR E 193 53.18 21.22 -19.26
N ARG E 194 52.32 21.77 -20.12
CA ARG E 194 52.33 23.21 -20.36
C ARG E 194 51.98 23.98 -19.10
N GLU E 195 50.92 23.56 -18.40
CA GLU E 195 50.50 24.27 -17.20
C GLU E 195 51.54 24.18 -16.11
N MET E 196 52.25 23.05 -16.01
CA MET E 196 53.26 22.90 -14.96
C MET E 196 54.50 23.71 -15.29
N LYS E 197 54.88 23.78 -16.56
CA LYS E 197 56.05 24.57 -16.94
C LYS E 197 55.80 26.06 -16.76
N GLU E 198 54.68 26.56 -17.28
CA GLU E 198 54.44 27.99 -17.27
C GLU E 198 54.05 28.52 -15.89
N THR E 199 53.58 27.66 -14.99
CA THR E 199 53.18 28.12 -13.67
C THR E 199 54.37 28.49 -12.81
N GLY E 200 55.58 28.22 -13.30
CA GLY E 200 56.78 28.39 -12.53
C GLY E 200 57.15 27.17 -11.72
N VAL E 201 56.23 26.22 -11.58
CA VAL E 201 56.54 25.00 -10.86
C VAL E 201 57.61 24.20 -11.60
N ILE E 202 57.41 23.98 -12.89
CA ILE E 202 58.41 23.31 -13.73
C ILE E 202 59.24 24.39 -14.41
N ASN E 203 60.27 24.86 -13.73
CA ASN E 203 61.18 25.85 -14.28
C ASN E 203 62.07 25.14 -15.30
N LEU E 204 61.74 25.34 -16.57
CA LEU E 204 62.44 24.62 -17.63
C LEU E 204 63.94 24.83 -17.53
N GLU E 205 64.37 26.03 -17.14
CA GLU E 205 65.78 26.33 -17.00
C GLU E 205 66.23 26.53 -15.56
N GLY E 206 65.30 26.76 -14.63
CA GLY E 206 65.65 27.08 -13.26
C GLY E 206 65.92 25.87 -12.41
N GLU E 207 65.35 25.87 -11.22
CA GLU E 207 65.39 24.74 -10.30
C GLU E 207 63.96 24.38 -9.93
N SER E 208 63.32 23.55 -10.76
CA SER E 208 61.96 23.09 -10.51
C SER E 208 61.96 22.07 -9.37
N LYS E 209 60.75 21.67 -8.95
CA LYS E 209 60.62 20.71 -7.87
C LYS E 209 59.60 19.61 -8.13
N VAL E 210 58.66 19.80 -9.05
CA VAL E 210 57.56 18.85 -9.25
C VAL E 210 57.87 17.99 -10.46
N ALA E 211 58.58 16.89 -10.24
CA ALA E 211 59.01 16.00 -11.29
C ALA E 211 57.87 15.10 -11.69
N LEU E 212 57.25 15.39 -12.82
CA LEU E 212 56.09 14.65 -13.30
C LEU E 212 56.55 13.50 -14.17
N VAL E 213 56.19 12.29 -13.78
CA VAL E 213 56.48 11.09 -14.55
C VAL E 213 55.16 10.48 -14.98
N PHE E 214 55.02 10.21 -16.27
CA PHE E 214 53.75 9.78 -16.84
C PHE E 214 53.87 8.38 -17.44
N GLY E 215 52.86 7.55 -17.19
CA GLY E 215 52.82 6.20 -17.72
C GLY E 215 52.32 6.13 -19.15
N GLN E 216 51.63 7.18 -19.58
CA GLN E 216 51.27 7.47 -20.97
C GLN E 216 50.13 6.61 -21.52
N MET E 217 49.64 5.61 -20.80
CA MET E 217 48.36 4.93 -21.11
C MET E 217 48.34 4.30 -22.50
N ASN E 218 49.36 4.50 -23.32
CA ASN E 218 49.33 4.03 -24.70
C ASN E 218 50.31 2.92 -24.96
N GLU E 219 50.74 2.21 -23.91
CA GLU E 219 51.70 1.12 -23.98
C GLU E 219 51.06 -0.20 -23.58
N PRO E 220 51.77 -1.31 -23.74
CA PRO E 220 51.32 -2.55 -23.12
C PRO E 220 51.28 -2.38 -21.62
N PRO E 221 50.43 -3.13 -20.93
CA PRO E 221 50.05 -2.74 -19.55
C PRO E 221 51.21 -2.73 -18.55
N GLY E 222 52.29 -3.47 -18.81
CA GLY E 222 53.32 -3.61 -17.80
C GLY E 222 53.97 -2.30 -17.41
N ALA E 223 54.29 -1.48 -18.40
CA ALA E 223 54.87 -0.17 -18.11
C ALA E 223 53.91 0.67 -17.28
N ARG E 224 52.63 0.65 -17.65
CA ARG E 224 51.64 1.41 -16.89
C ARG E 224 51.62 0.97 -15.44
N ALA E 225 51.66 -0.34 -15.19
CA ALA E 225 51.68 -0.81 -13.82
C ALA E 225 52.92 -0.34 -13.09
N ARG E 226 54.09 -0.58 -13.68
CA ARG E 226 55.33 -0.32 -12.96
C ARG E 226 55.63 1.17 -12.84
N VAL E 227 54.88 2.01 -13.54
CA VAL E 227 55.15 3.45 -13.47
C VAL E 227 55.00 3.96 -12.05
N ALA E 228 53.91 3.57 -11.36
CA ALA E 228 53.73 4.00 -9.99
C ALA E 228 54.83 3.45 -9.11
N LEU E 229 55.29 2.23 -9.41
CA LEU E 229 56.46 1.73 -8.71
C LEU E 229 57.63 2.68 -8.88
N THR E 230 57.86 3.15 -10.10
CA THR E 230 58.96 4.07 -10.35
C THR E 230 58.78 5.36 -9.56
N GLY E 231 57.57 5.90 -9.57
CA GLY E 231 57.32 7.15 -8.88
C GLY E 231 57.49 7.01 -7.38
N LEU E 232 56.99 5.92 -6.82
CA LEU E 232 57.21 5.66 -5.41
C LEU E 232 58.68 5.53 -5.11
N THR E 233 59.44 4.89 -6.00
CA THR E 233 60.88 4.80 -5.79
C THR E 233 61.50 6.18 -5.75
N ILE E 234 61.08 7.05 -6.66
CA ILE E 234 61.64 8.39 -6.73
C ILE E 234 61.34 9.16 -5.45
N ALA E 235 60.08 9.13 -5.02
CA ALA E 235 59.71 9.86 -3.81
C ALA E 235 60.41 9.27 -2.60
N GLU E 236 60.60 7.96 -2.59
CA GLU E 236 61.33 7.32 -1.51
C GLU E 236 62.76 7.82 -1.46
N TYR E 237 63.38 7.95 -2.63
CA TYR E 237 64.73 8.50 -2.68
C TYR E 237 64.75 9.92 -2.17
N PHE E 238 63.78 10.74 -2.59
CA PHE E 238 63.77 12.14 -2.20
C PHE E 238 63.58 12.29 -0.70
N ARG E 239 62.67 11.51 -0.12
CA ARG E 239 62.49 11.56 1.33
C ARG E 239 63.72 11.02 2.05
N ASP E 240 64.30 9.96 1.51
CA ASP E 240 65.46 9.34 2.14
C ASP E 240 66.64 10.29 2.16
N GLU E 241 66.84 11.03 1.08
CA GLU E 241 68.02 11.87 0.97
C GLU E 241 67.76 13.29 1.49
N GLU E 242 66.87 14.04 0.83
CA GLU E 242 66.63 15.41 1.24
C GLU E 242 66.00 15.47 2.63
N GLY E 243 65.28 14.42 3.02
CA GLY E 243 64.72 14.35 4.35
C GLY E 243 63.72 15.44 4.68
N GLN E 244 63.17 16.10 3.67
CA GLN E 244 62.12 17.07 3.87
C GLN E 244 60.79 16.42 3.56
N ASP E 245 59.71 17.03 4.04
CA ASP E 245 58.40 16.42 3.85
C ASP E 245 58.10 16.42 2.36
N VAL E 246 58.33 15.28 1.71
CA VAL E 246 58.24 15.17 0.27
C VAL E 246 56.83 14.71 -0.09
N LEU E 247 56.11 15.55 -0.82
CA LEU E 247 54.76 15.22 -1.24
C LEU E 247 54.78 14.02 -2.17
N LEU E 248 53.59 13.50 -2.46
CA LEU E 248 53.45 12.38 -3.39
C LEU E 248 52.05 12.38 -3.94
N PHE E 249 51.93 12.53 -5.25
CA PHE E 249 50.65 12.50 -5.92
C PHE E 249 50.66 11.35 -6.92
N ILE E 250 49.56 10.63 -7.00
CA ILE E 250 49.39 9.54 -7.95
C ILE E 250 48.24 9.91 -8.87
N ASP E 251 48.45 9.76 -10.17
CA ASP E 251 47.47 10.26 -11.14
C ASP E 251 46.13 9.57 -10.98
N ASN E 252 46.07 8.27 -11.29
CA ASN E 252 44.79 7.57 -11.22
C ASN E 252 45.06 6.16 -10.68
N ILE E 253 44.99 6.03 -9.36
CA ILE E 253 45.16 4.72 -8.75
C ILE E 253 44.11 3.73 -9.25
N PHE E 254 42.94 4.22 -9.68
CA PHE E 254 41.99 3.33 -10.35
C PHE E 254 42.55 2.85 -11.67
N ARG E 255 43.19 3.75 -12.42
CA ARG E 255 43.89 3.31 -13.62
C ARG E 255 45.07 2.43 -13.27
N PHE E 256 45.72 2.69 -12.13
CA PHE E 256 46.79 1.81 -11.68
C PHE E 256 46.28 0.41 -11.43
N THR E 257 45.11 0.30 -10.82
CA THR E 257 44.52 -1.00 -10.56
C THR E 257 44.07 -1.66 -11.85
N GLN E 258 43.52 -0.89 -12.78
CA GLN E 258 43.20 -1.45 -14.09
C GLN E 258 44.46 -2.00 -14.75
N ALA E 259 45.57 -1.28 -14.61
CA ALA E 259 46.83 -1.74 -15.18
C ALA E 259 47.32 -2.99 -14.47
N GLY E 260 47.18 -3.05 -13.15
CA GLY E 260 47.60 -4.24 -12.44
C GLY E 260 46.80 -5.46 -12.86
N SER E 261 45.49 -5.30 -12.99
CA SER E 261 44.67 -6.40 -13.46
C SER E 261 45.04 -6.78 -14.88
N GLU E 262 45.32 -5.79 -15.72
CA GLU E 262 45.75 -6.06 -17.07
C GLU E 262 47.08 -6.80 -17.10
N VAL E 263 47.96 -6.51 -16.14
CA VAL E 263 49.22 -7.24 -16.06
C VAL E 263 48.97 -8.67 -15.64
N SER E 264 48.14 -8.86 -14.61
CA SER E 264 47.87 -10.20 -14.13
C SER E 264 47.26 -11.06 -15.23
N ALA E 265 46.25 -10.54 -15.92
CA ALA E 265 45.66 -11.26 -17.04
C ALA E 265 46.69 -11.44 -18.15
N LEU E 266 47.49 -10.41 -18.41
CA LEU E 266 48.57 -10.53 -19.37
C LEU E 266 49.57 -11.57 -18.94
N LEU E 267 49.92 -11.61 -17.66
CA LEU E 267 50.68 -12.73 -17.15
C LEU E 267 49.81 -13.97 -17.17
N GLY E 268 50.46 -15.14 -17.11
CA GLY E 268 49.70 -16.37 -17.06
C GLY E 268 48.87 -16.51 -15.81
N ARG E 269 49.19 -15.76 -14.76
CA ARG E 269 48.56 -15.94 -13.46
C ARG E 269 47.04 -15.82 -13.58
N ILE E 270 46.35 -16.46 -12.64
CA ILE E 270 44.89 -16.51 -12.62
C ILE E 270 44.39 -15.43 -11.67
N PRO E 271 43.69 -14.42 -12.16
CA PRO E 271 43.33 -13.28 -11.29
C PRO E 271 42.08 -13.57 -10.49
N SER E 272 42.26 -13.88 -9.20
CA SER E 272 41.12 -14.30 -8.40
C SER E 272 41.11 -13.82 -6.95
N ALA E 273 42.06 -12.98 -6.52
CA ALA E 273 42.05 -12.50 -5.14
C ALA E 273 41.17 -11.27 -4.97
N VAL E 274 40.44 -10.91 -6.02
CA VAL E 274 39.44 -9.85 -5.94
C VAL E 274 38.15 -10.34 -6.59
N GLY E 275 38.22 -11.46 -7.32
CA GLY E 275 37.16 -11.94 -8.17
C GLY E 275 37.40 -11.64 -9.64
N TYR E 276 38.27 -10.69 -9.92
CA TYR E 276 38.82 -10.45 -11.25
C TYR E 276 40.31 -10.16 -11.21
N GLN E 277 40.96 -10.28 -10.05
CA GLN E 277 42.34 -9.88 -9.88
C GLN E 277 43.01 -10.63 -8.73
N PRO E 278 44.09 -11.37 -8.97
CA PRO E 278 44.78 -12.06 -7.87
C PRO E 278 45.87 -11.21 -7.24
N THR E 279 46.52 -10.39 -8.05
CA THR E 279 47.66 -9.60 -7.61
C THR E 279 47.25 -8.29 -6.96
N LEU E 280 45.95 -7.96 -6.99
CA LEU E 280 45.50 -6.66 -6.47
C LEU E 280 45.94 -6.47 -5.04
N ALA E 281 45.77 -7.49 -4.20
CA ALA E 281 46.23 -7.41 -2.83
C ALA E 281 47.70 -7.00 -2.76
N THR E 282 48.58 -7.81 -3.33
CA THR E 282 50.02 -7.61 -3.15
C THR E 282 50.46 -6.28 -3.72
N ASP E 283 50.11 -6.01 -4.98
CA ASP E 283 50.61 -4.79 -5.62
C ASP E 283 50.02 -3.55 -4.98
N MET E 284 48.71 -3.53 -4.73
CA MET E 284 48.10 -2.34 -4.16
C MET E 284 48.65 -2.06 -2.77
N GLY E 285 48.79 -3.10 -1.96
CA GLY E 285 49.37 -2.91 -0.64
C GLY E 285 50.80 -2.43 -0.70
N LEU E 286 51.59 -2.98 -1.63
CA LEU E 286 52.97 -2.54 -1.74
C LEU E 286 53.04 -1.07 -2.12
N LEU E 287 52.25 -0.66 -3.11
CA LEU E 287 52.26 0.74 -3.54
C LEU E 287 51.81 1.66 -2.41
N GLN E 288 50.73 1.28 -1.71
CA GLN E 288 50.26 2.10 -0.61
C GLN E 288 51.25 2.17 0.55
N GLU E 289 51.86 1.04 0.91
CA GLU E 289 52.79 1.02 2.03
C GLU E 289 54.13 1.62 1.63
N ARG E 290 54.33 1.86 0.34
CA ARG E 290 55.45 2.71 -0.06
C ARG E 290 55.30 4.11 0.49
N ILE E 291 54.08 4.64 0.54
CA ILE E 291 53.84 5.91 1.20
C ILE E 291 53.92 5.69 2.70
N THR E 292 55.05 6.02 3.31
CA THR E 292 55.29 5.67 4.69
C THR E 292 55.84 6.89 5.42
N THR E 293 55.67 6.88 6.74
CA THR E 293 56.18 7.93 7.61
C THR E 293 57.30 7.37 8.47
N THR E 294 58.45 8.02 8.46
CA THR E 294 59.61 7.57 9.20
C THR E 294 59.99 8.58 10.27
N LYS E 295 60.83 8.13 11.19
CA LYS E 295 61.32 9.01 12.25
C LYS E 295 62.13 10.14 11.65
N LYS E 296 62.87 9.87 10.57
CA LYS E 296 63.59 10.93 9.89
C LYS E 296 62.64 11.98 9.31
N GLY E 297 61.53 11.54 8.72
CA GLY E 297 60.58 12.46 8.15
C GLY E 297 59.42 11.70 7.53
N SER E 298 58.51 12.47 6.93
CA SER E 298 57.30 11.93 6.37
C SER E 298 57.25 12.21 4.87
N VAL E 299 56.71 11.26 4.12
CA VAL E 299 56.49 11.44 2.69
C VAL E 299 54.99 11.32 2.45
N THR E 300 54.28 12.44 2.56
CA THR E 300 52.84 12.47 2.48
C THR E 300 52.43 12.14 1.06
N SER E 301 51.43 11.26 0.92
CA SER E 301 50.95 10.87 -0.39
C SER E 301 49.62 11.56 -0.68
N VAL E 302 49.23 11.55 -1.94
CA VAL E 302 47.92 12.05 -2.36
C VAL E 302 47.51 11.27 -3.60
N GLN E 303 46.70 10.24 -3.41
CA GLN E 303 46.29 9.40 -4.50
C GLN E 303 44.88 9.76 -4.92
N ALA E 304 44.61 9.69 -6.20
CA ALA E 304 43.30 10.01 -6.75
C ALA E 304 42.58 8.72 -7.13
N VAL E 305 41.52 8.41 -6.40
CA VAL E 305 40.75 7.19 -6.63
C VAL E 305 39.54 7.57 -7.46
N TYR E 306 39.68 7.48 -8.77
CA TYR E 306 38.57 7.77 -9.66
C TYR E 306 37.39 6.87 -9.33
N VAL E 307 36.19 7.45 -9.32
CA VAL E 307 35.00 6.68 -9.00
C VAL E 307 34.44 6.11 -10.30
N PRO E 308 34.45 4.81 -10.49
CA PRO E 308 33.88 4.26 -11.72
C PRO E 308 32.36 4.42 -11.71
N ALA E 309 31.92 5.68 -11.66
CA ALA E 309 30.49 6.02 -11.64
C ALA E 309 29.73 5.18 -10.61
N ASP E 310 30.01 5.41 -9.33
CA ASP E 310 29.35 4.75 -8.22
C ASP E 310 29.58 3.23 -8.24
N ASP E 311 30.85 2.87 -8.32
CA ASP E 311 31.25 1.47 -8.24
C ASP E 311 31.39 1.05 -6.79
N LEU E 312 30.26 1.03 -6.06
CA LEU E 312 30.27 0.56 -4.68
C LEU E 312 30.53 -0.94 -4.59
N THR E 313 30.35 -1.68 -5.68
CA THR E 313 30.49 -3.12 -5.63
C THR E 313 31.95 -3.57 -5.61
N ASP E 314 32.82 -2.83 -6.28
CA ASP E 314 34.17 -3.33 -6.54
C ASP E 314 34.95 -3.51 -5.24
N PRO E 315 35.45 -4.71 -4.96
CA PRO E 315 36.28 -4.89 -3.74
C PRO E 315 37.55 -4.07 -3.74
N ALA E 316 38.23 -3.94 -4.87
CA ALA E 316 39.44 -3.13 -4.94
C ALA E 316 39.15 -1.66 -4.66
N PRO E 317 38.10 -1.05 -5.21
CA PRO E 317 37.79 0.34 -4.84
C PRO E 317 37.54 0.52 -3.36
N ALA E 318 36.88 -0.44 -2.71
CA ALA E 318 36.65 -0.33 -1.27
C ALA E 318 37.96 -0.51 -0.50
N THR E 319 38.86 -1.35 -1.00
CA THR E 319 40.17 -1.48 -0.38
C THR E 319 40.94 -0.17 -0.46
N THR E 320 40.92 0.47 -1.62
CA THR E 320 41.57 1.76 -1.76
C THR E 320 40.94 2.82 -0.84
N PHE E 321 39.61 2.92 -0.84
CA PHE E 321 38.94 3.94 -0.04
C PHE E 321 39.20 3.73 1.45
N ALA E 322 39.14 2.48 1.90
CA ALA E 322 39.65 2.15 3.23
C ALA E 322 41.10 1.68 3.17
N HIS E 323 41.93 2.42 2.45
CA HIS E 323 43.37 2.32 2.55
C HIS E 323 44.02 3.64 2.88
N LEU E 324 43.24 4.68 3.17
CA LEU E 324 43.72 6.03 3.41
C LEU E 324 43.10 6.59 4.68
N ASP E 325 43.29 7.89 4.87
CA ASP E 325 42.88 8.57 6.10
C ASP E 325 42.02 9.80 5.86
N ALA E 326 42.33 10.62 4.85
CA ALA E 326 41.56 11.82 4.59
C ALA E 326 41.34 11.94 3.10
N THR E 327 40.26 12.61 2.71
CA THR E 327 39.92 12.68 1.29
C THR E 327 39.03 13.88 1.03
N THR E 328 38.84 14.17 -0.26
CA THR E 328 37.95 15.22 -0.72
C THR E 328 37.14 14.68 -1.88
N VAL E 329 35.86 15.01 -1.93
CA VAL E 329 34.98 14.51 -2.97
C VAL E 329 34.62 15.65 -3.91
N LEU E 330 35.07 15.55 -5.15
CA LEU E 330 34.80 16.55 -6.18
C LEU E 330 33.89 15.91 -7.21
N SER E 331 32.58 16.11 -7.05
CA SER E 331 31.61 15.56 -8.04
C SER E 331 31.39 16.55 -9.18
N ARG E 332 31.07 16.06 -10.37
CA ARG E 332 30.76 16.97 -11.51
C ARG E 332 29.27 17.33 -11.41
N GLY E 333 28.47 16.45 -10.81
CA GLY E 333 27.03 16.73 -10.65
C GLY E 333 26.73 17.27 -9.27
N ILE E 334 25.98 18.37 -9.18
CA ILE E 334 25.57 18.97 -7.88
C ILE E 334 26.79 19.22 -6.98
N SER E 335 27.93 19.61 -7.56
CA SER E 335 29.13 19.94 -6.77
C SER E 335 30.07 20.82 -7.62
N GLU E 336 30.10 20.57 -8.93
CA GLU E 336 30.73 21.52 -9.89
C GLU E 336 29.68 22.57 -10.28
N LEU E 337 28.41 22.32 -9.97
CA LEU E 337 27.33 23.29 -10.28
C LEU E 337 27.64 24.62 -9.60
N GLY E 338 28.05 25.63 -10.38
CA GLY E 338 28.37 26.96 -9.82
C GLY E 338 29.49 26.90 -8.79
N ILE E 339 30.54 26.11 -9.08
CA ILE E 339 31.70 26.01 -8.14
C ILE E 339 32.97 25.76 -8.96
N TYR E 340 33.97 26.66 -8.84
CA TYR E 340 35.25 26.50 -9.55
C TYR E 340 36.10 25.47 -8.80
N PRO E 341 35.97 25.38 -7.45
CA PRO E 341 36.69 24.32 -6.72
C PRO E 341 36.01 22.98 -7.07
N ALA E 342 34.72 23.01 -7.41
CA ALA E 342 33.97 21.80 -7.83
C ALA E 342 33.95 20.72 -6.75
N VAL E 343 34.12 21.10 -5.48
CA VAL E 343 34.24 20.09 -4.39
C VAL E 343 32.91 19.98 -3.64
N ASP E 344 32.81 19.03 -2.70
CA ASP E 344 31.58 18.85 -1.88
C ASP E 344 31.99 18.83 -0.41
N PRO E 345 32.05 19.99 0.28
CA PRO E 345 32.48 20.04 1.68
C PRO E 345 31.70 19.11 2.59
N LEU E 346 30.51 18.69 2.17
CA LEU E 346 29.74 17.72 2.95
C LEU E 346 30.41 16.35 2.92
N ASP E 347 30.45 15.73 1.74
CA ASP E 347 30.92 14.35 1.60
C ASP E 347 32.40 14.20 1.87
N SER E 348 33.15 15.31 1.97
CA SER E 348 34.56 15.22 2.30
C SER E 348 34.74 14.74 3.73
N LYS E 349 35.98 14.40 4.08
CA LYS E 349 36.29 13.95 5.43
C LYS E 349 37.76 14.24 5.72
N SER E 350 38.08 14.28 7.01
CA SER E 350 39.45 14.46 7.43
C SER E 350 39.62 13.80 8.79
N ARG E 351 40.20 12.60 8.79
CA ARG E 351 40.44 11.92 10.05
C ARG E 351 41.39 12.69 10.96
N LEU E 352 42.33 13.44 10.39
CA LEU E 352 43.25 14.21 11.23
C LEU E 352 42.54 15.38 11.92
N LEU E 353 41.30 15.66 11.54
CA LEU E 353 40.57 16.83 12.04
C LEU E 353 40.15 16.60 13.49
N ASP E 354 40.90 17.21 14.40
CA ASP E 354 40.52 17.28 15.81
C ASP E 354 40.74 18.71 16.28
N ALA E 355 39.90 19.14 17.23
CA ALA E 355 40.10 20.47 17.83
C ALA E 355 41.50 20.58 18.41
N ALA E 356 42.06 19.50 18.88
CA ALA E 356 43.44 19.45 19.34
C ALA E 356 44.42 19.07 18.25
N VAL E 357 43.97 18.96 17.00
CA VAL E 357 44.83 18.63 15.88
C VAL E 357 44.66 19.60 14.73
N VAL E 358 43.52 20.31 14.67
CA VAL E 358 43.22 21.21 13.56
C VAL E 358 43.05 22.65 13.99
N GLY E 359 43.12 22.94 15.30
CA GLY E 359 42.85 24.27 15.81
C GLY E 359 41.50 24.35 16.49
N GLN E 360 41.45 24.93 17.70
CA GLN E 360 40.20 24.93 18.46
C GLN E 360 39.10 25.64 17.70
N GLU E 361 39.40 26.82 17.16
CA GLU E 361 38.39 27.54 16.38
C GLU E 361 38.04 26.79 15.10
N HIS E 362 39.05 26.25 14.40
CA HIS E 362 38.80 25.60 13.12
C HIS E 362 37.79 24.48 13.26
N TYR E 363 37.79 23.79 14.40
CA TYR E 363 36.78 22.77 14.64
C TYR E 363 35.45 23.41 15.03
N ASP E 364 35.50 24.52 15.75
CA ASP E 364 34.27 25.21 16.13
C ASP E 364 33.53 25.72 14.91
N VAL E 365 34.25 26.37 13.99
CA VAL E 365 33.62 26.89 12.78
C VAL E 365 33.20 25.75 11.87
N ALA E 366 34.10 24.78 11.65
CA ALA E 366 33.78 23.66 10.77
C ALA E 366 32.55 22.91 11.25
N SER E 367 32.45 22.68 12.56
CA SER E 367 31.26 22.06 13.11
C SER E 367 30.01 22.82 12.68
N LYS E 368 30.02 24.15 12.85
CA LYS E 368 28.94 24.95 12.31
C LYS E 368 28.94 24.89 10.78
N VAL E 369 30.13 24.99 10.17
CA VAL E 369 30.21 25.01 8.72
C VAL E 369 29.69 23.70 8.15
N GLN E 370 30.08 22.57 8.73
CA GLN E 370 29.52 21.29 8.31
C GLN E 370 28.02 21.26 8.57
N GLU E 371 27.60 21.69 9.76
CA GLU E 371 26.18 21.64 10.09
C GLU E 371 25.38 22.61 9.23
N THR E 372 25.87 23.84 9.07
CA THR E 372 25.13 24.82 8.28
C THR E 372 24.96 24.35 6.85
N LEU E 373 26.03 23.82 6.26
CA LEU E 373 25.92 23.26 4.92
C LEU E 373 25.00 22.04 4.91
N GLN E 374 25.13 21.17 5.91
CA GLN E 374 24.18 20.08 6.05
C GLN E 374 22.77 20.62 6.24
N THR E 375 22.63 21.66 7.07
CA THR E 375 21.34 22.37 7.15
C THR E 375 21.02 23.03 5.82
N TYR E 376 22.01 23.62 5.16
CA TYR E 376 21.80 24.11 3.81
C TYR E 376 21.42 22.97 2.89
N LYS E 377 22.10 21.83 3.03
CA LYS E 377 21.64 20.62 2.38
C LYS E 377 20.27 20.21 2.91
N SER E 378 20.08 20.33 4.22
CA SER E 378 18.75 20.05 4.77
C SER E 378 17.72 21.05 4.23
N LEU E 379 18.12 22.31 4.09
CA LEU E 379 17.21 23.31 3.53
C LEU E 379 17.26 23.31 2.00
N GLN E 380 18.12 22.48 1.42
CA GLN E 380 18.15 22.36 -0.04
C GLN E 380 16.83 21.83 -0.59
N ASP E 381 16.23 20.84 0.08
CA ASP E 381 14.98 20.27 -0.42
C ASP E 381 13.80 21.20 -0.16
N ILE E 382 13.73 21.76 1.05
CA ILE E 382 12.56 22.53 1.45
C ILE E 382 12.38 23.82 0.66
N ILE E 383 13.46 24.54 0.37
CA ILE E 383 13.36 25.85 -0.27
C ILE E 383 12.73 25.73 -1.65
N ALA E 384 13.04 24.64 -2.37
CA ALA E 384 12.52 24.49 -3.72
C ALA E 384 11.08 24.00 -3.72
N ILE E 385 10.58 23.53 -2.57
CA ILE E 385 9.25 22.93 -2.51
C ILE E 385 8.19 24.02 -2.46
N LEU E 386 8.18 24.81 -1.39
CA LEU E 386 7.17 25.84 -1.22
C LEU E 386 7.74 27.24 -1.41
N GLY E 387 9.07 27.37 -1.42
CA GLY E 387 9.72 28.66 -1.57
C GLY E 387 10.69 28.91 -0.45
N MET E 388 11.39 30.05 -0.56
CA MET E 388 12.39 30.44 0.42
C MET E 388 11.80 31.11 1.65
N ASP E 389 10.52 30.92 1.91
CA ASP E 389 9.83 31.59 3.02
C ASP E 389 9.86 30.79 4.31
N GLU E 390 9.76 29.47 4.23
CA GLU E 390 9.50 28.65 5.42
C GLU E 390 10.58 28.76 6.48
N LEU E 391 11.78 29.21 6.10
CA LEU E 391 12.87 29.28 7.05
C LEU E 391 12.57 30.30 8.15
N SER E 392 13.01 29.98 9.37
CA SER E 392 12.96 30.90 10.48
C SER E 392 14.06 31.96 10.35
N GLU E 393 14.06 32.90 11.28
CA GLU E 393 15.05 33.98 11.23
C GLU E 393 16.47 33.44 11.34
N GLN E 394 16.70 32.46 12.22
CA GLN E 394 17.98 31.77 12.24
C GLN E 394 18.14 30.89 11.01
N ASP E 395 17.06 30.23 10.58
CA ASP E 395 17.14 29.38 9.40
C ASP E 395 17.39 30.20 8.13
N LYS E 396 16.59 31.24 7.91
CA LYS E 396 16.81 32.09 6.75
C LYS E 396 18.19 32.75 6.82
N LEU E 397 18.68 33.03 8.03
CA LEU E 397 20.06 33.46 8.17
C LEU E 397 21.02 32.39 7.68
N THR E 398 20.77 31.14 8.05
CA THR E 398 21.60 30.04 7.56
C THR E 398 21.45 29.90 6.05
N VAL E 399 20.22 29.97 5.54
CA VAL E 399 20.02 29.90 4.10
C VAL E 399 20.72 31.06 3.41
N GLU E 400 20.75 32.22 4.06
CA GLU E 400 21.47 33.36 3.53
C GLU E 400 22.93 33.40 3.98
N ARG E 401 23.31 32.54 4.92
CA ARG E 401 24.73 32.43 5.26
C ARG E 401 25.39 31.30 4.49
N ALA E 402 24.68 30.17 4.33
CA ALA E 402 25.32 29.00 3.75
C ALA E 402 25.25 29.01 2.22
N ARG E 403 24.07 29.29 1.66
CA ARG E 403 23.95 29.28 0.21
C ARG E 403 24.89 30.31 -0.42
N LYS E 404 25.30 31.30 0.37
CA LYS E 404 26.42 32.15 -0.07
C LYS E 404 27.75 31.51 0.27
N ILE E 405 27.84 30.83 1.42
CA ILE E 405 29.08 30.14 1.78
C ILE E 405 29.33 28.95 0.88
N GLN E 406 28.27 28.17 0.61
CA GLN E 406 28.40 27.06 -0.35
C GLN E 406 28.75 27.59 -1.72
N ARG E 407 28.14 28.71 -2.13
CA ARG E 407 28.64 29.42 -3.30
C ARG E 407 30.04 29.95 -3.06
N PHE E 408 30.33 30.48 -1.87
CA PHE E 408 31.68 30.92 -1.57
C PHE E 408 32.65 29.76 -1.47
N LEU E 409 32.16 28.53 -1.40
CA LEU E 409 33.05 27.37 -1.36
C LEU E 409 33.95 27.34 -2.58
N SER E 410 33.44 27.81 -3.72
CA SER E 410 34.23 27.87 -4.93
C SER E 410 35.50 28.70 -4.74
N GLN E 411 36.47 28.49 -5.62
CA GLN E 411 37.66 29.31 -5.70
C GLN E 411 38.36 29.04 -7.03
N PRO E 412 38.67 30.07 -7.82
CA PRO E 412 39.44 29.83 -9.04
C PRO E 412 40.83 29.34 -8.71
N PHE E 413 41.40 28.53 -9.61
CA PHE E 413 42.65 27.84 -9.35
C PHE E 413 43.84 28.58 -9.96
N ALA E 414 44.99 28.48 -9.28
CA ALA E 414 46.22 29.07 -9.80
C ALA E 414 46.70 28.34 -11.05
N VAL E 415 46.25 27.11 -11.26
CA VAL E 415 46.61 26.37 -12.47
C VAL E 415 45.47 26.30 -13.50
N ALA E 416 44.21 26.45 -13.07
CA ALA E 416 43.11 26.44 -14.01
C ALA E 416 43.01 27.72 -14.83
N GLU E 417 44.14 28.36 -15.13
CA GLU E 417 44.12 29.61 -15.87
C GLU E 417 43.56 29.47 -17.28
N VAL E 418 43.93 28.40 -18.00
CA VAL E 418 43.67 28.34 -19.43
C VAL E 418 42.20 28.34 -19.81
N PHE E 419 41.33 27.83 -18.94
CA PHE E 419 39.92 27.69 -19.29
C PHE E 419 39.08 28.82 -18.75
N THR E 420 39.01 28.95 -17.42
CA THR E 420 38.08 29.87 -16.76
C THR E 420 38.39 31.34 -17.03
N GLY E 421 39.66 31.74 -16.98
CA GLY E 421 40.03 33.11 -17.22
C GLY E 421 40.07 33.99 -16.00
N ILE E 422 39.62 33.52 -14.85
CA ILE E 422 39.72 34.31 -13.62
C ILE E 422 41.09 34.05 -12.99
N PRO E 423 41.86 35.09 -12.68
CA PRO E 423 43.16 34.85 -12.03
C PRO E 423 42.98 34.16 -10.69
N GLY E 424 43.93 33.26 -10.38
CA GLY E 424 43.75 32.31 -9.30
C GLY E 424 43.85 32.92 -7.91
N LYS E 425 43.42 32.11 -6.93
CA LYS E 425 43.37 32.49 -5.52
C LYS E 425 44.12 31.47 -4.68
N LEU E 426 44.89 31.95 -3.70
CA LEU E 426 45.73 31.09 -2.87
C LEU E 426 45.84 31.63 -1.44
N VAL E 427 44.71 31.80 -0.76
CA VAL E 427 44.74 32.21 0.63
C VAL E 427 45.30 31.08 1.51
N ARG E 428 45.56 31.39 2.77
CA ARG E 428 46.19 30.44 3.68
C ARG E 428 45.18 29.85 4.65
N LEU E 429 45.71 29.02 5.56
CA LEU E 429 44.88 28.43 6.61
C LEU E 429 44.37 29.48 7.58
N LYS E 430 45.28 30.33 8.09
CA LYS E 430 44.85 31.43 8.95
C LYS E 430 43.94 32.39 8.20
N ASP E 431 43.99 32.36 6.87
CA ASP E 431 43.05 33.15 6.08
C ASP E 431 41.72 32.42 5.94
N THR E 432 41.71 31.24 5.34
CA THR E 432 40.46 30.58 4.98
C THR E 432 39.64 30.22 6.22
N VAL E 433 40.30 29.74 7.28
CA VAL E 433 39.57 29.32 8.46
C VAL E 433 38.75 30.47 9.03
N ALA E 434 39.41 31.56 9.42
CA ALA E 434 38.68 32.73 9.90
C ALA E 434 37.81 33.32 8.80
N SER E 435 38.14 33.07 7.54
CA SER E 435 37.30 33.57 6.45
C SER E 435 35.91 32.96 6.51
N PHE E 436 35.82 31.63 6.58
CA PHE E 436 34.52 31.00 6.59
C PHE E 436 33.74 31.33 7.85
N LYS E 437 34.44 31.51 8.98
CA LYS E 437 33.76 31.88 10.22
C LYS E 437 33.10 33.24 10.10
N ALA E 438 33.81 34.22 9.55
CA ALA E 438 33.21 35.53 9.34
C ALA E 438 32.03 35.45 8.39
N VAL E 439 32.12 34.59 7.37
CA VAL E 439 30.96 34.32 6.52
C VAL E 439 29.82 33.74 7.35
N LEU E 440 30.15 32.81 8.24
CA LEU E 440 29.16 32.31 9.19
C LEU E 440 28.77 33.40 10.18
N GLU E 441 29.74 34.18 10.66
CA GLU E 441 29.48 35.17 11.71
C GLU E 441 28.56 36.29 11.24
N GLY E 442 28.37 36.43 9.93
CA GLY E 442 27.50 37.47 9.44
C GLY E 442 28.09 38.86 9.44
N LYS E 443 29.35 39.02 9.80
CA LYS E 443 29.98 40.34 9.77
C LYS E 443 29.96 40.94 8.37
N TYR E 444 29.91 40.10 7.33
CA TYR E 444 29.71 40.56 5.97
C TYR E 444 28.44 39.97 5.38
N ASP E 445 27.41 39.82 6.21
CA ASP E 445 26.17 39.17 5.75
C ASP E 445 25.46 40.01 4.70
N ASN E 446 25.86 41.26 4.52
CA ASN E 446 25.23 42.12 3.52
C ASN E 446 25.80 41.91 2.12
N ILE E 447 26.76 41.00 1.96
CA ILE E 447 27.41 40.86 0.66
C ILE E 447 26.42 40.30 -0.36
N PRO E 448 26.62 40.54 -1.65
CA PRO E 448 25.65 40.05 -2.65
C PRO E 448 25.78 38.55 -2.86
N GLU E 449 24.98 38.04 -3.80
CA GLU E 449 24.95 36.60 -4.04
C GLU E 449 26.30 36.09 -4.52
N HIS E 450 26.85 36.70 -5.57
CA HIS E 450 28.13 36.26 -6.10
C HIS E 450 29.31 36.93 -5.42
N ALA E 451 29.06 37.68 -4.34
CA ALA E 451 30.12 38.47 -3.73
C ALA E 451 31.22 37.61 -3.13
N PHE E 452 30.87 36.57 -2.39
CA PHE E 452 31.89 35.72 -1.81
C PHE E 452 32.17 34.48 -2.64
N TYR E 453 31.38 34.23 -3.69
CA TYR E 453 31.57 33.06 -4.54
C TYR E 453 32.65 33.33 -5.58
N MET E 454 33.37 32.28 -5.97
CA MET E 454 34.44 32.37 -6.96
C MET E 454 35.39 33.51 -6.58
N VAL E 455 35.74 33.56 -5.30
CA VAL E 455 36.46 34.68 -4.71
C VAL E 455 37.69 34.18 -3.99
N GLY E 456 38.39 35.11 -3.36
CA GLY E 456 39.50 34.78 -2.47
C GLY E 456 39.05 34.68 -1.04
N GLY E 457 39.82 35.23 -0.11
CA GLY E 457 39.48 35.16 1.29
C GLY E 457 38.29 36.05 1.64
N ILE E 458 37.99 36.11 2.94
CA ILE E 458 36.89 36.94 3.42
C ILE E 458 37.15 38.41 3.11
N GLU E 459 38.38 38.88 3.39
CA GLU E 459 38.73 40.26 3.03
C GLU E 459 38.69 40.46 1.51
N ASP E 460 38.79 39.37 0.75
CA ASP E 460 38.68 39.45 -0.70
C ASP E 460 37.25 39.34 -1.20
N VAL E 461 36.28 39.06 -0.32
CA VAL E 461 34.88 39.02 -0.73
C VAL E 461 34.26 40.42 -0.66
N VAL E 462 34.96 41.36 -0.02
CA VAL E 462 34.45 42.73 0.07
C VAL E 462 34.48 43.40 -1.29
N ALA E 463 35.61 43.29 -2.00
CA ALA E 463 35.77 44.02 -3.24
C ALA E 463 34.86 43.49 -4.34
N LYS E 464 34.57 42.19 -4.32
CA LYS E 464 33.83 41.56 -5.41
C LYS E 464 32.47 42.22 -5.59
N ALA E 465 31.75 42.45 -4.49
CA ALA E 465 30.51 43.18 -4.59
C ALA E 465 30.76 44.66 -4.86
N GLU E 466 31.78 45.24 -4.21
CA GLU E 466 32.01 46.68 -4.32
C GLU E 466 32.33 47.08 -5.76
N LYS E 467 33.17 46.31 -6.44
CA LYS E 467 33.48 46.62 -7.83
C LYS E 467 32.33 46.26 -8.76
N LEU E 468 31.55 45.23 -8.42
CA LEU E 468 30.39 44.87 -9.25
C LEU E 468 29.22 45.80 -9.00
N ALA E 469 29.15 46.39 -7.81
CA ALA E 469 28.08 47.35 -7.52
C ALA E 469 28.27 48.66 -8.27
N ALA E 470 29.43 48.87 -8.89
CA ALA E 470 29.64 50.09 -9.67
C ALA E 470 28.76 50.12 -10.91
N GLU E 471 28.42 48.95 -11.46
CA GLU E 471 27.58 48.91 -12.66
C GLU E 471 26.15 49.32 -12.36
N ALA E 472 25.68 49.08 -11.14
CA ALA E 472 24.34 49.50 -10.76
C ALA E 472 24.32 50.96 -10.36
N ASN E 473 25.49 51.55 -10.15
CA ASN E 473 25.62 52.96 -9.77
C ASN E 473 27.05 53.45 -9.95
N SER F 1 49.88 -63.48 5.56
CA SER F 1 49.44 -62.12 5.33
C SER F 1 50.22 -61.47 4.20
N THR F 2 49.56 -60.57 3.46
CA THR F 2 50.15 -59.88 2.31
C THR F 2 49.91 -58.39 2.47
N PRO F 3 50.65 -57.72 3.35
CA PRO F 3 50.53 -56.27 3.45
C PRO F 3 50.98 -55.62 2.15
N ILE F 4 50.02 -55.08 1.41
CA ILE F 4 50.34 -54.45 0.14
C ILE F 4 51.17 -53.20 0.41
N THR F 5 52.40 -53.18 -0.10
CA THR F 5 53.30 -52.08 0.16
C THR F 5 52.81 -50.80 -0.50
N GLY F 6 53.15 -49.67 0.07
CA GLY F 6 52.79 -48.37 -0.48
C GLY F 6 54.00 -47.44 -0.52
N LYS F 7 53.77 -46.22 -1.00
CA LYS F 7 54.79 -45.17 -0.97
C LYS F 7 54.05 -43.83 -0.96
N VAL F 8 54.26 -43.04 0.10
CA VAL F 8 53.60 -41.75 0.20
C VAL F 8 54.31 -40.77 -0.73
N THR F 9 53.77 -40.62 -1.93
CA THR F 9 54.45 -39.86 -2.96
C THR F 9 53.94 -38.44 -3.12
N ALA F 10 52.65 -38.20 -2.95
CA ALA F 10 52.10 -36.86 -3.20
C ALA F 10 50.95 -36.59 -2.25
N VAL F 11 51.18 -35.66 -1.33
CA VAL F 11 50.14 -35.21 -0.40
C VAL F 11 49.67 -33.85 -0.84
N ILE F 12 48.69 -33.81 -1.73
CA ILE F 12 48.19 -32.57 -2.30
C ILE F 12 47.17 -32.04 -1.30
N GLY F 13 47.63 -31.26 -0.34
CA GLY F 13 46.77 -30.85 0.75
C GLY F 13 46.28 -32.07 1.49
N ALA F 14 45.00 -32.07 1.83
CA ALA F 14 44.41 -33.24 2.49
C ALA F 14 44.42 -34.45 1.56
N ILE F 15 44.04 -34.27 0.29
CA ILE F 15 44.06 -35.38 -0.65
C ILE F 15 45.50 -35.84 -0.87
N VAL F 16 45.73 -37.13 -0.71
CA VAL F 16 47.07 -37.70 -0.76
C VAL F 16 47.13 -38.73 -1.88
N ASP F 17 48.32 -38.91 -2.46
CA ASP F 17 48.53 -39.85 -3.55
C ASP F 17 49.62 -40.84 -3.14
N VAL F 18 49.26 -42.12 -3.06
CA VAL F 18 50.21 -43.17 -2.69
C VAL F 18 50.26 -44.20 -3.79
N HIS F 19 51.47 -44.49 -4.25
CA HIS F 19 51.71 -45.46 -5.30
C HIS F 19 52.06 -46.80 -4.70
N PHE F 20 51.51 -47.86 -5.27
CA PHE F 20 51.75 -49.19 -4.74
C PHE F 20 52.20 -50.13 -5.85
N GLU F 21 52.16 -51.43 -5.60
CA GLU F 21 52.59 -52.44 -6.55
C GLU F 21 51.42 -52.93 -7.39
N GLN F 22 51.75 -53.45 -8.57
CA GLN F 22 50.73 -53.99 -9.45
C GLN F 22 50.01 -55.15 -8.78
N SER F 23 48.72 -55.25 -9.03
CA SER F 23 47.81 -56.26 -8.51
C SER F 23 47.62 -56.15 -7.00
N GLU F 24 48.33 -55.25 -6.33
CA GLU F 24 48.16 -55.04 -4.90
C GLU F 24 47.42 -53.75 -4.57
N LEU F 25 47.11 -52.94 -5.58
CA LEU F 25 46.48 -51.66 -5.32
C LEU F 25 45.08 -51.87 -4.75
N PRO F 26 44.78 -51.26 -3.60
CA PRO F 26 43.42 -51.36 -3.07
C PRO F 26 42.43 -50.73 -4.04
N ALA F 27 41.22 -51.28 -4.03
CA ALA F 27 40.16 -50.74 -4.86
C ALA F 27 39.72 -49.40 -4.29
N ILE F 28 38.76 -48.74 -4.95
CA ILE F 28 38.28 -47.45 -4.49
C ILE F 28 37.61 -47.60 -3.12
N LEU F 29 37.85 -46.62 -2.26
CA LEU F 29 37.27 -46.47 -0.92
C LEU F 29 37.81 -47.49 0.08
N ASN F 30 38.71 -48.38 -0.31
CA ASN F 30 39.31 -49.26 0.67
C ASN F 30 40.19 -48.45 1.62
N ALA F 31 39.98 -48.65 2.91
CA ALA F 31 40.67 -47.86 3.93
C ALA F 31 42.14 -48.22 3.91
N LEU F 32 43.00 -47.20 4.02
CA LEU F 32 44.44 -47.38 4.08
C LEU F 32 44.96 -46.72 5.33
N GLU F 33 45.89 -47.39 6.01
CA GLU F 33 46.38 -46.93 7.29
C GLU F 33 47.87 -46.65 7.22
N ILE F 34 48.25 -45.45 7.65
CA ILE F 34 49.64 -45.08 7.85
C ILE F 34 49.80 -44.66 9.31
N LYS F 35 50.75 -45.27 10.00
CA LYS F 35 50.91 -45.10 11.43
C LYS F 35 52.15 -44.27 11.70
N THR F 36 52.00 -42.95 11.65
CA THR F 36 53.10 -42.04 11.88
C THR F 36 53.33 -41.85 13.38
N PRO F 37 54.32 -41.03 13.75
CA PRO F 37 54.55 -40.79 15.19
C PRO F 37 53.33 -40.22 15.89
N GLN F 38 52.44 -39.56 15.16
CA GLN F 38 51.17 -39.11 15.70
C GLN F 38 50.07 -40.15 15.48
N GLY F 39 50.37 -41.37 15.89
CA GLY F 39 49.38 -42.43 15.90
C GLY F 39 49.17 -43.01 14.51
N LYS F 40 47.92 -43.09 14.09
CA LYS F 40 47.59 -43.71 12.83
C LYS F 40 46.82 -42.72 11.98
N LEU F 41 47.29 -42.54 10.75
CA LEU F 41 46.60 -41.74 9.76
C LEU F 41 45.83 -42.68 8.87
N VAL F 42 44.52 -42.46 8.78
CA VAL F 42 43.64 -43.32 8.02
C VAL F 42 43.41 -42.68 6.67
N LEU F 43 43.57 -43.46 5.61
CA LEU F 43 43.28 -43.02 4.26
C LEU F 43 42.16 -43.86 3.68
N GLU F 44 41.16 -43.20 3.11
CA GLU F 44 40.13 -43.83 2.32
C GLU F 44 40.51 -43.68 0.87
N VAL F 45 40.59 -44.79 0.14
CA VAL F 45 41.04 -44.74 -1.24
C VAL F 45 40.10 -43.84 -2.03
N ALA F 46 40.60 -42.70 -2.47
CA ALA F 46 39.76 -41.71 -3.11
C ALA F 46 39.49 -42.03 -4.57
N GLN F 47 40.53 -42.13 -5.39
CA GLN F 47 40.36 -42.47 -6.79
C GLN F 47 41.46 -43.43 -7.19
N HIS F 48 41.19 -44.21 -8.23
CA HIS F 48 42.23 -45.03 -8.84
C HIS F 48 42.72 -44.27 -10.07
N LEU F 49 43.90 -43.69 -9.96
CA LEU F 49 44.44 -42.83 -11.00
C LEU F 49 45.36 -43.57 -11.96
N GLY F 50 45.49 -44.88 -11.77
CA GLY F 50 46.38 -45.65 -12.62
C GLY F 50 47.82 -45.57 -12.16
N GLU F 51 48.71 -46.02 -13.06
CA GLU F 51 50.14 -46.01 -12.83
C GLU F 51 50.50 -46.66 -11.50
N ASN F 52 49.66 -47.58 -11.03
CA ASN F 52 49.82 -48.19 -9.71
C ASN F 52 49.95 -47.11 -8.63
N THR F 53 49.26 -46.00 -8.83
CA THR F 53 49.27 -44.88 -7.90
C THR F 53 47.85 -44.63 -7.39
N VAL F 54 47.69 -44.66 -6.08
CA VAL F 54 46.39 -44.51 -5.44
C VAL F 54 46.33 -43.13 -4.79
N ARG F 55 45.37 -42.32 -5.23
CA ARG F 55 45.12 -41.02 -4.64
C ARG F 55 44.04 -41.17 -3.59
N THR F 56 44.30 -40.65 -2.40
CA THR F 56 43.39 -40.84 -1.27
C THR F 56 43.17 -39.51 -0.57
N ILE F 57 42.03 -39.42 0.12
CA ILE F 57 41.69 -38.27 0.96
C ILE F 57 41.64 -38.74 2.40
N ALA F 58 42.67 -38.40 3.16
CA ALA F 58 42.85 -38.98 4.48
C ALA F 58 41.74 -38.56 5.43
N MET F 59 41.31 -39.49 6.26
CA MET F 59 40.33 -39.19 7.30
C MET F 59 40.97 -38.57 8.53
N ASP F 60 42.16 -37.99 8.39
CA ASP F 60 42.81 -37.26 9.46
C ASP F 60 43.63 -36.15 8.85
N GLY F 61 44.07 -35.21 9.67
CA GLY F 61 44.87 -34.10 9.18
C GLY F 61 46.25 -34.54 8.75
N THR F 62 46.51 -34.52 7.44
CA THR F 62 47.72 -35.13 6.91
C THR F 62 48.98 -34.38 7.27
N GLU F 63 48.92 -33.48 8.26
CA GLU F 63 50.10 -32.75 8.67
C GLU F 63 51.17 -33.70 9.19
N GLY F 64 52.40 -33.45 8.77
CA GLY F 64 53.53 -34.27 9.17
C GLY F 64 53.72 -35.52 8.34
N LEU F 65 52.95 -35.69 7.26
CA LEU F 65 53.05 -36.86 6.39
C LEU F 65 54.32 -36.69 5.57
N VAL F 66 55.14 -37.74 5.54
CA VAL F 66 56.44 -37.64 4.92
C VAL F 66 56.45 -38.38 3.59
N ARG F 67 57.31 -37.94 2.68
CA ARG F 67 57.53 -38.67 1.45
C ARG F 67 58.22 -39.98 1.76
N GLY F 68 57.98 -40.98 0.92
CA GLY F 68 58.57 -42.28 1.10
C GLY F 68 57.90 -43.14 2.14
N GLU F 69 56.81 -42.69 2.75
CA GLU F 69 56.10 -43.50 3.72
C GLU F 69 55.26 -44.56 3.03
N LYS F 70 55.44 -45.81 3.46
CA LYS F 70 54.74 -46.93 2.87
C LYS F 70 53.34 -47.07 3.44
N VAL F 71 52.36 -47.32 2.57
CA VAL F 71 50.96 -47.41 2.97
C VAL F 71 50.51 -48.85 2.78
N LEU F 72 49.72 -49.34 3.73
CA LEU F 72 49.14 -50.66 3.67
C LEU F 72 47.63 -50.53 3.49
N ASP F 73 47.07 -51.43 2.67
CA ASP F 73 45.66 -51.42 2.35
C ASP F 73 44.95 -52.44 3.23
N THR F 74 44.17 -51.94 4.19
CA THR F 74 43.43 -52.82 5.09
C THR F 74 42.33 -53.58 4.37
N GLY F 75 42.20 -53.42 3.05
CA GLY F 75 41.30 -54.24 2.27
C GLY F 75 39.84 -54.07 2.62
N GLY F 76 39.40 -52.84 2.88
CA GLY F 76 38.01 -52.60 3.15
C GLY F 76 37.75 -51.18 3.57
N PRO F 77 36.50 -50.89 3.95
CA PRO F 77 36.17 -49.53 4.39
C PRO F 77 36.83 -49.18 5.71
N ILE F 78 36.52 -48.01 6.25
CA ILE F 78 37.12 -47.54 7.49
C ILE F 78 36.85 -48.55 8.60
N SER F 79 37.90 -48.98 9.30
CA SER F 79 37.77 -49.96 10.36
C SER F 79 37.43 -49.29 11.67
N VAL F 80 36.38 -49.78 12.33
CA VAL F 80 35.92 -49.20 13.59
C VAL F 80 35.30 -50.28 14.46
N PRO F 81 35.48 -50.23 15.77
CA PRO F 81 34.89 -51.26 16.63
C PRO F 81 33.37 -51.21 16.61
N VAL F 82 32.75 -52.35 16.90
CA VAL F 82 31.31 -52.52 16.82
C VAL F 82 30.82 -53.27 18.05
N GLY F 83 29.53 -53.13 18.32
CA GLY F 83 28.88 -53.77 19.44
C GLY F 83 28.32 -52.78 20.44
N ARG F 84 27.65 -53.33 21.45
CA ARG F 84 27.19 -52.50 22.55
C ARG F 84 28.30 -52.21 23.55
N GLU F 85 29.44 -52.89 23.40
CA GLU F 85 30.55 -52.66 24.32
C GLU F 85 31.06 -51.22 24.24
N THR F 86 31.34 -50.73 23.03
CA THR F 86 31.81 -49.37 22.88
C THR F 86 30.69 -48.36 23.05
N LEU F 87 29.43 -48.80 22.94
CA LEU F 87 28.31 -47.88 22.99
C LEU F 87 28.30 -47.10 24.30
N GLY F 88 28.15 -45.79 24.18
CA GLY F 88 28.17 -44.94 25.37
C GLY F 88 29.52 -44.40 25.75
N ARG F 89 30.21 -43.74 24.80
CA ARG F 89 31.49 -43.09 25.05
C ARG F 89 31.79 -42.18 23.88
N ILE F 90 32.96 -41.57 23.89
CA ILE F 90 33.45 -40.83 22.73
C ILE F 90 34.35 -41.77 21.95
N ILE F 91 33.93 -42.14 20.75
CA ILE F 91 34.67 -43.05 19.90
C ILE F 91 35.19 -42.24 18.72
N ASN F 92 36.51 -42.23 18.56
CA ASN F 92 37.08 -41.50 17.44
C ASN F 92 36.57 -42.07 16.13
N VAL F 93 36.25 -41.17 15.20
CA VAL F 93 35.91 -41.63 13.86
C VAL F 93 37.05 -42.43 13.27
N ILE F 94 38.27 -42.21 13.76
CA ILE F 94 39.40 -43.07 13.44
C ILE F 94 39.18 -44.46 14.00
N GLY F 95 38.38 -44.57 15.05
CA GLY F 95 38.01 -45.87 15.57
C GLY F 95 38.37 -46.08 17.02
N GLU F 96 39.52 -45.56 17.41
CA GLU F 96 40.02 -45.79 18.75
C GLU F 96 39.12 -45.08 19.77
N PRO F 97 39.18 -45.46 21.03
CA PRO F 97 38.39 -44.74 22.03
C PRO F 97 38.86 -43.31 22.18
N ILE F 98 38.18 -42.39 21.52
CA ILE F 98 38.40 -40.98 21.75
C ILE F 98 37.92 -40.58 23.14
N ASP F 99 37.11 -41.42 23.79
CA ASP F 99 36.60 -41.13 25.12
C ASP F 99 37.70 -40.98 26.15
N GLU F 100 38.90 -41.49 25.87
CA GLU F 100 40.01 -41.46 26.81
C GLU F 100 39.66 -42.14 28.12
N ARG F 101 38.49 -42.78 28.18
CA ARG F 101 38.07 -43.57 29.32
C ARG F 101 38.37 -45.05 29.13
N GLY F 102 39.29 -45.38 28.22
CA GLY F 102 39.68 -46.75 27.98
C GLY F 102 39.36 -47.21 26.58
N PRO F 103 40.29 -47.94 25.97
CA PRO F 103 40.06 -48.46 24.62
C PRO F 103 38.83 -49.33 24.55
N ILE F 104 38.05 -49.13 23.50
CA ILE F 104 36.84 -49.92 23.32
C ILE F 104 37.23 -51.32 22.90
N LYS F 105 37.22 -52.26 23.84
CA LYS F 105 37.60 -53.63 23.56
C LYS F 105 36.47 -54.35 22.83
N SER F 106 35.96 -53.72 21.79
CA SER F 106 34.94 -54.30 20.93
C SER F 106 35.70 -55.14 19.92
N LYS F 107 35.90 -56.41 20.26
CA LYS F 107 36.69 -57.30 19.42
C LYS F 107 36.14 -57.32 18.00
N LEU F 108 34.82 -57.28 17.86
CA LEU F 108 34.23 -57.12 16.54
C LEU F 108 34.38 -55.68 16.07
N ARG F 109 34.98 -55.50 14.90
CA ARG F 109 35.12 -54.19 14.28
C ARG F 109 34.39 -54.22 12.95
N LYS F 110 33.53 -53.23 12.75
CA LYS F 110 32.66 -53.18 11.59
C LYS F 110 33.09 -52.03 10.70
N PRO F 111 32.78 -52.10 9.42
CA PRO F 111 33.28 -51.12 8.46
C PRO F 111 32.57 -49.77 8.62
N ILE F 112 32.75 -48.93 7.61
CA ILE F 112 32.06 -47.65 7.54
C ILE F 112 31.25 -47.59 6.25
N HIS F 113 31.93 -47.60 5.11
CA HIS F 113 31.26 -47.58 3.82
C HIS F 113 30.56 -48.90 3.59
N ALA F 114 29.27 -48.85 3.25
CA ALA F 114 28.44 -50.03 3.22
C ALA F 114 27.65 -50.07 1.92
N ASP F 115 27.28 -51.23 1.53
CA ASP F 115 26.36 -51.32 0.41
C ASP F 115 24.98 -50.83 0.82
N PRO F 116 24.26 -50.17 -0.07
CA PRO F 116 22.88 -49.78 0.23
C PRO F 116 22.02 -51.03 0.41
N PRO F 117 21.06 -51.00 1.32
CA PRO F 117 20.28 -52.21 1.61
C PRO F 117 19.27 -52.49 0.50
N SER F 118 18.61 -53.64 0.64
CA SER F 118 17.59 -54.07 -0.31
C SER F 118 16.27 -53.33 -0.09
N PHE F 119 15.95 -52.40 -0.98
CA PHE F 119 14.64 -51.74 -0.91
C PHE F 119 13.50 -52.73 -1.10
N ALA F 120 13.77 -53.88 -1.72
CA ALA F 120 12.73 -54.87 -1.96
C ALA F 120 12.16 -55.45 -0.67
N GLU F 121 13.00 -55.72 0.33
CA GLU F 121 12.54 -56.28 1.59
C GLU F 121 12.35 -55.20 2.68
N GLN F 122 12.35 -53.93 2.31
CA GLN F 122 12.18 -52.85 3.28
C GLN F 122 10.73 -52.71 3.71
N SER F 123 10.42 -51.59 4.37
CA SER F 123 9.06 -51.34 4.86
C SER F 123 8.33 -50.37 3.93
N THR F 124 7.76 -50.93 2.87
CA THR F 124 6.85 -50.14 2.04
C THR F 124 5.56 -49.82 2.77
N SER F 125 4.96 -50.83 3.39
CA SER F 125 3.88 -50.64 4.35
C SER F 125 4.47 -50.49 5.75
N ALA F 126 5.20 -49.39 5.93
CA ALA F 126 6.05 -49.20 7.10
C ALA F 126 5.21 -49.20 8.38
N GLU F 127 5.80 -49.70 9.46
CA GLU F 127 5.10 -49.83 10.73
C GLU F 127 5.12 -48.52 11.50
N ILE F 128 3.95 -48.16 12.04
CA ILE F 128 3.88 -46.98 12.91
C ILE F 128 4.71 -47.27 14.16
N LEU F 129 5.52 -46.31 14.56
CA LEU F 129 6.44 -46.48 15.67
C LEU F 129 6.05 -45.54 16.80
N GLU F 130 5.96 -46.07 18.02
CA GLU F 130 5.71 -45.24 19.18
C GLU F 130 7.03 -44.75 19.77
N THR F 131 7.12 -43.43 19.94
CA THR F 131 8.36 -42.83 20.41
C THR F 131 8.46 -42.75 21.92
N GLY F 132 7.33 -42.70 22.62
CA GLY F 132 7.32 -42.31 24.02
C GLY F 132 6.87 -40.89 24.24
N ILE F 133 6.75 -40.08 23.19
CA ILE F 133 6.26 -38.72 23.27
C ILE F 133 4.81 -38.71 22.84
N LYS F 134 3.90 -38.64 23.82
CA LYS F 134 2.47 -38.78 23.55
C LYS F 134 1.99 -37.76 22.53
N VAL F 135 2.43 -36.51 22.68
CA VAL F 135 2.06 -35.48 21.72
C VAL F 135 2.47 -35.90 20.32
N VAL F 136 3.69 -36.41 20.18
CA VAL F 136 4.14 -36.94 18.90
C VAL F 136 3.66 -38.37 18.69
N ASP F 137 3.03 -38.98 19.71
CA ASP F 137 2.48 -40.32 19.57
C ASP F 137 1.01 -40.33 19.24
N LEU F 138 0.38 -39.17 19.08
CA LEU F 138 -1.05 -39.08 18.80
C LEU F 138 -1.35 -38.44 17.46
N LEU F 139 -0.82 -37.24 17.20
CA LEU F 139 -1.25 -36.46 16.04
C LEU F 139 -0.28 -36.57 14.87
N ALA F 140 0.69 -37.48 14.95
CA ALA F 140 1.71 -37.60 13.93
C ALA F 140 1.55 -38.90 13.16
N PRO F 141 1.00 -38.87 11.95
CA PRO F 141 1.02 -40.07 11.12
C PRO F 141 2.45 -40.39 10.71
N TYR F 142 2.98 -41.49 11.26
CA TYR F 142 4.40 -41.78 11.18
C TYR F 142 4.61 -43.13 10.51
N ALA F 143 5.88 -43.57 10.50
CA ALA F 143 6.27 -44.82 9.85
C ALA F 143 7.60 -45.26 10.43
N ARG F 144 7.97 -46.52 10.18
CA ARG F 144 9.24 -47.05 10.68
C ARG F 144 10.32 -46.97 9.60
N GLY F 145 11.56 -46.75 10.05
CA GLY F 145 12.70 -46.73 9.15
C GLY F 145 12.91 -45.43 8.40
N GLY F 146 12.22 -44.37 8.78
CA GLY F 146 12.27 -43.10 8.08
C GLY F 146 13.14 -42.08 8.77
N LYS F 147 12.68 -40.83 8.74
CA LYS F 147 13.41 -39.74 9.37
C LYS F 147 12.42 -38.68 9.81
N ILE F 148 12.85 -37.88 10.80
CA ILE F 148 12.10 -36.72 11.24
C ILE F 148 13.05 -35.82 12.00
N GLY F 149 13.08 -34.54 11.60
CA GLY F 149 13.85 -33.53 12.31
C GLY F 149 13.25 -32.14 12.24
N LEU F 150 13.06 -31.53 13.42
CA LEU F 150 12.60 -30.15 13.50
C LEU F 150 13.31 -29.39 14.61
N PHE F 151 14.58 -29.68 14.85
CA PHE F 151 15.22 -29.35 16.13
C PHE F 151 15.11 -27.89 16.47
N GLY F 152 14.97 -27.02 15.46
CA GLY F 152 14.60 -25.65 15.73
C GLY F 152 15.57 -24.93 16.64
N GLY F 153 15.20 -24.82 17.92
CA GLY F 153 16.08 -24.23 18.91
C GLY F 153 17.38 -24.98 19.06
N ALA F 154 18.47 -24.26 19.31
CA ALA F 154 19.81 -24.84 19.32
C ALA F 154 20.10 -25.44 20.70
N GLY F 155 19.48 -26.58 20.96
CA GLY F 155 19.73 -27.31 22.20
C GLY F 155 19.33 -26.56 23.46
N VAL F 156 18.27 -25.76 23.40
CA VAL F 156 17.78 -25.05 24.57
C VAL F 156 16.89 -26.04 25.30
N GLY F 157 17.52 -26.94 26.06
CA GLY F 157 16.82 -28.04 26.68
C GLY F 157 16.61 -29.24 25.78
N LYS F 158 16.96 -29.15 24.50
CA LYS F 158 16.79 -30.26 23.58
C LYS F 158 17.81 -31.35 23.78
N THR F 159 19.08 -31.00 24.01
CA THR F 159 20.08 -32.00 24.36
C THR F 159 19.73 -32.69 25.67
N VAL F 160 19.08 -31.98 26.59
CA VAL F 160 18.47 -32.65 27.73
C VAL F 160 17.33 -33.55 27.28
N PHE F 161 16.49 -33.09 26.37
CA PHE F 161 15.48 -33.97 25.79
C PHE F 161 16.13 -35.05 24.95
N ILE F 162 17.36 -34.81 24.47
CA ILE F 162 18.01 -35.79 23.61
C ILE F 162 18.38 -37.04 24.39
N GLN F 163 19.13 -36.89 25.48
CA GLN F 163 19.52 -38.05 26.27
C GLN F 163 18.28 -38.73 26.85
N GLU F 164 17.25 -37.95 27.16
CA GLU F 164 16.00 -38.53 27.65
C GLU F 164 15.32 -39.39 26.60
N LEU F 165 15.28 -38.90 25.35
CA LEU F 165 14.72 -39.69 24.26
C LEU F 165 15.54 -40.95 24.07
N ILE F 166 16.86 -40.84 24.19
CA ILE F 166 17.73 -42.02 24.09
C ILE F 166 17.35 -43.04 25.15
N ASN F 167 17.22 -42.62 26.40
CA ASN F 167 16.89 -43.54 27.48
C ASN F 167 15.53 -44.19 27.25
N ASN F 168 14.53 -43.39 26.90
CA ASN F 168 13.19 -43.93 26.72
C ASN F 168 13.13 -44.92 25.56
N ILE F 169 13.72 -44.57 24.42
CA ILE F 169 13.66 -45.45 23.26
C ILE F 169 14.47 -46.72 23.49
N ALA F 170 15.62 -46.60 24.19
CA ALA F 170 16.38 -47.79 24.53
C ALA F 170 15.65 -48.66 25.54
N LYS F 171 14.78 -48.06 26.35
CA LYS F 171 14.03 -48.82 27.33
C LYS F 171 12.83 -49.54 26.70
N ALA F 172 11.82 -48.77 26.28
CA ALA F 172 10.56 -49.37 25.88
C ALA F 172 10.72 -50.29 24.67
N HIS F 173 11.34 -49.80 23.60
CA HIS F 173 11.50 -50.59 22.40
C HIS F 173 12.67 -51.56 22.48
N GLY F 174 13.45 -51.50 23.55
CA GLY F 174 14.57 -52.41 23.71
C GLY F 174 15.67 -52.23 22.70
N GLY F 175 16.06 -51.00 22.41
CA GLY F 175 17.05 -50.76 21.37
C GLY F 175 18.20 -49.86 21.78
N PHE F 176 18.86 -49.26 20.79
CA PHE F 176 19.98 -48.35 21.01
C PHE F 176 19.55 -46.97 20.51
N SER F 177 20.47 -46.00 20.59
CA SER F 177 20.21 -44.69 20.03
C SER F 177 21.55 -44.05 19.66
N VAL F 178 21.57 -43.41 18.50
CA VAL F 178 22.80 -42.87 17.92
C VAL F 178 22.64 -41.38 17.74
N PHE F 179 23.42 -40.60 18.50
CA PHE F 179 23.48 -39.15 18.36
C PHE F 179 24.86 -38.79 17.86
N THR F 180 24.99 -38.63 16.55
CA THR F 180 26.28 -38.48 15.89
C THR F 180 26.53 -37.00 15.61
N GLY F 181 27.63 -36.47 16.15
CA GLY F 181 28.01 -35.09 15.91
C GLY F 181 29.04 -34.89 14.82
N VAL F 182 28.60 -34.59 13.61
CA VAL F 182 29.49 -34.33 12.49
C VAL F 182 29.80 -32.84 12.48
N GLY F 183 31.06 -32.49 12.72
CA GLY F 183 31.43 -31.10 12.85
C GLY F 183 30.76 -30.46 14.06
N GLU F 184 30.73 -31.19 15.17
CA GLU F 184 30.24 -30.66 16.42
C GLU F 184 31.43 -30.15 17.24
N ARG F 185 31.26 -28.98 17.82
CA ARG F 185 32.38 -28.27 18.43
C ARG F 185 32.94 -29.02 19.62
N THR F 186 34.27 -29.01 19.74
CA THR F 186 34.93 -29.64 20.88
C THR F 186 34.48 -29.00 22.19
N ARG F 187 34.22 -27.70 22.18
CA ARG F 187 33.58 -27.09 23.34
C ARG F 187 32.14 -27.57 23.47
N GLU F 188 31.38 -27.54 22.37
CA GLU F 188 30.03 -28.10 22.40
C GLU F 188 30.06 -29.57 22.76
N GLY F 189 31.04 -30.31 22.23
CA GLY F 189 31.18 -31.70 22.61
C GLY F 189 31.47 -31.89 24.08
N ASN F 190 32.34 -31.05 24.65
CA ASN F 190 32.63 -31.13 26.08
C ASN F 190 31.37 -30.88 26.88
N ASP F 191 30.60 -29.85 26.51
CA ASP F 191 29.37 -29.55 27.22
C ASP F 191 28.40 -30.73 27.14
N LEU F 192 28.21 -31.28 25.95
CA LEU F 192 27.27 -32.38 25.78
C LEU F 192 27.74 -33.63 26.53
N TYR F 193 29.05 -33.90 26.53
CA TYR F 193 29.55 -35.10 27.18
C TYR F 193 29.43 -35.03 28.69
N ARG F 194 29.82 -33.89 29.28
CA ARG F 194 29.61 -33.74 30.71
C ARG F 194 28.13 -33.79 31.05
N GLU F 195 27.29 -33.19 30.20
CA GLU F 195 25.86 -33.20 30.43
C GLU F 195 25.30 -34.62 30.41
N MET F 196 25.77 -35.46 29.47
CA MET F 196 25.27 -36.82 29.40
C MET F 196 25.81 -37.70 30.53
N LYS F 197 27.06 -37.47 30.95
CA LYS F 197 27.57 -38.15 32.14
C LYS F 197 26.74 -37.77 33.36
N GLU F 198 26.18 -36.55 33.34
CA GLU F 198 25.24 -36.16 34.37
C GLU F 198 23.80 -36.66 34.10
N THR F 199 23.51 -37.11 32.87
CA THR F 199 22.14 -37.42 32.47
C THR F 199 21.86 -38.92 32.42
N GLY F 200 22.88 -39.76 32.33
CA GLY F 200 22.73 -41.19 32.55
C GLY F 200 22.50 -42.03 31.31
N VAL F 201 22.19 -41.42 30.16
CA VAL F 201 21.96 -42.22 28.97
C VAL F 201 23.21 -42.99 28.58
N ILE F 202 24.37 -42.59 29.09
CA ILE F 202 25.61 -43.32 28.94
C ILE F 202 26.52 -42.89 30.09
N ASN F 203 27.14 -43.86 30.74
CA ASN F 203 27.91 -43.56 31.94
C ASN F 203 29.25 -44.26 31.89
N LEU F 204 30.23 -43.68 32.60
CA LEU F 204 31.57 -44.26 32.64
C LEU F 204 31.53 -45.66 33.25
N GLU F 205 30.55 -45.93 34.10
CA GLU F 205 30.32 -47.26 34.64
C GLU F 205 28.88 -47.73 34.49
N GLY F 206 27.90 -46.83 34.59
CA GLY F 206 26.51 -47.21 34.47
C GLY F 206 26.17 -47.59 33.04
N GLU F 207 25.00 -48.22 32.91
CA GLU F 207 24.57 -48.75 31.63
C GLU F 207 24.29 -47.63 30.65
N SER F 208 24.83 -47.75 29.45
CA SER F 208 24.69 -46.75 28.42
C SER F 208 23.49 -47.08 27.54
N LYS F 209 22.90 -46.01 26.97
CA LYS F 209 21.78 -46.17 26.05
C LYS F 209 21.97 -45.40 24.75
N VAL F 210 22.90 -44.45 24.70
CA VAL F 210 23.04 -43.57 23.55
C VAL F 210 24.42 -43.76 22.95
N ALA F 211 24.52 -43.50 21.64
CA ALA F 211 25.79 -43.58 20.92
C ALA F 211 26.31 -42.19 20.59
N LEU F 212 27.52 -41.90 21.08
CA LEU F 212 28.19 -40.62 20.83
C LEU F 212 29.32 -40.85 19.83
N VAL F 213 28.98 -40.79 18.53
CA VAL F 213 29.94 -40.93 17.44
C VAL F 213 30.07 -39.56 16.80
N PHE F 214 31.05 -38.79 17.27
CA PHE F 214 31.24 -37.42 16.82
C PHE F 214 32.51 -37.32 15.99
N GLY F 215 32.36 -36.85 14.76
CA GLY F 215 33.50 -36.39 13.98
C GLY F 215 33.48 -34.88 13.95
N GLN F 216 34.39 -34.29 14.72
CA GLN F 216 34.28 -32.87 15.02
C GLN F 216 34.95 -32.07 13.92
N MET F 217 34.96 -30.76 14.10
CA MET F 217 35.71 -29.91 13.20
C MET F 217 37.22 -30.09 13.41
N ASN F 218 37.62 -30.58 14.58
CA ASN F 218 39.03 -30.67 14.92
C ASN F 218 39.79 -31.66 14.05
N GLU F 219 39.18 -32.21 13.01
CA GLU F 219 39.87 -33.12 12.10
C GLU F 219 39.68 -32.70 10.65
N PRO F 220 40.35 -33.37 9.72
CA PRO F 220 40.34 -32.94 8.31
C PRO F 220 38.97 -33.06 7.70
N PRO F 221 38.72 -32.36 6.58
CA PRO F 221 37.39 -32.40 5.97
C PRO F 221 36.92 -33.79 5.60
N GLY F 222 37.81 -34.65 5.13
CA GLY F 222 37.41 -36.02 4.86
C GLY F 222 36.89 -36.72 6.10
N ALA F 223 37.48 -36.41 7.25
CA ALA F 223 37.02 -37.00 8.50
C ALA F 223 35.58 -36.59 8.78
N ARG F 224 35.26 -35.31 8.59
CA ARG F 224 33.89 -34.88 8.76
C ARG F 224 32.99 -35.58 7.75
N ALA F 225 33.51 -35.84 6.56
CA ALA F 225 32.69 -36.46 5.52
C ALA F 225 32.33 -37.90 5.88
N ARG F 226 33.25 -38.63 6.50
CA ARG F 226 33.03 -40.06 6.71
C ARG F 226 32.63 -40.41 8.13
N VAL F 227 32.70 -39.48 9.09
CA VAL F 227 32.36 -39.82 10.46
C VAL F 227 30.88 -40.12 10.59
N ALA F 228 30.03 -39.40 9.85
CA ALA F 228 28.61 -39.66 9.90
C ALA F 228 28.30 -41.09 9.45
N LEU F 229 28.94 -41.54 8.38
CA LEU F 229 28.75 -42.92 7.94
C LEU F 229 29.30 -43.89 8.97
N THR F 230 30.39 -43.54 9.65
CA THR F 230 30.86 -44.38 10.74
C THR F 230 29.78 -44.54 11.80
N GLY F 231 29.12 -43.43 12.15
CA GLY F 231 28.05 -43.50 13.14
C GLY F 231 26.87 -44.33 12.67
N LEU F 232 26.47 -44.15 11.41
CA LEU F 232 25.33 -44.89 10.88
C LEU F 232 25.63 -46.38 10.83
N THR F 233 26.85 -46.75 10.44
CA THR F 233 27.22 -48.16 10.46
C THR F 233 27.26 -48.71 11.88
N ILE F 234 27.75 -47.92 12.85
CA ILE F 234 27.74 -48.37 14.23
C ILE F 234 26.32 -48.65 14.68
N ALA F 235 25.40 -47.74 14.36
CA ALA F 235 24.00 -47.91 14.74
C ALA F 235 23.39 -49.14 14.07
N GLU F 236 23.68 -49.33 12.78
CA GLU F 236 23.15 -50.49 12.08
C GLU F 236 23.71 -51.79 12.66
N TYR F 237 24.99 -51.78 13.04
CA TYR F 237 25.59 -52.97 13.64
C TYR F 237 24.92 -53.31 14.97
N PHE F 238 24.85 -52.33 15.88
CA PHE F 238 24.23 -52.59 17.17
C PHE F 238 22.76 -52.96 17.03
N ARG F 239 22.08 -52.42 16.01
CA ARG F 239 20.69 -52.81 15.79
C ARG F 239 20.61 -54.25 15.30
N ASP F 240 21.41 -54.61 14.31
CA ASP F 240 21.34 -55.94 13.74
C ASP F 240 22.07 -56.99 14.57
N GLU F 241 22.99 -56.58 15.46
CA GLU F 241 23.68 -57.53 16.33
C GLU F 241 22.94 -57.80 17.62
N GLU F 242 21.81 -57.12 17.84
CA GLU F 242 20.93 -57.44 18.95
C GLU F 242 19.46 -57.40 18.54
N GLY F 243 19.15 -57.24 17.27
CA GLY F 243 17.77 -57.09 16.84
C GLY F 243 17.09 -55.91 17.51
N GLN F 244 17.87 -54.90 17.88
CA GLN F 244 17.40 -53.81 18.71
C GLN F 244 17.06 -52.61 17.85
N ASP F 245 15.80 -52.19 17.91
CA ASP F 245 15.31 -51.06 17.12
C ASP F 245 15.92 -49.79 17.68
N VAL F 246 16.86 -49.21 16.93
CA VAL F 246 17.63 -48.06 17.39
C VAL F 246 17.20 -46.83 16.60
N LEU F 247 16.69 -45.81 17.31
CA LEU F 247 16.49 -44.50 16.72
C LEU F 247 17.82 -43.77 16.65
N LEU F 248 18.06 -43.09 15.53
CA LEU F 248 19.32 -42.39 15.30
C LEU F 248 19.11 -40.88 15.26
N PHE F 249 20.03 -40.14 15.89
CA PHE F 249 20.03 -38.69 15.87
C PHE F 249 21.28 -38.22 15.15
N ILE F 250 21.12 -37.28 14.22
CA ILE F 250 22.22 -36.81 13.39
C ILE F 250 22.53 -35.37 13.77
N ASP F 251 23.81 -34.98 13.67
CA ASP F 251 24.19 -33.63 14.05
C ASP F 251 23.49 -32.60 13.19
N ASN F 252 23.78 -32.58 11.90
CA ASN F 252 23.13 -31.64 11.00
C ASN F 252 23.32 -32.17 9.60
N ILE F 253 22.21 -32.39 8.88
CA ILE F 253 22.32 -32.78 7.49
C ILE F 253 23.07 -31.71 6.71
N PHE F 254 22.86 -30.44 7.06
CA PHE F 254 23.64 -29.37 6.45
C PHE F 254 25.11 -29.54 6.75
N ARG F 255 25.45 -29.91 7.98
CA ARG F 255 26.86 -30.11 8.32
C ARG F 255 27.49 -31.19 7.44
N PHE F 256 26.83 -32.34 7.33
CA PHE F 256 27.40 -33.44 6.56
C PHE F 256 27.48 -33.11 5.08
N THR F 257 26.41 -32.52 4.54
CA THR F 257 26.42 -32.18 3.12
C THR F 257 27.50 -31.14 2.82
N GLN F 258 27.65 -30.14 3.69
CA GLN F 258 28.69 -29.14 3.48
C GLN F 258 30.07 -29.77 3.57
N ALA F 259 30.30 -30.67 4.53
CA ALA F 259 31.59 -31.34 4.61
C ALA F 259 31.86 -32.16 3.37
N GLY F 260 30.83 -32.86 2.87
CA GLY F 260 31.00 -33.62 1.64
C GLY F 260 31.29 -32.74 0.45
N SER F 261 30.66 -31.57 0.39
CA SER F 261 30.99 -30.60 -0.65
C SER F 261 32.43 -30.17 -0.53
N GLU F 262 32.90 -29.92 0.69
CA GLU F 262 34.29 -29.53 0.90
C GLU F 262 35.22 -30.61 0.37
N VAL F 263 34.98 -31.86 0.76
CA VAL F 263 35.84 -32.95 0.32
C VAL F 263 35.78 -33.10 -1.19
N SER F 264 34.59 -33.03 -1.77
CA SER F 264 34.44 -33.19 -3.21
C SER F 264 35.19 -32.10 -3.95
N ALA F 265 35.15 -30.88 -3.43
CA ALA F 265 35.99 -29.84 -3.99
C ALA F 265 37.46 -30.22 -3.88
N LEU F 266 37.85 -30.75 -2.73
CA LEU F 266 39.25 -31.13 -2.53
C LEU F 266 39.68 -32.17 -3.57
N LEU F 267 38.75 -33.03 -3.99
CA LEU F 267 39.14 -34.11 -4.90
C LEU F 267 39.68 -33.58 -6.21
N GLY F 268 39.04 -32.57 -6.79
CA GLY F 268 39.47 -32.07 -8.08
C GLY F 268 38.34 -31.68 -9.00
N ARG F 269 37.11 -31.90 -8.55
CA ARG F 269 35.94 -31.54 -9.33
C ARG F 269 35.86 -30.03 -9.49
N ILE F 270 35.22 -29.58 -10.56
CA ILE F 270 35.08 -28.14 -10.82
C ILE F 270 33.90 -27.58 -10.02
N PRO F 271 33.88 -26.29 -9.71
CA PRO F 271 32.68 -25.72 -9.08
C PRO F 271 31.50 -25.75 -10.02
N SER F 272 30.32 -25.91 -9.45
CA SER F 272 29.09 -25.99 -10.21
C SER F 272 28.45 -24.60 -10.32
N ALA F 273 27.17 -24.58 -10.66
CA ALA F 273 26.45 -23.32 -10.94
C ALA F 273 26.58 -22.30 -9.81
N VAL F 274 26.33 -22.73 -8.58
CA VAL F 274 26.28 -21.81 -7.44
C VAL F 274 27.39 -22.08 -6.46
N GLY F 275 27.22 -23.10 -5.64
CA GLY F 275 28.16 -23.42 -4.57
C GLY F 275 28.40 -24.92 -4.44
N TYR F 276 27.96 -25.65 -5.45
CA TYR F 276 28.06 -27.10 -5.50
C TYR F 276 29.37 -27.53 -6.16
N GLN F 277 29.45 -28.82 -6.47
CA GLN F 277 30.54 -29.44 -7.20
C GLN F 277 30.02 -30.70 -7.86
N PRO F 278 30.88 -31.43 -8.59
CA PRO F 278 30.36 -32.51 -9.46
C PRO F 278 29.61 -33.63 -8.73
N THR F 279 29.82 -33.84 -7.42
CA THR F 279 29.19 -34.94 -6.70
C THR F 279 28.48 -34.50 -5.42
N LEU F 280 27.58 -33.51 -5.50
CA LEU F 280 26.96 -32.98 -4.29
C LEU F 280 26.04 -34.00 -3.62
N ALA F 281 25.13 -34.61 -4.37
CA ALA F 281 24.03 -35.37 -3.77
C ALA F 281 24.48 -36.70 -3.20
N THR F 282 25.36 -37.41 -3.90
CA THR F 282 25.74 -38.76 -3.49
C THR F 282 26.38 -38.77 -2.12
N ASP F 283 26.89 -37.62 -1.66
CA ASP F 283 27.50 -37.56 -0.33
C ASP F 283 26.52 -37.98 0.76
N MET F 284 25.45 -37.20 0.95
CA MET F 284 24.45 -37.59 1.93
C MET F 284 23.67 -38.80 1.46
N GLY F 285 23.61 -39.02 0.14
CA GLY F 285 22.94 -40.20 -0.37
C GLY F 285 23.65 -41.50 -0.02
N LEU F 286 24.90 -41.40 0.41
CA LEU F 286 25.63 -42.58 0.84
C LEU F 286 25.01 -43.23 2.08
N LEU F 287 24.77 -42.47 3.13
CA LEU F 287 24.29 -43.03 4.38
C LEU F 287 22.77 -43.12 4.41
N GLN F 288 22.10 -41.98 4.30
CA GLN F 288 20.67 -41.87 4.57
C GLN F 288 19.82 -42.75 3.67
N GLU F 289 20.33 -43.18 2.51
CA GLU F 289 19.54 -44.06 1.65
C GLU F 289 19.62 -45.50 2.11
N ARG F 290 20.52 -45.81 3.05
CA ARG F 290 20.70 -47.16 3.57
C ARG F 290 20.19 -47.33 5.00
N ILE F 291 19.52 -46.33 5.56
CA ILE F 291 18.94 -46.44 6.90
C ILE F 291 17.43 -46.57 6.73
N THR F 292 16.95 -47.82 6.73
CA THR F 292 15.53 -48.10 6.58
C THR F 292 15.14 -49.17 7.60
N THR F 293 13.87 -49.59 7.57
CA THR F 293 13.31 -50.48 8.57
C THR F 293 13.37 -51.93 8.08
N THR F 294 13.86 -52.81 8.94
CA THR F 294 13.92 -54.23 8.64
C THR F 294 12.96 -54.96 9.57
N LYS F 295 13.01 -56.29 9.48
CA LYS F 295 12.19 -57.10 10.38
C LYS F 295 12.76 -57.13 11.79
N LYS F 296 14.08 -57.04 11.91
CA LYS F 296 14.74 -57.05 13.21
C LYS F 296 14.49 -55.77 14.01
N GLY F 297 13.63 -54.88 13.53
CA GLY F 297 13.40 -53.63 14.23
C GLY F 297 13.07 -52.52 13.25
N SER F 298 13.87 -51.47 13.31
CA SER F 298 13.76 -50.38 12.35
C SER F 298 15.06 -49.59 12.37
N VAL F 299 15.19 -48.69 11.40
CA VAL F 299 16.23 -47.66 11.42
C VAL F 299 15.55 -46.37 10.98
N THR F 300 14.91 -45.68 11.92
CA THR F 300 14.25 -44.42 11.65
C THR F 300 15.06 -43.31 12.33
N SER F 301 16.04 -42.80 11.59
CA SER F 301 16.96 -41.83 12.15
C SER F 301 16.29 -40.48 12.33
N VAL F 302 16.99 -39.58 13.01
CA VAL F 302 16.52 -38.21 13.22
C VAL F 302 17.67 -37.27 12.87
N GLN F 303 17.37 -36.21 12.13
CA GLN F 303 18.35 -35.21 11.75
C GLN F 303 18.10 -33.92 12.52
N ALA F 304 19.09 -33.48 13.27
CA ALA F 304 18.96 -32.26 14.07
C ALA F 304 19.19 -31.07 13.15
N VAL F 305 18.21 -30.17 13.10
CA VAL F 305 18.29 -28.99 12.24
C VAL F 305 17.89 -27.79 13.07
N TYR F 306 18.74 -26.78 13.10
CA TYR F 306 18.39 -25.45 13.60
C TYR F 306 18.18 -24.59 12.37
N VAL F 307 16.93 -24.23 12.09
CA VAL F 307 16.56 -23.60 10.83
C VAL F 307 17.36 -22.31 10.65
N PRO F 308 18.41 -22.31 9.83
CA PRO F 308 19.30 -21.15 9.75
C PRO F 308 18.57 -19.97 9.13
N ALA F 309 18.31 -18.96 9.95
CA ALA F 309 17.49 -17.80 9.58
C ALA F 309 16.09 -18.19 9.15
N ASP F 310 15.69 -19.45 9.39
CA ASP F 310 14.35 -19.93 9.09
C ASP F 310 13.97 -19.66 7.64
N ASP F 311 14.94 -19.85 6.74
CA ASP F 311 14.77 -19.58 5.32
C ASP F 311 14.98 -20.88 4.54
N LEU F 312 14.06 -21.16 3.61
CA LEU F 312 14.05 -22.42 2.87
C LEU F 312 14.70 -22.28 1.50
N THR F 313 15.73 -21.44 1.39
CA THR F 313 16.49 -21.26 0.16
C THR F 313 17.74 -22.14 0.10
N ASP F 314 17.87 -23.13 1.00
CA ASP F 314 18.92 -24.14 0.98
C ASP F 314 18.31 -25.50 0.61
N PRO F 315 18.72 -26.10 -0.52
CA PRO F 315 18.03 -27.32 -0.98
C PRO F 315 18.06 -28.47 0.01
N ALA F 316 19.19 -28.65 0.71
CA ALA F 316 19.28 -29.71 1.71
C ALA F 316 18.25 -29.51 2.82
N PRO F 317 18.09 -28.32 3.39
CA PRO F 317 17.04 -28.13 4.40
C PRO F 317 15.64 -28.41 3.87
N ALA F 318 15.38 -28.08 2.61
CA ALA F 318 14.06 -28.35 2.05
C ALA F 318 13.82 -29.85 1.98
N THR F 319 14.78 -30.62 1.46
CA THR F 319 14.60 -32.06 1.39
C THR F 319 14.52 -32.69 2.78
N THR F 320 15.22 -32.09 3.76
CA THR F 320 15.15 -32.62 5.13
C THR F 320 13.80 -32.35 5.77
N PHE F 321 13.29 -31.13 5.64
CA PHE F 321 11.95 -30.83 6.16
C PHE F 321 10.90 -31.64 5.43
N ALA F 322 11.16 -32.01 4.17
CA ALA F 322 10.28 -32.94 3.48
C ALA F 322 10.43 -34.35 4.03
N HIS F 323 11.62 -34.67 4.55
CA HIS F 323 11.82 -35.99 5.15
C HIS F 323 10.91 -36.19 6.36
N LEU F 324 10.75 -35.17 7.19
CA LEU F 324 9.94 -35.32 8.40
C LEU F 324 8.47 -35.40 8.04
N ASP F 325 7.69 -36.02 8.93
CA ASP F 325 6.27 -36.27 8.71
C ASP F 325 5.40 -35.18 9.31
N ALA F 326 5.49 -34.93 10.60
CA ALA F 326 4.79 -33.85 11.26
C ALA F 326 5.82 -32.96 11.95
N THR F 327 5.47 -31.70 12.15
CA THR F 327 6.40 -30.73 12.70
C THR F 327 6.06 -30.41 14.14
N THR F 328 7.07 -30.39 14.98
CA THR F 328 6.93 -30.04 16.39
C THR F 328 7.48 -28.65 16.61
N VAL F 329 6.57 -27.68 16.74
CA VAL F 329 6.94 -26.27 16.81
C VAL F 329 7.52 -26.03 18.20
N LEU F 330 8.86 -26.07 18.30
CA LEU F 330 9.55 -25.96 19.58
C LEU F 330 9.88 -24.50 19.87
N SER F 331 8.84 -23.68 19.88
CA SER F 331 9.01 -22.27 20.19
C SER F 331 9.52 -22.09 21.60
N ARG F 332 10.44 -21.15 21.78
CA ARG F 332 11.07 -20.96 23.09
C ARG F 332 10.05 -20.56 24.14
N GLY F 333 9.10 -19.70 23.78
CA GLY F 333 8.06 -19.31 24.72
C GLY F 333 7.28 -20.49 25.26
N ILE F 334 6.97 -21.46 24.39
CA ILE F 334 6.19 -22.62 24.79
C ILE F 334 6.92 -23.42 25.85
N SER F 335 8.26 -23.47 25.78
CA SER F 335 9.03 -24.17 26.79
C SER F 335 8.72 -23.61 28.17
N GLU F 336 8.54 -22.30 28.27
CA GLU F 336 8.13 -21.67 29.51
C GLU F 336 6.62 -21.65 29.71
N LEU F 337 5.85 -21.98 28.67
CA LEU F 337 4.40 -21.90 28.75
C LEU F 337 3.80 -22.98 29.64
N GLY F 338 4.56 -24.02 29.96
CA GLY F 338 4.03 -25.08 30.80
C GLY F 338 4.52 -26.46 30.40
N ILE F 339 5.09 -26.57 29.22
CA ILE F 339 5.62 -27.85 28.75
C ILE F 339 7.14 -27.81 28.82
N TYR F 340 7.73 -28.71 29.61
CA TYR F 340 9.18 -28.90 29.54
C TYR F 340 9.59 -29.42 28.18
N PRO F 341 8.91 -30.41 27.59
CA PRO F 341 9.24 -30.82 26.21
C PRO F 341 8.84 -29.80 25.16
N ALA F 342 7.67 -29.18 25.29
CA ALA F 342 7.20 -28.08 24.43
C ALA F 342 7.05 -28.49 22.96
N VAL F 343 6.94 -29.77 22.68
CA VAL F 343 6.84 -30.25 21.30
C VAL F 343 5.43 -29.92 20.79
N ASP F 344 5.32 -28.85 20.02
CA ASP F 344 3.96 -28.48 19.64
C ASP F 344 3.42 -29.45 18.58
N PRO F 345 2.27 -30.06 18.86
CA PRO F 345 1.60 -30.86 17.82
C PRO F 345 0.73 -29.99 16.94
N LEU F 346 0.88 -28.67 17.11
CA LEU F 346 0.13 -27.73 16.28
C LEU F 346 0.51 -27.90 14.80
N ASP F 347 1.79 -28.08 14.53
CA ASP F 347 2.28 -28.27 13.17
C ASP F 347 2.38 -29.74 12.81
N SER F 348 1.49 -30.56 13.37
CA SER F 348 1.37 -31.97 13.01
C SER F 348 0.41 -32.14 11.82
N LYS F 349 0.88 -31.74 10.64
CA LYS F 349 0.10 -31.81 9.42
C LYS F 349 0.63 -32.92 8.52
N SER F 350 -0.30 -33.76 8.07
CA SER F 350 0.04 -34.88 7.19
C SER F 350 -1.25 -35.43 6.59
N ARG F 351 -1.14 -35.92 5.36
CA ARG F 351 -2.23 -36.58 4.67
C ARG F 351 -2.15 -38.09 4.75
N LEU F 352 -1.17 -38.64 5.45
CA LEU F 352 -1.05 -40.08 5.61
C LEU F 352 -2.12 -40.67 6.50
N LEU F 353 -2.91 -39.85 7.18
CA LEU F 353 -3.97 -40.38 8.04
C LEU F 353 -5.17 -40.80 7.19
N ASP F 354 -5.10 -42.02 6.64
CA ASP F 354 -6.19 -42.57 5.85
C ASP F 354 -6.89 -43.64 6.67
N ALA F 355 -8.08 -44.02 6.22
CA ALA F 355 -8.86 -45.02 6.93
C ALA F 355 -8.10 -46.35 7.03
N ALA F 356 -7.21 -46.62 6.07
CA ALA F 356 -6.42 -47.84 6.06
C ALA F 356 -4.93 -47.59 6.27
N VAL F 357 -4.53 -46.41 6.74
CA VAL F 357 -3.12 -46.02 6.81
C VAL F 357 -2.69 -45.70 8.24
N VAL F 358 -3.42 -44.82 8.93
CA VAL F 358 -3.03 -44.37 10.26
C VAL F 358 -3.99 -44.81 11.36
N GLY F 359 -4.98 -45.63 11.05
CA GLY F 359 -5.91 -46.08 12.05
C GLY F 359 -6.98 -45.04 12.35
N GLN F 360 -8.23 -45.51 12.42
CA GLN F 360 -9.35 -44.59 12.59
C GLN F 360 -9.25 -43.84 13.92
N GLU F 361 -8.97 -44.57 15.01
CA GLU F 361 -8.91 -43.94 16.33
C GLU F 361 -7.70 -43.00 16.43
N HIS F 362 -6.54 -43.46 15.97
CA HIS F 362 -5.35 -42.62 16.04
C HIS F 362 -5.51 -41.34 15.22
N TYR F 363 -6.04 -41.48 14.00
CA TYR F 363 -6.24 -40.31 13.14
C TYR F 363 -7.30 -39.38 13.72
N ASP F 364 -8.36 -39.94 14.32
CA ASP F 364 -9.36 -39.10 14.95
C ASP F 364 -8.77 -38.33 16.12
N VAL F 365 -7.93 -38.99 16.91
CA VAL F 365 -7.23 -38.30 18.00
C VAL F 365 -6.35 -37.20 17.44
N ALA F 366 -5.67 -37.49 16.33
CA ALA F 366 -4.85 -36.47 15.66
C ALA F 366 -5.70 -35.26 15.28
N SER F 367 -6.83 -35.51 14.63
CA SER F 367 -7.69 -34.44 14.16
C SER F 367 -8.19 -33.60 15.33
N LYS F 368 -8.68 -34.25 16.37
CA LYS F 368 -9.23 -33.51 17.51
C LYS F 368 -8.14 -32.67 18.18
N VAL F 369 -6.97 -33.27 18.45
CA VAL F 369 -5.93 -32.54 19.17
C VAL F 369 -5.45 -31.36 18.34
N GLN F 370 -5.12 -31.61 17.08
CA GLN F 370 -4.61 -30.53 16.23
C GLN F 370 -5.64 -29.43 16.03
N GLU F 371 -6.91 -29.82 15.83
CA GLU F 371 -7.96 -28.82 15.62
C GLU F 371 -8.17 -27.98 16.87
N THR F 372 -8.17 -28.62 18.04
CA THR F 372 -8.32 -27.86 19.27
C THR F 372 -7.19 -26.84 19.43
N LEU F 373 -5.95 -27.31 19.24
CA LEU F 373 -4.82 -26.40 19.40
C LEU F 373 -4.86 -25.26 18.37
N GLN F 374 -5.14 -25.59 17.12
CA GLN F 374 -5.16 -24.57 16.08
C GLN F 374 -6.29 -23.58 16.29
N THR F 375 -7.45 -24.07 16.75
CA THR F 375 -8.56 -23.17 17.04
C THR F 375 -8.23 -22.24 18.19
N TYR F 376 -7.53 -22.76 19.20
CA TYR F 376 -7.09 -21.89 20.28
C TYR F 376 -6.15 -20.81 19.76
N LYS F 377 -5.21 -21.19 18.90
CA LYS F 377 -4.28 -20.23 18.33
C LYS F 377 -5.02 -19.19 17.49
N SER F 378 -6.00 -19.62 16.71
CA SER F 378 -6.73 -18.69 15.83
C SER F 378 -7.61 -17.74 16.63
N LEU F 379 -8.37 -18.27 17.59
CA LEU F 379 -9.21 -17.43 18.42
C LEU F 379 -8.42 -16.51 19.34
N GLN F 380 -7.17 -16.87 19.66
CA GLN F 380 -6.35 -15.97 20.47
C GLN F 380 -6.15 -14.63 19.79
N ASP F 381 -5.64 -14.65 18.55
CA ASP F 381 -5.19 -13.42 17.91
C ASP F 381 -6.36 -12.50 17.54
N ILE F 382 -7.58 -12.96 17.73
CA ILE F 382 -8.75 -12.09 17.51
C ILE F 382 -9.43 -11.74 18.83
N ILE F 383 -9.79 -12.74 19.63
CA ILE F 383 -10.50 -12.47 20.88
C ILE F 383 -9.61 -11.71 21.85
N ALA F 384 -8.37 -12.19 22.07
CA ALA F 384 -7.48 -11.51 22.99
C ALA F 384 -7.19 -10.09 22.53
N ILE F 385 -7.23 -9.86 21.21
CA ILE F 385 -7.19 -8.49 20.71
C ILE F 385 -8.42 -7.72 21.15
N LEU F 386 -9.61 -8.35 21.02
CA LEU F 386 -10.82 -7.74 21.52
C LEU F 386 -10.85 -7.71 23.04
N GLY F 387 -10.44 -8.79 23.69
CA GLY F 387 -10.46 -8.88 25.14
C GLY F 387 -10.80 -10.28 25.62
N MET F 388 -10.59 -10.51 26.92
CA MET F 388 -10.93 -11.80 27.51
C MET F 388 -12.44 -12.02 27.49
N ASP F 389 -13.22 -10.95 27.39
CA ASP F 389 -14.68 -11.06 27.33
C ASP F 389 -15.16 -11.69 26.03
N GLU F 390 -14.35 -11.62 24.98
CA GLU F 390 -14.71 -12.18 23.67
C GLU F 390 -14.84 -13.70 23.70
N LEU F 391 -14.67 -14.33 24.86
CA LEU F 391 -14.85 -15.76 24.98
C LEU F 391 -16.33 -16.12 24.88
N SER F 392 -16.73 -16.66 23.74
CA SER F 392 -18.06 -17.23 23.59
C SER F 392 -18.16 -18.51 24.40
N GLU F 393 -19.38 -19.01 24.56
CA GLU F 393 -19.56 -20.28 25.26
C GLU F 393 -18.77 -21.38 24.56
N GLN F 394 -18.91 -21.47 23.24
CA GLN F 394 -18.06 -22.36 22.47
C GLN F 394 -16.60 -21.96 22.61
N ASP F 395 -16.30 -20.66 22.54
CA ASP F 395 -14.93 -20.21 22.65
C ASP F 395 -14.36 -20.47 24.04
N LYS F 396 -15.14 -20.20 25.09
CA LYS F 396 -14.66 -20.47 26.44
C LYS F 396 -14.43 -21.96 26.66
N LEU F 397 -15.35 -22.81 26.20
CA LEU F 397 -15.19 -24.24 26.35
C LEU F 397 -13.98 -24.74 25.58
N THR F 398 -13.79 -24.25 24.34
CA THR F 398 -12.66 -24.67 23.52
C THR F 398 -11.34 -24.18 24.11
N VAL F 399 -11.33 -22.97 24.68
CA VAL F 399 -10.12 -22.45 25.31
C VAL F 399 -9.78 -23.26 26.55
N GLU F 400 -10.79 -23.60 27.35
CA GLU F 400 -10.53 -24.45 28.51
C GLU F 400 -9.98 -25.81 28.09
N ARG F 401 -10.58 -26.40 27.05
CA ARG F 401 -10.09 -27.69 26.55
C ARG F 401 -8.68 -27.57 25.98
N ALA F 402 -8.40 -26.49 25.25
CA ALA F 402 -7.09 -26.32 24.65
C ALA F 402 -6.02 -26.08 25.69
N ARG F 403 -6.30 -25.24 26.68
CA ARG F 403 -5.35 -25.05 27.77
C ARG F 403 -5.16 -26.34 28.54
N LYS F 404 -6.22 -27.15 28.66
CA LYS F 404 -6.06 -28.48 29.24
C LYS F 404 -5.10 -29.32 28.40
N ILE F 405 -5.24 -29.24 27.08
CA ILE F 405 -4.35 -30.00 26.20
C ILE F 405 -2.90 -29.53 26.36
N GLN F 406 -2.70 -28.21 26.46
CA GLN F 406 -1.35 -27.67 26.54
C GLN F 406 -0.72 -27.98 27.88
N ARG F 407 -1.44 -27.76 28.98
CA ARG F 407 -0.91 -28.08 30.29
C ARG F 407 -0.64 -29.57 30.44
N PHE F 408 -1.56 -30.40 29.95
CA PHE F 408 -1.36 -31.85 30.03
C PHE F 408 -0.23 -32.31 29.11
N LEU F 409 0.09 -31.53 28.08
CA LEU F 409 1.01 -31.99 27.05
C LEU F 409 2.37 -32.36 27.61
N SER F 410 2.81 -31.71 28.68
CA SER F 410 4.11 -32.03 29.23
C SER F 410 4.11 -33.42 29.84
N GLN F 411 5.29 -34.02 29.92
CA GLN F 411 5.52 -35.29 30.61
C GLN F 411 6.76 -35.10 31.48
N PRO F 412 6.88 -35.79 32.61
CA PRO F 412 8.13 -35.74 33.35
C PRO F 412 9.28 -36.26 32.50
N PHE F 413 10.44 -35.62 32.64
CA PHE F 413 11.60 -35.94 31.81
C PHE F 413 12.49 -36.95 32.52
N ALA F 414 12.72 -38.09 31.87
CA ALA F 414 13.47 -39.19 32.46
C ALA F 414 14.93 -38.85 32.71
N VAL F 415 15.60 -38.17 31.79
CA VAL F 415 16.98 -37.75 32.00
C VAL F 415 17.09 -36.46 32.79
N ALA F 416 15.98 -36.01 33.36
CA ALA F 416 15.96 -34.87 34.27
C ALA F 416 15.97 -35.30 35.72
N GLU F 417 16.71 -36.36 36.04
CA GLU F 417 16.83 -36.80 37.43
C GLU F 417 17.36 -35.71 38.33
N VAL F 418 18.15 -34.78 37.78
CA VAL F 418 18.66 -33.68 38.59
C VAL F 418 17.73 -32.48 38.60
N PHE F 419 16.73 -32.43 37.70
CA PHE F 419 15.89 -31.25 37.60
C PHE F 419 15.06 -31.03 38.85
N THR F 420 14.09 -31.91 39.11
CA THR F 420 13.26 -31.78 40.30
C THR F 420 12.95 -33.12 40.96
N GLY F 421 13.61 -34.20 40.52
CA GLY F 421 13.39 -35.51 41.11
C GLY F 421 12.23 -36.29 40.56
N ILE F 422 11.53 -35.77 39.56
CA ILE F 422 10.32 -36.43 39.05
C ILE F 422 10.70 -37.79 38.47
N PRO F 423 10.03 -38.87 38.86
CA PRO F 423 10.36 -40.17 38.28
C PRO F 423 9.92 -40.27 36.83
N GLY F 424 10.51 -41.23 36.12
CA GLY F 424 10.33 -41.35 34.69
C GLY F 424 8.90 -41.54 34.24
N LYS F 425 8.43 -40.69 33.34
CA LYS F 425 7.05 -40.70 32.89
C LYS F 425 6.98 -40.57 31.38
N LEU F 426 6.19 -41.45 30.77
CA LEU F 426 5.79 -41.34 29.38
C LEU F 426 4.43 -42.02 29.26
N VAL F 427 4.00 -42.26 28.02
CA VAL F 427 2.74 -42.96 27.76
C VAL F 427 3.03 -44.14 26.84
N ARG F 428 1.96 -44.76 26.37
CA ARG F 428 2.04 -45.75 25.32
C ARG F 428 0.74 -45.67 24.54
N LEU F 429 0.80 -46.11 23.28
CA LEU F 429 -0.31 -45.89 22.35
C LEU F 429 -1.63 -46.36 22.95
N LYS F 430 -1.61 -47.52 23.61
CA LYS F 430 -2.81 -48.04 24.26
C LYS F 430 -3.32 -47.07 25.31
N ASP F 431 -2.42 -46.52 26.11
CA ASP F 431 -2.82 -45.44 27.01
C ASP F 431 -2.95 -44.12 26.25
N THR F 432 -2.09 -43.88 25.27
CA THR F 432 -1.95 -42.54 24.69
C THR F 432 -3.19 -42.12 23.93
N VAL F 433 -3.55 -42.86 22.88
CA VAL F 433 -4.66 -42.43 22.03
C VAL F 433 -5.96 -42.38 22.81
N ALA F 434 -6.21 -43.42 23.62
CA ALA F 434 -7.44 -43.48 24.39
C ALA F 434 -7.50 -42.37 25.44
N SER F 435 -6.39 -42.12 26.15
CA SER F 435 -6.39 -41.09 27.19
C SER F 435 -6.55 -39.71 26.58
N PHE F 436 -5.92 -39.45 25.43
CA PHE F 436 -6.12 -38.18 24.76
C PHE F 436 -7.58 -38.02 24.34
N LYS F 437 -8.18 -39.07 23.78
CA LYS F 437 -9.58 -38.99 23.40
C LYS F 437 -10.47 -38.73 24.60
N ALA F 438 -10.18 -39.39 25.73
CA ALA F 438 -11.05 -39.28 26.90
C ALA F 438 -10.90 -37.93 27.58
N VAL F 439 -9.66 -37.44 27.72
CA VAL F 439 -9.45 -36.12 28.31
C VAL F 439 -10.05 -35.05 27.41
N LEU F 440 -10.00 -35.27 26.10
CA LEU F 440 -10.72 -34.40 25.18
C LEU F 440 -12.22 -34.65 25.23
N GLU F 441 -12.65 -35.81 25.73
CA GLU F 441 -14.06 -36.13 25.85
C GLU F 441 -14.69 -35.56 27.11
N GLY F 442 -14.04 -34.62 27.78
CA GLY F 442 -14.59 -34.01 28.96
C GLY F 442 -14.49 -34.85 30.22
N LYS F 443 -13.71 -35.93 30.19
CA LYS F 443 -13.66 -36.84 31.32
C LYS F 443 -13.25 -36.15 32.61
N TYR F 444 -12.19 -35.36 32.58
CA TYR F 444 -11.78 -34.56 33.73
C TYR F 444 -11.92 -33.08 33.49
N ASP F 445 -12.74 -32.67 32.51
CA ASP F 445 -12.84 -31.27 32.14
C ASP F 445 -13.15 -30.39 33.34
N ASN F 446 -13.97 -30.89 34.27
CA ASN F 446 -14.29 -30.12 35.46
C ASN F 446 -13.07 -29.93 36.36
N ILE F 447 -12.16 -30.89 36.38
CA ILE F 447 -10.96 -30.77 37.23
C ILE F 447 -10.12 -29.61 36.73
N PRO F 448 -9.40 -28.91 37.61
CA PRO F 448 -8.64 -27.75 37.16
C PRO F 448 -7.49 -28.13 36.26
N GLU F 449 -7.05 -27.15 35.46
CA GLU F 449 -6.00 -27.41 34.47
C GLU F 449 -4.63 -27.55 35.12
N HIS F 450 -4.45 -26.94 36.30
CA HIS F 450 -3.15 -27.03 36.97
C HIS F 450 -2.78 -28.47 37.27
N ALA F 451 -3.76 -29.37 37.34
CA ALA F 451 -3.47 -30.79 37.44
C ALA F 451 -2.76 -31.28 36.20
N PHE F 452 -3.15 -30.78 35.03
CA PHE F 452 -2.59 -31.23 33.76
C PHE F 452 -1.09 -30.94 33.63
N TYR F 453 -0.64 -29.78 34.14
CA TYR F 453 0.79 -29.47 34.11
C TYR F 453 1.56 -30.48 34.96
N MET F 454 2.77 -30.80 34.52
CA MET F 454 3.63 -31.80 35.15
C MET F 454 2.94 -33.15 35.31
N VAL F 455 1.94 -33.45 34.48
CA VAL F 455 1.16 -34.67 34.59
C VAL F 455 1.39 -35.52 33.36
N GLY F 456 1.71 -36.79 33.57
CA GLY F 456 1.89 -37.69 32.46
C GLY F 456 0.57 -38.27 32.00
N GLY F 457 0.48 -39.59 31.91
CA GLY F 457 -0.74 -40.21 31.45
C GLY F 457 -1.80 -40.29 32.54
N ILE F 458 -2.95 -40.86 32.16
CA ILE F 458 -4.03 -41.05 33.12
C ILE F 458 -3.63 -42.00 34.22
N GLU F 459 -2.50 -42.69 34.07
CA GLU F 459 -2.04 -43.62 35.09
C GLU F 459 -1.79 -42.92 36.43
N ASP F 460 -1.10 -41.79 36.40
CA ASP F 460 -0.86 -41.01 37.60
C ASP F 460 -1.57 -39.66 37.59
N VAL F 461 -2.29 -39.32 36.51
CA VAL F 461 -3.00 -38.05 36.45
C VAL F 461 -4.05 -37.97 37.55
N VAL F 462 -4.81 -39.05 37.72
CA VAL F 462 -5.84 -39.08 38.75
C VAL F 462 -5.21 -38.98 40.13
N ALA F 463 -4.10 -39.70 40.36
CA ALA F 463 -3.43 -39.63 41.65
C ALA F 463 -2.94 -38.22 41.94
N LYS F 464 -2.37 -37.55 40.93
CA LYS F 464 -1.89 -36.19 41.10
C LYS F 464 -3.04 -35.23 41.39
N ALA F 465 -4.17 -35.39 40.69
CA ALA F 465 -5.32 -34.53 40.94
C ALA F 465 -5.81 -34.69 42.37
N GLU F 466 -5.91 -35.93 42.83
CA GLU F 466 -6.30 -36.18 44.21
C GLU F 466 -5.30 -35.55 45.17
N LYS F 467 -4.00 -35.70 44.88
CA LYS F 467 -2.98 -35.16 45.75
C LYS F 467 -3.08 -33.64 45.83
N LEU F 468 -3.31 -32.98 44.70
CA LEU F 468 -3.41 -31.53 44.68
C LEU F 468 -4.63 -31.06 45.45
N ALA F 469 -5.78 -31.73 45.26
CA ALA F 469 -7.00 -31.29 45.91
C ALA F 469 -7.10 -31.72 47.37
N ALA F 470 -6.24 -32.63 47.84
CA ALA F 470 -6.36 -33.15 49.19
C ALA F 470 -5.42 -32.48 50.18
N GLU F 471 -4.11 -32.64 50.00
CA GLU F 471 -3.14 -32.32 51.05
C GLU F 471 -2.76 -30.85 51.08
N ALA F 472 -3.68 -29.98 50.65
CA ALA F 472 -3.47 -28.54 50.64
C ALA F 472 -4.46 -27.81 51.55
N ASN F 473 -5.71 -28.23 51.56
CA ASN F 473 -6.71 -27.58 52.39
C ASN F 473 -7.02 -28.42 53.63
N THR G 2 42.76 -40.57 -57.84
CA THR G 2 42.45 -41.77 -57.07
C THR G 2 41.49 -41.43 -55.94
N PRO G 3 40.88 -42.46 -55.35
CA PRO G 3 39.97 -42.22 -54.23
C PRO G 3 40.72 -41.69 -53.01
N ILE G 4 40.04 -40.82 -52.26
CA ILE G 4 40.55 -40.30 -51.00
C ILE G 4 39.80 -41.00 -49.87
N THR G 5 40.53 -41.72 -49.03
CA THR G 5 39.94 -42.41 -47.89
C THR G 5 40.69 -42.00 -46.62
N GLY G 6 39.91 -41.78 -45.56
CA GLY G 6 40.48 -41.41 -44.27
C GLY G 6 39.93 -42.32 -43.19
N LYS G 7 40.73 -42.47 -42.13
CA LYS G 7 40.39 -43.34 -41.02
C LYS G 7 40.00 -42.50 -39.82
N VAL G 8 38.85 -42.80 -39.23
CA VAL G 8 38.36 -42.02 -38.10
C VAL G 8 39.24 -42.31 -36.90
N THR G 9 40.10 -41.35 -36.55
CA THR G 9 41.06 -41.55 -35.48
C THR G 9 40.45 -41.43 -34.09
N ALA G 10 39.42 -40.61 -33.93
CA ALA G 10 38.78 -40.45 -32.64
C ALA G 10 37.47 -39.72 -32.84
N VAL G 11 36.46 -40.11 -32.08
CA VAL G 11 35.13 -39.51 -32.13
C VAL G 11 34.76 -39.08 -30.72
N ILE G 12 34.87 -37.79 -30.46
CA ILE G 12 34.58 -37.22 -29.15
C ILE G 12 33.36 -36.33 -29.31
N GLY G 13 32.28 -36.67 -28.60
CA GLY G 13 31.05 -35.93 -28.76
C GLY G 13 30.62 -35.92 -30.21
N ALA G 14 30.18 -34.78 -30.71
CA ALA G 14 29.86 -34.64 -32.12
C ALA G 14 31.03 -34.10 -32.93
N ILE G 15 32.19 -33.90 -32.30
CA ILE G 15 33.38 -33.42 -32.97
C ILE G 15 34.34 -34.59 -33.15
N VAL G 16 34.35 -35.15 -34.35
CA VAL G 16 35.04 -36.40 -34.64
C VAL G 16 36.36 -36.07 -35.32
N ASP G 17 37.31 -36.99 -35.25
CA ASP G 17 38.63 -36.80 -35.85
C ASP G 17 38.90 -37.91 -36.86
N VAL G 18 39.37 -37.52 -38.05
CA VAL G 18 39.78 -38.45 -39.08
C VAL G 18 41.23 -38.14 -39.44
N HIS G 19 42.11 -39.12 -39.25
CA HIS G 19 43.54 -38.95 -39.50
C HIS G 19 43.85 -39.42 -40.91
N PHE G 20 43.48 -38.62 -41.91
CA PHE G 20 43.67 -38.99 -43.29
C PHE G 20 45.16 -39.10 -43.54
N GLU G 21 45.68 -40.33 -43.45
CA GLU G 21 47.12 -40.55 -43.47
C GLU G 21 47.65 -40.62 -44.89
N GLN G 22 47.56 -39.52 -45.63
CA GLN G 22 48.07 -39.45 -46.99
C GLN G 22 48.63 -38.07 -47.25
N SER G 23 48.87 -37.76 -48.52
CA SER G 23 49.45 -36.47 -48.86
C SER G 23 48.40 -35.37 -48.92
N GLU G 24 47.43 -35.48 -49.82
CA GLU G 24 46.44 -34.43 -50.01
C GLU G 24 45.32 -34.62 -49.00
N LEU G 25 45.49 -33.99 -47.85
CA LEU G 25 44.46 -34.05 -46.82
C LEU G 25 43.21 -33.33 -47.29
N PRO G 26 42.04 -33.67 -46.75
CA PRO G 26 40.83 -32.93 -47.11
C PRO G 26 40.97 -31.46 -46.77
N ALA G 27 40.43 -30.62 -47.65
CA ALA G 27 40.54 -29.19 -47.46
C ALA G 27 39.65 -28.75 -46.30
N ILE G 28 40.01 -27.62 -45.70
CA ILE G 28 39.18 -27.07 -44.63
C ILE G 28 37.84 -26.66 -45.20
N LEU G 29 36.82 -26.68 -44.36
CA LEU G 29 35.43 -26.40 -44.71
C LEU G 29 34.92 -27.30 -45.82
N ASN G 30 35.60 -28.39 -46.11
CA ASN G 30 35.12 -29.34 -47.11
C ASN G 30 34.37 -30.48 -46.43
N ALA G 31 33.76 -31.33 -47.26
CA ALA G 31 32.89 -32.40 -46.76
C ALA G 31 33.65 -33.72 -46.74
N LEU G 32 33.70 -34.35 -45.58
CA LEU G 32 34.20 -35.70 -45.43
C LEU G 32 33.03 -36.64 -45.15
N GLU G 33 32.95 -37.72 -45.90
CA GLU G 33 31.85 -38.67 -45.79
C GLU G 33 32.35 -39.94 -45.12
N ILE G 34 31.68 -40.32 -44.02
CA ILE G 34 31.98 -41.54 -43.29
C ILE G 34 30.78 -42.45 -43.40
N LYS G 35 31.01 -43.66 -43.91
CA LYS G 35 29.92 -44.56 -44.27
C LYS G 35 29.47 -45.37 -43.07
N THR G 36 28.68 -44.72 -42.22
CA THR G 36 27.94 -45.45 -41.21
C THR G 36 26.86 -46.29 -41.88
N PRO G 37 26.53 -47.45 -41.33
CA PRO G 37 25.54 -48.31 -41.99
C PRO G 37 24.16 -47.67 -42.10
N GLN G 38 23.87 -46.66 -41.29
CA GLN G 38 22.57 -46.01 -41.30
C GLN G 38 22.49 -44.81 -42.24
N GLY G 39 23.56 -44.50 -42.96
CA GLY G 39 23.49 -43.42 -43.93
C GLY G 39 24.84 -42.86 -44.35
N LYS G 40 24.84 -41.59 -44.74
CA LYS G 40 26.06 -40.90 -45.14
C LYS G 40 26.34 -39.80 -44.13
N LEU G 41 27.02 -40.15 -43.03
CA LEU G 41 27.36 -39.18 -42.01
C LEU G 41 28.46 -38.29 -42.54
N VAL G 42 28.10 -37.32 -43.36
CA VAL G 42 29.03 -36.35 -43.91
C VAL G 42 29.60 -35.55 -42.76
N LEU G 43 30.80 -35.01 -42.94
CA LEU G 43 31.43 -34.24 -41.90
C LEU G 43 32.01 -32.97 -42.50
N GLU G 44 32.16 -31.95 -41.67
CA GLU G 44 32.77 -30.69 -42.08
C GLU G 44 34.18 -30.65 -41.54
N VAL G 45 35.16 -30.78 -42.44
CA VAL G 45 36.56 -30.75 -42.01
C VAL G 45 36.84 -29.36 -41.45
N ALA G 46 36.99 -29.28 -40.13
CA ALA G 46 36.92 -27.99 -39.46
C ALA G 46 38.27 -27.42 -39.07
N GLN G 47 39.21 -28.25 -38.65
CA GLN G 47 40.51 -27.73 -38.22
C GLN G 47 41.57 -28.76 -38.51
N HIS G 48 42.52 -28.41 -39.36
CA HIS G 48 43.63 -29.29 -39.70
C HIS G 48 44.56 -29.28 -38.49
N LEU G 49 44.27 -30.17 -37.54
CA LEU G 49 45.00 -30.19 -36.28
C LEU G 49 46.44 -30.68 -36.45
N GLY G 50 46.90 -30.86 -37.67
CA GLY G 50 48.26 -31.25 -37.92
C GLY G 50 48.47 -32.75 -37.73
N GLU G 51 49.71 -33.17 -38.01
CA GLU G 51 50.10 -34.57 -37.94
C GLU G 51 49.15 -35.43 -38.76
N ASN G 52 48.73 -34.90 -39.90
CA ASN G 52 47.77 -35.57 -40.79
C ASN G 52 46.47 -35.87 -40.06
N THR G 53 46.06 -34.97 -39.17
CA THR G 53 44.81 -35.12 -38.43
C THR G 53 43.99 -33.86 -38.54
N VAL G 54 42.75 -34.01 -38.99
CA VAL G 54 41.82 -32.90 -39.12
C VAL G 54 40.57 -33.23 -38.34
N ARG G 55 40.14 -32.29 -37.51
CA ARG G 55 38.98 -32.47 -36.66
C ARG G 55 37.74 -32.02 -37.42
N THR G 56 36.71 -32.85 -37.40
CA THR G 56 35.51 -32.60 -38.19
C THR G 56 34.32 -32.42 -37.27
N ILE G 57 33.37 -31.63 -37.74
CA ILE G 57 32.07 -31.49 -37.09
C ILE G 57 31.11 -32.43 -37.78
N ALA G 58 30.35 -33.17 -36.98
CA ALA G 58 29.43 -34.16 -37.51
C ALA G 58 28.26 -33.47 -38.20
N MET G 59 27.84 -34.01 -39.34
CA MET G 59 26.59 -33.60 -39.95
C MET G 59 25.45 -34.56 -39.67
N ASP G 60 25.64 -35.50 -38.73
CA ASP G 60 24.61 -36.46 -38.36
C ASP G 60 24.99 -37.08 -37.02
N GLY G 61 24.48 -38.29 -36.77
CA GLY G 61 24.77 -38.97 -35.52
C GLY G 61 26.22 -39.33 -35.34
N THR G 62 26.71 -39.29 -34.10
CA THR G 62 28.08 -39.65 -33.79
C THR G 62 28.21 -41.00 -33.10
N GLU G 63 27.10 -41.69 -32.84
CA GLU G 63 27.16 -42.96 -32.14
C GLU G 63 27.55 -44.09 -33.09
N GLY G 64 28.42 -44.97 -32.60
CA GLY G 64 28.75 -46.18 -33.32
C GLY G 64 29.81 -46.04 -34.39
N LEU G 65 30.47 -44.89 -34.49
CA LEU G 65 31.52 -44.70 -35.48
C LEU G 65 32.79 -45.35 -34.95
N VAL G 66 33.12 -46.53 -35.47
CA VAL G 66 34.23 -47.33 -34.98
C VAL G 66 35.53 -46.60 -35.31
N ARG G 67 36.38 -46.44 -34.30
CA ARG G 67 37.62 -45.71 -34.50
C ARG G 67 38.43 -46.35 -35.61
N GLY G 68 38.50 -45.67 -36.76
CA GLY G 68 39.17 -46.21 -37.91
C GLY G 68 38.29 -46.52 -39.10
N GLU G 69 37.07 -45.99 -39.15
CA GLU G 69 36.23 -46.20 -40.31
C GLU G 69 36.77 -45.44 -41.50
N LYS G 70 36.70 -46.06 -42.68
CA LYS G 70 37.21 -45.43 -43.88
C LYS G 70 36.31 -44.27 -44.30
N VAL G 71 36.85 -43.06 -44.28
CA VAL G 71 36.10 -41.85 -44.56
C VAL G 71 36.49 -41.34 -45.93
N LEU G 72 35.53 -41.27 -46.85
CA LEU G 72 35.76 -40.83 -48.21
C LEU G 72 35.45 -39.34 -48.33
N ASP G 73 36.27 -38.63 -49.08
CA ASP G 73 36.21 -37.17 -49.14
C ASP G 73 35.60 -36.74 -50.47
N THR G 74 34.51 -35.98 -50.39
CA THR G 74 33.98 -35.33 -51.59
C THR G 74 34.96 -34.30 -52.13
N GLY G 75 35.66 -33.59 -51.23
CA GLY G 75 36.72 -32.67 -51.61
C GLY G 75 36.32 -31.21 -51.52
N GLY G 76 35.13 -30.88 -52.02
CA GLY G 76 34.63 -29.53 -52.00
C GLY G 76 33.51 -29.40 -51.01
N PRO G 77 32.86 -28.25 -50.98
CA PRO G 77 31.79 -28.03 -50.00
C PRO G 77 30.59 -28.93 -50.27
N ILE G 78 29.74 -29.07 -49.25
CA ILE G 78 28.53 -29.86 -49.39
C ILE G 78 27.67 -29.27 -50.50
N SER G 79 27.55 -30.00 -51.59
CA SER G 79 26.92 -29.48 -52.80
C SER G 79 25.41 -29.55 -52.64
N VAL G 80 24.82 -28.47 -52.15
CA VAL G 80 23.38 -28.43 -51.92
C VAL G 80 22.71 -28.38 -53.29
N PRO G 81 21.79 -29.28 -53.58
CA PRO G 81 21.07 -29.19 -54.86
C PRO G 81 20.32 -27.87 -54.94
N VAL G 82 20.30 -27.29 -56.15
CA VAL G 82 19.67 -25.99 -56.36
C VAL G 82 18.83 -26.05 -57.62
N GLY G 83 17.91 -25.10 -57.72
CA GLY G 83 17.04 -25.00 -58.87
C GLY G 83 15.58 -24.87 -58.53
N ARG G 84 14.75 -24.60 -59.54
CA ARG G 84 13.31 -24.50 -59.31
C ARG G 84 12.75 -25.78 -58.75
N GLU G 85 13.37 -26.92 -59.08
CA GLU G 85 12.91 -28.21 -58.58
C GLU G 85 12.87 -28.25 -57.06
N THR G 86 13.70 -27.44 -56.41
CA THR G 86 13.69 -27.39 -54.96
C THR G 86 12.30 -27.03 -54.44
N LEU G 87 11.54 -26.25 -55.18
CA LEU G 87 10.24 -25.79 -54.71
C LEU G 87 9.34 -26.95 -54.34
N GLY G 88 8.70 -26.86 -53.18
CA GLY G 88 7.80 -27.88 -52.72
C GLY G 88 8.46 -29.04 -52.02
N ARG G 89 9.78 -29.09 -51.95
CA ARG G 89 10.51 -30.13 -51.26
C ARG G 89 11.26 -29.53 -50.08
N ILE G 90 11.09 -30.12 -48.90
CA ILE G 90 11.66 -29.57 -47.67
C ILE G 90 12.99 -30.29 -47.43
N ILE G 91 14.05 -29.73 -47.98
CA ILE G 91 15.34 -30.44 -47.97
C ILE G 91 15.89 -30.53 -46.56
N ASN G 92 16.87 -31.42 -46.38
CA ASN G 92 17.56 -31.60 -45.11
C ASN G 92 18.88 -30.84 -45.12
N VAL G 93 19.54 -30.84 -43.97
CA VAL G 93 20.74 -30.02 -43.78
C VAL G 93 21.83 -30.41 -44.75
N ILE G 94 21.84 -31.67 -45.19
CA ILE G 94 22.83 -32.12 -46.15
C ILE G 94 22.34 -31.82 -47.55
N GLY G 95 21.14 -31.28 -47.66
CA GLY G 95 20.54 -31.10 -48.96
C GLY G 95 19.76 -32.32 -49.38
N GLU G 96 19.85 -33.38 -48.59
CA GLU G 96 19.07 -34.57 -48.85
C GLU G 96 17.58 -34.29 -48.71
N PRO G 97 16.77 -34.72 -49.68
CA PRO G 97 15.35 -34.34 -49.70
C PRO G 97 14.57 -35.03 -48.59
N ILE G 98 14.23 -34.27 -47.54
CA ILE G 98 13.47 -34.84 -46.44
C ILE G 98 12.06 -35.21 -46.91
N ASP G 99 11.56 -34.54 -47.95
CA ASP G 99 10.26 -34.89 -48.48
C ASP G 99 10.31 -36.29 -49.06
N GLU G 100 9.33 -37.12 -48.67
CA GLU G 100 9.31 -38.51 -49.13
C GLU G 100 8.77 -38.56 -50.56
N ARG G 101 9.26 -37.61 -51.36
CA ARG G 101 8.93 -37.55 -52.78
C ARG G 101 10.10 -38.01 -53.63
N GLY G 102 11.15 -38.55 -53.03
CA GLY G 102 12.29 -39.05 -53.75
C GLY G 102 13.28 -37.95 -54.08
N PRO G 103 14.31 -38.30 -54.84
CA PRO G 103 15.29 -37.30 -55.25
C PRO G 103 14.65 -36.22 -56.11
N ILE G 104 15.11 -35.00 -55.93
CA ILE G 104 14.62 -33.86 -56.69
C ILE G 104 15.61 -33.55 -57.79
N LYS G 105 15.11 -33.53 -59.02
CA LYS G 105 15.95 -33.36 -60.21
C LYS G 105 16.41 -31.91 -60.27
N SER G 106 17.60 -31.65 -59.71
CA SER G 106 18.20 -30.32 -59.74
C SER G 106 19.16 -30.23 -60.91
N LYS G 107 18.99 -29.18 -61.72
CA LYS G 107 19.87 -29.01 -62.86
C LYS G 107 21.32 -28.84 -62.41
N LEU G 108 21.53 -28.27 -61.23
CA LEU G 108 22.87 -28.03 -60.71
C LEU G 108 22.86 -28.13 -59.19
N ARG G 109 24.03 -27.94 -58.60
CA ARG G 109 24.19 -27.93 -57.15
C ARG G 109 25.35 -27.01 -56.80
N LYS G 110 25.04 -25.84 -56.26
CA LYS G 110 26.11 -24.94 -55.87
C LYS G 110 26.68 -25.33 -54.51
N PRO G 111 27.90 -24.89 -54.20
CA PRO G 111 28.46 -25.15 -52.88
C PRO G 111 27.65 -24.47 -51.78
N ILE G 112 27.50 -25.17 -50.66
CA ILE G 112 26.78 -24.60 -49.53
C ILE G 112 27.52 -23.37 -49.00
N HIS G 113 28.81 -23.52 -48.74
CA HIS G 113 29.64 -22.38 -48.40
C HIS G 113 30.04 -21.69 -49.70
N ALA G 114 29.87 -20.38 -49.75
CA ALA G 114 30.19 -19.60 -50.94
C ALA G 114 30.43 -18.16 -50.54
N ASP G 115 31.02 -17.41 -51.45
CA ASP G 115 31.44 -16.05 -51.15
C ASP G 115 30.24 -15.18 -50.82
N PRO G 116 30.37 -14.26 -49.88
CA PRO G 116 29.27 -13.35 -49.58
C PRO G 116 29.01 -12.41 -50.75
N PRO G 117 27.97 -11.58 -50.67
CA PRO G 117 27.74 -10.60 -51.74
C PRO G 117 28.92 -9.64 -51.86
N SER G 118 29.21 -9.25 -53.10
CA SER G 118 30.32 -8.34 -53.35
C SER G 118 30.01 -6.96 -52.74
N PHE G 119 31.05 -6.35 -52.15
CA PHE G 119 30.86 -5.08 -51.48
C PHE G 119 30.31 -4.02 -52.40
N ALA G 120 30.56 -4.14 -53.70
CA ALA G 120 30.06 -3.19 -54.69
C ALA G 120 28.79 -3.66 -55.37
N GLU G 121 28.24 -4.80 -54.97
CA GLU G 121 26.96 -5.29 -55.50
C GLU G 121 26.02 -5.37 -54.31
N GLN G 122 25.45 -4.23 -53.93
CA GLN G 122 24.55 -4.17 -52.79
C GLN G 122 23.54 -3.07 -53.09
N SER G 123 22.39 -3.46 -53.64
CA SER G 123 21.38 -2.49 -54.10
C SER G 123 20.62 -1.93 -52.90
N THR G 124 21.12 -0.79 -52.42
CA THR G 124 20.45 -0.11 -51.32
C THR G 124 19.01 0.21 -51.70
N SER G 125 18.10 -0.06 -50.77
CA SER G 125 16.68 0.12 -51.05
C SER G 125 16.00 0.65 -49.80
N ALA G 126 14.91 1.39 -50.02
CA ALA G 126 14.10 1.91 -48.93
C ALA G 126 12.64 1.49 -49.07
N GLU G 127 12.36 0.54 -49.95
CA GLU G 127 10.99 0.10 -50.16
C GLU G 127 10.48 -0.63 -48.93
N ILE G 128 9.31 -0.23 -48.46
CA ILE G 128 8.70 -0.82 -47.28
C ILE G 128 7.71 -1.89 -47.70
N LEU G 129 7.90 -3.10 -47.19
CA LEU G 129 7.00 -4.21 -47.46
C LEU G 129 5.90 -4.21 -46.40
N GLU G 130 4.65 -4.18 -46.86
CA GLU G 130 3.51 -4.07 -45.96
C GLU G 130 3.06 -5.45 -45.50
N THR G 131 3.16 -5.70 -44.21
CA THR G 131 2.73 -6.96 -43.62
C THR G 131 1.39 -6.88 -42.92
N GLY G 132 0.97 -5.69 -42.49
CA GLY G 132 -0.36 -5.48 -41.95
C GLY G 132 -0.43 -5.42 -40.44
N ILE G 133 0.50 -6.04 -39.73
CA ILE G 133 0.46 -6.03 -38.27
C ILE G 133 0.77 -4.62 -37.78
N LYS G 134 0.03 -4.18 -36.76
CA LYS G 134 0.05 -2.77 -36.37
C LYS G 134 1.45 -2.30 -35.99
N VAL G 135 2.15 -3.06 -35.15
CA VAL G 135 3.51 -2.68 -34.81
C VAL G 135 4.40 -2.72 -36.05
N VAL G 136 4.22 -3.74 -36.88
CA VAL G 136 4.89 -3.77 -38.17
C VAL G 136 4.38 -2.66 -39.06
N ASP G 137 3.14 -2.21 -38.83
CA ASP G 137 2.54 -1.19 -39.68
C ASP G 137 3.14 0.19 -39.46
N LEU G 138 3.31 0.61 -38.21
CA LEU G 138 3.69 1.99 -37.92
C LEU G 138 5.04 2.07 -37.20
N LEU G 139 5.21 1.29 -36.14
CA LEU G 139 6.37 1.46 -35.29
C LEU G 139 7.68 1.09 -35.98
N ALA G 140 7.68 0.14 -36.91
CA ALA G 140 8.90 -0.29 -37.58
C ALA G 140 8.58 -0.90 -38.94
N PRO G 141 8.73 -0.13 -40.01
CA PRO G 141 8.38 -0.64 -41.35
C PRO G 141 9.29 -1.81 -41.76
N TYR G 142 8.72 -2.73 -42.53
CA TYR G 142 9.46 -3.88 -43.05
C TYR G 142 10.00 -3.55 -44.43
N ALA G 143 11.33 -3.58 -44.56
CA ALA G 143 12.02 -3.18 -45.77
C ALA G 143 11.76 -4.21 -46.87
N ARG G 144 11.27 -3.76 -48.02
CA ARG G 144 11.02 -4.67 -49.13
C ARG G 144 12.33 -5.14 -49.73
N GLY G 145 12.52 -6.46 -49.76
CA GLY G 145 13.80 -7.00 -50.17
C GLY G 145 14.92 -6.68 -49.20
N GLY G 146 14.66 -6.80 -47.91
CA GLY G 146 15.68 -6.52 -46.92
C GLY G 146 15.89 -7.69 -45.97
N LYS G 147 16.44 -7.41 -44.80
CA LYS G 147 16.65 -8.42 -43.77
C LYS G 147 16.04 -7.95 -42.47
N ILE G 148 14.82 -8.39 -42.19
CA ILE G 148 14.09 -7.99 -41.00
C ILE G 148 14.28 -9.05 -39.93
N GLY G 149 14.87 -8.66 -38.82
CA GLY G 149 15.14 -9.58 -37.71
C GLY G 149 14.20 -9.30 -36.56
N LEU G 150 13.57 -10.35 -36.06
CA LEU G 150 12.50 -10.25 -35.08
C LEU G 150 12.98 -10.77 -33.74
N PHE G 151 14.21 -10.36 -33.36
CA PHE G 151 14.83 -10.82 -32.13
C PHE G 151 13.88 -10.74 -30.96
N GLY G 152 13.53 -11.89 -30.41
CA GLY G 152 12.49 -11.95 -29.40
C GLY G 152 12.71 -13.15 -28.50
N GLY G 153 11.93 -13.19 -27.43
CA GLY G 153 12.09 -14.19 -26.40
C GLY G 153 11.70 -15.58 -26.87
N ALA G 154 11.78 -16.52 -25.93
CA ALA G 154 11.55 -17.92 -26.26
C ALA G 154 10.08 -18.18 -26.53
N GLY G 155 9.73 -18.34 -27.81
CA GLY G 155 8.36 -18.64 -28.19
C GLY G 155 7.32 -17.65 -27.71
N VAL G 156 7.73 -16.55 -27.08
CA VAL G 156 6.79 -15.56 -26.59
C VAL G 156 6.16 -14.79 -27.74
N GLY G 157 6.38 -15.23 -28.97
CA GLY G 157 5.72 -14.66 -30.13
C GLY G 157 6.50 -14.86 -31.41
N LYS G 158 7.74 -15.32 -31.29
CA LYS G 158 8.59 -15.46 -32.47
C LYS G 158 7.99 -16.41 -33.48
N THR G 159 7.62 -17.61 -33.04
CA THR G 159 7.08 -18.60 -33.96
C THR G 159 5.79 -18.12 -34.59
N VAL G 160 4.88 -17.59 -33.78
CA VAL G 160 3.58 -17.14 -34.29
C VAL G 160 3.74 -15.96 -35.23
N PHE G 161 4.58 -15.00 -34.86
CA PHE G 161 4.79 -13.84 -35.71
C PHE G 161 5.39 -14.24 -37.04
N ILE G 162 6.37 -15.14 -37.02
CA ILE G 162 6.95 -15.61 -38.27
C ILE G 162 5.89 -16.32 -39.11
N GLN G 163 5.08 -17.16 -38.47
CA GLN G 163 4.07 -17.91 -39.23
C GLN G 163 3.05 -16.96 -39.86
N GLU G 164 2.57 -15.99 -39.10
CA GLU G 164 1.59 -15.06 -39.63
C GLU G 164 2.18 -14.23 -40.76
N LEU G 165 3.42 -13.78 -40.59
CA LEU G 165 4.08 -13.03 -41.64
C LEU G 165 4.23 -13.88 -42.89
N ILE G 166 4.50 -15.16 -42.71
CA ILE G 166 4.62 -16.06 -43.84
C ILE G 166 3.28 -16.15 -44.57
N ASN G 167 2.21 -16.42 -43.82
CA ASN G 167 0.90 -16.55 -44.45
C ASN G 167 0.47 -15.25 -45.11
N ASN G 168 1.03 -14.13 -44.65
CA ASN G 168 0.68 -12.85 -45.24
C ASN G 168 1.47 -12.60 -46.52
N ILE G 169 2.79 -12.54 -46.41
CA ILE G 169 3.60 -12.09 -47.54
C ILE G 169 3.60 -13.07 -48.71
N ALA G 170 3.53 -14.37 -48.43
CA ALA G 170 3.85 -15.37 -49.44
C ALA G 170 2.88 -15.32 -50.61
N LYS G 171 1.59 -15.10 -50.35
CA LYS G 171 0.61 -15.15 -51.41
C LYS G 171 0.93 -14.15 -52.50
N ALA G 172 1.29 -12.92 -52.12
CA ALA G 172 1.73 -11.90 -53.06
C ALA G 172 3.24 -11.76 -53.09
N HIS G 173 3.98 -12.83 -52.85
CA HIS G 173 5.44 -12.76 -52.83
C HIS G 173 5.98 -12.32 -54.20
N GLY G 174 5.25 -12.61 -55.27
CA GLY G 174 5.66 -12.18 -56.59
C GLY G 174 6.95 -12.80 -57.06
N GLY G 175 7.44 -13.83 -56.37
CA GLY G 175 8.67 -14.47 -56.74
C GLY G 175 8.72 -15.93 -56.32
N PHE G 176 9.86 -16.37 -55.79
CA PHE G 176 10.04 -17.75 -55.34
C PHE G 176 10.64 -17.70 -53.94
N SER G 177 9.79 -17.82 -52.92
CA SER G 177 10.26 -17.73 -51.54
C SER G 177 10.81 -19.07 -51.08
N VAL G 178 11.30 -19.10 -49.85
CA VAL G 178 11.87 -20.30 -49.26
C VAL G 178 11.77 -20.18 -47.75
N PHE G 179 11.84 -21.32 -47.08
CA PHE G 179 11.82 -21.34 -45.62
C PHE G 179 13.00 -22.16 -45.11
N THR G 180 13.76 -21.57 -44.21
CA THR G 180 14.91 -22.24 -43.61
C THR G 180 14.81 -22.15 -42.10
N GLY G 181 14.88 -23.30 -41.44
CA GLY G 181 14.79 -23.36 -40.01
C GLY G 181 16.04 -23.94 -39.38
N VAL G 182 16.32 -23.49 -38.16
CA VAL G 182 17.44 -24.02 -37.38
C VAL G 182 16.92 -24.19 -35.97
N GLY G 183 16.98 -25.41 -35.45
CA GLY G 183 16.48 -25.66 -34.10
C GLY G 183 14.98 -25.46 -34.01
N GLU G 184 14.26 -25.77 -35.06
CA GLU G 184 12.82 -25.58 -35.10
C GLU G 184 12.16 -26.63 -34.22
N ARG G 185 11.20 -26.20 -33.42
CA ARG G 185 10.37 -27.15 -32.70
C ARG G 185 9.75 -28.13 -33.70
N THR G 186 9.82 -29.41 -33.38
CA THR G 186 9.33 -30.42 -34.31
C THR G 186 7.86 -30.21 -34.65
N ARG G 187 7.01 -30.00 -33.65
CA ARG G 187 5.60 -29.73 -33.92
C ARG G 187 5.44 -28.44 -34.70
N GLU G 188 6.21 -27.41 -34.34
CA GLU G 188 6.16 -26.16 -35.10
C GLU G 188 6.60 -26.35 -36.54
N GLY G 189 7.63 -27.15 -36.78
CA GLY G 189 8.00 -27.45 -38.15
C GLY G 189 6.89 -28.16 -38.89
N ASN G 190 6.25 -29.12 -38.23
CA ASN G 190 5.13 -29.82 -38.86
C ASN G 190 4.02 -28.85 -39.21
N ASP G 191 3.71 -27.93 -38.29
CA ASP G 191 2.67 -26.95 -38.53
C ASP G 191 3.03 -26.00 -39.67
N LEU G 192 4.30 -25.60 -39.75
CA LEU G 192 4.72 -24.74 -40.85
C LEU G 192 4.56 -25.44 -42.19
N TYR G 193 4.96 -26.71 -42.25
CA TYR G 193 4.77 -27.47 -43.48
C TYR G 193 3.29 -27.56 -43.82
N ARG G 194 2.45 -27.82 -42.82
CA ARG G 194 1.03 -27.94 -43.06
C ARG G 194 0.46 -26.63 -43.62
N GLU G 195 0.81 -25.51 -43.01
CA GLU G 195 0.27 -24.22 -43.46
C GLU G 195 0.74 -23.89 -44.87
N MET G 196 2.02 -24.16 -45.15
CA MET G 196 2.50 -23.92 -46.51
C MET G 196 1.77 -24.80 -47.51
N LYS G 197 1.51 -26.05 -47.17
CA LYS G 197 0.77 -26.92 -48.08
C LYS G 197 -0.66 -26.41 -48.28
N GLU G 198 -1.34 -26.09 -47.19
CA GLU G 198 -2.72 -25.64 -47.23
C GLU G 198 -2.88 -24.28 -47.92
N THR G 199 -1.99 -23.33 -47.64
CA THR G 199 -2.12 -22.03 -48.28
C THR G 199 -1.90 -22.09 -49.78
N GLY G 200 -1.52 -23.24 -50.31
CA GLY G 200 -1.17 -23.35 -51.70
C GLY G 200 0.19 -22.81 -52.05
N VAL G 201 0.98 -22.42 -51.04
CA VAL G 201 2.31 -21.86 -51.30
C VAL G 201 3.18 -22.90 -51.99
N ILE G 202 3.16 -24.13 -51.49
CA ILE G 202 3.77 -25.24 -52.19
C ILE G 202 2.68 -26.18 -52.67
N ASN G 203 2.53 -26.30 -53.98
CA ASN G 203 1.53 -27.20 -54.57
C ASN G 203 2.20 -28.54 -54.78
N LEU G 204 1.60 -29.59 -54.21
CA LEU G 204 2.24 -30.89 -54.20
C LEU G 204 2.49 -31.41 -55.61
N GLU G 205 1.49 -31.29 -56.49
CA GLU G 205 1.61 -31.69 -57.88
C GLU G 205 1.53 -30.52 -58.84
N GLY G 206 1.62 -29.28 -58.35
CA GLY G 206 1.64 -28.12 -59.21
C GLY G 206 2.80 -27.20 -58.92
N GLU G 207 2.69 -25.94 -59.32
CA GLU G 207 3.78 -24.99 -59.13
C GLU G 207 3.89 -24.62 -57.66
N SER G 208 5.13 -24.52 -57.19
CA SER G 208 5.42 -24.18 -55.81
C SER G 208 6.31 -22.96 -55.77
N LYS G 209 5.93 -21.98 -54.95
CA LYS G 209 6.75 -20.80 -54.76
C LYS G 209 7.64 -20.90 -53.53
N VAL G 210 7.64 -22.04 -52.86
CA VAL G 210 8.37 -22.21 -51.62
C VAL G 210 9.17 -23.50 -51.70
N ALA G 211 10.44 -23.42 -51.31
CA ALA G 211 11.29 -24.59 -51.10
C ALA G 211 11.85 -24.51 -49.69
N LEU G 212 11.74 -25.59 -48.94
CA LEU G 212 12.05 -25.56 -47.52
C LEU G 212 13.34 -26.31 -47.23
N VAL G 213 14.09 -25.82 -46.24
CA VAL G 213 15.18 -26.58 -45.63
C VAL G 213 14.98 -26.53 -44.13
N PHE G 214 14.77 -27.69 -43.52
CA PHE G 214 14.42 -27.77 -42.12
C PHE G 214 15.60 -28.29 -41.31
N GLY G 215 15.91 -27.59 -40.23
CA GLY G 215 17.04 -27.95 -39.38
C GLY G 215 16.65 -28.14 -37.93
N GLN G 216 15.55 -28.85 -37.69
CA GLN G 216 14.94 -28.93 -36.37
C GLN G 216 15.96 -29.26 -35.29
N MET G 217 15.64 -28.86 -34.07
CA MET G 217 16.58 -28.92 -32.95
C MET G 217 17.10 -30.33 -32.69
N ASN G 218 16.38 -31.35 -33.15
CA ASN G 218 16.75 -32.72 -32.83
C ASN G 218 18.16 -33.05 -33.32
N GLU G 219 18.58 -32.44 -34.41
CA GLU G 219 19.76 -32.91 -35.13
C GLU G 219 21.02 -32.76 -34.30
N PRO G 220 22.13 -33.34 -34.77
CA PRO G 220 23.41 -33.13 -34.10
C PRO G 220 23.86 -31.68 -34.24
N PRO G 221 24.70 -31.21 -33.32
CA PRO G 221 25.02 -29.77 -33.32
C PRO G 221 25.56 -29.27 -34.64
N GLY G 222 26.44 -30.03 -35.29
CA GLY G 222 26.99 -29.58 -36.55
C GLY G 222 25.92 -29.43 -37.61
N ALA G 223 24.96 -30.35 -37.64
CA ALA G 223 23.86 -30.22 -38.57
C ALA G 223 23.06 -28.96 -38.27
N ARG G 224 22.82 -28.66 -37.00
CA ARG G 224 22.07 -27.47 -36.64
C ARG G 224 22.80 -26.22 -37.13
N ALA G 225 24.12 -26.17 -36.99
CA ALA G 225 24.86 -25.01 -37.46
C ALA G 225 24.85 -24.89 -38.97
N ARG G 226 25.09 -25.98 -39.69
CA ARG G 226 25.24 -25.87 -41.13
C ARG G 226 23.93 -25.89 -41.89
N VAL G 227 22.82 -26.20 -41.23
CA VAL G 227 21.54 -26.23 -41.94
C VAL G 227 21.16 -24.84 -42.44
N ALA G 228 21.35 -23.82 -41.59
CA ALA G 228 21.04 -22.47 -42.02
C ALA G 228 21.98 -22.01 -43.12
N LEU G 229 23.24 -22.44 -43.08
CA LEU G 229 24.14 -22.14 -44.18
C LEU G 229 23.64 -22.77 -45.47
N THR G 230 23.14 -24.00 -45.39
CA THR G 230 22.55 -24.64 -46.57
C THR G 230 21.35 -23.85 -47.07
N GLY G 231 20.51 -23.40 -46.16
CA GLY G 231 19.40 -22.55 -46.54
C GLY G 231 19.86 -21.29 -47.23
N LEU G 232 20.91 -20.66 -46.69
CA LEU G 232 21.40 -19.42 -47.27
C LEU G 232 21.98 -19.66 -48.64
N THR G 233 22.64 -20.81 -48.84
CA THR G 233 23.14 -21.13 -50.17
C THR G 233 22.00 -21.33 -51.15
N ILE G 234 20.95 -22.05 -50.74
CA ILE G 234 19.79 -22.20 -51.61
C ILE G 234 19.19 -20.85 -51.92
N ALA G 235 19.17 -19.96 -50.92
CA ALA G 235 18.56 -18.65 -51.10
C ALA G 235 19.37 -17.78 -52.06
N GLU G 236 20.68 -17.71 -51.86
CA GLU G 236 21.52 -16.92 -52.75
C GLU G 236 21.45 -17.47 -54.18
N TYR G 237 21.43 -18.79 -54.33
CA TYR G 237 21.26 -19.37 -55.66
C TYR G 237 19.93 -18.94 -56.26
N PHE G 238 18.87 -18.97 -55.46
CA PHE G 238 17.58 -18.53 -55.97
C PHE G 238 17.51 -17.03 -56.17
N ARG G 239 18.47 -16.27 -55.65
CA ARG G 239 18.45 -14.82 -55.82
C ARG G 239 19.24 -14.38 -57.04
N ASP G 240 20.43 -14.96 -57.25
CA ASP G 240 21.23 -14.58 -58.41
C ASP G 240 20.78 -15.32 -59.66
N GLU G 241 20.81 -16.65 -59.63
CA GLU G 241 20.49 -17.44 -60.82
C GLU G 241 19.06 -17.19 -61.27
N GLU G 242 18.11 -17.20 -60.33
CA GLU G 242 16.73 -16.94 -60.70
C GLU G 242 16.50 -15.45 -60.93
N GLY G 243 17.20 -14.60 -60.19
CA GLY G 243 17.11 -13.16 -60.41
C GLY G 243 15.75 -12.55 -60.13
N GLN G 244 14.95 -13.19 -59.28
CA GLN G 244 13.62 -12.71 -58.92
C GLN G 244 13.50 -12.68 -57.40
N ASP G 245 12.60 -11.84 -56.89
CA ASP G 245 12.46 -11.70 -55.46
C ASP G 245 12.23 -13.05 -54.81
N VAL G 246 13.01 -13.34 -53.77
CA VAL G 246 12.96 -14.59 -53.05
C VAL G 246 12.89 -14.28 -51.57
N LEU G 247 11.85 -14.77 -50.91
CA LEU G 247 11.66 -14.53 -49.49
C LEU G 247 12.15 -15.72 -48.70
N LEU G 248 13.29 -15.57 -48.04
CA LEU G 248 13.87 -16.62 -47.21
C LEU G 248 13.76 -16.23 -45.75
N PHE G 249 13.08 -17.05 -44.98
CA PHE G 249 12.86 -16.76 -43.57
C PHE G 249 13.58 -17.79 -42.74
N ILE G 250 14.37 -17.31 -41.79
CA ILE G 250 15.14 -18.16 -40.88
C ILE G 250 14.49 -18.08 -39.51
N ASP G 251 14.20 -19.22 -38.92
CA ASP G 251 13.54 -19.29 -37.61
C ASP G 251 14.56 -19.65 -36.56
N ASN G 252 14.63 -18.84 -35.50
CA ASN G 252 15.52 -19.07 -34.36
C ASN G 252 16.98 -19.18 -34.80
N ILE G 253 17.44 -18.13 -35.50
CA ILE G 253 18.84 -18.09 -35.91
C ILE G 253 19.75 -18.08 -34.70
N PHE G 254 19.21 -17.79 -33.52
CA PHE G 254 20.00 -17.95 -32.30
C PHE G 254 20.39 -19.41 -32.10
N ARG G 255 19.61 -20.34 -32.62
CA ARG G 255 19.96 -21.75 -32.52
C ARG G 255 21.24 -22.05 -33.28
N PHE G 256 21.48 -21.34 -34.39
CA PHE G 256 22.74 -21.51 -35.10
C PHE G 256 23.91 -21.13 -34.22
N THR G 257 23.81 -20.00 -33.53
CA THR G 257 24.87 -19.60 -32.61
C THR G 257 25.00 -20.60 -31.48
N GLN G 258 23.89 -21.19 -31.04
CA GLN G 258 23.94 -22.19 -29.98
C GLN G 258 24.70 -23.43 -30.45
N ALA G 259 24.49 -23.80 -31.70
CA ALA G 259 25.25 -24.91 -32.28
C ALA G 259 26.74 -24.57 -32.31
N GLY G 260 27.05 -23.34 -32.69
CA GLY G 260 28.43 -22.90 -32.61
C GLY G 260 28.99 -23.02 -31.22
N SER G 261 28.21 -22.61 -30.22
CA SER G 261 28.66 -22.69 -28.83
C SER G 261 28.89 -24.12 -28.38
N GLU G 262 27.96 -25.03 -28.67
CA GLU G 262 28.14 -26.42 -28.25
C GLU G 262 29.34 -27.05 -28.96
N VAL G 263 29.48 -26.77 -30.26
CA VAL G 263 30.57 -27.40 -31.00
C VAL G 263 31.92 -26.86 -30.54
N SER G 264 32.01 -25.56 -30.27
CA SER G 264 33.31 -24.94 -30.08
C SER G 264 34.04 -25.54 -28.89
N ALA G 265 33.36 -25.70 -27.76
CA ALA G 265 34.03 -26.21 -26.58
C ALA G 265 34.65 -27.57 -26.85
N LEU G 266 33.88 -28.50 -27.39
CA LEU G 266 34.43 -29.78 -27.78
C LEU G 266 35.42 -29.65 -28.91
N LEU G 267 35.42 -28.53 -29.63
CA LEU G 267 36.37 -28.32 -30.71
C LEU G 267 37.69 -27.72 -30.23
N GLY G 268 37.85 -27.51 -28.92
CA GLY G 268 39.12 -27.07 -28.41
C GLY G 268 39.37 -25.57 -28.45
N ARG G 269 38.33 -24.77 -28.45
CA ARG G 269 38.48 -23.32 -28.34
C ARG G 269 38.22 -22.90 -26.91
N ILE G 270 39.11 -22.08 -26.36
CA ILE G 270 38.98 -21.70 -24.95
C ILE G 270 37.64 -21.00 -24.75
N PRO G 271 37.01 -21.11 -23.59
CA PRO G 271 35.68 -20.53 -23.42
C PRO G 271 35.69 -19.02 -23.60
N SER G 272 34.62 -18.52 -24.21
CA SER G 272 34.51 -17.10 -24.52
C SER G 272 33.51 -16.42 -23.59
N ALA G 273 33.01 -15.26 -24.00
CA ALA G 273 32.01 -14.55 -23.23
C ALA G 273 30.74 -15.35 -23.10
N VAL G 274 30.14 -15.34 -21.91
CA VAL G 274 28.90 -16.03 -21.62
C VAL G 274 29.00 -17.45 -22.13
N GLY G 275 30.21 -18.01 -22.06
CA GLY G 275 30.47 -19.32 -22.59
C GLY G 275 30.15 -19.49 -24.06
N TYR G 276 29.83 -18.41 -24.75
CA TYR G 276 29.47 -18.50 -26.15
C TYR G 276 30.69 -18.94 -26.97
N GLN G 277 30.43 -19.33 -28.21
CA GLN G 277 31.50 -19.83 -29.05
C GLN G 277 32.54 -18.73 -29.22
N PRO G 278 33.83 -19.07 -29.29
CA PRO G 278 34.85 -18.01 -29.39
C PRO G 278 34.69 -17.16 -30.64
N THR G 279 33.95 -17.63 -31.64
CA THR G 279 33.77 -16.92 -32.89
C THR G 279 32.32 -16.56 -33.16
N LEU G 280 31.60 -15.97 -32.19
CA LEU G 280 30.18 -15.67 -32.39
C LEU G 280 29.99 -14.71 -33.55
N ALA G 281 30.51 -13.49 -33.43
CA ALA G 281 30.20 -12.45 -34.42
C ALA G 281 30.71 -12.83 -35.81
N THR G 282 31.93 -13.33 -35.90
CA THR G 282 32.50 -13.61 -37.21
C THR G 282 31.66 -14.63 -37.95
N ASP G 283 31.35 -15.75 -37.31
CA ASP G 283 30.54 -16.76 -37.96
C ASP G 283 29.13 -16.25 -38.25
N MET G 284 28.54 -15.52 -37.31
CA MET G 284 27.19 -15.01 -37.52
C MET G 284 27.16 -14.07 -38.70
N GLY G 285 28.21 -13.26 -38.87
CA GLY G 285 28.29 -12.44 -40.06
C GLY G 285 28.44 -13.27 -41.32
N LEU G 286 29.33 -14.26 -41.29
CA LEU G 286 29.55 -15.07 -42.48
C LEU G 286 28.28 -15.79 -42.91
N LEU G 287 27.38 -16.04 -41.95
CA LEU G 287 26.11 -16.67 -42.29
C LEU G 287 24.96 -15.68 -42.35
N GLN G 288 25.24 -14.39 -42.11
CA GLN G 288 24.20 -13.36 -42.19
C GLN G 288 24.52 -12.37 -43.31
N GLU G 289 25.75 -11.87 -43.34
CA GLU G 289 26.15 -10.97 -44.42
C GLU G 289 26.04 -11.66 -45.77
N ARG G 290 26.10 -12.99 -45.79
CA ARG G 290 25.88 -13.70 -47.03
C ARG G 290 24.50 -13.44 -47.59
N ILE G 291 23.52 -13.15 -46.74
CA ILE G 291 22.15 -12.92 -47.16
C ILE G 291 21.96 -11.44 -47.37
N THR G 292 21.72 -11.04 -48.62
CA THR G 292 21.45 -9.65 -48.94
C THR G 292 20.80 -9.60 -50.31
N THR G 293 20.15 -8.47 -50.59
CA THR G 293 19.47 -8.29 -51.87
C THR G 293 20.35 -7.44 -52.78
N THR G 294 21.22 -8.09 -53.53
CA THR G 294 22.11 -7.40 -54.44
C THR G 294 21.32 -6.99 -55.67
N LYS G 295 22.02 -6.36 -56.62
CA LYS G 295 21.37 -6.00 -57.86
C LYS G 295 20.97 -7.23 -58.66
N LYS G 296 21.59 -8.37 -58.35
CA LYS G 296 21.24 -9.60 -59.04
C LYS G 296 19.79 -10.01 -58.77
N GLY G 297 19.33 -9.82 -57.54
CA GLY G 297 17.97 -10.20 -57.21
C GLY G 297 17.58 -9.65 -55.86
N SER G 298 16.30 -9.78 -55.55
CA SER G 298 15.76 -9.27 -54.31
C SER G 298 15.66 -10.40 -53.29
N VAL G 299 15.99 -10.10 -52.04
CA VAL G 299 16.01 -11.07 -50.97
C VAL G 299 15.21 -10.53 -49.80
N THR G 300 14.12 -11.21 -49.46
CA THR G 300 13.33 -10.88 -48.28
C THR G 300 13.75 -11.85 -47.19
N SER G 301 14.42 -11.34 -46.17
CA SER G 301 15.02 -12.16 -45.12
C SER G 301 14.33 -11.92 -43.79
N VAL G 302 13.80 -12.99 -43.19
CA VAL G 302 13.20 -12.94 -41.87
C VAL G 302 14.03 -13.83 -40.96
N GLN G 303 14.87 -13.23 -40.14
CA GLN G 303 15.83 -13.97 -39.31
C GLN G 303 15.45 -13.78 -37.85
N ALA G 304 14.55 -14.62 -37.35
CA ALA G 304 14.16 -14.53 -35.95
C ALA G 304 15.30 -14.99 -35.05
N VAL G 305 15.54 -14.26 -33.98
CA VAL G 305 16.58 -14.61 -33.02
C VAL G 305 15.92 -14.81 -31.67
N TYR G 306 16.10 -15.99 -31.10
CA TYR G 306 15.58 -16.30 -29.78
C TYR G 306 16.58 -15.86 -28.72
N VAL G 307 16.40 -14.66 -28.21
CA VAL G 307 17.32 -14.05 -27.26
C VAL G 307 17.37 -14.94 -26.02
N PRO G 308 18.48 -15.62 -25.77
CA PRO G 308 18.53 -16.50 -24.60
C PRO G 308 18.32 -15.70 -23.32
N ALA G 309 17.75 -16.36 -22.32
CA ALA G 309 17.55 -15.76 -21.00
C ALA G 309 16.65 -14.52 -21.06
N ASP G 310 15.90 -14.38 -22.16
CA ASP G 310 14.91 -13.33 -22.32
C ASP G 310 15.48 -11.95 -22.03
N ASP G 311 16.80 -11.84 -21.97
CA ASP G 311 17.48 -10.57 -21.73
C ASP G 311 18.41 -10.31 -22.92
N LEU G 312 18.01 -9.36 -23.77
CA LEU G 312 18.76 -9.10 -24.99
C LEU G 312 20.21 -8.69 -24.72
N THR G 313 20.63 -8.63 -23.47
CA THR G 313 22.03 -8.38 -23.16
C THR G 313 22.92 -9.58 -23.44
N ASP G 314 22.35 -10.73 -23.78
CA ASP G 314 23.17 -11.91 -24.02
C ASP G 314 24.09 -11.68 -25.21
N PRO G 315 25.36 -12.09 -25.12
CA PRO G 315 26.31 -11.73 -26.19
C PRO G 315 25.89 -12.20 -27.56
N ALA G 316 25.31 -13.40 -27.67
CA ALA G 316 24.86 -13.88 -28.96
C ALA G 316 23.77 -13.00 -29.54
N PRO G 317 22.69 -12.70 -28.81
CA PRO G 317 21.71 -11.77 -29.35
C PRO G 317 22.28 -10.39 -29.62
N ALA G 318 23.23 -9.93 -28.81
CA ALA G 318 23.83 -8.62 -29.04
C ALA G 318 24.57 -8.58 -30.37
N THR G 319 25.33 -9.63 -30.66
CA THR G 319 25.96 -9.72 -31.98
C THR G 319 24.93 -9.86 -33.07
N THR G 320 23.81 -10.51 -32.77
CA THR G 320 22.76 -10.67 -33.78
C THR G 320 22.13 -9.34 -34.15
N PHE G 321 21.98 -8.43 -33.18
CA PHE G 321 21.19 -7.23 -33.41
C PHE G 321 21.74 -6.39 -34.55
N ALA G 322 23.06 -6.37 -34.72
CA ALA G 322 23.66 -5.48 -35.70
C ALA G 322 23.34 -5.87 -37.14
N HIS G 323 23.47 -7.14 -37.50
CA HIS G 323 23.45 -7.54 -38.90
C HIS G 323 22.04 -7.50 -39.50
N LEU G 324 21.03 -7.27 -38.69
CA LEU G 324 19.66 -7.31 -39.18
C LEU G 324 19.16 -5.88 -39.32
N ASP G 325 18.36 -5.66 -40.37
CA ASP G 325 17.94 -4.29 -40.70
C ASP G 325 16.76 -3.82 -39.84
N ALA G 326 15.57 -4.39 -40.07
CA ALA G 326 14.35 -3.90 -39.45
C ALA G 326 14.01 -4.79 -38.27
N THR G 327 14.32 -4.31 -37.06
CA THR G 327 14.26 -5.10 -35.85
C THR G 327 12.92 -4.91 -35.17
N THR G 328 12.17 -6.00 -34.99
CA THR G 328 10.88 -5.97 -34.32
C THR G 328 10.99 -6.80 -33.05
N VAL G 329 11.43 -6.16 -31.97
CA VAL G 329 11.67 -6.87 -30.73
C VAL G 329 10.33 -7.16 -30.05
N LEU G 330 10.16 -8.39 -29.59
CA LEU G 330 9.02 -8.78 -28.78
C LEU G 330 9.55 -9.43 -27.50
N SER G 331 9.15 -8.89 -26.35
CA SER G 331 9.70 -9.34 -25.08
C SER G 331 8.57 -9.74 -24.13
N ARG G 332 8.92 -10.56 -23.15
CA ARG G 332 7.93 -11.13 -22.25
C ARG G 332 7.23 -10.06 -21.41
N GLY G 333 7.85 -8.90 -21.21
CA GLY G 333 7.18 -7.85 -20.47
C GLY G 333 5.89 -7.43 -21.13
N ILE G 334 5.91 -7.18 -22.43
CA ILE G 334 4.70 -6.82 -23.17
C ILE G 334 3.73 -7.98 -23.24
N SER G 335 4.23 -9.21 -23.38
CA SER G 335 3.35 -10.36 -23.44
C SER G 335 2.58 -10.54 -22.14
N GLU G 336 3.24 -10.36 -21.00
CA GLU G 336 2.59 -10.52 -19.71
C GLU G 336 1.43 -9.54 -19.52
N LEU G 337 1.45 -8.41 -20.20
CA LEU G 337 0.31 -7.51 -20.21
C LEU G 337 -0.87 -8.10 -20.97
N GLY G 338 -0.66 -9.18 -21.71
CA GLY G 338 -1.73 -9.85 -22.42
C GLY G 338 -1.79 -9.58 -23.91
N ILE G 339 -1.06 -8.57 -24.40
CA ILE G 339 -1.09 -8.25 -25.82
C ILE G 339 -0.44 -9.38 -26.60
N TYR G 340 -1.22 -10.02 -27.47
CA TYR G 340 -0.67 -11.13 -28.25
C TYR G 340 0.47 -10.70 -29.16
N PRO G 341 0.36 -9.60 -29.92
CA PRO G 341 1.46 -9.23 -30.83
C PRO G 341 2.77 -8.93 -30.12
N ALA G 342 2.73 -8.59 -28.83
CA ALA G 342 3.86 -8.61 -27.92
C ALA G 342 5.03 -7.71 -28.35
N VAL G 343 4.86 -6.92 -29.40
CA VAL G 343 5.98 -6.11 -29.87
C VAL G 343 6.29 -5.05 -28.84
N ASP G 344 7.57 -4.87 -28.55
CA ASP G 344 7.95 -3.82 -27.63
C ASP G 344 7.99 -2.52 -28.43
N PRO G 345 6.88 -1.79 -28.50
CA PRO G 345 6.85 -0.60 -29.37
C PRO G 345 7.88 0.44 -29.01
N LEU G 346 8.19 0.59 -27.72
CA LEU G 346 9.19 1.56 -27.32
C LEU G 346 10.59 1.13 -27.73
N ASP G 347 10.73 -0.12 -28.19
CA ASP G 347 12.06 -0.62 -28.55
C ASP G 347 12.14 -1.00 -30.02
N SER G 348 11.14 -1.71 -30.53
CA SER G 348 11.21 -2.26 -31.87
C SER G 348 11.23 -1.14 -32.90
N LYS G 349 12.35 -1.01 -33.61
CA LYS G 349 12.50 0.10 -34.55
C LYS G 349 13.00 -0.44 -35.88
N SER G 350 12.66 0.27 -36.95
CA SER G 350 13.14 -0.08 -38.27
C SER G 350 13.86 1.11 -38.88
N ARG G 351 15.17 0.94 -39.10
CA ARG G 351 15.93 1.97 -39.78
C ARG G 351 15.40 2.20 -41.19
N LEU G 352 14.65 1.27 -41.74
CA LEU G 352 13.92 1.55 -42.97
C LEU G 352 12.91 2.66 -42.80
N LEU G 353 12.53 2.99 -41.56
CA LEU G 353 11.58 4.06 -41.30
C LEU G 353 12.28 5.40 -41.13
N ASP G 354 11.97 6.35 -41.99
CA ASP G 354 12.51 7.70 -41.93
C ASP G 354 11.41 8.68 -42.29
N ALA G 355 11.75 9.97 -42.22
CA ALA G 355 10.79 10.99 -42.62
C ALA G 355 10.30 10.74 -44.04
N ALA G 356 11.21 10.58 -44.99
CA ALA G 356 10.85 10.47 -46.39
C ALA G 356 10.59 9.03 -46.83
N VAL G 357 10.43 8.10 -45.89
CA VAL G 357 10.25 6.70 -46.21
C VAL G 357 8.77 6.33 -46.30
N VAL G 358 8.04 6.46 -45.20
CA VAL G 358 6.63 6.10 -45.17
C VAL G 358 5.72 7.31 -45.02
N GLY G 359 6.25 8.52 -45.00
CA GLY G 359 5.42 9.71 -44.90
C GLY G 359 5.77 10.56 -43.70
N GLN G 360 5.79 11.88 -43.90
CA GLN G 360 6.05 12.78 -42.78
C GLN G 360 5.01 12.62 -41.69
N GLU G 361 3.74 12.46 -42.09
CA GLU G 361 2.70 12.22 -41.12
C GLU G 361 2.93 10.91 -40.37
N HIS G 362 3.34 9.86 -41.10
CA HIS G 362 3.62 8.60 -40.44
C HIS G 362 4.77 8.75 -39.45
N TYR G 363 5.82 9.46 -39.85
CA TYR G 363 6.96 9.65 -38.96
C TYR G 363 6.54 10.41 -37.71
N ASP G 364 5.74 11.46 -37.88
CA ASP G 364 5.27 12.21 -36.72
C ASP G 364 4.35 11.37 -35.85
N VAL G 365 3.51 10.53 -36.48
CA VAL G 365 2.59 9.68 -35.71
C VAL G 365 3.38 8.70 -34.86
N ALA G 366 4.38 8.06 -35.45
CA ALA G 366 5.22 7.14 -34.70
C ALA G 366 5.98 7.88 -33.60
N SER G 367 6.48 9.08 -33.89
CA SER G 367 7.21 9.83 -32.88
C SER G 367 6.32 10.18 -31.70
N LYS G 368 5.11 10.66 -31.96
CA LYS G 368 4.18 10.97 -30.88
C LYS G 368 3.82 9.72 -30.09
N VAL G 369 3.54 8.62 -30.80
CA VAL G 369 3.15 7.39 -30.12
C VAL G 369 4.27 6.90 -29.21
N GLN G 370 5.50 6.90 -29.72
CA GLN G 370 6.63 6.47 -28.91
C GLN G 370 6.85 7.40 -27.74
N GLU G 371 6.70 8.71 -27.96
CA GLU G 371 6.86 9.64 -26.84
C GLU G 371 5.82 9.38 -25.77
N THR G 372 4.58 9.13 -26.16
CA THR G 372 3.53 8.87 -25.18
C THR G 372 3.81 7.60 -24.40
N LEU G 373 4.15 6.52 -25.11
CA LEU G 373 4.41 5.25 -24.44
C LEU G 373 5.62 5.37 -23.52
N GLN G 374 6.66 6.08 -23.96
CA GLN G 374 7.82 6.31 -23.10
C GLN G 374 7.43 7.12 -21.89
N THR G 375 6.51 8.08 -22.05
CA THR G 375 6.01 8.82 -20.90
C THR G 375 5.30 7.90 -19.93
N TYR G 376 4.49 6.99 -20.45
CA TYR G 376 3.80 6.04 -19.58
C TYR G 376 4.79 5.19 -18.80
N LYS G 377 5.80 4.66 -19.49
CA LYS G 377 6.80 3.84 -18.81
C LYS G 377 7.57 4.67 -17.78
N SER G 378 7.91 5.91 -18.14
CA SER G 378 8.65 6.77 -17.23
C SER G 378 7.84 7.10 -15.98
N LEU G 379 6.54 7.32 -16.13
CA LEU G 379 5.69 7.64 -15.01
C LEU G 379 5.13 6.42 -14.30
N GLN G 380 5.41 5.22 -14.82
CA GLN G 380 4.90 4.00 -14.20
C GLN G 380 5.38 3.87 -12.76
N ASP G 381 6.61 4.30 -12.49
CA ASP G 381 7.15 4.18 -11.13
C ASP G 381 6.34 5.00 -10.14
N ILE G 382 6.14 6.29 -10.44
CA ILE G 382 5.35 7.13 -9.55
C ILE G 382 3.89 6.69 -9.55
N ILE G 383 3.40 6.14 -10.67
CA ILE G 383 2.02 5.67 -10.72
C ILE G 383 1.82 4.55 -9.72
N ALA G 384 2.70 3.54 -9.76
CA ALA G 384 2.59 2.43 -8.82
C ALA G 384 2.82 2.89 -7.40
N ILE G 385 3.80 3.77 -7.18
CA ILE G 385 4.15 4.16 -5.82
C ILE G 385 3.06 5.01 -5.17
N LEU G 386 2.45 5.93 -5.92
CA LEU G 386 1.47 6.85 -5.37
C LEU G 386 0.06 6.62 -5.93
N GLY G 387 -0.07 6.55 -7.25
CA GLY G 387 -1.39 6.39 -7.85
C GLY G 387 -1.64 7.34 -8.99
N MET G 388 -2.62 7.04 -9.83
CA MET G 388 -2.90 7.89 -10.98
C MET G 388 -3.37 9.28 -10.58
N ASP G 389 -4.00 9.41 -9.41
CA ASP G 389 -4.53 10.70 -9.00
C ASP G 389 -3.42 11.65 -8.57
N GLU G 390 -2.32 11.11 -8.01
CA GLU G 390 -1.31 11.95 -7.40
C GLU G 390 -0.52 12.77 -8.42
N LEU G 391 -0.65 12.49 -9.71
CA LEU G 391 0.11 13.20 -10.73
C LEU G 391 -0.79 14.15 -11.50
N SER G 392 -0.21 14.77 -12.54
CA SER G 392 -0.88 15.81 -13.30
C SER G 392 -2.04 15.24 -14.10
N GLU G 393 -3.06 16.09 -14.30
CA GLU G 393 -4.17 15.72 -15.16
C GLU G 393 -3.74 15.66 -16.61
N GLN G 394 -2.78 16.50 -17.01
CA GLN G 394 -2.12 16.30 -18.29
C GLN G 394 -1.41 14.95 -18.31
N ASP G 395 -0.64 14.66 -17.25
CA ASP G 395 0.03 13.38 -17.15
C ASP G 395 -0.97 12.23 -17.09
N LYS G 396 -2.07 12.43 -16.35
CA LYS G 396 -3.11 11.40 -16.29
C LYS G 396 -3.73 11.16 -17.65
N LEU G 397 -4.00 12.23 -18.40
CA LEU G 397 -4.58 12.09 -19.73
C LEU G 397 -3.63 11.36 -20.67
N THR G 398 -2.35 11.73 -20.63
CA THR G 398 -1.36 11.05 -21.45
C THR G 398 -1.27 9.57 -21.08
N VAL G 399 -1.34 9.27 -19.79
CA VAL G 399 -1.24 7.88 -19.34
C VAL G 399 -2.44 7.09 -19.84
N GLU G 400 -3.64 7.67 -19.74
CA GLU G 400 -4.82 6.96 -20.22
C GLU G 400 -4.75 6.73 -21.73
N ARG G 401 -4.35 7.75 -22.49
CA ARG G 401 -4.21 7.57 -23.93
C ARG G 401 -3.16 6.52 -24.26
N ALA G 402 -2.05 6.53 -23.52
CA ALA G 402 -1.00 5.54 -23.75
C ALA G 402 -1.46 4.14 -23.44
N ARG G 403 -2.21 3.97 -22.36
CA ARG G 403 -2.74 2.65 -22.03
C ARG G 403 -3.67 2.17 -23.14
N LYS G 404 -4.52 3.07 -23.64
CA LYS G 404 -5.36 2.72 -24.77
C LYS G 404 -4.53 2.34 -25.98
N ILE G 405 -3.45 3.08 -26.23
CA ILE G 405 -2.61 2.81 -27.40
C ILE G 405 -1.94 1.46 -27.27
N GLN G 406 -1.39 1.16 -26.10
CA GLN G 406 -0.75 -0.12 -25.87
C GLN G 406 -1.76 -1.25 -26.04
N ARG G 407 -2.96 -1.05 -25.50
CA ARG G 407 -4.02 -2.02 -25.73
C ARG G 407 -4.46 -2.07 -27.17
N PHE G 408 -4.12 -1.06 -27.98
CA PHE G 408 -4.38 -1.11 -29.40
C PHE G 408 -3.25 -1.75 -30.18
N LEU G 409 -2.11 -2.00 -29.53
CA LEU G 409 -0.96 -2.54 -30.24
C LEU G 409 -1.20 -3.96 -30.75
N SER G 410 -1.90 -4.79 -29.99
CA SER G 410 -2.15 -6.15 -30.45
C SER G 410 -3.14 -6.14 -31.61
N GLN G 411 -3.24 -7.29 -32.29
CA GLN G 411 -4.17 -7.42 -33.40
C GLN G 411 -4.46 -8.89 -33.62
N PRO G 412 -5.55 -9.24 -34.31
CA PRO G 412 -5.82 -10.65 -34.61
C PRO G 412 -5.09 -11.08 -35.87
N PHE G 413 -4.20 -12.06 -35.72
CA PHE G 413 -3.41 -12.58 -36.83
C PHE G 413 -4.06 -13.84 -37.39
N ALA G 414 -3.95 -14.01 -38.70
CA ALA G 414 -4.75 -15.01 -39.41
C ALA G 414 -4.52 -16.43 -38.90
N VAL G 415 -3.29 -16.78 -38.55
CA VAL G 415 -3.00 -18.10 -38.04
C VAL G 415 -3.04 -18.17 -36.52
N ALA G 416 -2.98 -17.03 -35.84
CA ALA G 416 -3.08 -17.00 -34.39
C ALA G 416 -4.50 -17.20 -33.90
N GLU G 417 -5.47 -17.27 -34.81
CA GLU G 417 -6.85 -17.54 -34.43
C GLU G 417 -6.98 -18.77 -33.56
N VAL G 418 -5.94 -19.59 -33.49
CA VAL G 418 -5.91 -20.67 -32.53
C VAL G 418 -5.97 -20.15 -31.11
N PHE G 419 -5.28 -19.04 -30.82
CA PHE G 419 -5.20 -18.52 -29.46
C PHE G 419 -6.32 -17.53 -29.16
N THR G 420 -6.37 -16.42 -29.87
CA THR G 420 -7.37 -15.40 -29.58
C THR G 420 -8.76 -15.82 -30.02
N GLY G 421 -8.85 -16.67 -31.04
CA GLY G 421 -10.10 -17.19 -31.51
C GLY G 421 -10.76 -16.35 -32.59
N ILE G 422 -10.35 -15.11 -32.75
CA ILE G 422 -10.95 -14.22 -33.76
C ILE G 422 -10.33 -14.53 -35.12
N PRO G 423 -11.10 -14.48 -36.21
CA PRO G 423 -10.47 -14.52 -37.54
C PRO G 423 -9.51 -13.37 -37.70
N GLY G 424 -8.38 -13.62 -38.35
CA GLY G 424 -7.29 -12.67 -38.35
C GLY G 424 -7.63 -11.36 -39.04
N LYS G 425 -6.98 -10.29 -38.58
CA LYS G 425 -7.21 -8.97 -39.13
C LYS G 425 -5.88 -8.36 -39.56
N LEU G 426 -5.82 -7.94 -40.82
CA LEU G 426 -4.63 -7.31 -41.37
C LEU G 426 -4.86 -5.81 -41.55
N VAL G 427 -4.23 -5.01 -40.68
CA VAL G 427 -4.47 -3.57 -40.63
C VAL G 427 -3.70 -2.91 -41.76
N ARG G 428 -4.41 -2.12 -42.58
CA ARG G 428 -3.78 -1.42 -43.68
C ARG G 428 -2.83 -0.34 -43.17
N LEU G 429 -1.68 -0.23 -43.83
CA LEU G 429 -0.62 0.64 -43.35
C LEU G 429 -1.10 2.09 -43.23
N LYS G 430 -1.66 2.63 -44.30
CA LYS G 430 -2.18 4.00 -44.27
C LYS G 430 -3.33 4.11 -43.29
N ASP G 431 -4.23 3.13 -43.31
CA ASP G 431 -5.34 3.13 -42.37
C ASP G 431 -4.84 3.07 -40.93
N THR G 432 -3.82 2.24 -40.68
CA THR G 432 -3.29 2.14 -39.32
C THR G 432 -2.66 3.46 -38.88
N VAL G 433 -1.90 4.09 -39.76
CA VAL G 433 -1.27 5.37 -39.41
C VAL G 433 -2.34 6.40 -39.07
N ALA G 434 -3.38 6.47 -39.90
CA ALA G 434 -4.46 7.41 -39.64
C ALA G 434 -5.16 7.09 -38.33
N SER G 435 -5.39 5.81 -38.07
CA SER G 435 -6.05 5.41 -36.83
C SER G 435 -5.24 5.83 -35.62
N PHE G 436 -3.93 5.63 -35.67
CA PHE G 436 -3.09 5.99 -34.53
C PHE G 436 -3.03 7.50 -34.35
N LYS G 437 -2.92 8.25 -35.45
CA LYS G 437 -2.93 9.70 -35.36
C LYS G 437 -4.21 10.20 -34.72
N ALA G 438 -5.34 9.60 -35.13
CA ALA G 438 -6.61 9.94 -34.50
C ALA G 438 -6.63 9.59 -33.03
N VAL G 439 -6.17 8.39 -32.68
CA VAL G 439 -6.29 7.92 -31.30
C VAL G 439 -5.46 8.79 -30.37
N LEU G 440 -4.27 9.19 -30.82
CA LEU G 440 -3.51 10.17 -30.05
C LEU G 440 -4.22 11.52 -30.04
N GLU G 441 -4.89 11.86 -31.14
CA GLU G 441 -5.60 13.12 -31.28
C GLU G 441 -6.98 13.11 -30.64
N GLY G 442 -7.40 11.98 -30.08
CA GLY G 442 -8.66 11.92 -29.36
C GLY G 442 -9.90 11.87 -30.23
N LYS G 443 -9.78 11.31 -31.43
CA LYS G 443 -10.96 11.08 -32.25
C LYS G 443 -11.73 9.84 -31.80
N TYR G 444 -11.17 9.04 -30.89
CA TYR G 444 -11.90 7.94 -30.30
C TYR G 444 -11.48 7.72 -28.85
N ASP G 445 -10.98 8.78 -28.19
CA ASP G 445 -10.41 8.62 -26.85
C ASP G 445 -11.46 8.17 -25.84
N ASN G 446 -12.75 8.29 -26.18
CA ASN G 446 -13.79 7.83 -25.28
C ASN G 446 -14.25 6.41 -25.60
N ILE G 447 -13.63 5.76 -26.58
CA ILE G 447 -14.00 4.36 -26.86
C ILE G 447 -13.50 3.47 -25.73
N PRO G 448 -13.99 2.24 -25.59
CA PRO G 448 -13.56 1.41 -24.45
C PRO G 448 -12.19 0.80 -24.66
N GLU G 449 -11.45 0.71 -23.55
CA GLU G 449 -10.10 0.16 -23.60
C GLU G 449 -10.11 -1.30 -24.03
N HIS G 450 -10.98 -2.10 -23.41
CA HIS G 450 -11.08 -3.51 -23.77
C HIS G 450 -11.63 -3.68 -25.19
N ALA G 451 -12.25 -2.65 -25.75
CA ALA G 451 -12.65 -2.70 -27.15
C ALA G 451 -11.57 -2.17 -28.08
N PHE G 452 -10.34 -2.01 -27.59
CA PHE G 452 -9.21 -1.61 -28.42
C PHE G 452 -8.24 -2.76 -28.68
N TYR G 453 -8.36 -3.86 -27.94
CA TYR G 453 -7.48 -5.01 -28.08
C TYR G 453 -8.09 -6.02 -29.03
N MET G 454 -7.23 -6.62 -29.86
CA MET G 454 -7.61 -7.69 -30.78
C MET G 454 -8.76 -7.26 -31.69
N VAL G 455 -8.53 -6.17 -32.42
CA VAL G 455 -9.45 -5.71 -33.46
C VAL G 455 -8.62 -5.23 -34.64
N GLY G 456 -9.30 -4.79 -35.68
CA GLY G 456 -8.60 -4.28 -36.83
C GLY G 456 -8.24 -2.82 -36.66
N GLY G 457 -8.55 -1.99 -37.63
CA GLY G 457 -8.30 -0.57 -37.51
C GLY G 457 -9.27 0.10 -36.57
N ILE G 458 -9.16 1.44 -36.49
CA ILE G 458 -10.03 2.19 -35.60
C ILE G 458 -11.50 1.98 -35.96
N GLU G 459 -11.79 1.62 -37.20
CA GLU G 459 -13.16 1.26 -37.56
C GLU G 459 -13.63 0.05 -36.77
N ASP G 460 -12.85 -1.02 -36.79
CA ASP G 460 -13.17 -2.17 -35.96
C ASP G 460 -13.14 -1.82 -34.48
N VAL G 461 -12.32 -0.83 -34.10
CA VAL G 461 -12.30 -0.39 -32.71
C VAL G 461 -13.65 0.21 -32.33
N VAL G 462 -14.21 1.05 -33.21
CA VAL G 462 -15.50 1.67 -32.92
C VAL G 462 -16.59 0.62 -32.93
N ALA G 463 -16.50 -0.33 -33.85
CA ALA G 463 -17.47 -1.42 -33.88
C ALA G 463 -17.43 -2.23 -32.58
N LYS G 464 -16.22 -2.49 -32.08
CA LYS G 464 -16.06 -3.17 -30.80
C LYS G 464 -16.58 -2.34 -29.64
N ALA G 465 -16.38 -1.03 -29.68
CA ALA G 465 -16.93 -0.16 -28.63
C ALA G 465 -18.45 -0.22 -28.62
N GLU G 466 -19.07 -0.21 -29.82
CA GLU G 466 -20.52 -0.36 -29.90
C GLU G 466 -20.97 -1.72 -29.40
N LYS G 467 -20.23 -2.78 -29.76
CA LYS G 467 -20.57 -4.11 -29.27
C LYS G 467 -20.46 -4.19 -27.76
N LEU G 468 -19.46 -3.55 -27.19
CA LEU G 468 -19.32 -3.50 -25.74
C LEU G 468 -20.42 -2.66 -25.12
N ALA G 469 -20.88 -1.63 -25.83
CA ALA G 469 -22.03 -0.86 -25.37
C ALA G 469 -23.28 -1.72 -25.35
N ALA G 470 -23.38 -2.65 -26.30
CA ALA G 470 -24.52 -3.56 -26.33
C ALA G 470 -24.45 -4.60 -25.22
N GLU G 471 -23.28 -5.22 -25.05
CA GLU G 471 -23.16 -6.34 -24.13
C GLU G 471 -22.85 -5.90 -22.71
N ALA G 472 -21.73 -5.20 -22.52
CA ALA G 472 -21.29 -4.83 -21.17
C ALA G 472 -22.32 -3.94 -20.48
N ASN G 473 -22.71 -2.85 -21.14
CA ASN G 473 -23.71 -1.92 -20.60
C ASN G 473 -23.35 -1.45 -19.18
N GLN H 1 -88.56 65.27 44.97
CA GLN H 1 -88.27 64.70 43.66
C GLN H 1 -86.79 64.82 43.34
N LEU H 2 -86.10 65.69 44.11
CA LEU H 2 -84.68 65.93 43.86
C LEU H 2 -83.85 64.69 44.14
N VAL H 3 -84.24 63.91 45.14
CA VAL H 3 -83.47 62.72 45.51
C VAL H 3 -83.48 61.71 44.36
N LEU H 4 -84.64 61.48 43.75
CA LEU H 4 -84.71 60.56 42.63
C LEU H 4 -83.91 61.07 41.44
N ALA H 5 -84.02 62.36 41.14
CA ALA H 5 -83.23 62.96 40.07
C ALA H 5 -81.74 62.72 40.32
N ALA H 6 -81.29 62.92 41.56
CA ALA H 6 -79.87 62.75 41.87
C ALA H 6 -79.46 61.30 41.86
N LYS H 7 -80.37 60.38 42.22
CA LYS H 7 -80.06 58.96 42.08
C LYS H 7 -79.82 58.64 40.62
N TYR H 8 -80.66 59.19 39.73
CA TYR H 8 -80.43 59.03 38.31
C TYR H 8 -79.09 59.62 37.90
N ILE H 9 -78.77 60.80 38.43
CA ILE H 9 -77.51 61.46 38.09
C ILE H 9 -76.33 60.58 38.50
N GLY H 10 -76.38 60.05 39.71
CA GLY H 10 -75.30 59.18 40.17
C GLY H 10 -75.19 57.91 39.35
N ALA H 11 -76.32 57.26 39.08
CA ALA H 11 -76.31 56.07 38.25
C ALA H 11 -75.78 56.36 36.85
N GLY H 12 -75.91 57.60 36.38
CA GLY H 12 -75.24 57.96 35.16
C GLY H 12 -73.74 58.15 35.33
N ILE H 13 -73.26 58.28 36.56
CA ILE H 13 -71.86 58.57 36.78
C ILE H 13 -71.03 57.32 37.00
N SER H 14 -71.63 56.26 37.54
CA SER H 14 -70.88 55.05 37.84
C SER H 14 -70.46 54.29 36.60
N THR H 15 -71.27 54.34 35.54
CA THR H 15 -71.14 53.45 34.40
C THR H 15 -70.05 53.88 33.42
N ILE H 16 -69.15 54.78 33.80
CA ILE H 16 -68.08 55.18 32.90
C ILE H 16 -66.88 54.26 32.98
N GLY H 17 -66.61 53.67 34.15
CA GLY H 17 -65.47 52.79 34.29
C GLY H 17 -65.56 51.52 33.48
N LEU H 18 -66.77 51.19 33.00
CA LEU H 18 -66.93 50.00 32.16
C LEU H 18 -66.11 50.13 30.88
N LEU H 19 -65.93 51.34 30.39
CA LEU H 19 -65.03 51.58 29.26
C LEU H 19 -63.63 51.08 29.59
N GLY H 20 -63.10 51.51 30.74
CA GLY H 20 -61.77 51.08 31.15
C GLY H 20 -61.69 49.59 31.42
N ALA H 21 -62.74 49.02 31.99
CA ALA H 21 -62.77 47.58 32.23
C ALA H 21 -62.71 46.82 30.91
N GLY H 22 -63.50 47.25 29.93
CA GLY H 22 -63.43 46.62 28.62
C GLY H 22 -62.06 46.77 27.99
N ILE H 23 -61.47 47.97 28.10
CA ILE H 23 -60.14 48.19 27.56
C ILE H 23 -59.16 47.21 28.18
N GLY H 24 -59.15 47.14 29.51
CA GLY H 24 -58.18 46.29 30.18
C GLY H 24 -58.39 44.82 29.86
N ILE H 25 -59.63 44.35 29.90
CA ILE H 25 -59.90 42.94 29.66
C ILE H 25 -59.53 42.57 28.23
N ALA H 26 -59.93 43.39 27.26
CA ALA H 26 -59.63 43.07 25.87
C ALA H 26 -58.15 43.19 25.60
N ILE H 27 -57.45 44.06 26.33
CA ILE H 27 -55.99 44.11 26.23
C ILE H 27 -55.38 42.82 26.75
N VAL H 28 -55.92 42.31 27.86
CA VAL H 28 -55.41 41.05 28.39
C VAL H 28 -55.61 39.92 27.39
N PHE H 29 -56.80 39.86 26.79
CA PHE H 29 -57.06 38.85 25.77
C PHE H 29 -56.11 39.03 24.59
N ALA H 30 -55.87 40.29 24.21
CA ALA H 30 -54.92 40.57 23.14
C ALA H 30 -53.55 40.03 23.46
N ALA H 31 -53.09 40.23 24.70
CA ALA H 31 -51.76 39.80 25.09
C ALA H 31 -51.66 38.29 25.11
N LEU H 32 -52.72 37.62 25.56
CA LEU H 32 -52.74 36.17 25.48
C LEU H 32 -52.64 35.71 24.03
N ILE H 33 -53.37 36.37 23.13
CA ILE H 33 -53.35 36.00 21.72
C ILE H 33 -51.94 36.15 21.15
N ASN H 34 -51.32 37.31 21.40
CA ASN H 34 -49.97 37.55 20.88
C ASN H 34 -48.96 36.58 21.48
N GLY H 35 -48.98 36.40 22.80
CA GLY H 35 -48.03 35.50 23.43
C GLY H 35 -48.17 34.07 22.92
N VAL H 36 -49.40 33.63 22.66
CA VAL H 36 -49.59 32.31 22.07
C VAL H 36 -49.04 32.25 20.66
N SER H 37 -49.29 33.29 19.84
CA SER H 37 -48.69 33.32 18.52
C SER H 37 -47.17 33.29 18.62
N ARG H 38 -46.62 33.80 19.72
CA ARG H 38 -45.19 33.72 19.96
C ARG H 38 -44.75 32.32 20.36
N ASN H 39 -45.22 31.82 21.50
CA ASN H 39 -44.89 30.47 21.95
C ASN H 39 -46.17 29.64 21.96
N PRO H 40 -46.41 28.86 20.91
CA PRO H 40 -47.59 27.98 20.92
C PRO H 40 -47.57 27.01 22.08
N SER H 41 -46.38 26.61 22.53
CA SER H 41 -46.29 25.72 23.69
C SER H 41 -46.70 26.40 24.98
N ILE H 42 -46.76 27.74 24.99
CA ILE H 42 -47.07 28.47 26.21
C ILE H 42 -48.56 28.55 26.50
N LYS H 43 -49.40 27.86 25.71
CA LYS H 43 -50.84 27.96 25.91
C LYS H 43 -51.29 27.45 27.27
N ASP H 44 -50.76 26.32 27.73
CA ASP H 44 -51.20 25.76 29.01
C ASP H 44 -50.83 26.68 30.16
N THR H 45 -49.61 27.23 30.15
CA THR H 45 -49.16 28.11 31.20
C THR H 45 -49.73 29.52 31.08
N VAL H 46 -50.32 29.87 29.93
CA VAL H 46 -50.83 31.22 29.77
C VAL H 46 -52.34 31.28 29.97
N PHE H 47 -53.09 30.52 29.17
CA PHE H 47 -54.54 30.74 29.04
C PHE H 47 -55.25 30.75 30.39
N PRO H 48 -54.96 29.85 31.32
CA PRO H 48 -55.62 29.96 32.64
C PRO H 48 -55.34 31.27 33.35
N MET H 49 -54.09 31.77 33.28
CA MET H 49 -53.76 33.00 33.96
C MET H 49 -54.56 34.19 33.41
N ALA H 50 -54.63 34.31 32.09
CA ALA H 50 -55.39 35.40 31.49
C ALA H 50 -56.89 35.24 31.66
N ILE H 51 -57.39 34.01 31.66
CA ILE H 51 -58.81 33.78 31.94
C ILE H 51 -59.13 34.21 33.35
N LEU H 52 -58.18 34.02 34.27
CA LEU H 52 -58.34 34.53 35.63
C LEU H 52 -58.26 36.05 35.71
N GLY H 53 -57.35 36.66 34.95
CA GLY H 53 -57.16 38.09 35.02
C GLY H 53 -58.22 38.93 34.34
N PHE H 54 -58.52 38.59 33.07
CA PHE H 54 -59.42 39.40 32.27
C PHE H 54 -60.87 39.28 32.75
N ALA H 55 -61.24 38.10 33.25
CA ALA H 55 -62.57 37.96 33.83
C ALA H 55 -62.73 38.91 35.00
N LEU H 56 -61.69 39.04 35.83
CA LEU H 56 -61.75 40.00 36.94
C LEU H 56 -61.71 41.43 36.43
N SER H 57 -60.98 41.67 35.35
CA SER H 57 -60.95 43.01 34.76
C SER H 57 -62.33 43.45 34.32
N GLU H 58 -63.10 42.55 33.70
CA GLU H 58 -64.46 42.87 33.29
C GLU H 58 -65.41 42.87 34.48
N ALA H 59 -65.11 42.05 35.50
CA ALA H 59 -65.94 42.02 36.70
C ALA H 59 -65.83 43.33 37.47
N THR H 60 -64.67 43.97 37.43
CA THR H 60 -64.54 45.28 38.05
C THR H 60 -65.53 46.26 37.44
N GLY H 61 -65.65 46.25 36.10
CA GLY H 61 -66.61 47.13 35.45
C GLY H 61 -68.06 46.74 35.72
N LEU H 62 -68.33 45.43 35.77
CA LEU H 62 -69.68 45.00 36.12
C LEU H 62 -70.06 45.45 37.53
N PHE H 63 -69.14 45.33 38.49
CA PHE H 63 -69.43 45.79 39.84
C PHE H 63 -69.52 47.32 39.91
N CYS H 64 -68.76 48.01 39.04
CA CYS H 64 -68.90 49.46 38.93
C CYS H 64 -70.29 49.82 38.45
N LEU H 65 -70.80 49.11 37.46
CA LEU H 65 -72.19 49.27 37.04
C LEU H 65 -73.16 48.89 38.17
N MET H 66 -72.75 48.00 39.07
CA MET H 66 -73.57 47.71 40.24
C MET H 66 -73.76 48.93 41.11
N VAL H 67 -72.81 49.87 41.09
CA VAL H 67 -72.99 51.13 41.80
C VAL H 67 -74.16 51.90 41.22
N SER H 68 -74.26 51.96 39.88
CA SER H 68 -75.41 52.59 39.25
C SER H 68 -76.68 51.79 39.50
N PHE H 69 -76.54 50.48 39.68
CA PHE H 69 -77.70 49.62 39.83
C PHE H 69 -78.53 49.99 41.05
N LEU H 70 -77.91 50.01 42.23
CA LEU H 70 -78.65 50.24 43.46
C LEU H 70 -79.35 51.59 43.48
N LEU H 71 -78.66 52.66 43.06
CA LEU H 71 -79.30 53.96 42.97
C LEU H 71 -80.39 53.98 41.91
N LEU H 72 -80.37 53.03 40.97
CA LEU H 72 -81.38 52.97 39.92
C LEU H 72 -82.69 52.37 40.41
N PHE H 73 -82.66 51.66 41.53
CA PHE H 73 -83.89 51.06 42.07
C PHE H 73 -83.79 50.90 43.59
N GLN I 1 -83.22 69.05 51.40
CA GLN I 1 -83.47 67.89 50.56
C GLN I 1 -82.39 67.73 49.50
N LEU I 2 -81.14 68.06 49.88
CA LEU I 2 -80.01 68.01 48.97
C LEU I 2 -78.86 67.13 49.45
N VAL I 3 -78.67 67.01 50.76
CA VAL I 3 -77.57 66.21 51.28
C VAL I 3 -77.70 64.76 50.83
N LEU I 4 -78.92 64.23 50.84
CA LEU I 4 -79.14 62.92 50.23
C LEU I 4 -78.88 62.96 48.74
N ALA I 5 -79.31 64.03 48.08
CA ALA I 5 -79.09 64.17 46.64
C ALA I 5 -77.60 64.20 46.32
N ALA I 6 -76.84 65.01 47.07
CA ALA I 6 -75.41 65.11 46.82
C ALA I 6 -74.68 63.83 47.21
N LYS I 7 -75.13 63.14 48.26
CA LYS I 7 -74.55 61.84 48.58
C LYS I 7 -74.75 60.85 47.45
N TYR I 8 -75.95 60.85 46.87
CA TYR I 8 -76.20 59.98 45.71
C TYR I 8 -75.29 60.35 44.55
N ILE I 9 -75.16 61.65 44.28
CA ILE I 9 -74.34 62.08 43.15
C ILE I 9 -72.88 61.69 43.37
N GLY I 10 -72.35 61.93 44.56
CA GLY I 10 -70.96 61.59 44.83
C GLY I 10 -70.72 60.10 44.85
N ALA I 11 -71.67 59.35 45.43
CA ALA I 11 -71.55 57.90 45.42
C ALA I 11 -71.53 57.36 44.00
N GLY I 12 -72.37 57.90 43.12
CA GLY I 12 -72.31 57.50 41.72
C GLY I 12 -71.01 57.89 41.06
N ILE I 13 -70.53 59.11 41.33
CA ILE I 13 -69.31 59.59 40.69
C ILE I 13 -68.07 58.87 41.16
N SER I 14 -68.12 58.22 42.33
CA SER I 14 -66.92 57.59 42.86
C SER I 14 -66.49 56.36 42.06
N THR I 15 -67.32 55.87 41.14
CA THR I 15 -67.01 54.58 40.50
C THR I 15 -65.93 54.71 39.42
N ILE I 16 -65.56 55.94 39.04
CA ILE I 16 -64.55 56.12 38.01
C ILE I 16 -63.17 55.64 38.44
N GLY I 17 -62.84 55.73 39.72
CA GLY I 17 -61.48 55.48 40.17
C GLY I 17 -61.07 54.02 40.12
N LEU I 18 -62.04 53.11 40.14
CA LEU I 18 -61.71 51.69 40.08
C LEU I 18 -61.29 51.25 38.68
N LEU I 19 -61.49 52.10 37.67
CA LEU I 19 -61.12 51.74 36.30
C LEU I 19 -59.63 51.48 36.20
N GLY I 20 -58.82 52.24 36.94
CA GLY I 20 -57.39 52.02 36.92
C GLY I 20 -57.02 50.62 37.39
N ALA I 21 -57.58 50.20 38.52
CA ALA I 21 -57.29 48.85 39.02
C ALA I 21 -57.84 47.79 38.07
N GLY I 22 -59.03 48.04 37.51
CA GLY I 22 -59.63 47.06 36.61
C GLY I 22 -58.81 46.83 35.35
N ILE I 23 -58.29 47.91 34.76
CA ILE I 23 -57.37 47.76 33.64
C ILE I 23 -56.01 47.24 34.08
N GLY I 24 -55.58 47.56 35.29
CA GLY I 24 -54.24 47.25 35.72
C GLY I 24 -54.00 45.82 36.14
N ILE I 25 -55.00 45.19 36.76
CA ILE I 25 -54.88 43.77 37.03
C ILE I 25 -54.70 43.01 35.73
N ALA I 26 -55.41 43.43 34.68
CA ALA I 26 -55.25 42.82 33.37
C ALA I 26 -53.90 43.18 32.76
N ILE I 27 -53.38 44.37 33.04
CA ILE I 27 -52.05 44.74 32.56
C ILE I 27 -50.98 43.83 33.16
N VAL I 28 -51.05 43.63 34.47
CA VAL I 28 -50.11 42.73 35.14
C VAL I 28 -50.29 41.31 34.62
N PHE I 29 -51.54 40.90 34.37
CA PHE I 29 -51.81 39.59 33.79
C PHE I 29 -51.19 39.46 32.41
N ALA I 30 -51.27 40.50 31.59
CA ALA I 30 -50.65 40.49 30.28
C ALA I 30 -49.14 40.35 30.37
N ALA I 31 -48.51 41.10 31.27
CA ALA I 31 -47.06 41.02 31.42
C ALA I 31 -46.64 39.63 31.90
N LEU I 32 -47.38 39.07 32.85
CA LEU I 32 -47.09 37.71 33.30
C LEU I 32 -47.29 36.71 32.17
N ILE I 33 -48.32 36.91 31.34
CA ILE I 33 -48.57 36.02 30.22
C ILE I 33 -47.40 36.03 29.25
N ASN I 34 -46.93 37.23 28.91
CA ASN I 34 -45.80 37.34 28.00
C ASN I 34 -44.53 36.76 28.62
N GLY I 35 -44.34 36.98 29.92
CA GLY I 35 -43.16 36.44 30.59
C GLY I 35 -43.13 34.93 30.58
N VAL I 36 -44.29 34.30 30.83
CA VAL I 36 -44.38 32.84 30.74
C VAL I 36 -44.17 32.38 29.31
N SER I 37 -44.69 33.14 28.34
CA SER I 37 -44.47 32.78 26.94
C SER I 37 -42.99 32.80 26.59
N ARG I 38 -42.26 33.81 27.06
CA ARG I 38 -40.82 33.80 26.92
C ARG I 38 -40.17 32.77 27.82
N ASN I 39 -40.64 32.66 29.06
CA ASN I 39 -40.04 31.75 30.02
C ASN I 39 -41.12 31.10 30.87
N PRO I 40 -41.56 29.88 30.52
CA PRO I 40 -42.57 29.20 31.33
C PRO I 40 -42.15 28.96 32.76
N SER I 41 -40.87 28.68 33.01
CA SER I 41 -40.39 28.41 34.35
C SER I 41 -40.45 29.62 35.26
N ILE I 42 -40.59 30.82 34.71
CA ILE I 42 -40.74 32.03 35.50
C ILE I 42 -42.15 32.19 36.04
N LYS I 43 -43.10 31.36 35.59
CA LYS I 43 -44.47 31.46 36.09
C LYS I 43 -44.52 31.20 37.59
N ASP I 44 -43.80 30.17 38.04
CA ASP I 44 -43.79 29.84 39.46
C ASP I 44 -43.20 30.96 40.31
N THR I 45 -42.10 31.56 39.87
CA THR I 45 -41.49 32.63 40.64
C THR I 45 -42.31 33.91 40.59
N VAL I 46 -43.01 34.16 39.48
CA VAL I 46 -43.73 35.41 39.33
C VAL I 46 -45.09 35.34 40.02
N PHE I 47 -45.65 34.13 40.17
CA PHE I 47 -46.92 34.00 40.87
C PHE I 47 -46.85 34.63 42.26
N PRO I 48 -45.77 34.49 43.03
CA PRO I 48 -45.65 35.32 44.25
C PRO I 48 -45.63 36.80 43.94
N MET I 49 -44.86 37.21 42.93
CA MET I 49 -44.90 38.60 42.49
C MET I 49 -46.28 38.94 41.91
N ALA I 50 -46.96 37.94 41.34
CA ALA I 50 -48.32 38.16 40.84
C ALA I 50 -49.29 38.49 41.98
N ILE I 51 -49.21 37.77 43.08
CA ILE I 51 -50.01 38.09 44.25
C ILE I 51 -49.62 39.47 44.79
N LEU I 52 -48.33 39.76 44.82
CA LEU I 52 -47.85 41.05 45.30
C LEU I 52 -48.45 42.19 44.49
N GLY I 53 -48.48 42.04 43.17
CA GLY I 53 -49.06 43.08 42.32
C GLY I 53 -50.57 43.15 42.43
N PHE I 54 -51.25 42.00 42.44
CA PHE I 54 -52.71 42.00 42.46
C PHE I 54 -53.24 42.61 43.75
N ALA I 55 -52.60 42.31 44.87
CA ALA I 55 -53.05 42.88 46.14
C ALA I 55 -52.84 44.38 46.19
N LEU I 56 -51.72 44.87 45.68
CA LEU I 56 -51.44 46.30 45.65
C LEU I 56 -52.20 47.03 44.56
N SER I 57 -52.84 46.30 43.65
CA SER I 57 -53.64 46.91 42.59
C SER I 57 -55.13 46.95 42.90
N GLU I 58 -55.72 45.80 43.24
CA GLU I 58 -57.16 45.73 43.43
C GLU I 58 -57.64 46.45 44.68
N ALA I 59 -56.73 46.75 45.62
CA ALA I 59 -57.14 47.39 46.86
C ALA I 59 -57.68 48.79 46.61
N THR I 60 -57.11 49.50 45.63
CA THR I 60 -57.58 50.86 45.33
C THR I 60 -59.03 50.85 44.87
N GLY I 61 -59.38 49.93 43.97
CA GLY I 61 -60.77 49.80 43.55
C GLY I 61 -61.69 49.30 44.64
N LEU I 62 -61.21 48.34 45.44
CA LEU I 62 -62.04 47.80 46.51
C LEU I 62 -62.39 48.87 47.53
N PHE I 63 -61.39 49.60 48.02
CA PHE I 63 -61.65 50.68 48.95
C PHE I 63 -62.44 51.80 48.30
N CYS I 64 -62.26 52.02 47.00
CA CYS I 64 -63.07 53.00 46.30
C CYS I 64 -64.55 52.64 46.37
N LEU I 65 -64.90 51.40 46.04
CA LEU I 65 -66.28 50.97 46.11
C LEU I 65 -66.82 50.99 47.54
N MET I 66 -66.00 50.56 48.49
CA MET I 66 -66.43 50.56 49.89
C MET I 66 -66.74 51.96 50.38
N VAL I 67 -65.85 52.92 50.06
CA VAL I 67 -66.07 54.30 50.47
C VAL I 67 -67.27 54.90 49.74
N SER I 68 -67.44 54.55 48.47
CA SER I 68 -68.58 55.05 47.71
C SER I 68 -69.90 54.60 48.33
N PHE I 69 -69.99 53.33 48.71
CA PHE I 69 -71.21 52.82 49.33
C PHE I 69 -71.38 53.34 50.76
N LEU I 70 -70.27 53.56 51.47
CA LEU I 70 -70.35 53.96 52.86
C LEU I 70 -70.94 55.35 53.03
N LEU I 71 -70.57 56.30 52.16
CA LEU I 71 -71.11 57.65 52.26
C LEU I 71 -72.61 57.68 51.92
N LEU I 72 -73.11 56.67 51.20
CA LEU I 72 -74.52 56.52 50.94
C LEU I 72 -75.23 55.82 52.09
N PHE I 73 -74.56 54.88 52.74
CA PHE I 73 -75.13 54.18 53.89
C PHE I 73 -74.53 54.67 55.20
N GLN J 1 -75.57 71.35 55.89
CA GLN J 1 -76.59 71.49 54.87
C GLN J 1 -76.00 71.40 53.47
N LEU J 2 -76.12 72.49 52.71
CA LEU J 2 -75.58 72.51 51.35
C LEU J 2 -74.06 72.37 51.35
N VAL J 3 -73.39 72.98 52.33
CA VAL J 3 -71.94 72.86 52.42
C VAL J 3 -71.53 71.42 52.66
N LEU J 4 -72.22 70.73 53.58
CA LEU J 4 -71.96 69.32 53.78
C LEU J 4 -72.34 68.50 52.55
N ALA J 5 -73.37 68.93 51.83
CA ALA J 5 -73.76 68.25 50.60
C ALA J 5 -72.63 68.30 49.58
N ALA J 6 -72.05 69.49 49.37
CA ALA J 6 -70.95 69.62 48.42
C ALA J 6 -69.70 68.91 48.94
N LYS J 7 -69.52 68.86 50.25
CA LYS J 7 -68.44 68.05 50.79
C LYS J 7 -68.63 66.58 50.41
N TYR J 8 -69.85 66.07 50.52
CA TYR J 8 -70.12 64.69 50.13
C TYR J 8 -69.89 64.49 48.64
N ILE J 9 -70.36 65.43 47.81
CA ILE J 9 -70.22 65.28 46.36
C ILE J 9 -68.75 65.28 45.96
N GLY J 10 -67.97 66.19 46.53
CA GLY J 10 -66.55 66.21 46.25
C GLY J 10 -65.83 64.98 46.77
N ALA J 11 -66.25 64.47 47.93
CA ALA J 11 -65.67 63.23 48.44
C ALA J 11 -65.91 62.09 47.47
N GLY J 12 -67.11 62.02 46.90
CA GLY J 12 -67.37 61.03 45.87
C GLY J 12 -66.53 61.23 44.63
N ILE J 13 -66.46 62.47 44.14
CA ILE J 13 -65.78 62.75 42.87
C ILE J 13 -64.28 62.58 42.92
N SER J 14 -63.62 63.02 43.99
CA SER J 14 -62.17 62.90 44.10
C SER J 14 -61.69 61.45 44.04
N THR J 15 -62.57 60.49 44.34
CA THR J 15 -62.29 59.06 44.34
C THR J 15 -61.99 58.52 42.96
N ILE J 16 -62.26 59.33 41.93
CA ILE J 16 -61.84 58.99 40.58
C ILE J 16 -60.32 58.92 40.46
N GLY J 17 -59.58 59.62 41.33
CA GLY J 17 -58.14 59.58 41.30
C GLY J 17 -57.54 58.22 41.57
N LEU J 18 -58.35 57.25 42.00
CA LEU J 18 -57.88 55.89 42.19
C LEU J 18 -57.47 55.22 40.88
N LEU J 19 -57.88 55.76 39.73
CA LEU J 19 -57.46 55.20 38.46
C LEU J 19 -55.95 55.32 38.27
N GLY J 20 -55.37 56.47 38.64
CA GLY J 20 -53.93 56.60 38.56
C GLY J 20 -53.21 55.64 39.47
N ALA J 21 -53.77 55.40 40.66
CA ALA J 21 -53.20 54.41 41.56
C ALA J 21 -53.24 53.03 40.94
N GLY J 22 -54.39 52.67 40.34
CA GLY J 22 -54.49 51.37 39.71
C GLY J 22 -53.50 51.20 38.59
N ILE J 23 -53.37 52.22 37.74
CA ILE J 23 -52.46 52.14 36.60
C ILE J 23 -51.01 52.08 37.07
N GLY J 24 -50.66 52.84 38.11
CA GLY J 24 -49.30 52.76 38.66
C GLY J 24 -49.00 51.39 39.24
N ILE J 25 -49.97 50.82 39.96
CA ILE J 25 -49.82 49.46 40.48
C ILE J 25 -49.58 48.50 39.33
N ALA J 26 -50.37 48.64 38.27
CA ALA J 26 -50.17 47.83 37.08
C ALA J 26 -48.76 47.96 36.54
N ILE J 27 -48.29 49.20 36.37
CA ILE J 27 -46.99 49.43 35.76
C ILE J 27 -45.91 48.74 36.58
N VAL J 28 -45.90 48.98 37.90
CA VAL J 28 -44.85 48.41 38.72
C VAL J 28 -44.93 46.89 38.71
N PHE J 29 -46.10 46.32 38.97
CA PHE J 29 -46.22 44.87 39.07
C PHE J 29 -45.89 44.20 37.75
N ALA J 30 -46.44 44.71 36.66
CA ALA J 30 -46.24 44.09 35.36
C ALA J 30 -44.77 44.16 34.93
N ALA J 31 -44.13 45.32 35.09
CA ALA J 31 -42.74 45.44 34.65
C ALA J 31 -41.81 44.64 35.55
N LEU J 32 -42.15 44.52 36.84
CA LEU J 32 -41.39 43.63 37.71
C LEU J 32 -41.52 42.19 37.23
N ILE J 33 -42.73 41.77 36.86
CA ILE J 33 -42.95 40.41 36.37
C ILE J 33 -42.12 40.18 35.11
N ASN J 34 -42.16 41.14 34.19
CA ASN J 34 -41.40 41.00 32.95
C ASN J 34 -39.90 40.94 33.23
N GLY J 35 -39.40 41.79 34.13
CA GLY J 35 -38.00 41.74 34.50
C GLY J 35 -37.61 40.41 35.10
N VAL J 36 -38.53 39.82 35.88
CA VAL J 36 -38.31 38.48 36.41
C VAL J 36 -38.28 37.44 35.30
N SER J 37 -39.09 37.61 34.27
CA SER J 37 -39.05 36.69 33.14
C SER J 37 -37.72 36.77 32.41
N ARG J 38 -37.29 37.98 32.07
CA ARG J 38 -36.08 38.19 31.30
C ARG J 38 -34.82 37.73 32.02
N ASN J 39 -34.64 38.14 33.27
CA ASN J 39 -33.50 37.73 34.09
C ASN J 39 -34.08 37.12 35.36
N PRO J 40 -34.32 35.80 35.36
CA PRO J 40 -34.90 35.18 36.55
C PRO J 40 -34.09 35.39 37.81
N SER J 41 -32.76 35.50 37.70
CA SER J 41 -31.92 35.80 38.84
C SER J 41 -31.96 37.27 39.24
N ILE J 42 -32.82 38.07 38.61
CA ILE J 42 -33.01 39.46 39.03
C ILE J 42 -34.14 39.61 40.04
N LYS J 43 -34.88 38.53 40.35
CA LYS J 43 -35.97 38.61 41.31
C LYS J 43 -35.47 39.05 42.68
N ASP J 44 -34.47 38.38 43.20
CA ASP J 44 -33.86 38.81 44.45
C ASP J 44 -33.15 40.13 44.28
N THR J 45 -32.59 40.38 43.09
CA THR J 45 -31.86 41.62 42.86
C THR J 45 -32.75 42.83 43.02
N VAL J 46 -34.01 42.73 42.59
CA VAL J 46 -34.91 43.88 42.60
C VAL J 46 -35.96 43.84 43.69
N PHE J 47 -36.16 42.70 44.36
CA PHE J 47 -37.17 42.63 45.41
C PHE J 47 -36.95 43.67 46.50
N PRO J 48 -35.71 43.98 46.91
CA PRO J 48 -35.51 44.97 47.98
C PRO J 48 -36.05 46.35 47.66
N MET J 49 -36.02 46.78 46.39
CA MET J 49 -36.41 48.13 46.02
C MET J 49 -37.68 48.20 45.17
N ALA J 50 -37.97 47.17 44.37
CA ALA J 50 -39.17 47.20 43.54
C ALA J 50 -40.44 47.17 44.39
N ILE J 51 -40.44 46.34 45.44
CA ILE J 51 -41.56 46.35 46.36
C ILE J 51 -41.72 47.73 46.98
N LEU J 52 -40.59 48.39 47.26
CA LEU J 52 -40.64 49.76 47.78
C LEU J 52 -41.24 50.71 46.76
N GLY J 53 -40.94 50.53 45.48
CA GLY J 53 -41.55 51.36 44.45
C GLY J 53 -43.05 51.15 44.35
N PHE J 54 -43.50 49.90 44.49
CA PHE J 54 -44.93 49.62 44.55
C PHE J 54 -45.55 50.28 45.77
N ALA J 55 -44.83 50.25 46.89
CA ALA J 55 -45.30 50.93 48.10
C ALA J 55 -45.38 52.43 47.90
N LEU J 56 -44.44 53.01 47.14
CA LEU J 56 -44.47 54.44 46.86
C LEU J 56 -45.66 54.82 45.98
N SER J 57 -45.90 54.05 44.91
CA SER J 57 -47.08 54.29 44.09
C SER J 57 -48.36 54.13 44.92
N GLU J 58 -48.41 53.12 45.78
CA GLU J 58 -49.55 52.91 46.66
C GLU J 58 -49.72 54.02 47.70
N ALA J 59 -48.63 54.60 48.19
CA ALA J 59 -48.72 55.72 49.11
C ALA J 59 -49.21 56.97 48.39
N THR J 60 -48.91 57.08 47.09
CA THR J 60 -49.51 58.15 46.32
C THR J 60 -51.03 58.04 46.30
N GLY J 61 -51.54 56.83 46.09
CA GLY J 61 -52.97 56.60 46.21
C GLY J 61 -53.47 56.80 47.63
N LEU J 62 -52.62 56.52 48.61
CA LEU J 62 -52.96 56.82 50.00
C LEU J 62 -53.14 58.31 50.21
N PHE J 63 -52.27 59.12 49.61
CA PHE J 63 -52.43 60.57 49.66
C PHE J 63 -53.67 61.01 48.88
N CYS J 64 -54.05 60.26 47.86
CA CYS J 64 -55.30 60.52 47.16
C CYS J 64 -56.52 60.20 48.02
N LEU J 65 -56.41 59.18 48.88
CA LEU J 65 -57.54 58.72 49.69
C LEU J 65 -57.67 59.52 50.98
N MET J 66 -56.54 60.03 51.49
CA MET J 66 -56.54 60.73 52.77
C MET J 66 -57.41 61.97 52.74
N VAL J 67 -57.44 62.66 51.59
CA VAL J 67 -58.27 63.84 51.48
C VAL J 67 -59.75 63.47 51.67
N SER J 68 -60.20 62.39 51.02
CA SER J 68 -61.58 61.96 51.19
C SER J 68 -61.84 61.51 52.61
N PHE J 69 -60.85 60.86 53.23
CA PHE J 69 -60.99 60.41 54.61
C PHE J 69 -61.19 61.60 55.55
N LEU J 70 -60.43 62.66 55.36
CA LEU J 70 -60.64 63.88 56.14
C LEU J 70 -61.96 64.54 55.77
N LEU J 71 -62.38 64.39 54.51
CA LEU J 71 -63.67 64.93 54.10
C LEU J 71 -64.82 64.28 54.86
N LEU J 72 -64.76 62.97 55.07
CA LEU J 72 -65.74 62.33 55.93
C LEU J 72 -65.50 62.67 57.39
N PHE J 73 -64.33 63.23 57.71
CA PHE J 73 -63.90 63.51 59.08
C PHE J 73 -63.90 65.00 59.41
N GLY J 74 -63.08 65.79 58.73
CA GLY J 74 -63.03 67.22 58.98
C GLY J 74 -61.90 67.94 58.27
N GLN K 1 -72.94 78.46 53.49
CA GLN K 1 -72.74 77.09 53.02
C GLN K 1 -72.02 77.05 51.67
N LEU K 2 -72.34 78.00 50.80
CA LEU K 2 -71.77 78.02 49.45
C LEU K 2 -70.26 78.18 49.50
N VAL K 3 -69.75 78.99 50.43
CA VAL K 3 -68.32 79.15 50.58
C VAL K 3 -67.67 77.83 50.94
N LEU K 4 -68.19 77.16 51.98
CA LEU K 4 -67.68 75.84 52.33
C LEU K 4 -68.01 74.81 51.26
N ALA K 5 -69.13 74.98 50.57
CA ALA K 5 -69.47 74.09 49.47
C ALA K 5 -68.38 74.09 48.40
N ALA K 6 -67.94 75.27 47.99
CA ALA K 6 -66.86 75.36 47.01
C ALA K 6 -65.53 74.91 47.59
N LYS K 7 -65.23 75.29 48.84
CA LYS K 7 -63.99 74.89 49.50
C LYS K 7 -63.92 73.38 49.73
N TYR K 8 -65.03 72.68 49.58
CA TYR K 8 -65.03 71.22 49.59
C TYR K 8 -65.04 70.60 48.19
N ILE K 9 -65.87 71.12 47.29
CA ILE K 9 -65.96 70.55 45.96
C ILE K 9 -64.67 70.77 45.17
N GLY K 10 -64.19 72.01 45.11
CA GLY K 10 -62.93 72.26 44.41
C GLY K 10 -61.78 71.54 45.08
N ALA K 11 -61.86 71.38 46.40
CA ALA K 11 -60.86 70.58 47.11
C ALA K 11 -60.85 69.15 46.58
N GLY K 12 -62.03 68.52 46.48
CA GLY K 12 -62.09 67.18 45.94
C GLY K 12 -61.59 67.12 44.51
N ILE K 13 -61.88 68.15 43.73
CA ILE K 13 -61.45 68.16 42.33
C ILE K 13 -59.93 68.21 42.24
N SER K 14 -59.30 69.03 43.07
CA SER K 14 -57.84 69.06 43.09
C SER K 14 -57.28 67.75 43.64
N THR K 15 -58.01 67.11 44.54
CA THR K 15 -57.53 65.91 45.24
C THR K 15 -57.26 64.74 44.31
N ILE K 16 -57.98 64.62 43.20
CA ILE K 16 -57.78 63.46 42.34
C ILE K 16 -56.46 63.55 41.60
N GLY K 17 -55.73 64.66 41.74
CA GLY K 17 -54.48 64.83 41.02
C GLY K 17 -53.38 63.89 41.47
N LEU K 18 -53.56 63.24 42.62
CA LEU K 18 -52.56 62.30 43.13
C LEU K 18 -52.40 61.11 42.20
N LEU K 19 -53.38 60.90 41.32
CA LEU K 19 -53.32 59.84 40.33
C LEU K 19 -52.10 59.99 39.42
N GLY K 20 -51.84 61.23 38.98
CA GLY K 20 -50.69 61.48 38.12
C GLY K 20 -49.38 61.05 38.76
N ALA K 21 -49.22 61.35 40.06
CA ALA K 21 -48.03 60.91 40.78
C ALA K 21 -48.01 59.40 40.95
N GLY K 22 -49.16 58.81 41.31
CA GLY K 22 -49.22 57.38 41.50
C GLY K 22 -48.84 56.61 40.26
N ILE K 23 -49.06 57.20 39.10
CA ILE K 23 -48.63 56.57 37.85
C ILE K 23 -47.18 56.94 37.54
N GLY K 24 -46.83 58.21 37.76
CA GLY K 24 -45.52 58.68 37.34
C GLY K 24 -44.37 58.03 38.10
N ILE K 25 -44.47 58.01 39.43
CA ILE K 25 -43.43 57.37 40.22
C ILE K 25 -43.35 55.88 39.93
N ALA K 26 -44.48 55.21 39.80
CA ALA K 26 -44.49 53.78 39.50
C ALA K 26 -43.83 53.50 38.15
N ILE K 27 -44.05 54.38 37.17
CA ILE K 27 -43.46 54.18 35.85
C ILE K 27 -41.94 54.21 35.93
N VAL K 28 -41.39 55.21 36.65
CA VAL K 28 -39.94 55.30 36.77
C VAL K 28 -39.39 54.10 37.52
N PHE K 29 -40.07 53.69 38.59
CA PHE K 29 -39.62 52.53 39.35
C PHE K 29 -39.61 51.28 38.48
N ALA K 30 -40.68 51.05 37.73
CA ALA K 30 -40.78 49.91 36.84
C ALA K 30 -39.70 49.94 35.76
N ALA K 31 -39.46 51.13 35.20
CA ALA K 31 -38.45 51.27 34.16
C ALA K 31 -37.06 50.93 34.69
N LEU K 32 -36.73 51.41 35.88
CA LEU K 32 -35.45 51.05 36.49
C LEU K 32 -35.37 49.56 36.77
N ILE K 33 -36.49 48.96 37.20
CA ILE K 33 -36.50 47.51 37.47
C ILE K 33 -36.20 46.73 36.20
N ASN K 34 -36.91 47.06 35.12
CA ASN K 34 -36.71 46.36 33.86
C ASN K 34 -35.31 46.60 33.32
N GLY K 35 -34.81 47.83 33.45
CA GLY K 35 -33.44 48.11 33.03
C GLY K 35 -32.43 47.28 33.78
N VAL K 36 -32.60 47.13 35.09
CA VAL K 36 -31.70 46.31 35.87
C VAL K 36 -31.78 44.85 35.43
N SER K 37 -33.00 44.36 35.18
CA SER K 37 -33.15 42.97 34.76
C SER K 37 -32.50 42.73 33.41
N ARG K 38 -32.70 43.63 32.45
CA ARG K 38 -32.13 43.52 31.12
C ARG K 38 -30.76 44.18 31.03
N ASN K 39 -30.25 44.69 32.14
CA ASN K 39 -28.90 45.22 32.21
C ASN K 39 -28.48 45.24 33.67
N PRO K 40 -27.89 44.16 34.18
CA PRO K 40 -27.46 44.13 35.59
C PRO K 40 -26.48 45.22 35.95
N SER K 41 -25.66 45.68 34.99
CA SER K 41 -24.73 46.75 35.28
C SER K 41 -25.42 48.10 35.44
N ILE K 42 -26.64 48.25 34.90
CA ILE K 42 -27.32 49.54 34.90
C ILE K 42 -27.87 49.91 36.26
N LYS K 43 -27.99 48.94 37.18
CA LYS K 43 -28.53 49.24 38.49
C LYS K 43 -27.66 50.24 39.24
N ASP K 44 -26.34 50.03 39.21
CA ASP K 44 -25.44 50.92 39.94
C ASP K 44 -25.40 52.31 39.33
N THR K 45 -25.60 52.42 38.02
CA THR K 45 -25.56 53.71 37.33
C THR K 45 -26.93 54.36 37.19
N VAL K 46 -27.99 53.72 37.69
CA VAL K 46 -29.33 54.26 37.57
C VAL K 46 -30.06 54.37 38.89
N PHE K 47 -29.66 53.65 39.94
CA PHE K 47 -30.44 53.66 41.18
C PHE K 47 -30.57 55.06 41.79
N PRO K 48 -29.49 55.82 41.98
CA PRO K 48 -29.67 57.23 42.37
C PRO K 48 -30.47 58.01 41.34
N MET K 49 -30.26 57.73 40.05
CA MET K 49 -31.09 58.33 39.01
C MET K 49 -32.54 57.84 39.14
N ALA K 50 -32.73 56.62 39.63
CA ALA K 50 -34.08 56.10 39.85
C ALA K 50 -34.81 56.87 40.94
N ILE K 51 -34.12 57.12 42.06
CA ILE K 51 -34.73 57.92 43.13
C ILE K 51 -34.99 59.34 42.63
N LEU K 52 -34.03 59.91 41.90
CA LEU K 52 -34.21 61.24 41.35
C LEU K 52 -35.42 61.30 40.41
N GLY K 53 -35.61 60.25 39.60
CA GLY K 53 -36.78 60.20 38.73
C GLY K 53 -38.08 60.05 39.48
N PHE K 54 -38.07 59.26 40.56
CA PHE K 54 -39.25 59.16 41.42
C PHE K 54 -39.62 60.53 41.96
N ALA K 55 -38.62 61.30 42.38
CA ALA K 55 -38.87 62.67 42.80
C ALA K 55 -39.39 63.51 41.64
N LEU K 56 -38.80 63.36 40.45
CA LEU K 56 -39.19 64.13 39.28
C LEU K 56 -40.61 63.84 38.81
N SER K 57 -41.15 62.68 39.19
CA SER K 57 -42.52 62.32 38.86
C SER K 57 -43.50 62.74 39.95
N GLU K 58 -43.13 62.53 41.22
CA GLU K 58 -44.06 62.82 42.30
C GLU K 58 -44.29 64.32 42.49
N ALA K 59 -43.53 65.17 41.79
CA ALA K 59 -43.65 66.60 41.99
C ALA K 59 -45.02 67.12 41.56
N THR K 60 -45.54 66.61 40.45
CA THR K 60 -46.87 67.01 40.00
C THR K 60 -47.93 66.62 41.03
N GLY K 61 -47.81 65.42 41.59
CA GLY K 61 -48.77 64.97 42.60
C GLY K 61 -48.69 65.77 43.90
N LEU K 62 -47.47 66.13 44.30
CA LEU K 62 -47.32 67.03 45.44
C LEU K 62 -47.96 68.38 45.16
N PHE K 63 -47.79 68.88 43.94
CA PHE K 63 -48.49 70.11 43.54
C PHE K 63 -49.99 69.94 43.66
N CYS K 64 -50.52 68.79 43.20
CA CYS K 64 -51.95 68.55 43.26
C CYS K 64 -52.46 68.51 44.71
N LEU K 65 -51.75 67.80 45.59
CA LEU K 65 -52.17 67.73 46.98
C LEU K 65 -52.02 69.08 47.67
N MET K 66 -51.09 69.91 47.19
CA MET K 66 -50.85 71.20 47.81
C MET K 66 -52.07 72.11 47.73
N VAL K 67 -52.75 72.12 46.57
CA VAL K 67 -53.93 72.96 46.43
C VAL K 67 -55.04 72.54 47.37
N SER K 68 -55.26 71.24 47.55
CA SER K 68 -56.25 70.77 48.52
C SER K 68 -55.85 71.17 49.94
N PHE K 69 -54.55 71.08 50.26
CA PHE K 69 -54.09 71.47 51.59
C PHE K 69 -54.39 72.94 51.87
N LEU K 70 -54.16 73.82 50.88
CA LEU K 70 -54.50 75.22 51.03
C LEU K 70 -56.02 75.42 51.02
N LEU K 71 -56.72 74.73 50.13
CA LEU K 71 -58.16 74.95 50.00
C LEU K 71 -58.90 74.61 51.29
N LEU K 72 -58.52 73.50 51.94
CA LEU K 72 -59.19 73.11 53.17
C LEU K 72 -59.02 74.15 54.26
N PHE K 73 -57.83 74.72 54.38
CA PHE K 73 -57.55 75.71 55.42
C PHE K 73 -58.12 77.07 55.03
N GLN L 1 -70.09 85.85 47.12
CA GLN L 1 -69.58 84.48 47.07
C GLN L 1 -69.96 83.81 45.75
N LEU L 2 -70.82 84.45 44.97
CA LEU L 2 -71.34 83.84 43.75
C LEU L 2 -70.25 83.63 42.70
N VAL L 3 -69.46 84.66 42.41
CA VAL L 3 -68.44 84.53 41.37
C VAL L 3 -67.12 84.06 41.98
N LEU L 4 -66.90 84.31 43.26
CA LEU L 4 -65.69 83.81 43.92
C LEU L 4 -65.71 82.30 44.01
N ALA L 5 -66.85 81.72 44.40
CA ALA L 5 -66.99 80.28 44.33
C ALA L 5 -66.87 79.78 42.90
N ALA L 6 -67.24 80.63 41.92
CA ALA L 6 -67.06 80.26 40.52
C ALA L 6 -65.58 80.15 40.18
N LYS L 7 -64.77 81.09 40.67
CA LYS L 7 -63.32 81.00 40.49
C LYS L 7 -62.78 79.76 41.20
N TYR L 8 -63.35 79.44 42.36
CA TYR L 8 -62.95 78.22 43.07
C TYR L 8 -63.27 76.98 42.24
N ILE L 9 -64.45 76.94 41.63
CA ILE L 9 -64.86 75.78 40.84
C ILE L 9 -63.96 75.64 39.61
N GLY L 10 -63.70 76.75 38.92
CA GLY L 10 -62.81 76.71 37.77
C GLY L 10 -61.40 76.29 38.15
N ALA L 11 -60.90 76.81 39.28
CA ALA L 11 -59.56 76.48 39.73
C ALA L 11 -59.45 74.99 40.08
N GLY L 12 -60.48 74.44 40.72
CA GLY L 12 -60.50 73.01 40.96
C GLY L 12 -60.58 72.21 39.66
N ILE L 13 -61.35 72.72 38.70
CA ILE L 13 -61.49 72.05 37.42
C ILE L 13 -60.14 71.97 36.71
N SER L 14 -59.39 73.05 36.73
CA SER L 14 -58.05 73.04 36.15
C SER L 14 -57.09 72.13 36.89
N THR L 15 -57.37 71.81 38.16
CA THR L 15 -56.39 71.27 39.09
C THR L 15 -55.98 69.84 38.78
N ILE L 16 -56.67 69.16 37.87
CA ILE L 16 -56.21 67.87 37.38
C ILE L 16 -55.64 67.96 35.98
N GLY L 17 -55.54 69.17 35.41
CA GLY L 17 -54.89 69.35 34.12
C GLY L 17 -53.43 68.97 34.14
N LEU L 18 -52.84 68.81 35.33
CA LEU L 18 -51.48 68.32 35.47
C LEU L 18 -51.35 66.86 35.05
N LEU L 19 -52.44 66.20 34.67
CA LEU L 19 -52.34 64.81 34.23
C LEU L 19 -51.46 64.66 33.00
N GLY L 20 -51.59 65.58 32.05
CA GLY L 20 -50.81 65.47 30.83
C GLY L 20 -49.32 65.48 31.10
N ALA L 21 -48.87 66.44 31.89
CA ALA L 21 -47.45 66.47 32.27
C ALA L 21 -47.09 65.29 33.18
N GLY L 22 -47.96 64.93 34.12
CA GLY L 22 -47.66 63.85 35.04
C GLY L 22 -47.50 62.52 34.35
N ILE L 23 -48.08 62.37 33.17
CA ILE L 23 -47.83 61.21 32.35
C ILE L 23 -46.66 61.43 31.39
N GLY L 24 -46.54 62.62 30.80
CA GLY L 24 -45.50 62.83 29.80
C GLY L 24 -44.10 62.82 30.37
N ILE L 25 -43.90 63.44 31.54
CA ILE L 25 -42.60 63.42 32.18
C ILE L 25 -42.21 62.00 32.55
N ALA L 26 -43.15 61.23 33.09
CA ALA L 26 -42.88 59.83 33.37
C ALA L 26 -42.55 59.07 32.11
N ILE L 27 -43.18 59.45 31.00
CA ILE L 27 -42.90 58.82 29.71
C ILE L 27 -41.44 59.09 29.31
N VAL L 28 -41.03 60.34 29.38
CA VAL L 28 -39.64 60.68 29.04
C VAL L 28 -38.68 59.98 30.00
N PHE L 29 -39.06 59.87 31.28
CA PHE L 29 -38.21 59.22 32.27
C PHE L 29 -38.02 57.74 31.98
N ALA L 30 -39.11 57.01 31.73
CA ALA L 30 -38.98 55.61 31.36
C ALA L 30 -38.24 55.48 30.03
N ALA L 31 -38.40 56.46 29.14
CA ALA L 31 -37.65 56.44 27.88
C ALA L 31 -36.16 56.52 28.14
N LEU L 32 -35.75 57.41 29.03
CA LEU L 32 -34.33 57.48 29.38
C LEU L 32 -33.86 56.20 30.03
N ILE L 33 -34.69 55.59 30.88
CA ILE L 33 -34.30 54.33 31.52
C ILE L 33 -34.10 53.25 30.47
N ASN L 34 -35.01 53.19 29.50
CA ASN L 34 -34.88 52.24 28.41
C ASN L 34 -33.63 52.53 27.58
N GLY L 35 -33.36 53.80 27.32
CA GLY L 35 -32.15 54.15 26.59
C GLY L 35 -30.90 53.69 27.30
N VAL L 36 -30.85 53.89 28.62
CA VAL L 36 -29.70 53.44 29.40
C VAL L 36 -29.58 51.93 29.34
N SER L 37 -30.70 51.21 29.43
CA SER L 37 -30.65 49.77 29.24
C SER L 37 -30.21 49.41 27.83
N ARG L 38 -30.38 50.35 26.88
CA ARG L 38 -30.03 50.07 25.50
C ARG L 38 -28.68 50.66 25.11
N ASN L 39 -28.54 51.99 25.14
CA ASN L 39 -27.28 52.65 24.80
C ASN L 39 -26.68 53.20 26.08
N PRO L 40 -26.21 52.32 26.97
CA PRO L 40 -25.67 52.79 28.25
C PRO L 40 -24.47 53.69 28.08
N SER L 41 -23.82 53.68 26.92
CA SER L 41 -22.67 54.53 26.68
C SER L 41 -23.04 56.01 26.57
N ILE L 42 -24.33 56.33 26.48
CA ILE L 42 -24.77 57.71 26.28
C ILE L 42 -25.66 58.23 27.39
N LYS L 43 -25.62 57.60 28.57
CA LYS L 43 -26.51 58.03 29.66
C LYS L 43 -26.21 59.45 30.10
N ASP L 44 -24.92 59.80 30.19
CA ASP L 44 -24.54 61.16 30.58
C ASP L 44 -25.00 62.20 29.57
N THR L 45 -24.88 61.92 28.28
CA THR L 45 -25.35 62.86 27.27
C THR L 45 -26.87 62.88 27.19
N VAL L 46 -27.52 61.79 27.57
CA VAL L 46 -28.97 61.70 27.54
C VAL L 46 -29.53 62.56 28.65
N PHE L 47 -28.95 62.45 29.85
CA PHE L 47 -29.35 63.33 30.95
C PHE L 47 -29.22 64.79 30.57
N PRO L 48 -28.19 65.24 29.84
CA PRO L 48 -28.18 66.63 29.37
C PRO L 48 -29.33 66.95 28.42
N MET L 49 -29.94 65.94 27.81
CA MET L 49 -31.16 66.15 27.04
C MET L 49 -32.40 65.65 27.80
N ALA L 50 -32.21 64.69 28.71
CA ALA L 50 -33.34 64.20 29.50
C ALA L 50 -33.86 65.27 30.45
N ILE L 51 -32.97 66.10 30.99
CA ILE L 51 -33.42 67.22 31.81
C ILE L 51 -34.28 68.16 30.97
N LEU L 52 -33.84 68.45 29.74
CA LEU L 52 -34.62 69.30 28.85
C LEU L 52 -35.99 68.68 28.56
N GLY L 53 -36.02 67.36 28.38
CA GLY L 53 -37.29 66.68 28.17
C GLY L 53 -38.22 66.77 29.36
N PHE L 54 -37.67 66.53 30.56
CA PHE L 54 -38.47 66.60 31.78
C PHE L 54 -39.01 68.01 31.98
N ALA L 55 -38.21 69.01 31.64
CA ALA L 55 -38.68 70.39 31.73
C ALA L 55 -39.76 70.70 30.70
N LEU L 56 -39.55 70.35 29.44
CA LEU L 56 -40.54 70.61 28.39
C LEU L 56 -41.84 69.86 28.65
N SER L 57 -41.77 68.74 29.37
CA SER L 57 -42.98 68.03 29.77
C SER L 57 -43.64 68.72 30.96
N GLU L 58 -42.86 69.00 32.02
CA GLU L 58 -43.42 69.68 33.19
C GLU L 58 -43.82 71.11 32.85
N ALA L 59 -43.44 71.60 31.68
CA ALA L 59 -43.92 72.90 31.22
C ALA L 59 -45.44 72.94 31.17
N THR L 60 -46.06 71.83 30.74
CA THR L 60 -47.51 71.76 30.73
C THR L 60 -48.08 71.86 32.14
N GLY L 61 -47.48 71.14 33.09
CA GLY L 61 -47.93 71.23 34.47
C GLY L 61 -47.81 72.63 35.02
N LEU L 62 -46.72 73.32 34.67
CA LEU L 62 -46.57 74.72 35.07
C LEU L 62 -47.63 75.62 34.44
N PHE L 63 -47.88 75.46 33.14
CA PHE L 63 -48.88 76.31 32.49
C PHE L 63 -50.26 76.06 33.08
N CYS L 64 -50.54 74.82 33.49
CA CYS L 64 -51.82 74.52 34.13
C CYS L 64 -51.90 75.10 35.54
N LEU L 65 -50.84 74.92 36.33
CA LEU L 65 -50.87 75.39 37.71
C LEU L 65 -50.94 76.90 37.79
N MET L 66 -50.29 77.60 36.87
CA MET L 66 -50.36 79.07 36.87
C MET L 66 -51.78 79.55 36.61
N VAL L 67 -52.44 78.97 35.61
CA VAL L 67 -53.81 79.35 35.31
C VAL L 67 -54.73 79.00 36.47
N SER L 68 -54.48 77.86 37.13
CA SER L 68 -55.27 77.52 38.31
C SER L 68 -55.07 78.55 39.42
N PHE L 69 -53.83 78.98 39.63
CA PHE L 69 -53.54 79.93 40.70
C PHE L 69 -54.13 81.31 40.41
N LEU L 70 -54.21 81.69 39.13
CA LEU L 70 -54.79 82.99 38.78
C LEU L 70 -56.20 83.13 39.36
N LEU L 71 -56.94 82.03 39.43
CA LEU L 71 -58.23 82.00 40.10
C LEU L 71 -58.19 81.33 41.46
N LEU L 72 -57.01 81.00 41.98
CA LEU L 72 -56.87 80.44 43.33
C LEU L 72 -56.51 81.47 44.38
N PHE L 73 -56.01 82.63 43.99
CA PHE L 73 -55.63 83.67 44.94
C PHE L 73 -56.39 84.97 44.66
N GLN M 1 -72.95 88.67 37.90
CA GLN M 1 -72.27 87.54 38.51
C GLN M 1 -72.52 86.25 37.72
N LEU M 2 -73.04 86.41 36.50
CA LEU M 2 -73.24 85.26 35.63
C LEU M 2 -72.11 85.10 34.62
N VAL M 3 -71.96 86.09 33.72
CA VAL M 3 -71.04 85.94 32.60
C VAL M 3 -69.61 85.85 33.06
N LEU M 4 -69.20 86.72 33.98
CA LEU M 4 -67.85 86.65 34.52
C LEU M 4 -67.62 85.35 35.27
N ALA M 5 -68.64 84.89 36.00
CA ALA M 5 -68.52 83.62 36.71
C ALA M 5 -68.27 82.48 35.74
N ALA M 6 -69.01 82.45 34.63
CA ALA M 6 -68.83 81.38 33.65
C ALA M 6 -67.51 81.54 32.91
N LYS M 7 -67.06 82.79 32.74
CA LYS M 7 -65.72 83.01 32.18
C LYS M 7 -64.66 82.38 33.07
N TYR M 8 -64.77 82.59 34.39
CA TYR M 8 -63.80 82.00 35.31
C TYR M 8 -63.89 80.47 35.31
N ILE M 9 -65.10 79.92 35.38
CA ILE M 9 -65.25 78.48 35.43
C ILE M 9 -64.75 77.84 34.14
N GLY M 10 -65.14 78.40 32.99
CA GLY M 10 -64.69 77.85 31.72
C GLY M 10 -63.20 78.03 31.50
N ALA M 11 -62.63 79.11 32.03
CA ALA M 11 -61.18 79.26 32.00
C ALA M 11 -60.50 78.16 32.79
N GLY M 12 -61.05 77.84 33.96
CA GLY M 12 -60.54 76.70 34.70
C GLY M 12 -60.68 75.40 33.94
N ILE M 13 -61.81 75.22 33.27
CA ILE M 13 -62.05 73.98 32.54
C ILE M 13 -61.09 73.82 31.39
N SER M 14 -60.96 74.85 30.54
CA SER M 14 -60.07 74.75 29.39
C SER M 14 -58.63 74.52 29.80
N THR M 15 -58.28 74.83 31.04
CA THR M 15 -56.90 74.67 31.49
C THR M 15 -56.50 73.20 31.57
N ILE M 16 -57.44 72.30 31.88
CA ILE M 16 -57.13 70.88 31.79
C ILE M 16 -56.78 70.51 30.36
N GLY M 17 -57.34 71.24 29.38
CA GLY M 17 -57.04 70.95 27.99
C GLY M 17 -55.57 71.13 27.65
N LEU M 18 -54.86 71.93 28.45
CA LEU M 18 -53.42 72.10 28.26
C LEU M 18 -52.65 70.82 28.52
N LEU M 19 -53.28 69.82 29.13
CA LEU M 19 -52.60 68.57 29.43
C LEU M 19 -52.12 67.86 28.17
N GLY M 20 -52.74 68.17 27.02
CA GLY M 20 -52.32 67.52 25.79
C GLY M 20 -50.87 67.82 25.44
N ALA M 21 -50.38 68.99 25.88
CA ALA M 21 -48.96 69.28 25.74
C ALA M 21 -48.11 68.26 26.51
N GLY M 22 -48.65 67.70 27.59
CA GLY M 22 -47.91 66.71 28.35
C GLY M 22 -47.55 65.50 27.51
N ILE M 23 -48.44 65.07 26.63
CA ILE M 23 -48.13 64.00 25.71
C ILE M 23 -47.44 64.52 24.47
N GLY M 24 -47.74 65.76 24.06
CA GLY M 24 -47.06 66.34 22.92
C GLY M 24 -45.56 66.38 23.11
N ILE M 25 -45.12 66.76 24.29
CA ILE M 25 -43.69 66.72 24.60
C ILE M 25 -43.22 65.27 24.71
N ALA M 26 -44.01 64.44 25.39
CA ALA M 26 -43.55 63.11 25.77
C ALA M 26 -43.25 62.24 24.55
N ILE M 27 -44.10 62.30 23.54
CA ILE M 27 -43.93 61.38 22.41
C ILE M 27 -42.60 61.65 21.72
N VAL M 28 -42.34 62.92 21.36
CA VAL M 28 -41.09 63.26 20.69
C VAL M 28 -39.90 63.04 21.63
N PHE M 29 -40.09 63.31 22.93
CA PHE M 29 -38.98 63.14 23.87
C PHE M 29 -38.56 61.68 23.99
N ALA M 30 -39.53 60.78 24.14
CA ALA M 30 -39.23 59.37 24.14
C ALA M 30 -38.65 58.93 22.80
N ALA M 31 -39.11 59.55 21.70
CA ALA M 31 -38.57 59.21 20.40
C ALA M 31 -37.09 59.54 20.33
N LEU M 32 -36.71 60.72 20.81
CA LEU M 32 -35.30 61.08 20.83
C LEU M 32 -34.50 60.18 21.76
N ILE M 33 -35.06 59.89 22.94
CA ILE M 33 -34.35 59.04 23.90
C ILE M 33 -34.10 57.66 23.28
N ASN M 34 -35.13 57.09 22.67
CA ASN M 34 -35.00 55.79 22.02
C ASN M 34 -34.07 55.87 20.81
N GLY M 35 -34.12 56.97 20.05
CA GLY M 35 -33.27 57.08 18.88
C GLY M 35 -31.81 57.13 19.25
N VAL M 36 -31.47 57.89 20.30
CA VAL M 36 -30.12 57.88 20.82
C VAL M 36 -29.79 56.50 21.40
N SER M 37 -30.78 55.82 21.96
CA SER M 37 -30.56 54.48 22.46
C SER M 37 -30.21 53.50 21.34
N ARG M 38 -30.76 53.70 20.15
CA ARG M 38 -30.55 52.80 19.03
C ARG M 38 -29.38 53.25 18.17
N ASN M 39 -29.46 54.46 17.62
CA ASN M 39 -28.41 55.02 16.79
C ASN M 39 -28.02 56.35 17.43
N PRO M 40 -27.21 56.32 18.48
CA PRO M 40 -26.77 57.59 19.09
C PRO M 40 -26.07 58.50 18.10
N SER M 41 -25.41 57.92 17.09
CA SER M 41 -24.78 58.74 16.05
C SER M 41 -25.80 59.57 15.29
N ILE M 42 -27.08 59.21 15.37
CA ILE M 42 -28.13 60.02 14.76
C ILE M 42 -28.63 61.12 15.69
N LYS M 43 -28.01 61.29 16.86
CA LYS M 43 -28.43 62.36 17.77
C LYS M 43 -28.25 63.73 17.17
N ASP M 44 -27.34 63.86 16.20
CA ASP M 44 -27.13 65.15 15.56
C ASP M 44 -28.35 65.58 14.76
N THR M 45 -28.86 64.70 13.90
CA THR M 45 -30.03 65.02 13.11
C THR M 45 -31.33 64.70 13.81
N VAL M 46 -31.27 64.11 15.01
CA VAL M 46 -32.49 63.78 15.74
C VAL M 46 -33.21 65.04 16.19
N PHE M 47 -32.56 65.84 17.04
CA PHE M 47 -33.13 67.14 17.39
C PHE M 47 -33.35 67.99 16.16
N PRO M 48 -32.63 67.79 15.05
CA PRO M 48 -32.92 68.59 13.83
C PRO M 48 -34.35 68.42 13.35
N MET M 49 -34.92 67.23 13.48
CA MET M 49 -36.32 67.01 13.18
C MET M 49 -37.20 67.02 14.41
N ALA M 50 -36.62 66.80 15.60
CA ALA M 50 -37.40 66.82 16.83
C ALA M 50 -37.80 68.25 17.21
N ILE M 51 -37.05 69.23 16.72
CA ILE M 51 -37.34 70.62 17.04
C ILE M 51 -38.69 71.04 16.48
N LEU M 52 -38.96 70.69 15.22
CA LEU M 52 -40.24 71.04 14.60
C LEU M 52 -41.39 70.36 15.33
N GLY M 53 -41.17 69.11 15.75
CA GLY M 53 -42.18 68.43 16.54
C GLY M 53 -42.44 69.10 17.87
N PHE M 54 -41.37 69.51 18.56
CA PHE M 54 -41.55 70.19 19.84
C PHE M 54 -42.29 71.50 19.65
N ALA M 55 -41.96 72.22 18.57
CA ALA M 55 -42.65 73.47 18.26
C ALA M 55 -44.12 73.25 17.97
N LEU M 56 -44.47 72.24 17.19
CA LEU M 56 -45.86 71.94 16.93
C LEU M 56 -46.58 71.31 18.12
N SER M 57 -45.84 70.75 19.07
CA SER M 57 -46.46 70.10 20.22
C SER M 57 -46.80 71.11 21.30
N GLU M 58 -45.83 71.98 21.64
CA GLU M 58 -46.19 73.14 22.44
C GLU M 58 -47.18 74.03 21.71
N ALA M 59 -47.31 73.91 20.39
CA ALA M 59 -48.26 74.72 19.64
C ALA M 59 -49.69 74.40 20.03
N THR M 60 -49.97 73.17 20.44
CA THR M 60 -51.31 72.84 20.91
C THR M 60 -51.66 73.64 22.15
N GLY M 61 -50.75 73.64 23.13
CA GLY M 61 -50.94 74.49 24.29
C GLY M 61 -50.99 75.96 23.91
N LEU M 62 -50.23 76.33 22.87
CA LEU M 62 -50.23 77.70 22.42
C LEU M 62 -51.60 78.12 21.90
N PHE M 63 -52.19 77.33 21.01
CA PHE M 63 -53.49 77.70 20.43
C PHE M 63 -54.60 77.60 21.47
N CYS M 64 -54.58 76.55 22.29
CA CYS M 64 -55.58 76.45 23.34
C CYS M 64 -55.47 77.61 24.32
N LEU M 65 -54.25 78.01 24.67
CA LEU M 65 -54.07 79.12 25.60
C LEU M 65 -54.36 80.47 24.93
N MET M 66 -54.21 80.55 23.61
CA MET M 66 -54.65 81.76 22.91
C MET M 66 -56.16 81.90 22.98
N VAL M 67 -56.89 80.80 22.77
CA VAL M 67 -58.32 80.82 23.01
C VAL M 67 -58.60 81.16 24.48
N SER M 68 -57.77 80.63 25.38
CA SER M 68 -57.96 80.87 26.81
C SER M 68 -57.81 82.34 27.16
N PHE M 69 -56.83 83.01 26.57
CA PHE M 69 -56.67 84.44 26.78
C PHE M 69 -57.79 85.22 26.10
N LEU M 70 -58.21 84.78 24.91
CA LEU M 70 -59.36 85.38 24.26
C LEU M 70 -60.56 85.38 25.18
N LEU M 71 -60.75 84.30 25.94
CA LEU M 71 -61.82 84.26 26.93
C LEU M 71 -61.50 85.06 28.19
N LEU M 72 -60.26 85.05 28.66
CA LEU M 72 -59.87 85.74 29.88
C LEU M 72 -59.88 87.25 29.72
N PHE M 73 -59.98 87.74 28.48
CA PHE M 73 -60.20 89.16 28.23
C PHE M 73 -61.09 89.35 27.00
N GLN N 1 -78.50 87.22 29.18
CA GLN N 1 -77.27 87.31 29.93
C GLN N 1 -76.65 85.93 30.10
N LEU N 2 -77.50 84.91 30.13
CA LEU N 2 -77.03 83.54 30.29
C LEU N 2 -76.39 83.03 29.00
N VAL N 3 -76.82 83.54 27.85
CA VAL N 3 -76.34 83.03 26.57
C VAL N 3 -74.85 83.30 26.42
N LEU N 4 -74.40 84.49 26.80
CA LEU N 4 -72.98 84.83 26.69
C LEU N 4 -72.13 84.02 27.66
N ALA N 5 -72.61 83.85 28.89
CA ALA N 5 -71.90 83.02 29.86
C ALA N 5 -71.75 81.60 29.34
N ALA N 6 -72.83 81.05 28.79
CA ALA N 6 -72.78 79.71 28.23
C ALA N 6 -71.85 79.64 27.04
N LYS N 7 -71.84 80.68 26.20
CA LYS N 7 -70.91 80.69 25.07
C LYS N 7 -69.47 80.64 25.57
N TYR N 8 -69.16 81.41 26.61
CA TYR N 8 -67.80 81.40 27.16
C TYR N 8 -67.44 80.04 27.74
N ILE N 9 -68.32 79.45 28.54
CA ILE N 9 -68.02 78.17 29.16
C ILE N 9 -67.88 77.06 28.11
N GLY N 10 -68.79 77.05 27.13
CA GLY N 10 -68.70 76.06 26.07
C GLY N 10 -67.47 76.25 25.22
N ALA N 11 -67.04 77.51 25.03
CA ALA N 11 -65.79 77.76 24.31
C ALA N 11 -64.61 77.22 25.09
N GLY N 12 -64.58 77.43 26.40
CA GLY N 12 -63.53 76.85 27.21
C GLY N 12 -63.50 75.34 27.12
N ILE N 13 -64.66 74.70 27.20
CA ILE N 13 -64.72 73.24 27.14
C ILE N 13 -64.31 72.73 25.77
N SER N 14 -64.74 73.40 24.69
CA SER N 14 -64.40 72.97 23.35
C SER N 14 -62.91 73.07 23.08
N THR N 15 -62.19 73.84 23.90
CA THR N 15 -60.74 73.94 23.78
C THR N 15 -60.03 72.67 24.22
N ILE N 16 -60.73 71.72 24.83
CA ILE N 16 -60.13 70.50 25.35
C ILE N 16 -59.57 69.66 24.20
N GLY N 17 -60.15 69.81 23.02
CA GLY N 17 -59.72 69.03 21.88
C GLY N 17 -58.33 69.34 21.37
N LEU N 18 -57.68 70.35 21.92
CA LEU N 18 -56.28 70.62 21.60
C LEU N 18 -55.37 69.53 22.12
N LEU N 19 -55.77 68.83 23.17
CA LEU N 19 -54.94 67.77 23.74
C LEU N 19 -54.68 66.67 22.71
N GLY N 20 -55.72 66.26 21.98
CA GLY N 20 -55.56 65.21 21.01
C GLY N 20 -54.56 65.57 19.93
N ALA N 21 -54.66 66.78 19.39
CA ALA N 21 -53.71 67.21 18.37
C ALA N 21 -52.29 67.29 18.95
N GLY N 22 -52.16 67.82 20.16
CA GLY N 22 -50.84 67.90 20.76
C GLY N 22 -50.18 66.55 20.91
N ILE N 23 -50.93 65.56 21.38
CA ILE N 23 -50.40 64.21 21.44
C ILE N 23 -50.21 63.61 20.05
N GLY N 24 -51.05 63.98 19.08
CA GLY N 24 -51.07 63.25 17.82
C GLY N 24 -49.94 63.65 16.90
N ILE N 25 -49.78 64.95 16.68
CA ILE N 25 -48.62 65.42 15.92
C ILE N 25 -47.35 64.94 16.59
N ALA N 26 -47.37 64.88 17.92
CA ALA N 26 -46.23 64.38 18.68
C ALA N 26 -45.95 62.93 18.36
N ILE N 27 -47.00 62.10 18.29
CA ILE N 27 -46.81 60.69 17.96
C ILE N 27 -46.25 60.54 16.55
N VAL N 28 -46.77 61.32 15.60
CA VAL N 28 -46.28 61.23 14.23
C VAL N 28 -44.80 61.59 14.17
N PHE N 29 -44.42 62.74 14.77
CA PHE N 29 -43.03 63.14 14.77
C PHE N 29 -42.16 62.18 15.55
N ALA N 30 -42.71 61.59 16.62
CA ALA N 30 -41.97 60.60 17.37
C ALA N 30 -41.65 59.39 16.51
N ALA N 31 -42.63 58.95 15.71
CA ALA N 31 -42.39 57.85 14.79
C ALA N 31 -41.35 58.23 13.75
N LEU N 32 -41.40 59.47 13.27
CA LEU N 32 -40.38 59.92 12.34
C LEU N 32 -39.00 59.82 12.98
N ILE N 33 -38.87 60.25 14.24
CA ILE N 33 -37.59 60.20 14.92
C ILE N 33 -37.12 58.76 15.07
N ASN N 34 -38.01 57.89 15.54
CA ASN N 34 -37.64 56.50 15.76
C ASN N 34 -37.24 55.82 14.46
N GLY N 35 -37.99 56.08 13.39
CA GLY N 35 -37.67 55.48 12.11
C GLY N 35 -36.37 55.99 11.53
N VAL N 36 -36.10 57.29 11.69
CA VAL N 36 -34.84 57.84 11.22
C VAL N 36 -33.68 57.22 11.98
N SER N 37 -33.81 57.09 13.30
CA SER N 37 -32.74 56.46 14.07
C SER N 37 -32.55 55.02 13.64
N ARG N 38 -33.64 54.28 13.46
CA ARG N 38 -33.53 52.88 13.05
C ARG N 38 -33.14 52.76 11.58
N ASN N 39 -33.75 53.57 10.72
CA ASN N 39 -33.43 53.57 9.29
C ASN N 39 -33.19 55.01 8.87
N PRO N 40 -31.93 55.44 8.83
CA PRO N 40 -31.66 56.84 8.47
C PRO N 40 -32.17 57.24 7.10
N SER N 41 -32.05 56.36 6.10
CA SER N 41 -32.30 56.75 4.73
C SER N 41 -33.75 57.09 4.47
N ILE N 42 -34.69 56.31 5.03
CA ILE N 42 -36.10 56.48 4.71
C ILE N 42 -36.69 57.80 5.18
N LYS N 43 -35.88 58.63 5.86
CA LYS N 43 -36.35 59.95 6.27
C LYS N 43 -36.83 60.77 5.07
N ASP N 44 -36.27 60.51 3.89
CA ASP N 44 -36.66 61.28 2.70
C ASP N 44 -38.13 61.09 2.37
N THR N 45 -38.63 59.85 2.43
CA THR N 45 -40.05 59.58 2.18
C THR N 45 -40.89 59.65 3.44
N VAL N 46 -40.24 59.74 4.61
CA VAL N 46 -40.98 59.79 5.86
C VAL N 46 -41.30 61.24 6.24
N PHE N 47 -40.28 62.10 6.34
CA PHE N 47 -40.49 63.48 6.77
C PHE N 47 -41.52 64.19 5.92
N PRO N 48 -41.54 64.03 4.60
CA PRO N 48 -42.68 64.54 3.83
C PRO N 48 -43.98 63.86 4.23
N MET N 49 -43.95 62.52 4.33
CA MET N 49 -45.13 61.81 4.80
C MET N 49 -45.44 62.16 6.25
N ALA N 50 -44.41 62.50 7.03
CA ALA N 50 -44.63 62.99 8.39
C ALA N 50 -45.38 64.31 8.39
N ILE N 51 -45.04 65.20 7.44
CA ILE N 51 -45.78 66.44 7.29
C ILE N 51 -47.22 66.16 6.89
N LEU N 52 -47.41 65.21 5.99
CA LEU N 52 -48.78 64.84 5.58
C LEU N 52 -49.59 64.33 6.76
N GLY N 53 -48.97 63.49 7.60
CA GLY N 53 -49.65 63.04 8.81
C GLY N 53 -49.92 64.16 9.78
N PHE N 54 -48.98 65.10 9.90
CA PHE N 54 -49.21 66.27 10.75
C PHE N 54 -50.41 67.05 10.27
N ALA N 55 -50.54 67.19 8.95
CA ALA N 55 -51.71 67.84 8.37
C ALA N 55 -52.99 67.09 8.67
N LEU N 56 -52.98 65.76 8.55
CA LEU N 56 -54.16 64.96 8.85
C LEU N 56 -54.49 64.88 10.33
N SER N 57 -53.52 65.18 11.21
CA SER N 57 -53.73 65.04 12.64
C SER N 57 -54.07 66.37 13.30
N GLU N 58 -53.21 67.37 13.15
CA GLU N 58 -53.45 68.66 13.79
C GLU N 58 -54.69 69.33 13.24
N ALA N 59 -55.20 68.86 12.09
CA ALA N 59 -56.47 69.38 11.57
C ALA N 59 -57.60 69.12 12.55
N THR N 60 -57.50 68.07 13.37
CA THR N 60 -58.52 67.81 14.37
C THR N 60 -58.57 68.93 15.41
N GLY N 61 -57.41 69.27 15.95
CA GLY N 61 -57.35 70.40 16.88
C GLY N 61 -57.73 71.70 16.22
N LEU N 62 -57.39 71.85 14.93
CA LEU N 62 -57.80 73.04 14.19
C LEU N 62 -59.32 73.14 14.09
N PHE N 63 -59.98 72.01 13.80
CA PHE N 63 -61.44 72.00 13.71
C PHE N 63 -62.08 72.29 15.07
N CYS N 64 -61.54 71.67 16.13
CA CYS N 64 -62.07 71.95 17.46
C CYS N 64 -61.88 73.41 17.83
N LEU N 65 -60.70 73.98 17.52
CA LEU N 65 -60.44 75.38 17.83
C LEU N 65 -61.34 76.31 17.03
N MET N 66 -61.59 75.98 15.76
CA MET N 66 -62.46 76.81 14.93
C MET N 66 -63.90 76.75 15.44
N VAL N 67 -64.35 75.57 15.84
CA VAL N 67 -65.70 75.46 16.41
C VAL N 67 -65.79 76.26 17.70
N SER N 68 -64.77 76.17 18.55
CA SER N 68 -64.79 76.91 19.82
C SER N 68 -64.78 78.41 19.58
N PHE N 69 -63.99 78.88 18.60
CA PHE N 69 -63.98 80.31 18.30
C PHE N 69 -65.31 80.76 17.73
N LEU N 70 -65.93 79.92 16.88
CA LEU N 70 -67.25 80.25 16.35
C LEU N 70 -68.29 80.35 17.47
N LEU N 71 -68.22 79.44 18.44
CA LEU N 71 -69.13 79.47 19.58
C LEU N 71 -68.86 80.63 20.52
N LEU N 72 -67.59 81.01 20.71
CA LEU N 72 -67.26 82.16 21.54
C LEU N 72 -67.66 83.47 20.88
N PHE N 73 -67.86 83.46 19.57
CA PHE N 73 -68.29 84.66 18.85
C PHE N 73 -68.89 84.29 17.49
N GLN O 1 -85.51 79.82 26.35
CA GLN O 1 -84.27 80.57 26.14
C GLN O 1 -83.05 79.72 26.47
N LEU O 2 -83.17 78.91 27.52
CA LEU O 2 -82.04 78.10 27.97
C LEU O 2 -81.67 77.02 26.96
N VAL O 3 -82.52 76.81 25.95
CA VAL O 3 -82.21 75.83 24.91
C VAL O 3 -80.91 76.20 24.22
N LEU O 4 -80.67 77.49 23.99
CA LEU O 4 -79.43 77.91 23.36
C LEU O 4 -78.22 77.57 24.21
N ALA O 5 -78.31 77.84 25.52
CA ALA O 5 -77.20 77.52 26.42
C ALA O 5 -76.96 76.02 26.44
N ALA O 6 -78.03 75.23 26.50
CA ALA O 6 -77.89 73.78 26.54
C ALA O 6 -77.30 73.26 25.23
N LYS O 7 -77.71 73.81 24.10
CA LYS O 7 -77.15 73.39 22.82
C LYS O 7 -75.67 73.74 22.72
N TYR O 8 -75.30 74.94 23.15
CA TYR O 8 -73.89 75.33 23.12
C TYR O 8 -73.06 74.44 24.03
N ILE O 9 -73.56 74.16 25.23
CA ILE O 9 -72.83 73.33 26.19
C ILE O 9 -72.73 71.90 25.69
N GLY O 10 -73.80 71.38 25.08
CA GLY O 10 -73.76 70.04 24.53
C GLY O 10 -72.83 69.92 23.35
N ALA O 11 -72.79 70.94 22.50
CA ALA O 11 -71.82 70.96 21.40
C ALA O 11 -70.39 71.00 21.96
N GLY O 12 -70.16 71.82 22.99
CA GLY O 12 -68.83 71.85 23.59
C GLY O 12 -68.42 70.54 24.21
N ILE O 13 -69.37 69.87 24.88
CA ILE O 13 -69.08 68.57 25.47
C ILE O 13 -68.80 67.54 24.39
N SER O 14 -69.64 67.51 23.35
CA SER O 14 -69.40 66.60 22.24
C SER O 14 -68.14 66.96 21.47
N THR O 15 -67.62 68.18 21.66
CA THR O 15 -66.36 68.57 21.05
C THR O 15 -65.17 67.83 21.63
N ILE O 16 -65.39 66.85 22.52
CA ILE O 16 -64.34 65.94 22.94
C ILE O 16 -64.39 64.62 22.19
N GLY O 17 -65.40 64.42 21.34
CA GLY O 17 -65.57 63.14 20.67
C GLY O 17 -64.57 62.86 19.57
N LEU O 18 -63.93 63.89 19.03
CA LEU O 18 -62.99 63.69 17.92
C LEU O 18 -61.57 63.42 18.41
N LEU O 19 -61.33 63.44 19.73
CA LEU O 19 -59.99 63.17 20.24
C LEU O 19 -59.51 61.79 19.81
N GLY O 20 -60.42 60.82 19.80
CA GLY O 20 -60.04 59.48 19.37
C GLY O 20 -59.59 59.42 17.93
N ALA O 21 -60.29 60.13 17.05
CA ALA O 21 -59.83 60.27 15.67
C ALA O 21 -58.54 61.08 15.59
N GLY O 22 -58.26 61.91 16.59
CA GLY O 22 -57.01 62.63 16.64
C GLY O 22 -55.80 61.73 16.85
N ILE O 23 -55.67 61.17 18.07
CA ILE O 23 -54.51 60.35 18.38
C ILE O 23 -54.56 59.02 17.62
N GLY O 24 -55.74 58.65 17.12
CA GLY O 24 -55.87 57.45 16.31
C GLY O 24 -55.04 57.52 15.05
N ILE O 25 -55.25 58.58 14.26
CA ILE O 25 -54.43 58.81 13.07
C ILE O 25 -52.98 58.95 13.46
N ALA O 26 -52.71 59.46 14.66
CA ALA O 26 -51.34 59.55 15.14
C ALA O 26 -50.70 58.17 15.24
N ILE O 27 -51.38 57.24 15.89
CA ILE O 27 -50.86 55.88 16.01
C ILE O 27 -50.74 55.23 14.65
N VAL O 28 -51.70 55.50 13.77
CA VAL O 28 -51.66 54.92 12.42
C VAL O 28 -50.41 55.39 11.69
N PHE O 29 -50.17 56.70 11.67
CA PHE O 29 -48.98 57.24 11.05
C PHE O 29 -47.72 56.73 11.74
N ALA O 30 -47.81 56.55 13.06
CA ALA O 30 -46.66 56.08 13.82
C ALA O 30 -46.23 54.69 13.35
N ALA O 31 -47.19 53.77 13.30
CA ALA O 31 -46.86 52.41 12.87
C ALA O 31 -46.43 52.40 11.41
N LEU O 32 -47.10 53.18 10.57
CA LEU O 32 -46.71 53.23 9.16
C LEU O 32 -45.27 53.70 9.01
N ILE O 33 -44.89 54.75 9.74
CA ILE O 33 -43.54 55.28 9.63
C ILE O 33 -42.52 54.30 10.19
N ASN O 34 -42.80 53.74 11.38
CA ASN O 34 -41.86 52.81 11.98
C ASN O 34 -41.65 51.59 11.11
N GLY O 35 -42.73 51.09 10.50
CA GLY O 35 -42.60 49.96 9.59
C GLY O 35 -41.86 50.32 8.32
N VAL O 36 -42.15 51.51 7.77
CA VAL O 36 -41.48 51.94 6.55
C VAL O 36 -39.98 52.01 6.79
N SER O 37 -39.58 52.50 7.97
CA SER O 37 -38.18 52.41 8.35
C SER O 37 -37.73 50.96 8.52
N ARG O 38 -38.61 50.11 9.07
CA ARG O 38 -38.28 48.70 9.21
C ARG O 38 -38.15 48.03 7.85
N ASN O 39 -38.98 48.42 6.90
CA ASN O 39 -38.88 47.84 5.58
C ASN O 39 -39.35 48.84 4.55
N PRO O 40 -38.44 49.45 3.79
CA PRO O 40 -38.86 50.34 2.69
C PRO O 40 -39.68 49.62 1.64
N SER O 41 -39.54 48.29 1.52
CA SER O 41 -40.34 47.55 0.56
C SER O 41 -41.81 47.49 0.94
N ILE O 42 -42.16 47.88 2.16
CA ILE O 42 -43.56 47.98 2.54
C ILE O 42 -44.08 49.41 2.50
N LYS O 43 -43.26 50.37 2.08
CA LYS O 43 -43.70 51.76 2.05
C LYS O 43 -44.88 51.94 1.09
N ASP O 44 -44.82 51.32 -0.09
CA ASP O 44 -45.92 51.46 -1.04
C ASP O 44 -47.19 50.82 -0.51
N THR O 45 -47.08 49.68 0.17
CA THR O 45 -48.24 49.01 0.71
C THR O 45 -48.85 49.76 1.89
N VAL O 46 -48.03 50.46 2.68
CA VAL O 46 -48.55 51.16 3.85
C VAL O 46 -49.45 52.31 3.41
N PHE O 47 -48.99 53.14 2.48
CA PHE O 47 -49.78 54.30 2.07
C PHE O 47 -51.13 53.90 1.50
N PRO O 48 -51.23 52.92 0.60
CA PRO O 48 -52.55 52.47 0.15
C PRO O 48 -53.39 51.90 1.29
N MET O 49 -52.76 51.59 2.43
CA MET O 49 -53.50 51.25 3.64
C MET O 49 -53.58 52.44 4.59
N ALA O 50 -52.54 53.28 4.62
CA ALA O 50 -52.54 54.41 5.54
C ALA O 50 -53.67 55.38 5.24
N ILE O 51 -53.89 55.66 3.95
CA ILE O 51 -54.94 56.62 3.57
C ILE O 51 -56.31 56.09 3.99
N LEU O 52 -56.57 54.82 3.69
CA LEU O 52 -57.84 54.21 4.07
C LEU O 52 -58.03 54.19 5.58
N GLY O 53 -56.98 53.87 6.33
CA GLY O 53 -57.09 53.91 7.79
C GLY O 53 -57.35 55.29 8.33
N PHE O 54 -56.66 56.30 7.80
CA PHE O 54 -56.80 57.66 8.32
C PHE O 54 -58.18 58.22 8.02
N ALA O 55 -58.64 58.08 6.78
CA ALA O 55 -59.94 58.62 6.40
C ALA O 55 -61.07 57.94 7.15
N LEU O 56 -61.03 56.61 7.22
CA LEU O 56 -62.06 55.86 7.92
C LEU O 56 -62.07 56.21 9.40
N SER O 57 -60.88 56.39 9.98
CA SER O 57 -60.79 56.78 11.39
C SER O 57 -61.39 58.16 11.62
N GLU O 58 -61.07 59.12 10.74
CA GLU O 58 -61.55 60.48 10.93
C GLU O 58 -63.03 60.61 10.60
N ALA O 59 -63.61 59.62 9.92
CA ALA O 59 -65.05 59.66 9.64
C ALA O 59 -65.88 59.75 10.91
N THR O 60 -65.46 59.03 11.97
CA THR O 60 -66.18 59.09 13.23
C THR O 60 -66.06 60.47 13.88
N GLY O 61 -64.87 61.06 13.83
CA GLY O 61 -64.72 62.43 14.32
C GLY O 61 -65.60 63.40 13.55
N LEU O 62 -65.72 63.18 12.25
CA LEU O 62 -66.63 64.00 11.43
C LEU O 62 -68.07 63.81 11.87
N PHE O 63 -68.48 62.57 12.17
CA PHE O 63 -69.84 62.33 12.63
C PHE O 63 -70.10 63.01 13.98
N CYS O 64 -69.13 62.92 14.90
CA CYS O 64 -69.31 63.55 16.20
C CYS O 64 -69.36 65.07 16.09
N LEU O 65 -68.55 65.65 15.19
CA LEU O 65 -68.61 67.10 14.98
C LEU O 65 -69.86 67.51 14.23
N MET O 66 -70.42 66.62 13.39
CA MET O 66 -71.71 66.90 12.75
C MET O 66 -72.82 66.89 13.79
N VAL O 67 -72.70 66.03 14.80
CA VAL O 67 -73.65 66.05 15.91
C VAL O 67 -73.61 67.40 16.61
N SER O 68 -72.41 67.96 16.79
CA SER O 68 -72.30 69.28 17.40
C SER O 68 -72.83 70.37 16.48
N PHE O 69 -72.51 70.29 15.19
CA PHE O 69 -72.93 71.31 14.23
C PHE O 69 -74.45 71.36 14.12
N LEU O 70 -75.11 70.19 14.19
CA LEU O 70 -76.57 70.18 14.26
C LEU O 70 -77.06 70.92 15.50
N LEU O 71 -76.32 70.83 16.60
CA LEU O 71 -76.60 71.61 17.79
C LEU O 71 -75.96 72.99 17.75
N LEU O 72 -75.22 73.30 16.70
CA LEU O 72 -74.58 74.60 16.55
C LEU O 72 -75.35 75.52 15.63
N PHE O 73 -75.78 75.05 14.46
CA PHE O 73 -76.55 75.85 13.52
C PHE O 73 -77.96 75.31 13.34
N GLY O 74 -78.10 74.03 13.02
CA GLY O 74 -79.40 73.43 12.78
C GLY O 74 -80.35 73.48 13.96
N GLN P 1 -89.39 71.64 27.03
CA GLN P 1 -88.74 72.84 27.51
C GLN P 1 -87.53 72.49 28.39
N LEU P 2 -87.80 72.19 29.66
CA LEU P 2 -86.76 71.91 30.64
C LEU P 2 -86.13 70.54 30.46
N VAL P 3 -86.70 69.69 29.62
CA VAL P 3 -86.21 68.33 29.40
C VAL P 3 -85.68 68.15 27.98
N LEU P 4 -86.24 68.87 27.00
CA LEU P 4 -85.83 68.69 25.62
C LEU P 4 -84.40 69.17 25.38
N ALA P 5 -84.08 70.37 25.86
CA ALA P 5 -82.71 70.87 25.71
C ALA P 5 -81.73 70.03 26.54
N ALA P 6 -82.18 69.54 27.69
CA ALA P 6 -81.37 68.60 28.46
C ALA P 6 -81.11 67.33 27.65
N LYS P 7 -82.11 66.89 26.88
CA LYS P 7 -81.92 65.74 26.01
C LYS P 7 -80.92 66.07 24.91
N TYR P 8 -80.93 67.31 24.43
CA TYR P 8 -79.93 67.73 23.45
C TYR P 8 -78.52 67.65 24.06
N ILE P 9 -78.38 68.12 25.30
CA ILE P 9 -77.09 68.03 25.98
C ILE P 9 -76.70 66.59 26.20
N GLY P 10 -77.67 65.72 26.52
CA GLY P 10 -77.38 64.31 26.68
C GLY P 10 -76.96 63.65 25.37
N ALA P 11 -77.55 64.10 24.27
CA ALA P 11 -77.15 63.62 22.95
C ALA P 11 -75.71 64.01 22.65
N GLY P 12 -75.35 65.26 22.95
CA GLY P 12 -73.96 65.68 22.80
C GLY P 12 -73.02 64.88 23.67
N ILE P 13 -73.45 64.58 24.91
CA ILE P 13 -72.61 63.82 25.84
C ILE P 13 -72.42 62.39 25.33
N SER P 14 -73.49 61.77 24.86
CA SER P 14 -73.37 60.43 24.30
C SER P 14 -72.54 60.43 23.02
N THR P 15 -72.53 61.55 22.30
CA THR P 15 -71.70 61.67 21.11
C THR P 15 -70.21 61.66 21.43
N ILE P 16 -69.82 62.10 22.63
CA ILE P 16 -68.41 62.15 23.01
C ILE P 16 -67.79 60.78 23.17
N GLY P 17 -68.58 59.73 23.02
CA GLY P 17 -68.05 58.37 23.00
C GLY P 17 -67.46 57.95 21.68
N LEU P 18 -67.49 58.83 20.68
CA LEU P 18 -66.94 58.51 19.37
C LEU P 18 -65.41 58.36 19.39
N LEU P 19 -64.77 58.77 20.48
CA LEU P 19 -63.31 58.68 20.55
C LEU P 19 -62.85 57.23 20.50
N GLY P 20 -63.63 56.31 21.09
CA GLY P 20 -63.24 54.91 21.04
C GLY P 20 -63.23 54.37 19.63
N ALA P 21 -64.29 54.65 18.86
CA ALA P 21 -64.30 54.24 17.47
C ALA P 21 -63.17 54.90 16.70
N GLY P 22 -62.91 56.18 16.97
CA GLY P 22 -61.84 56.88 16.28
C GLY P 22 -60.47 56.28 16.54
N ILE P 23 -60.13 56.07 17.81
CA ILE P 23 -58.84 55.50 18.17
C ILE P 23 -58.69 54.10 17.60
N GLY P 24 -59.74 53.28 17.73
CA GLY P 24 -59.65 51.91 17.23
C GLY P 24 -59.56 51.83 15.72
N ILE P 25 -60.29 52.69 15.02
CA ILE P 25 -60.36 52.64 13.57
C ILE P 25 -59.00 52.85 12.95
N ALA P 26 -58.08 53.48 13.67
CA ALA P 26 -56.73 53.64 13.16
C ALA P 26 -55.71 52.76 13.88
N ILE P 27 -56.02 52.29 15.08
CA ILE P 27 -55.15 51.27 15.67
C ILE P 27 -55.17 50.02 14.81
N VAL P 28 -56.32 49.73 14.20
CA VAL P 28 -56.39 48.59 13.28
C VAL P 28 -55.46 48.80 12.09
N PHE P 29 -55.47 50.00 11.51
CA PHE P 29 -54.55 50.29 10.41
C PHE P 29 -53.10 50.23 10.88
N ALA P 30 -52.84 50.64 12.11
CA ALA P 30 -51.49 50.53 12.67
C ALA P 30 -51.06 49.08 12.73
N ALA P 31 -51.96 48.21 13.18
CA ALA P 31 -51.65 46.77 13.20
C ALA P 31 -51.40 46.26 11.79
N LEU P 32 -52.19 46.72 10.83
CA LEU P 32 -51.99 46.30 9.45
C LEU P 32 -50.61 46.73 8.93
N ILE P 33 -50.21 47.96 9.25
CA ILE P 33 -48.91 48.46 8.81
C ILE P 33 -47.80 47.64 9.47
N ASN P 34 -47.94 47.37 10.76
CA ASN P 34 -46.93 46.60 11.47
C ASN P 34 -46.81 45.20 10.87
N GLY P 35 -47.94 44.60 10.54
CA GLY P 35 -47.91 43.31 9.87
C GLY P 35 -47.22 43.38 8.53
N VAL P 36 -47.52 44.41 7.74
CA VAL P 36 -46.94 44.55 6.41
C VAL P 36 -45.43 44.68 6.50
N SER P 37 -44.95 45.50 7.44
CA SER P 37 -43.51 45.65 7.62
C SER P 37 -42.89 44.35 8.11
N ARG P 38 -43.44 43.79 9.19
CA ARG P 38 -42.86 42.58 9.77
C ARG P 38 -43.09 41.37 8.87
N ASN P 39 -44.31 41.19 8.38
CA ASN P 39 -44.66 40.05 7.53
C ASN P 39 -45.35 40.58 6.28
N PRO P 40 -44.59 41.00 5.27
CA PRO P 40 -45.23 41.40 4.01
C PRO P 40 -46.09 40.31 3.41
N SER P 41 -45.74 39.05 3.66
CA SER P 41 -46.54 37.94 3.11
C SER P 41 -47.88 37.82 3.82
N ILE P 42 -47.88 37.81 5.14
CA ILE P 42 -49.09 37.50 5.89
C ILE P 42 -50.07 38.66 5.83
N LYS P 43 -49.59 39.83 5.39
CA LYS P 43 -50.45 41.01 5.32
C LYS P 43 -51.63 40.80 4.39
N ASP P 44 -51.45 39.95 3.38
CA ASP P 44 -52.55 39.67 2.46
C ASP P 44 -53.73 39.02 3.19
N THR P 45 -53.45 37.99 4.00
CA THR P 45 -54.51 37.38 4.79
C THR P 45 -54.99 38.32 5.88
N VAL P 46 -54.09 39.15 6.41
CA VAL P 46 -54.45 40.08 7.48
C VAL P 46 -55.46 41.12 7.02
N PHE P 47 -55.27 41.69 5.83
CA PHE P 47 -56.19 42.73 5.36
C PHE P 47 -57.63 42.27 5.39
N PRO P 48 -57.96 41.07 4.91
CA PRO P 48 -59.32 40.58 5.11
C PRO P 48 -59.72 40.45 6.57
N MET P 49 -58.78 40.10 7.44
CA MET P 49 -59.09 39.93 8.86
C MET P 49 -58.86 41.18 9.69
N ALA P 50 -58.43 42.29 9.06
CA ALA P 50 -58.24 43.55 9.76
C ALA P 50 -59.27 44.59 9.34
N ILE P 51 -59.62 44.60 8.05
CA ILE P 51 -60.63 45.54 7.57
C ILE P 51 -61.95 45.31 8.28
N LEU P 52 -62.30 44.04 8.51
CA LEU P 52 -63.54 43.73 9.20
C LEU P 52 -63.55 44.31 10.61
N GLY P 53 -62.43 44.14 11.33
CA GLY P 53 -62.33 44.73 12.65
C GLY P 53 -62.44 46.24 12.62
N PHE P 54 -61.81 46.86 11.62
CA PHE P 54 -61.95 48.30 11.45
C PHE P 54 -63.42 48.67 11.27
N ALA P 55 -64.12 47.92 10.43
CA ALA P 55 -65.57 48.08 10.31
C ALA P 55 -66.25 47.74 11.63
N LEU P 56 -65.83 46.63 12.26
CA LEU P 56 -66.36 46.29 13.57
C LEU P 56 -66.03 47.37 14.59
N SER P 57 -64.91 48.07 14.40
CA SER P 57 -64.53 49.14 15.30
C SER P 57 -65.56 50.26 15.27
N GLU P 58 -66.08 50.60 14.09
CA GLU P 58 -66.98 51.74 13.95
C GLU P 58 -68.25 51.58 14.78
N ALA P 59 -68.58 50.35 15.19
CA ALA P 59 -69.80 50.13 15.97
C ALA P 59 -69.77 50.93 17.28
N THR P 60 -68.57 51.21 17.79
CA THR P 60 -68.46 51.99 19.01
C THR P 60 -69.04 53.39 18.83
N GLY P 61 -68.76 54.03 17.70
CA GLY P 61 -69.37 55.32 17.40
C GLY P 61 -70.81 55.15 16.96
N LEU P 62 -71.13 54.00 16.38
CA LEU P 62 -72.51 53.72 15.97
C LEU P 62 -73.45 53.74 17.16
N PHE P 63 -73.01 53.16 18.29
CA PHE P 63 -73.75 53.30 19.53
C PHE P 63 -73.85 54.75 19.95
N CYS P 64 -72.77 55.51 19.76
CA CYS P 64 -72.80 56.94 20.05
C CYS P 64 -73.83 57.65 19.17
N LEU P 65 -73.83 57.33 17.88
CA LEU P 65 -74.78 57.95 16.97
C LEU P 65 -76.21 57.64 17.38
N MET P 66 -76.50 56.38 17.68
CA MET P 66 -77.86 56.00 18.05
C MET P 66 -78.29 56.69 19.34
N VAL P 67 -77.41 56.72 20.33
CA VAL P 67 -77.77 57.36 21.60
C VAL P 67 -78.05 58.84 21.40
N SER P 68 -77.17 59.52 20.66
CA SER P 68 -77.39 60.94 20.40
C SER P 68 -78.71 61.15 19.65
N PHE P 69 -78.98 60.32 18.64
CA PHE P 69 -80.19 60.48 17.87
C PHE P 69 -81.44 60.29 18.71
N LEU P 70 -81.46 59.28 19.58
CA LEU P 70 -82.61 59.09 20.46
C LEU P 70 -82.73 60.26 21.43
N LEU P 71 -81.61 60.91 21.75
CA LEU P 71 -81.66 62.10 22.59
C LEU P 71 -81.72 63.40 21.79
N LEU P 72 -81.63 63.34 20.47
CA LEU P 72 -81.68 64.54 19.63
C LEU P 72 -82.84 64.56 18.64
N PHE P 73 -83.71 63.56 18.66
CA PHE P 73 -84.88 63.55 17.78
C PHE P 73 -85.92 62.56 18.27
N GLN Q 1 -90.47 68.83 36.23
CA GLN Q 1 -89.81 69.00 34.94
C GLN Q 1 -88.38 68.49 35.00
N LEU Q 2 -87.68 68.82 36.10
CA LEU Q 2 -86.30 68.39 36.26
C LEU Q 2 -86.20 66.88 36.45
N VAL Q 3 -87.19 66.28 37.11
CA VAL Q 3 -87.12 64.85 37.40
C VAL Q 3 -87.05 64.03 36.12
N LEU Q 4 -87.87 64.39 35.13
CA LEU Q 4 -87.85 63.66 33.87
C LEU Q 4 -86.53 63.81 33.15
N ALA Q 5 -86.06 65.05 33.01
CA ALA Q 5 -84.79 65.29 32.31
C ALA Q 5 -83.62 64.67 33.07
N ALA Q 6 -83.82 64.37 34.35
CA ALA Q 6 -82.77 63.73 35.14
C ALA Q 6 -82.39 62.38 34.55
N LYS Q 7 -83.38 61.60 34.14
CA LYS Q 7 -83.09 60.31 33.50
C LYS Q 7 -82.33 60.50 32.20
N TYR Q 8 -82.71 61.50 31.40
CA TYR Q 8 -82.01 61.76 30.15
C TYR Q 8 -80.55 62.10 30.40
N ILE Q 9 -80.30 62.97 31.38
CA ILE Q 9 -78.93 63.33 31.72
C ILE Q 9 -78.16 62.12 32.26
N GLY Q 10 -78.79 61.32 33.13
CA GLY Q 10 -78.11 60.16 33.66
C GLY Q 10 -77.75 59.16 32.59
N ALA Q 11 -78.65 58.94 31.64
CA ALA Q 11 -78.34 58.04 30.54
C ALA Q 11 -77.20 58.59 29.70
N GLY Q 12 -77.24 59.89 29.39
CA GLY Q 12 -76.15 60.47 28.61
C GLY Q 12 -74.81 60.28 29.28
N ILE Q 13 -74.76 60.50 30.59
CA ILE Q 13 -73.53 60.31 31.35
C ILE Q 13 -73.08 58.86 31.40
N SER Q 14 -74.01 57.93 31.65
CA SER Q 14 -73.62 56.54 31.76
C SER Q 14 -73.26 55.95 30.41
N THR Q 15 -73.65 56.61 29.31
CA THR Q 15 -73.44 56.08 27.97
C THR Q 15 -72.05 56.42 27.42
N ILE Q 16 -71.10 56.78 28.27
CA ILE Q 16 -69.75 57.11 27.83
C ILE Q 16 -68.76 55.99 28.04
N GLY Q 17 -69.22 54.80 28.42
CA GLY Q 17 -68.34 53.65 28.52
C GLY Q 17 -68.05 52.97 27.20
N LEU Q 18 -68.57 53.50 26.09
CA LEU Q 18 -68.34 52.91 24.79
C LEU Q 18 -66.89 53.04 24.33
N LEU Q 19 -66.26 54.18 24.59
CA LEU Q 19 -64.96 54.45 24.02
C LEU Q 19 -63.89 53.47 24.52
N GLY Q 20 -63.84 53.21 25.82
CA GLY Q 20 -62.82 52.31 26.34
C GLY Q 20 -63.01 50.89 25.86
N ALA Q 21 -64.26 50.42 25.81
CA ALA Q 21 -64.51 49.11 25.26
C ALA Q 21 -64.07 49.03 23.82
N GLY Q 22 -64.35 50.08 23.03
CA GLY Q 22 -63.91 50.09 21.65
C GLY Q 22 -62.40 50.05 21.54
N ILE Q 23 -61.71 50.79 22.42
CA ILE Q 23 -60.27 50.80 22.42
C ILE Q 23 -59.73 49.41 22.73
N GLY Q 24 -60.29 48.75 23.74
CA GLY Q 24 -59.83 47.42 24.09
C GLY Q 24 -60.08 46.42 22.98
N ILE Q 25 -61.25 46.48 22.36
CA ILE Q 25 -61.57 45.54 21.28
C ILE Q 25 -60.61 45.75 20.11
N ALA Q 26 -60.33 47.01 19.79
CA ALA Q 26 -59.33 47.28 18.75
C ALA Q 26 -57.97 46.75 19.16
N ILE Q 27 -57.64 46.84 20.44
CA ILE Q 27 -56.37 46.29 20.92
C ILE Q 27 -56.32 44.78 20.67
N VAL Q 28 -57.41 44.08 20.99
CA VAL Q 28 -57.46 42.64 20.77
C VAL Q 28 -57.29 42.33 19.30
N PHE Q 29 -57.98 43.09 18.45
CA PHE Q 29 -57.86 42.89 17.01
C PHE Q 29 -56.43 43.14 16.54
N ALA Q 30 -55.80 44.18 17.09
CA ALA Q 30 -54.43 44.51 16.71
C ALA Q 30 -53.48 43.39 17.09
N ALA Q 31 -53.63 42.84 18.30
CA ALA Q 31 -52.76 41.77 18.72
C ALA Q 31 -52.98 40.52 17.88
N LEU Q 32 -54.23 40.26 17.52
CA LEU Q 32 -54.50 39.14 16.62
C LEU Q 32 -53.80 39.35 15.28
N ILE Q 33 -53.87 40.56 14.74
CA ILE Q 33 -53.22 40.87 13.47
C ILE Q 33 -51.71 40.66 13.60
N ASN Q 34 -51.13 41.14 14.70
CA ASN Q 34 -49.69 41.01 14.91
C ASN Q 34 -49.29 39.55 15.02
N GLY Q 35 -50.07 38.75 15.75
CA GLY Q 35 -49.78 37.33 15.86
C GLY Q 35 -49.92 36.62 14.54
N VAL Q 36 -50.86 37.07 13.70
CA VAL Q 36 -51.01 36.49 12.37
C VAL Q 36 -49.80 36.80 11.51
N SER Q 37 -49.33 38.04 11.55
CA SER Q 37 -48.16 38.41 10.75
C SER Q 37 -46.91 37.68 11.22
N ARG Q 38 -46.60 37.78 12.52
CA ARG Q 38 -45.39 37.15 13.03
C ARG Q 38 -45.49 35.63 12.93
N ASN Q 39 -46.64 35.07 13.29
CA ASN Q 39 -46.85 33.63 13.33
C ASN Q 39 -47.99 33.30 12.39
N PRO Q 40 -47.70 33.22 11.08
CA PRO Q 40 -48.77 32.90 10.14
C PRO Q 40 -49.42 31.55 10.37
N SER Q 41 -48.66 30.56 10.84
CA SER Q 41 -49.21 29.20 10.92
C SER Q 41 -50.15 29.04 12.10
N ILE Q 42 -49.66 29.27 13.32
CA ILE Q 42 -50.46 29.01 14.52
C ILE Q 42 -51.68 29.91 14.63
N LYS Q 43 -51.99 30.71 13.60
CA LYS Q 43 -53.06 31.69 13.68
C LYS Q 43 -54.40 31.06 14.03
N ASP Q 44 -54.61 29.80 13.63
CA ASP Q 44 -55.90 29.16 13.90
C ASP Q 44 -56.09 28.87 15.38
N THR Q 45 -55.03 28.47 16.07
CA THR Q 45 -55.12 28.16 17.49
C THR Q 45 -55.43 29.38 18.34
N VAL Q 46 -55.35 30.58 17.76
CA VAL Q 46 -55.68 31.79 18.49
C VAL Q 46 -56.91 32.50 17.95
N PHE Q 47 -57.23 32.38 16.67
CA PHE Q 47 -58.42 33.04 16.12
C PHE Q 47 -59.67 32.67 16.91
N PRO Q 48 -59.87 31.43 17.31
CA PRO Q 48 -60.99 31.13 18.20
C PRO Q 48 -60.87 31.89 19.51
N MET Q 49 -59.70 31.82 20.14
CA MET Q 49 -59.47 32.60 21.34
C MET Q 49 -59.61 34.09 21.05
N ALA Q 50 -59.25 34.50 19.83
CA ALA Q 50 -59.37 35.90 19.46
C ALA Q 50 -60.83 36.35 19.50
N ILE Q 51 -61.72 35.58 18.88
CA ILE Q 51 -63.14 35.92 18.94
C ILE Q 51 -63.65 35.82 20.36
N LEU Q 52 -63.13 34.86 21.14
CA LEU Q 52 -63.54 34.72 22.53
C LEU Q 52 -63.27 36.00 23.30
N GLY Q 53 -62.09 36.60 23.09
CA GLY Q 53 -61.79 37.86 23.73
C GLY Q 53 -62.54 39.04 23.15
N PHE Q 54 -62.68 39.08 21.82
CA PHE Q 54 -63.39 40.17 21.18
C PHE Q 54 -64.79 40.29 21.72
N ALA Q 55 -65.49 39.16 21.79
CA ALA Q 55 -66.79 39.16 22.44
C ALA Q 55 -66.68 39.47 23.92
N LEU Q 56 -65.65 38.94 24.59
CA LEU Q 56 -65.51 39.16 26.03
C LEU Q 56 -65.42 40.64 26.35
N SER Q 57 -65.04 41.44 25.35
CA SER Q 57 -65.05 42.89 25.53
C SER Q 57 -66.36 43.50 25.03
N GLU Q 58 -66.77 43.14 23.81
CA GLU Q 58 -67.91 43.80 23.19
C GLU Q 58 -69.19 43.57 23.97
N ALA Q 59 -69.25 42.47 24.72
CA ALA Q 59 -70.42 42.21 25.55
C ALA Q 59 -70.57 43.27 26.62
N THR Q 60 -69.47 43.62 27.29
CA THR Q 60 -69.53 44.68 28.29
C THR Q 60 -69.75 46.04 27.63
N GLY Q 61 -69.18 46.21 26.44
CA GLY Q 61 -69.45 47.45 25.70
C GLY Q 61 -70.93 47.65 25.45
N LEU Q 62 -71.60 46.60 24.98
CA LEU Q 62 -73.05 46.67 24.79
C LEU Q 62 -73.79 46.68 26.12
N PHE Q 63 -73.20 46.12 27.16
CA PHE Q 63 -73.80 46.20 28.50
C PHE Q 63 -73.88 47.64 28.96
N CYS Q 64 -72.87 48.44 28.63
CA CYS Q 64 -72.94 49.87 28.88
C CYS Q 64 -74.13 50.49 28.16
N LEU Q 65 -74.32 50.13 26.88
CA LEU Q 65 -75.45 50.65 26.11
C LEU Q 65 -76.77 50.25 26.76
N MET Q 66 -76.85 49.02 27.25
CA MET Q 66 -78.07 48.55 27.91
C MET Q 66 -78.33 49.33 29.19
N VAL Q 67 -77.30 49.52 30.02
CA VAL Q 67 -77.48 50.25 31.26
C VAL Q 67 -77.89 51.68 30.99
N SER Q 68 -77.44 52.25 29.87
CA SER Q 68 -77.94 53.56 29.45
C SER Q 68 -79.40 53.47 29.00
N PHE Q 69 -79.76 52.39 28.31
CA PHE Q 69 -81.13 52.23 27.85
C PHE Q 69 -82.10 52.12 29.03
N LEU Q 70 -81.68 51.46 30.10
CA LEU Q 70 -82.51 51.34 31.29
C LEU Q 70 -82.87 52.70 31.87
N LEU Q 71 -82.02 53.70 31.64
CA LEU Q 71 -82.40 55.07 31.96
C LEU Q 71 -82.96 55.79 30.75
N LEU Q 72 -82.69 55.31 29.54
CA LEU Q 72 -83.18 55.92 28.31
C LEU Q 72 -84.66 55.65 28.05
N PHE Q 73 -85.18 54.52 28.53
CA PHE Q 73 -86.60 54.23 28.39
C PHE Q 73 -87.17 53.73 29.72
N ASN R 1 -93.28 51.96 9.81
CA ASN R 1 -94.08 51.53 10.95
C ASN R 1 -93.24 50.68 11.90
N ASP R 2 -93.85 50.27 13.01
CA ASP R 2 -93.11 49.58 14.07
C ASP R 2 -92.54 48.25 13.60
N GLU R 3 -93.31 47.50 12.80
CA GLU R 3 -92.83 46.23 12.29
C GLU R 3 -92.65 46.23 10.78
N SER R 4 -92.22 47.34 10.19
CA SER R 4 -92.08 47.41 8.73
C SER R 4 -90.63 47.42 8.29
N ILE R 5 -89.79 48.27 8.89
CA ILE R 5 -88.42 48.41 8.44
C ILE R 5 -87.68 47.09 8.59
N LEU R 6 -87.87 46.41 9.72
CA LEU R 6 -87.25 45.10 9.91
C LEU R 6 -87.78 44.08 8.91
N LEU R 7 -89.07 44.15 8.58
CA LEU R 7 -89.62 43.24 7.59
C LEU R 7 -88.97 43.42 6.23
N LEU R 8 -88.78 44.67 5.80
CA LEU R 8 -88.11 44.93 4.53
C LEU R 8 -86.64 44.56 4.59
N THR R 9 -86.01 44.72 5.75
CA THR R 9 -84.59 44.40 5.89
C THR R 9 -84.33 42.90 5.99
N PHE R 10 -85.35 42.11 6.31
CA PHE R 10 -85.15 40.67 6.42
C PHE R 10 -84.73 40.06 5.09
N LEU R 11 -85.41 40.43 4.00
CA LEU R 11 -85.01 39.95 2.68
C LEU R 11 -83.64 40.48 2.27
N GLY R 12 -83.30 41.70 2.67
CA GLY R 12 -81.99 42.23 2.36
C GLY R 12 -80.88 41.46 3.05
N PHE R 13 -81.06 41.16 4.34
CA PHE R 13 -80.10 40.34 5.05
C PHE R 13 -80.02 38.93 4.47
N THR R 14 -81.17 38.36 4.09
CA THR R 14 -81.16 37.02 3.49
C THR R 14 -80.41 37.01 2.17
N GLY R 15 -80.61 38.04 1.34
CA GLY R 15 -79.86 38.15 0.11
C GLY R 15 -78.37 38.33 0.36
N LEU R 16 -78.02 39.11 1.39
CA LEU R 16 -76.62 39.29 1.75
C LEU R 16 -75.98 37.96 2.13
N VAL R 17 -76.71 37.15 2.90
CA VAL R 17 -76.22 35.82 3.25
C VAL R 17 -76.11 34.94 2.02
N ALA R 18 -77.11 34.99 1.14
CA ALA R 18 -77.08 34.18 -0.08
C ALA R 18 -75.90 34.57 -0.96
N LYS R 19 -75.46 35.82 -0.88
CA LYS R 19 -74.36 36.28 -1.70
C LYS R 19 -73.08 35.55 -1.37
N TYR R 20 -72.78 35.37 -0.08
CA TYR R 20 -71.55 34.71 0.36
C TYR R 20 -71.81 33.47 1.19
N LEU R 21 -72.66 33.58 2.21
CA LEU R 21 -72.83 32.51 3.18
C LEU R 21 -73.45 31.25 2.57
N ALA R 22 -74.33 31.39 1.58
CA ALA R 22 -74.89 30.22 0.91
C ALA R 22 -73.79 29.41 0.21
N PRO R 23 -73.06 29.97 -0.75
CA PRO R 23 -71.95 29.20 -1.35
C PRO R 23 -70.86 28.83 -0.37
N ALA R 24 -70.61 29.65 0.65
CA ALA R 24 -69.61 29.30 1.66
C ALA R 24 -70.01 28.04 2.42
N TYR R 25 -71.26 27.98 2.87
CA TYR R 25 -71.73 26.80 3.56
C TYR R 25 -71.79 25.60 2.63
N LYS R 26 -72.10 25.83 1.35
CA LYS R 26 -72.06 24.76 0.37
C LYS R 26 -70.65 24.17 0.24
N ASP R 27 -69.65 25.05 0.15
CA ASP R 27 -68.26 24.60 0.03
C ASP R 27 -67.80 23.87 1.29
N PHE R 28 -68.18 24.39 2.45
CA PHE R 28 -67.84 23.73 3.71
C PHE R 28 -68.47 22.35 3.81
N ALA R 29 -69.74 22.22 3.40
CA ALA R 29 -70.39 20.91 3.43
C ALA R 29 -69.75 19.95 2.44
N ASP R 30 -69.48 20.40 1.22
CA ASP R 30 -68.90 19.51 0.20
C ASP R 30 -67.50 19.05 0.57
N ALA R 31 -66.67 19.93 1.14
CA ALA R 31 -65.32 19.53 1.50
C ALA R 31 -65.33 18.40 2.53
N ARG R 32 -66.14 18.55 3.58
CA ARG R 32 -66.25 17.50 4.59
C ARG R 32 -66.86 16.23 4.00
N MET R 33 -67.82 16.39 3.08
CA MET R 33 -68.41 15.22 2.44
C MET R 33 -67.36 14.41 1.68
N LYS R 34 -66.55 15.08 0.86
CA LYS R 34 -65.51 14.37 0.12
C LYS R 34 -64.43 13.82 1.05
N LYS R 35 -64.10 14.56 2.11
CA LYS R 35 -63.09 14.07 3.05
C LYS R 35 -63.55 12.77 3.72
N VAL R 36 -64.78 12.75 4.24
CA VAL R 36 -65.31 11.54 4.85
C VAL R 36 -65.47 10.44 3.83
N SER R 37 -65.84 10.80 2.59
CA SER R 37 -65.99 9.82 1.53
C SER R 37 -64.67 9.12 1.24
N ASP R 38 -63.59 9.90 1.12
CA ASP R 38 -62.28 9.31 0.91
C ASP R 38 -61.83 8.52 2.13
N VAL R 39 -62.15 9.00 3.33
CA VAL R 39 -61.78 8.29 4.55
C VAL R 39 -62.45 6.93 4.63
N LEU R 40 -63.71 6.83 4.20
CA LEU R 40 -64.39 5.54 4.20
C LEU R 40 -63.95 4.66 3.04
N ASN R 41 -63.69 5.28 1.87
CA ASN R 41 -63.27 4.52 0.69
C ASN R 41 -61.90 3.90 0.89
N ALA R 42 -60.97 4.64 1.50
CA ALA R 42 -59.65 4.08 1.77
C ALA R 42 -59.73 2.92 2.74
N SER R 43 -60.53 3.06 3.80
CA SER R 43 -60.71 1.96 4.75
C SER R 43 -61.33 0.76 4.06
N ARG R 44 -62.30 0.99 3.17
CA ARG R 44 -62.94 -0.10 2.46
C ARG R 44 -61.95 -0.83 1.55
N ASN R 45 -61.26 -0.10 0.69
CA ASN R 45 -60.32 -0.72 -0.23
C ASN R 45 -59.08 -1.27 0.47
N LYS R 46 -58.82 -0.86 1.71
CA LYS R 46 -57.75 -1.42 2.50
C LYS R 46 -58.18 -2.69 3.22
N HIS R 47 -59.43 -2.74 3.68
CA HIS R 47 -59.97 -3.99 4.18
C HIS R 47 -60.07 -5.02 3.05
N VAL R 48 -60.37 -4.56 1.83
CA VAL R 48 -60.39 -5.47 0.69
C VAL R 48 -58.99 -6.04 0.45
N GLU R 49 -57.97 -5.18 0.51
CA GLU R 49 -56.60 -5.63 0.40
C GLU R 49 -56.17 -6.52 1.56
N ALA R 50 -56.71 -6.30 2.77
CA ALA R 50 -56.41 -7.18 3.89
C ALA R 50 -57.01 -8.55 3.70
N VAL R 51 -58.25 -8.61 3.19
CA VAL R 51 -58.83 -9.90 2.83
C VAL R 51 -58.00 -10.56 1.75
N LYS R 52 -57.50 -9.77 0.79
CA LYS R 52 -56.62 -10.31 -0.24
C LYS R 52 -55.33 -10.87 0.35
N ASP R 53 -54.77 -10.19 1.34
CA ASP R 53 -53.58 -10.70 2.00
C ASP R 53 -53.87 -11.97 2.79
N ARG R 54 -55.07 -12.07 3.35
CA ARG R 54 -55.50 -13.33 3.96
C ARG R 54 -55.55 -14.44 2.91
N ILE R 55 -56.08 -14.12 1.73
CA ILE R 55 -56.08 -15.07 0.63
C ILE R 55 -54.66 -15.46 0.27
N ASP R 56 -53.75 -14.50 0.29
CA ASP R 56 -52.35 -14.78 -0.02
C ASP R 56 -51.73 -15.70 1.04
N SER R 57 -52.02 -15.44 2.31
CA SER R 57 -51.57 -16.33 3.37
C SER R 57 -52.12 -17.73 3.16
N VAL R 58 -53.28 -17.83 2.52
CA VAL R 58 -53.81 -19.14 2.18
C VAL R 58 -53.21 -19.66 0.87
N SER R 59 -52.55 -18.80 0.10
CA SER R 59 -52.12 -19.18 -1.24
C SER R 59 -50.94 -20.15 -1.20
N GLN R 60 -50.05 -19.98 -0.23
CA GLN R 60 -48.89 -20.87 -0.14
C GLN R 60 -49.28 -22.30 0.17
N LEU R 61 -50.29 -22.48 1.03
CA LEU R 61 -50.70 -23.82 1.46
C LEU R 61 -51.40 -24.61 0.36
N GLN R 62 -51.68 -23.99 -0.79
CA GLN R 62 -52.43 -24.66 -1.84
C GLN R 62 -51.69 -25.88 -2.38
N ASN R 63 -50.51 -25.67 -2.96
CA ASN R 63 -49.73 -26.75 -3.55
C ASN R 63 -48.75 -27.35 -2.55
N VAL R 64 -49.04 -27.26 -1.25
CA VAL R 64 -48.19 -27.88 -0.24
C VAL R 64 -48.82 -29.13 0.37
N ALA R 65 -50.15 -29.19 0.45
CA ALA R 65 -50.82 -30.39 0.95
C ALA R 65 -50.65 -31.55 -0.03
N GLU R 66 -50.22 -31.25 -1.26
CA GLU R 66 -50.02 -32.31 -2.24
C GLU R 66 -48.91 -33.26 -1.81
N THR R 67 -47.82 -32.72 -1.26
CA THR R 67 -46.65 -33.55 -0.98
C THR R 67 -46.07 -33.38 0.40
N THR R 68 -46.75 -32.70 1.34
CA THR R 68 -46.22 -32.67 2.71
C THR R 68 -46.06 -34.08 3.29
N LYS R 69 -47.13 -34.88 3.25
CA LYS R 69 -47.06 -36.24 3.78
C LYS R 69 -46.20 -37.13 2.87
N VAL R 70 -46.20 -36.84 1.57
CA VAL R 70 -45.35 -37.60 0.65
C VAL R 70 -43.89 -37.45 1.02
N LEU R 71 -43.46 -36.22 1.34
CA LEU R 71 -42.12 -35.99 1.84
C LEU R 71 -41.93 -36.64 3.21
N PHE R 72 -42.96 -36.56 4.07
CA PHE R 72 -42.87 -37.18 5.39
C PHE R 72 -42.57 -38.68 5.26
N ASP R 73 -43.08 -39.31 4.22
CA ASP R 73 -42.86 -40.74 4.00
C ASP R 73 -41.55 -41.01 3.25
N VAL R 74 -41.25 -40.19 2.25
CA VAL R 74 -40.04 -40.38 1.46
C VAL R 74 -38.80 -40.20 2.31
N SER R 75 -38.80 -39.22 3.21
CA SER R 75 -37.68 -38.98 4.10
C SER R 75 -37.68 -39.91 5.32
N LYS R 76 -38.72 -40.73 5.47
CA LYS R 76 -38.82 -41.66 6.57
C LYS R 76 -38.45 -43.09 6.18
N GLU R 77 -39.13 -43.65 5.18
CA GLU R 77 -38.91 -45.05 4.82
C GLU R 77 -37.56 -45.27 4.15
N THR R 78 -37.19 -44.40 3.21
CA THR R 78 -35.87 -44.51 2.58
C THR R 78 -34.76 -44.41 3.62
N VAL R 79 -34.92 -43.55 4.63
CA VAL R 79 -33.98 -43.49 5.72
C VAL R 79 -34.03 -44.76 6.56
N GLU R 80 -35.22 -45.33 6.70
CA GLU R 80 -35.38 -46.62 7.37
C GLU R 80 -34.66 -47.74 6.64
N LEU R 81 -34.40 -47.58 5.35
CA LEU R 81 -33.71 -48.57 4.54
C LEU R 81 -32.20 -48.63 4.79
N GLU R 82 -31.70 -47.97 5.84
CA GLU R 82 -30.26 -47.88 6.05
C GLU R 82 -29.69 -49.07 6.80
N SER R 83 -30.53 -49.93 7.38
CA SER R 83 -30.03 -51.09 8.09
C SER R 83 -29.32 -52.05 7.15
N GLU R 84 -29.78 -52.12 5.90
CA GLU R 84 -29.11 -52.94 4.89
C GLU R 84 -27.68 -52.46 4.64
N ALA R 85 -27.49 -51.15 4.47
CA ALA R 85 -26.14 -50.62 4.28
C ALA R 85 -25.30 -50.82 5.53
N PHE R 86 -25.91 -50.73 6.70
CA PHE R 86 -25.17 -50.99 7.94
C PHE R 86 -24.66 -52.43 7.98
N GLU R 87 -25.54 -53.40 7.75
CA GLU R 87 -25.11 -54.79 7.79
C GLU R 87 -24.14 -55.12 6.68
N LEU R 88 -24.29 -54.50 5.51
CA LEU R 88 -23.36 -54.70 4.42
C LEU R 88 -21.99 -54.10 4.73
N LYS R 89 -21.95 -52.96 5.41
CA LYS R 89 -20.69 -52.44 5.90
C LYS R 89 -20.06 -53.41 6.89
N GLN R 90 -20.89 -54.04 7.74
CA GLN R 90 -20.35 -55.03 8.66
C GLN R 90 -19.67 -56.18 7.92
N LYS R 91 -20.34 -56.75 6.92
CA LYS R 91 -19.75 -57.85 6.17
C LYS R 91 -18.52 -57.38 5.38
N VAL R 92 -18.56 -56.17 4.83
CA VAL R 92 -17.42 -55.67 4.06
C VAL R 92 -16.22 -55.48 4.98
N GLU R 93 -16.46 -55.03 6.21
CA GLU R 93 -15.37 -54.87 7.17
C GLU R 93 -14.80 -56.23 7.58
N LEU R 94 -15.67 -57.24 7.74
CA LEU R 94 -15.19 -58.59 7.98
C LEU R 94 -14.34 -59.10 6.83
N ALA R 95 -14.78 -58.83 5.59
CA ALA R 95 -14.00 -59.19 4.41
C ALA R 95 -12.65 -58.48 4.39
N HIS R 96 -12.64 -57.19 4.73
CA HIS R 96 -11.39 -56.45 4.79
C HIS R 96 -10.46 -57.04 5.83
N GLU R 97 -10.99 -57.39 7.01
CA GLU R 97 -10.16 -57.97 8.06
C GLU R 97 -9.56 -59.29 7.64
N ALA R 98 -10.39 -60.20 7.13
CA ALA R 98 -9.87 -61.50 6.70
C ALA R 98 -8.93 -61.36 5.50
N LYS R 99 -9.27 -60.49 4.55
CA LYS R 99 -8.40 -60.29 3.41
C LYS R 99 -7.05 -59.74 3.84
N ALA R 100 -7.05 -58.86 4.84
CA ALA R 100 -5.79 -58.33 5.37
C ALA R 100 -4.99 -59.41 6.07
N VAL R 101 -5.67 -60.32 6.78
CA VAL R 101 -4.98 -61.46 7.37
C VAL R 101 -4.31 -62.29 6.28
N LEU R 102 -5.04 -62.54 5.19
CA LEU R 102 -4.50 -63.28 4.07
C LEU R 102 -3.32 -62.53 3.45
N ASP R 103 -3.43 -61.21 3.35
CA ASP R 103 -2.35 -60.41 2.79
C ASP R 103 -1.12 -60.44 3.68
N SER R 104 -1.33 -60.49 5.00
CA SER R 104 -0.21 -60.63 5.93
C SER R 104 0.46 -61.99 5.76
N TRP R 105 -0.34 -63.03 5.54
CA TRP R 105 0.23 -64.34 5.21
C TRP R 105 1.04 -64.28 3.91
N VAL R 106 0.50 -63.57 2.90
CA VAL R 106 1.18 -63.46 1.62
C VAL R 106 2.50 -62.71 1.78
N ARG R 107 2.48 -61.65 2.59
CA ARG R 107 3.70 -60.89 2.85
C ARG R 107 4.73 -61.73 3.58
N TYR R 108 4.28 -62.53 4.55
CA TYR R 108 5.17 -63.46 5.22
C TYR R 108 5.79 -64.43 4.23
N GLU R 109 4.96 -64.91 3.29
CA GLU R 109 5.47 -65.82 2.27
C GLU R 109 6.51 -65.16 1.38
N ALA R 110 6.26 -63.91 0.97
CA ALA R 110 7.22 -63.18 0.13
C ALA R 110 8.52 -62.95 0.87
N SER R 111 8.46 -62.62 2.16
CA SER R 111 9.67 -62.41 2.94
C SER R 111 10.44 -63.71 3.14
N LEU R 112 9.72 -64.82 3.37
CA LEU R 112 10.39 -66.10 3.51
C LEU R 112 11.05 -66.54 2.20
N ARG R 113 10.42 -66.22 1.07
CA ARG R 113 11.03 -66.52 -0.22
C ARG R 113 12.35 -65.77 -0.39
N GLN R 114 12.38 -64.50 0.01
CA GLN R 114 13.62 -63.74 -0.03
C GLN R 114 14.65 -64.30 0.92
N LEU R 115 14.20 -64.74 2.11
CA LEU R 115 15.10 -65.39 3.05
C LEU R 115 15.69 -66.66 2.45
N GLU R 116 14.92 -67.35 1.60
CA GLU R 116 15.42 -68.54 0.94
C GLU R 116 16.59 -68.23 0.01
N GLN R 117 16.44 -67.22 -0.85
CA GLN R 117 17.54 -66.85 -1.74
C GLN R 117 18.73 -66.33 -0.94
N ARG R 118 18.47 -65.59 0.14
CA ARG R 118 19.56 -65.09 0.96
C ARG R 118 20.34 -66.23 1.60
N GLN R 119 19.63 -67.23 2.13
CA GLN R 119 20.30 -68.38 2.73
C GLN R 119 21.02 -69.20 1.68
N LEU R 120 20.45 -69.29 0.48
CA LEU R 120 21.12 -69.98 -0.62
C LEU R 120 22.43 -69.29 -0.96
N ALA R 121 22.41 -67.96 -1.01
CA ALA R 121 23.64 -67.20 -1.27
C ALA R 121 24.65 -67.39 -0.14
N LYS R 122 24.17 -67.38 1.11
CA LYS R 122 25.08 -67.58 2.23
C LYS R 122 25.75 -68.95 2.20
N SER R 123 25.00 -70.00 1.83
CA SER R 123 25.61 -71.31 1.68
C SER R 123 26.47 -71.38 0.43
N VAL R 124 26.18 -70.54 -0.57
CA VAL R 124 27.00 -70.50 -1.77
C VAL R 124 28.38 -69.94 -1.46
N ILE R 125 28.48 -69.08 -0.45
CA ILE R 125 29.78 -68.58 -0.03
C ILE R 125 30.64 -69.73 0.49
N SER R 126 30.06 -70.58 1.33
CA SER R 126 30.78 -71.74 1.82
C SER R 126 31.09 -72.71 0.67
N ARG R 127 30.15 -72.84 -0.26
CA ARG R 127 30.37 -73.69 -1.42
C ARG R 127 31.57 -73.21 -2.23
N VAL R 128 31.69 -71.90 -2.42
CA VAL R 128 32.83 -71.35 -3.14
C VAL R 128 34.11 -71.56 -2.35
N GLN R 129 34.06 -71.36 -1.04
CA GLN R 129 35.23 -71.60 -0.22
C GLN R 129 35.68 -73.06 -0.32
N SER R 130 34.74 -73.97 -0.49
CA SER R 130 35.08 -75.37 -0.72
C SER R 130 35.86 -75.54 -2.01
N GLU R 131 35.46 -74.83 -3.06
CA GLU R 131 36.11 -74.98 -4.36
C GLU R 131 37.60 -74.67 -4.29
N LEU R 132 37.98 -73.60 -3.60
CA LEU R 132 39.40 -73.31 -3.41
C LEU R 132 40.03 -74.27 -2.42
N GLY R 133 39.35 -74.56 -1.31
CA GLY R 133 39.92 -75.41 -0.29
C GLY R 133 40.22 -76.81 -0.79
N ASN R 134 39.26 -77.41 -1.49
CA ASN R 134 39.52 -78.68 -2.16
C ASN R 134 40.37 -78.40 -3.39
N PRO R 135 41.39 -79.21 -3.68
CA PRO R 135 42.18 -78.96 -4.89
C PRO R 135 41.51 -79.50 -6.14
N LYS R 136 40.22 -79.27 -6.27
CA LYS R 136 39.52 -79.47 -7.54
C LYS R 136 39.93 -78.44 -8.57
N PHE R 137 40.57 -77.35 -8.13
CA PHE R 137 41.21 -76.43 -9.06
C PHE R 137 42.27 -77.16 -9.87
N GLN R 138 42.91 -78.17 -9.28
CA GLN R 138 43.74 -79.06 -10.09
C GLN R 138 42.90 -79.77 -11.14
N GLU R 139 41.78 -80.34 -10.71
CA GLU R 139 40.83 -80.94 -11.65
C GLU R 139 40.16 -79.90 -12.53
N LYS R 140 40.29 -78.62 -12.21
CA LYS R 140 39.72 -77.58 -13.03
C LYS R 140 40.72 -77.03 -14.04
N VAL R 141 42.02 -77.19 -13.77
CA VAL R 141 43.03 -76.61 -14.64
C VAL R 141 43.03 -77.29 -16.00
N LEU R 142 42.93 -78.62 -16.01
CA LEU R 142 42.87 -79.34 -17.28
C LEU R 142 41.63 -78.93 -18.07
N GLN R 143 40.50 -78.77 -17.39
CA GLN R 143 39.28 -78.34 -18.05
C GLN R 143 39.45 -76.95 -18.66
N GLN R 144 40.09 -76.05 -17.92
CA GLN R 144 40.35 -74.72 -18.45
C GLN R 144 41.23 -74.79 -19.69
N SER R 145 42.27 -75.62 -19.64
CA SER R 145 43.16 -75.74 -20.79
C SER R 145 42.42 -76.29 -22.00
N ILE R 146 41.60 -77.32 -21.80
CA ILE R 146 40.85 -77.90 -22.92
C ILE R 146 39.87 -76.90 -23.49
N SER R 147 39.14 -76.18 -22.63
CA SER R 147 38.16 -75.21 -23.11
C SER R 147 38.84 -74.11 -23.90
N GLU R 148 39.96 -73.59 -23.40
CA GLU R 148 40.69 -72.56 -24.12
C GLU R 148 41.24 -73.08 -25.44
N ILE R 149 41.72 -74.33 -25.46
CA ILE R 149 42.23 -74.91 -26.70
C ILE R 149 41.11 -75.00 -27.73
N GLU R 150 39.94 -75.46 -27.30
CA GLU R 150 38.80 -75.53 -28.21
C GLU R 150 38.41 -74.13 -28.70
N GLN R 151 38.45 -73.15 -27.80
CA GLN R 151 38.08 -71.79 -28.18
C GLN R 151 39.03 -71.22 -29.22
N LEU R 152 40.33 -71.40 -29.02
CA LEU R 152 41.31 -70.91 -29.98
C LEU R 152 41.21 -71.66 -31.29
N LEU R 153 40.89 -72.96 -31.25
CA LEU R 153 40.75 -73.73 -32.48
C LEU R 153 39.41 -73.50 -33.15
N SER R 154 38.51 -72.77 -32.49
CA SER R 154 37.20 -72.50 -33.08
C SER R 154 37.32 -71.75 -34.39
N LYS R 155 38.14 -70.71 -34.43
CA LYS R 155 38.30 -69.93 -35.66
C LYS R 155 39.74 -69.99 -36.16
N ALA S 1 -33.76 -44.28 -8.48
CA ALA S 1 -34.47 -43.02 -8.72
C ALA S 1 -34.54 -42.19 -7.44
N LYS S 2 -33.40 -42.01 -6.79
CA LYS S 2 -33.31 -41.24 -5.55
C LYS S 2 -33.49 -39.74 -5.77
N SER S 3 -33.52 -39.28 -7.03
CA SER S 3 -33.80 -37.88 -7.28
C SER S 3 -35.21 -37.50 -6.84
N ALA S 4 -36.19 -38.34 -7.16
CA ALA S 4 -37.58 -38.02 -6.83
C ALA S 4 -37.79 -38.01 -5.32
N ALA S 5 -37.09 -38.88 -4.59
CA ALA S 5 -37.33 -39.01 -3.15
C ALA S 5 -37.06 -37.70 -2.42
N ASN S 6 -35.98 -37.02 -2.78
CA ASN S 6 -35.72 -35.70 -2.21
C ASN S 6 -36.33 -34.59 -3.06
N LYS S 7 -36.87 -34.92 -4.23
CA LYS S 7 -37.51 -33.90 -5.07
C LYS S 7 -38.72 -33.29 -4.37
N LEU S 8 -39.51 -34.13 -3.69
CA LEU S 8 -40.68 -33.62 -2.97
C LEU S 8 -40.27 -32.65 -1.87
N ASP S 9 -39.22 -32.99 -1.11
CA ASP S 9 -38.78 -32.10 -0.03
C ASP S 9 -38.16 -30.83 -0.59
N TRP S 10 -37.42 -30.92 -1.70
CA TRP S 10 -36.88 -29.73 -2.34
C TRP S 10 -37.99 -28.81 -2.82
N ALA S 11 -39.04 -29.38 -3.41
CA ALA S 11 -40.20 -28.58 -3.81
C ALA S 11 -40.89 -27.97 -2.59
N LYS S 12 -41.01 -28.73 -1.52
CA LYS S 12 -41.62 -28.20 -0.30
C LYS S 12 -40.83 -27.00 0.22
N VAL S 13 -39.50 -27.12 0.27
CA VAL S 13 -38.68 -25.99 0.67
C VAL S 13 -38.84 -24.83 -0.31
N ILE S 14 -39.11 -25.16 -1.58
CA ILE S 14 -39.43 -24.11 -2.55
C ILE S 14 -40.75 -23.46 -2.21
N SER S 15 -41.65 -24.17 -1.52
CA SER S 15 -42.93 -23.63 -1.11
C SER S 15 -43.13 -23.64 0.40
N SER S 16 -42.05 -23.75 1.18
CA SER S 16 -42.14 -23.78 2.64
C SER S 16 -42.28 -22.39 3.25
N LEU S 17 -42.74 -21.40 2.46
CA LEU S 17 -42.97 -20.08 3.02
C LEU S 17 -43.93 -20.15 4.21
N ARG S 18 -44.88 -21.07 4.17
CA ARG S 18 -45.68 -21.41 5.35
C ARG S 18 -45.05 -22.51 6.19
N ILE S 19 -44.08 -23.24 5.64
CA ILE S 19 -43.42 -24.33 6.37
C ILE S 19 -42.03 -23.97 6.83
N THR S 20 -41.57 -22.75 6.60
CA THR S 20 -40.27 -22.31 7.10
C THR S 20 -40.28 -22.34 8.62
N GLY S 21 -39.14 -22.65 9.22
CA GLY S 21 -39.07 -22.83 10.65
C GLY S 21 -39.12 -24.26 11.12
N SER S 22 -38.97 -25.23 10.22
CA SER S 22 -38.96 -26.62 10.61
C SER S 22 -37.77 -26.91 11.52
N THR S 23 -38.06 -27.08 12.81
CA THR S 23 -37.01 -27.24 13.81
C THR S 23 -36.41 -28.65 13.75
N ALA S 24 -37.24 -29.65 13.48
CA ALA S 24 -36.82 -31.05 13.55
C ALA S 24 -37.23 -31.82 12.30
N THR S 25 -37.45 -31.11 11.21
CA THR S 25 -37.64 -31.77 9.92
C THR S 25 -36.40 -31.68 9.06
N GLN S 26 -35.68 -30.56 9.14
CA GLN S 26 -34.38 -30.46 8.47
C GLN S 26 -33.39 -31.44 9.06
N LEU S 27 -33.47 -31.69 10.37
CA LEU S 27 -32.63 -32.72 10.99
C LEU S 27 -32.94 -34.09 10.40
N SER S 28 -34.23 -34.40 10.19
CA SER S 28 -34.60 -35.66 9.58
C SER S 28 -34.12 -35.73 8.14
N SER S 29 -34.21 -34.63 7.40
CA SER S 29 -33.68 -34.61 6.05
C SER S 29 -32.18 -34.86 6.06
N PHE S 30 -31.48 -34.29 7.04
CA PHE S 30 -30.05 -34.55 7.21
C PHE S 30 -29.79 -36.02 7.48
N LYS S 31 -30.61 -36.64 8.33
CA LYS S 31 -30.44 -38.06 8.61
C LYS S 31 -30.65 -38.90 7.35
N LYS S 32 -31.69 -38.58 6.58
CA LYS S 32 -31.95 -39.32 5.35
C LYS S 32 -30.81 -39.16 4.35
N ARG S 33 -30.28 -37.94 4.22
CA ARG S 33 -29.16 -37.71 3.31
C ARG S 33 -27.90 -38.39 3.80
N ASN S 34 -27.67 -38.42 5.12
CA ASN S 34 -26.50 -39.10 5.67
C ASN S 34 -26.59 -40.60 5.43
N ASP S 35 -27.79 -41.16 5.54
CA ASP S 35 -27.97 -42.59 5.22
C ASP S 35 -27.62 -42.87 3.77
N GLU S 36 -28.09 -42.03 2.84
CA GLU S 36 -27.76 -42.23 1.43
C GLU S 36 -26.27 -42.05 1.18
N ALA S 37 -25.66 -41.07 1.83
CA ALA S 37 -24.23 -40.84 1.64
C ALA S 37 -23.41 -42.01 2.14
N ARG S 38 -23.73 -42.53 3.32
CA ARG S 38 -23.01 -43.70 3.84
C ARG S 38 -23.27 -44.92 2.98
N ARG S 39 -24.49 -45.04 2.42
CA ARG S 39 -24.78 -46.16 1.54
C ARG S 39 -23.95 -46.09 0.27
N GLN S 40 -23.87 -44.92 -0.37
CA GLN S 40 -23.03 -44.77 -1.55
C GLN S 40 -21.56 -44.98 -1.22
N LEU S 41 -21.11 -44.53 -0.03
CA LEU S 41 -19.74 -44.75 0.39
C LEU S 41 -19.43 -46.23 0.58
N LEU S 42 -20.34 -46.97 1.21
CA LEU S 42 -20.16 -48.42 1.36
C LEU S 42 -20.14 -49.10 0.00
N GLU S 43 -21.01 -48.65 -0.91
CA GLU S 43 -21.06 -49.25 -2.25
C GLU S 43 -19.77 -49.00 -3.02
N LEU S 44 -19.24 -47.78 -2.93
CA LEU S 44 -18.11 -47.42 -3.77
C LEU S 44 -16.77 -47.84 -3.15
N GLN S 45 -16.48 -47.34 -1.94
CA GLN S 45 -15.15 -47.52 -1.37
C GLN S 45 -14.86 -48.97 -1.00
N SER S 46 -15.79 -49.62 -0.30
CA SER S 46 -15.58 -51.01 0.10
C SER S 46 -15.63 -51.94 -1.11
N GLN S 47 -14.71 -52.88 -1.16
CA GLN S 47 -14.70 -53.84 -2.24
C GLN S 47 -15.88 -54.79 -2.12
N PRO S 48 -15.92 -55.84 -2.94
CA PRO S 48 -16.98 -56.83 -2.81
C PRO S 48 -16.96 -57.49 -1.45
N THR S 49 -18.15 -57.76 -0.90
CA THR S 49 -18.27 -58.56 0.31
C THR S 49 -18.07 -60.01 -0.10
N GLU S 50 -16.83 -60.36 -0.39
CA GLU S 50 -16.48 -61.67 -0.92
C GLU S 50 -14.98 -61.89 -0.71
N VAL S 51 -14.45 -62.97 -1.31
CA VAL S 51 -13.04 -63.31 -1.22
C VAL S 51 -12.54 -63.67 -2.61
N ASP S 52 -11.38 -63.12 -2.98
CA ASP S 52 -10.74 -63.42 -4.26
C ASP S 52 -9.97 -64.74 -4.18
N PHE S 53 -10.68 -65.77 -3.71
CA PHE S 53 -10.08 -67.08 -3.51
C PHE S 53 -9.75 -67.77 -4.83
N SER S 54 -10.17 -67.21 -5.96
CA SER S 54 -9.86 -67.84 -7.25
C SER S 54 -8.36 -67.91 -7.48
N HIS S 55 -7.64 -66.85 -7.17
CA HIS S 55 -6.21 -66.86 -7.41
C HIS S 55 -5.39 -66.49 -6.19
N TYR S 56 -5.92 -65.63 -5.32
CA TYR S 56 -5.15 -65.09 -4.20
C TYR S 56 -4.63 -66.16 -3.26
N ARG S 57 -5.44 -67.18 -2.95
CA ARG S 57 -4.95 -68.26 -2.11
C ARG S 57 -3.82 -69.02 -2.78
N SER S 58 -3.87 -69.15 -4.11
CA SER S 58 -2.81 -69.83 -4.84
C SER S 58 -1.49 -69.07 -4.74
N VAL S 59 -1.56 -67.74 -4.70
CA VAL S 59 -0.35 -66.93 -4.53
C VAL S 59 0.30 -67.23 -3.18
N LEU S 60 -0.49 -67.71 -2.22
CA LEU S 60 0.05 -68.15 -0.93
C LEU S 60 0.15 -69.67 -0.95
N LYS S 61 1.32 -70.18 -1.31
CA LYS S 61 1.52 -71.62 -1.49
C LYS S 61 1.33 -72.41 -0.20
N ASN S 62 1.85 -71.94 0.92
CA ASN S 62 1.69 -72.66 2.18
C ASN S 62 0.99 -71.77 3.20
N THR S 63 -0.07 -71.09 2.77
CA THR S 63 -0.87 -70.29 3.67
C THR S 63 -1.40 -71.16 4.81
N SER S 64 -1.94 -72.32 4.46
CA SER S 64 -2.53 -73.27 5.41
C SER S 64 -3.67 -72.62 6.18
N VAL S 65 -4.00 -71.38 5.84
CA VAL S 65 -5.14 -70.68 6.43
C VAL S 65 -6.06 -70.09 5.38
N ILE S 66 -5.67 -70.05 4.10
CA ILE S 66 -6.59 -69.59 3.07
C ILE S 66 -7.82 -70.47 3.03
N ASP S 67 -7.67 -71.77 3.24
CA ASP S 67 -8.84 -72.62 3.43
C ASP S 67 -9.64 -72.17 4.63
N LYS S 68 -8.98 -71.93 5.77
CA LYS S 68 -9.68 -71.51 6.98
C LYS S 68 -10.26 -70.10 6.81
N ILE S 69 -9.51 -69.21 6.17
CA ILE S 69 -10.01 -67.85 5.98
C ILE S 69 -11.25 -67.85 5.08
N GLU S 70 -11.21 -68.61 3.97
CA GLU S 70 -12.37 -68.71 3.12
C GLU S 70 -13.52 -69.41 3.83
N SER S 71 -13.21 -70.37 4.71
CA SER S 71 -14.24 -71.03 5.49
C SER S 71 -14.95 -70.04 6.39
N TYR S 72 -14.20 -69.22 7.11
CA TYR S 72 -14.80 -68.20 7.95
C TYR S 72 -15.58 -67.20 7.10
N VAL S 73 -15.05 -66.85 5.93
CA VAL S 73 -15.72 -65.87 5.07
C VAL S 73 -17.08 -66.39 4.62
N LYS S 74 -17.11 -67.61 4.11
CA LYS S 74 -18.37 -68.19 3.63
C LYS S 74 -19.33 -68.43 4.80
N GLN S 75 -18.80 -68.86 5.95
CA GLN S 75 -19.65 -69.08 7.11
C GLN S 75 -20.08 -67.77 7.74
N TYR S 76 -19.38 -66.67 7.43
CA TYR S 76 -19.82 -65.34 7.86
C TYR S 76 -20.56 -64.62 6.75
N LYS S 77 -21.30 -65.35 5.91
CA LYS S 77 -22.12 -64.70 4.90
C LYS S 77 -23.16 -63.77 5.53
N PRO S 78 -23.97 -64.21 6.48
CA PRO S 78 -24.77 -63.26 7.29
C PRO S 78 -24.13 -62.94 8.64
N VAL S 79 -23.32 -61.88 8.68
CA VAL S 79 -22.78 -61.40 9.96
C VAL S 79 -23.92 -61.07 10.91
N LYS S 80 -24.95 -60.44 10.38
CA LYS S 80 -26.17 -60.16 11.13
C LYS S 80 -27.29 -59.89 10.13
N ILE S 81 -28.40 -59.42 10.65
CA ILE S 81 -29.59 -59.18 9.84
C ILE S 81 -29.83 -57.68 9.72
N ASP S 82 -30.74 -57.31 8.82
CA ASP S 82 -31.24 -55.95 8.81
C ASP S 82 -32.20 -55.75 9.98
N ALA S 83 -32.54 -54.50 10.24
CA ALA S 83 -33.47 -54.15 11.32
C ALA S 83 -34.56 -53.26 10.75
N SER S 84 -35.59 -53.90 10.18
CA SER S 84 -36.82 -53.20 9.78
C SER S 84 -37.88 -53.35 10.87
N LYS S 85 -37.51 -52.92 12.08
CA LYS S 85 -38.40 -53.03 13.22
C LYS S 85 -39.52 -52.00 13.19
N GLN S 86 -39.47 -51.06 12.24
CA GLN S 86 -40.53 -50.07 12.06
C GLN S 86 -41.73 -50.78 11.46
N LEU S 87 -42.64 -51.24 12.33
CA LEU S 87 -43.87 -51.89 11.87
C LEU S 87 -45.11 -51.38 12.58
N GLN S 88 -44.99 -50.83 13.78
CA GLN S 88 -46.07 -50.08 14.43
C GLN S 88 -45.70 -48.64 14.69
N VAL S 89 -44.42 -48.35 14.93
CA VAL S 89 -43.99 -46.95 15.01
C VAL S 89 -44.26 -46.24 13.71
N ILE S 90 -43.99 -46.91 12.58
CA ILE S 90 -44.30 -46.32 11.28
C ILE S 90 -45.79 -46.07 11.16
N GLU S 91 -46.61 -47.02 11.59
CA GLU S 91 -48.06 -46.84 11.50
C GLU S 91 -48.53 -45.68 12.35
N SER S 92 -48.02 -45.57 13.58
CA SER S 92 -48.47 -44.50 14.47
C SER S 92 -48.00 -43.14 13.96
N PHE S 93 -46.76 -43.05 13.48
CA PHE S 93 -46.27 -41.81 12.92
C PHE S 93 -47.08 -41.42 11.70
N GLU S 94 -47.41 -42.40 10.85
CA GLU S 94 -48.25 -42.14 9.69
C GLU S 94 -49.63 -41.67 10.10
N LYS S 95 -50.22 -42.29 11.11
CA LYS S 95 -51.55 -41.88 11.56
C LYS S 95 -51.53 -40.45 12.08
N HIS S 96 -50.59 -40.13 12.97
CA HIS S 96 -50.52 -38.78 13.52
C HIS S 96 -50.29 -37.76 12.42
N ALA S 97 -49.31 -38.02 11.55
CA ALA S 97 -48.98 -37.08 10.48
C ALA S 97 -50.16 -36.90 9.54
N MET S 98 -50.82 -37.99 9.15
CA MET S 98 -51.89 -37.91 8.17
C MET S 98 -53.11 -37.20 8.74
N THR S 99 -53.48 -37.50 9.99
CA THR S 99 -54.59 -36.80 10.60
C THR S 99 -54.31 -35.31 10.74
N ASN S 100 -53.10 -34.96 11.19
CA ASN S 100 -52.76 -33.55 11.33
C ASN S 100 -52.77 -32.84 9.98
N ALA S 101 -52.18 -33.47 8.96
CA ALA S 101 -52.11 -32.83 7.65
C ALA S 101 -53.48 -32.71 7.01
N LYS S 102 -54.34 -33.71 7.20
CA LYS S 102 -55.70 -33.63 6.69
C LYS S 102 -56.48 -32.51 7.37
N GLU S 103 -56.31 -32.37 8.69
CA GLU S 103 -56.94 -31.25 9.39
C GLU S 103 -56.42 -29.92 8.85
N THR S 104 -55.11 -29.83 8.61
CA THR S 104 -54.54 -28.61 8.05
C THR S 104 -55.11 -28.30 6.66
N GLU S 105 -55.19 -29.31 5.80
CA GLU S 105 -55.66 -29.10 4.43
C GLU S 105 -57.13 -28.72 4.40
N SER S 106 -57.95 -29.38 5.21
CA SER S 106 -59.37 -29.02 5.30
C SER S 106 -59.53 -27.61 5.83
N LEU S 107 -58.76 -27.24 6.85
CA LEU S 107 -58.80 -25.89 7.37
C LEU S 107 -58.42 -24.87 6.30
N VAL S 108 -57.38 -25.19 5.51
CA VAL S 108 -56.94 -24.28 4.47
C VAL S 108 -58.02 -24.12 3.40
N SER S 109 -58.65 -25.22 2.99
CA SER S 109 -59.72 -25.14 2.00
C SER S 109 -60.88 -24.31 2.53
N LYS S 110 -61.24 -24.52 3.80
CA LYS S 110 -62.33 -23.75 4.41
C LYS S 110 -61.99 -22.27 4.49
N GLU S 111 -60.73 -21.95 4.81
CA GLU S 111 -60.28 -20.57 4.81
C GLU S 111 -60.37 -19.97 3.42
N LEU S 112 -60.00 -20.74 2.39
CA LEU S 112 -60.11 -20.27 1.01
C LEU S 112 -61.56 -19.95 0.66
N LYS S 113 -62.47 -20.86 1.03
CA LYS S 113 -63.89 -20.63 0.76
C LYS S 113 -64.41 -19.40 1.50
N ASP S 114 -64.04 -19.26 2.77
CA ASP S 114 -64.51 -18.13 3.56
C ASP S 114 -64.00 -16.81 2.99
N LEU S 115 -62.73 -16.76 2.60
CA LEU S 115 -62.18 -15.55 2.01
C LEU S 115 -62.88 -15.23 0.69
N GLN S 116 -63.10 -16.24 -0.16
CA GLN S 116 -63.74 -16.01 -1.44
C GLN S 116 -65.16 -15.46 -1.26
N SER S 117 -65.93 -16.07 -0.35
CA SER S 117 -67.29 -15.59 -0.12
C SER S 117 -67.31 -14.21 0.50
N THR S 118 -66.43 -13.94 1.46
CA THR S 118 -66.40 -12.62 2.08
C THR S 118 -66.03 -11.54 1.07
N LEU S 119 -65.09 -11.84 0.18
CA LEU S 119 -64.77 -10.91 -0.91
C LEU S 119 -65.95 -10.74 -1.85
N ASP S 120 -66.66 -11.82 -2.17
CA ASP S 120 -67.88 -11.69 -2.95
C ASP S 120 -68.92 -10.85 -2.21
N ASN S 121 -68.88 -10.89 -0.87
CA ASN S 121 -69.69 -10.01 -0.03
C ASN S 121 -68.94 -8.72 0.29
N ILE S 122 -67.90 -8.41 -0.47
CA ILE S 122 -67.12 -7.18 -0.31
C ILE S 122 -67.04 -6.40 -1.62
N GLN S 123 -66.79 -7.10 -2.73
CA GLN S 123 -66.63 -6.43 -4.01
C GLN S 123 -67.88 -5.68 -4.44
N SER S 124 -69.05 -6.06 -3.94
CA SER S 124 -70.26 -5.29 -4.20
C SER S 124 -71.18 -5.21 -2.98
N ALA S 125 -70.75 -5.64 -1.81
CA ALA S 125 -71.62 -5.71 -0.64
C ALA S 125 -70.99 -4.96 0.54
N ARG S 126 -70.59 -3.72 0.28
CA ARG S 126 -70.16 -2.78 1.33
C ARG S 126 -70.90 -1.47 1.10
N PRO S 127 -72.18 -1.39 1.54
CA PRO S 127 -72.97 -0.17 1.27
C PRO S 127 -72.51 1.01 2.13
N PHE S 128 -71.42 1.65 1.71
CA PHE S 128 -70.76 2.68 2.50
C PHE S 128 -71.50 4.01 2.50
N ASP S 129 -72.59 4.14 1.74
CA ASP S 129 -73.27 5.43 1.65
C ASP S 129 -74.66 5.39 2.29
N GLU S 130 -75.45 4.36 1.94
CA GLU S 130 -76.85 4.29 2.35
C GLU S 130 -77.12 3.16 3.32
N LEU S 131 -76.17 2.79 4.17
CA LEU S 131 -76.42 1.84 5.25
C LEU S 131 -76.84 2.63 6.49
N THR S 132 -77.80 2.09 7.23
CA THR S 132 -78.27 2.77 8.43
C THR S 132 -77.14 2.86 9.45
N VAL S 133 -77.04 4.03 10.09
CA VAL S 133 -75.94 4.28 11.03
C VAL S 133 -76.02 3.33 12.22
N ASP S 134 -77.19 3.27 12.85
CA ASP S 134 -77.36 2.40 14.01
C ASP S 134 -77.31 0.93 13.61
N ASP S 135 -77.51 0.64 12.33
CA ASP S 135 -77.41 -0.74 11.86
C ASP S 135 -75.99 -1.26 12.00
N LEU S 136 -75.02 -0.36 12.19
CA LEU S 136 -73.67 -0.81 12.52
C LEU S 136 -73.64 -1.57 13.84
N THR S 137 -74.39 -1.10 14.84
CA THR S 137 -74.53 -1.84 16.08
C THR S 137 -75.26 -3.17 15.85
N LYS S 138 -76.04 -3.26 14.77
CA LYS S 138 -76.63 -4.54 14.40
C LYS S 138 -75.60 -5.47 13.79
N ILE S 139 -74.75 -4.92 12.90
CA ILE S 139 -73.70 -5.72 12.28
C ILE S 139 -72.60 -6.03 13.30
N LYS S 140 -72.29 -5.06 14.16
CA LYS S 140 -71.28 -5.24 15.20
C LYS S 140 -71.99 -5.38 16.54
N PRO S 141 -72.07 -6.59 17.11
CA PRO S 141 -72.85 -6.80 18.33
C PRO S 141 -72.37 -5.99 19.53
N GLU S 142 -71.06 -5.72 19.63
CA GLU S 142 -70.53 -4.94 20.73
C GLU S 142 -70.59 -3.44 20.47
N ILE S 143 -70.93 -3.03 19.25
CA ILE S 143 -71.01 -1.60 18.95
C ILE S 143 -72.08 -0.94 19.82
N ASP S 144 -73.26 -1.54 19.88
CA ASP S 144 -74.31 -0.99 20.74
C ASP S 144 -73.88 -0.99 22.20
N ALA S 145 -73.38 -2.14 22.68
CA ALA S 145 -73.02 -2.25 24.09
C ALA S 145 -71.92 -1.27 24.46
N LYS S 146 -70.85 -1.23 23.65
CA LYS S 146 -69.73 -0.35 23.96
C LYS S 146 -70.12 1.11 23.83
N VAL S 147 -70.91 1.47 22.81
CA VAL S 147 -71.34 2.85 22.64
C VAL S 147 -72.19 3.30 23.82
N GLU S 148 -73.09 2.43 24.28
CA GLU S 148 -73.76 2.68 25.54
C GLU S 148 -72.77 2.67 26.68
N GLU S 149 -71.82 1.72 26.65
CA GLU S 149 -70.78 1.69 27.66
C GLU S 149 -69.85 2.90 27.58
N MET S 150 -69.54 3.36 26.37
CA MET S 150 -68.59 4.47 26.22
C MET S 150 -69.14 5.77 26.80
N VAL S 151 -70.38 6.13 26.45
CA VAL S 151 -70.97 7.34 27.00
C VAL S 151 -71.53 7.13 28.41
N LYS S 152 -71.73 5.87 28.82
CA LYS S 152 -72.43 5.61 30.07
C LYS S 152 -71.62 6.02 31.29
N LYS S 153 -70.37 5.58 31.37
CA LYS S 153 -69.57 5.90 32.55
C LYS S 153 -69.35 7.40 32.70
N GLY S 154 -69.48 8.17 31.63
CA GLY S 154 -69.32 9.61 31.66
C GLY S 154 -68.39 10.20 30.63
N LYS S 155 -67.39 9.44 30.16
CA LYS S 155 -66.48 9.94 29.15
C LYS S 155 -67.20 10.02 27.81
N TRP S 156 -67.15 11.19 27.17
CA TRP S 156 -67.74 11.38 25.87
C TRP S 156 -66.70 11.35 24.74
N ASP S 157 -65.46 10.93 25.04
CA ASP S 157 -64.40 10.88 24.06
C ASP S 157 -63.80 9.48 24.00
N VAL S 158 -63.21 9.15 22.84
CA VAL S 158 -62.56 7.87 22.64
C VAL S 158 -61.16 8.11 22.11
N PRO S 159 -60.23 7.16 22.27
CA PRO S 159 -58.86 7.37 21.79
C PRO S 159 -58.82 7.47 20.27
N GLY S 160 -58.73 8.70 19.76
CA GLY S 160 -58.71 8.89 18.32
C GLY S 160 -59.96 8.43 17.62
N TYR S 161 -61.13 8.81 18.14
CA TYR S 161 -62.40 8.50 17.50
C TYR S 161 -62.50 9.10 16.11
N LYS S 162 -61.77 10.18 15.82
CA LYS S 162 -61.75 10.80 14.52
C LYS S 162 -60.34 10.93 13.95
N ASP S 163 -59.49 9.93 14.13
CA ASP S 163 -58.09 10.04 13.74
C ASP S 163 -57.95 10.30 12.25
N ARG S 164 -58.90 9.82 11.44
CA ARG S 164 -58.86 9.97 9.99
C ARG S 164 -59.95 10.90 9.50
N PHE S 165 -60.58 11.63 10.40
CA PHE S 165 -61.69 12.51 10.07
C PHE S 165 -61.40 13.91 10.62
N GLY S 166 -62.21 14.88 10.18
CA GLY S 166 -62.06 16.23 10.64
C GLY S 166 -63.16 16.68 11.59
N ASN S 167 -62.79 17.60 12.48
CA ASN S 167 -63.71 18.16 13.47
C ASN S 167 -64.36 19.44 12.96
N LEU S 168 -63.58 20.30 12.30
CA LEU S 168 -64.06 21.47 11.58
C LEU S 168 -64.59 22.56 12.49
N ASN S 169 -64.41 23.81 12.08
CA ASN S 169 -65.08 24.94 12.71
C ASN S 169 -66.39 25.20 11.98
N VAL S 170 -66.99 26.35 12.28
CA VAL S 170 -68.32 26.67 11.75
C VAL S 170 -68.33 26.70 10.24
N MET S 171 -67.32 27.31 9.63
CA MET S 171 -67.24 27.37 8.17
C MET S 171 -66.88 26.01 7.58
N GLN T 1 31.10 -76.95 -18.04
CA GLN T 1 32.39 -76.46 -17.56
C GLN T 1 32.65 -76.94 -16.14
N ASP T 2 33.91 -77.32 -15.87
CA ASP T 2 34.26 -77.82 -14.55
C ASP T 2 34.01 -76.77 -13.48
N LEU T 3 34.42 -75.53 -13.72
CA LEU T 3 34.11 -74.45 -12.80
C LEU T 3 32.61 -74.19 -12.70
N TYR T 4 31.85 -74.51 -13.75
CA TYR T 4 30.40 -74.43 -13.70
C TYR T 4 29.79 -75.67 -13.06
N LEU T 5 30.25 -76.85 -13.46
CA LEU T 5 29.73 -78.08 -12.88
C LEU T 5 30.06 -78.18 -11.40
N ARG T 6 31.30 -77.88 -11.02
CA ARG T 6 31.67 -77.95 -9.61
C ARG T 6 30.88 -76.94 -8.79
N GLU T 7 30.72 -75.73 -9.33
CA GLU T 7 29.89 -74.74 -8.66
C GLU T 7 28.47 -75.22 -8.49
N LEU T 8 27.91 -75.84 -9.55
CA LEU T 8 26.56 -76.37 -9.47
C LEU T 8 26.46 -77.45 -8.40
N LYS T 9 27.46 -78.33 -8.34
CA LYS T 9 27.45 -79.39 -7.34
C LYS T 9 27.49 -78.81 -5.93
N ASP T 10 28.47 -77.94 -5.67
CA ASP T 10 28.65 -77.42 -4.32
C ASP T 10 27.52 -76.47 -3.96
N THR T 11 26.80 -75.95 -4.95
CA THR T 11 25.69 -75.04 -4.71
C THR T 11 24.34 -75.72 -4.83
N LYS T 12 24.32 -77.01 -5.13
CA LYS T 12 23.08 -77.79 -5.18
C LYS T 12 22.98 -78.79 -4.06
N LEU T 13 23.98 -79.65 -3.88
CA LEU T 13 23.95 -80.57 -2.75
C LEU T 13 23.95 -79.82 -1.42
N ALA T 14 24.79 -78.79 -1.31
CA ALA T 14 24.65 -77.87 -0.19
C ALA T 14 23.30 -77.17 -0.20
N PRO T 15 22.79 -76.69 -1.34
CA PRO T 15 21.40 -76.23 -1.35
C PRO T 15 20.44 -77.32 -0.95
N SER T 16 20.77 -78.57 -1.25
CA SER T 16 19.96 -79.66 -0.72
C SER T 16 19.99 -79.67 0.80
N THR T 17 21.17 -79.48 1.40
CA THR T 17 21.27 -79.47 2.86
C THR T 17 20.49 -78.30 3.44
N LEU T 18 20.57 -77.13 2.81
CA LEU T 18 19.84 -75.97 3.33
C LEU T 18 18.34 -76.16 3.20
N GLN T 19 17.86 -76.54 2.02
CA GLN T 19 16.42 -76.61 1.75
C GLN T 19 15.95 -77.99 1.36
N ASP T 20 16.55 -78.61 0.33
CA ASP T 20 16.01 -79.84 -0.22
C ASP T 20 16.21 -81.05 0.69
N ALA T 21 17.04 -80.93 1.73
CA ALA T 21 17.13 -81.94 2.77
C ALA T 21 16.94 -81.27 4.11
N GLU T 22 16.25 -81.96 5.02
CA GLU T 22 15.98 -81.41 6.34
C GLU T 22 17.19 -81.59 7.25
N GLY T 23 18.38 -81.29 6.73
CA GLY T 23 19.60 -81.31 7.49
C GLY T 23 20.00 -79.97 8.04
N ASN T 24 19.16 -78.95 7.90
CA ASN T 24 19.41 -77.60 8.41
C ASN T 24 20.74 -77.12 7.84
N VAL T 25 21.69 -76.67 8.65
CA VAL T 25 23.02 -76.30 8.19
C VAL T 25 24.00 -76.51 9.33
N LYS T 26 25.10 -77.20 9.07
CA LYS T 26 26.11 -77.40 10.11
C LYS T 26 26.88 -76.12 10.35
N PRO T 27 27.19 -75.35 9.30
CA PRO T 27 27.92 -74.09 9.49
C PRO T 27 27.17 -73.07 10.33
N TRP T 28 25.84 -73.04 10.25
CA TRP T 28 25.02 -72.07 10.98
C TRP T 28 24.31 -72.79 12.11
N ASN T 29 24.48 -72.28 13.33
CA ASN T 29 24.02 -73.01 14.52
C ASN T 29 22.51 -73.19 14.57
N PRO T 30 21.69 -72.15 14.43
CA PRO T 30 20.24 -72.32 14.60
C PRO T 30 19.57 -72.72 13.30
N PRO T 31 18.89 -73.88 13.28
CA PRO T 31 18.14 -74.26 12.08
C PRO T 31 16.93 -73.37 11.87
N GLN T 32 16.70 -73.02 10.60
CA GLN T 32 15.55 -72.19 10.25
C GLN T 32 14.23 -72.95 10.35
N LYS T 33 14.28 -74.28 10.21
CA LYS T 33 13.08 -75.08 10.43
C LYS T 33 12.53 -74.92 11.86
N PRO T 34 13.35 -74.95 12.91
CA PRO T 34 12.86 -74.66 14.25
C PRO T 34 12.63 -73.19 14.53
N ASN T 35 12.91 -72.32 13.56
CA ASN T 35 12.81 -70.87 13.73
C ASN T 35 11.69 -70.28 12.88
N LEU T 36 11.66 -70.57 11.58
CA LEU T 36 10.71 -69.94 10.67
C LEU T 36 9.40 -70.71 10.57
N PRO T 37 9.44 -72.04 10.42
CA PRO T 37 8.26 -72.76 9.94
C PRO T 37 7.01 -72.59 10.79
N GLU T 38 7.14 -72.51 12.12
CA GLU T 38 5.97 -72.38 12.98
C GLU T 38 5.93 -71.04 13.70
N LEU T 39 6.99 -70.68 14.43
CA LEU T 39 6.97 -69.45 15.22
C LEU T 39 6.89 -68.22 14.32
N GLU T 40 7.77 -68.13 13.32
CA GLU T 40 7.70 -67.05 12.36
C GLU T 40 6.49 -67.15 11.45
N LEU T 41 5.87 -68.33 11.36
CA LEU T 41 4.56 -68.44 10.75
C LEU T 41 3.52 -67.64 11.53
N GLN T 42 3.75 -67.41 12.82
CA GLN T 42 2.98 -66.45 13.59
C GLN T 42 3.47 -65.02 13.40
N GLY T 43 4.64 -64.84 12.79
CA GLY T 43 5.10 -63.53 12.40
C GLY T 43 4.14 -62.88 11.43
N PRO T 44 3.58 -63.68 10.52
CA PRO T 44 2.50 -63.15 9.67
C PRO T 44 1.34 -62.61 10.46
N GLU T 45 0.97 -63.29 11.56
CA GLU T 45 -0.09 -62.78 12.42
C GLU T 45 0.48 -61.86 13.49
N ALA T 46 1.79 -61.89 13.71
CA ALA T 46 2.42 -60.88 14.56
C ALA T 46 2.29 -59.50 13.93
N LEU T 47 2.48 -59.41 12.61
CA LEU T 47 2.20 -58.17 11.89
C LEU T 47 0.70 -57.97 11.73
N LYS T 48 -0.06 -59.07 11.68
CA LYS T 48 -1.51 -59.00 11.57
C LYS T 48 -2.14 -58.92 12.96
N ALA T 49 -3.46 -59.09 13.03
CA ALA T 49 -4.16 -59.12 14.32
C ALA T 49 -4.06 -60.54 14.88
N TYR T 50 -3.35 -60.68 16.00
CA TYR T 50 -3.01 -62.00 16.52
C TYR T 50 -4.23 -62.71 17.09
N THR T 51 -4.46 -63.94 16.60
CA THR T 51 -5.65 -64.72 16.92
C THR T 51 -6.94 -63.96 16.62
N GLU T 52 -6.83 -62.88 15.86
CA GLU T 52 -7.91 -61.95 15.53
C GLU T 52 -7.99 -61.66 14.04
N GLN T 53 -6.85 -61.57 13.36
CA GLN T 53 -6.85 -61.36 11.92
C GLN T 53 -7.37 -62.56 11.15
N ASN T 54 -6.71 -63.71 11.26
CA ASN T 54 -7.24 -64.91 10.65
C ASN T 54 -8.61 -65.24 11.24
N VAL T 55 -8.81 -64.93 12.53
CA VAL T 55 -10.08 -65.21 13.17
C VAL T 55 -11.20 -64.33 12.64
N GLU T 56 -10.93 -63.05 12.38
CA GLU T 56 -11.95 -62.08 12.01
C GLU T 56 -13.06 -62.04 13.07
N THR T 57 -12.75 -61.39 14.19
CA THR T 57 -13.61 -61.31 15.36
C THR T 57 -15.08 -61.11 15.00
N ALA T 58 -15.96 -61.90 15.63
CA ALA T 58 -17.38 -61.83 15.34
C ALA T 58 -17.95 -60.50 15.81
N HIS T 59 -18.50 -59.74 14.87
CA HIS T 59 -19.13 -58.45 15.14
C HIS T 59 -20.38 -58.37 14.26
N VAL T 60 -21.49 -58.90 14.77
CA VAL T 60 -22.75 -58.86 14.05
C VAL T 60 -23.24 -57.41 13.99
N ALA T 61 -23.71 -57.00 12.82
CA ALA T 61 -24.29 -55.67 12.69
C ALA T 61 -25.51 -55.51 13.59
N LYS T 62 -25.59 -54.38 14.27
CA LYS T 62 -26.68 -54.12 15.20
C LYS T 62 -27.83 -53.39 14.50
N GLU T 63 -28.86 -53.07 15.28
CA GLU T 63 -30.02 -52.34 14.78
C GLU T 63 -29.79 -50.83 14.85
N SER T 64 -30.39 -50.10 13.93
CA SER T 64 -30.39 -48.64 14.00
C SER T 64 -31.33 -48.17 15.10
N GLU T 65 -31.27 -46.87 15.40
CA GLU T 65 -32.04 -46.31 16.50
C GLU T 65 -33.33 -45.66 16.01
N GLU T 66 -34.37 -45.76 16.85
CA GLU T 66 -35.69 -45.27 16.51
C GLU T 66 -36.34 -44.75 17.78
N GLY T 67 -37.63 -44.37 17.67
CA GLY T 67 -38.34 -43.73 18.75
C GLY T 67 -38.97 -44.68 19.75
N GLU T 68 -38.59 -45.95 19.73
CA GLU T 68 -39.11 -46.95 20.67
C GLU T 68 -40.62 -47.14 20.50
N SER T 69 -41.12 -46.77 19.31
CA SER T 69 -42.54 -46.87 19.00
C SER T 69 -43.39 -46.21 20.08
N GLU T 70 -43.18 -44.90 20.24
CA GLU T 70 -43.72 -44.15 21.37
C GLU T 70 -44.53 -42.97 20.86
N PRO T 71 -45.78 -43.20 20.45
CA PRO T 71 -46.67 -42.09 20.07
C PRO T 71 -47.57 -41.61 21.20
N ILE T 72 -47.54 -42.26 22.36
CA ILE T 72 -48.33 -41.78 23.48
C ILE T 72 -47.74 -40.49 24.04
N GLU T 73 -46.41 -40.41 24.10
CA GLU T 73 -45.73 -39.26 24.68
C GLU T 73 -45.01 -38.39 23.67
N GLU T 74 -44.35 -38.99 22.67
CA GLU T 74 -43.56 -38.18 21.75
C GLU T 74 -44.45 -37.46 20.74
N ASP T 75 -45.59 -38.04 20.38
CA ASP T 75 -46.40 -37.48 19.30
C ASP T 75 -47.00 -36.14 19.69
N TRP T 76 -47.60 -36.07 20.88
CA TRP T 76 -48.25 -34.82 21.30
C TRP T 76 -47.23 -33.69 21.50
N LEU T 77 -46.11 -33.99 22.15
CA LEU T 77 -45.07 -32.98 22.33
C LEU T 77 -44.50 -32.55 20.99
N VAL T 78 -44.32 -33.49 20.07
CA VAL T 78 -43.85 -33.15 18.73
C VAL T 78 -44.83 -32.23 18.03
N LEU T 79 -46.12 -32.53 18.16
CA LEU T 79 -47.14 -31.69 17.53
C LEU T 79 -47.11 -30.27 18.11
N ASP T 80 -47.05 -30.16 19.43
CA ASP T 80 -47.01 -28.83 20.04
C ASP T 80 -45.75 -28.08 19.62
N ASP T 81 -44.62 -28.78 19.57
CA ASP T 81 -43.37 -28.14 19.18
C ASP T 81 -43.43 -27.65 17.73
N ALA T 82 -43.96 -28.49 16.83
CA ALA T 82 -44.03 -28.10 15.43
C ALA T 82 -44.97 -26.91 15.25
N GLU T 83 -46.09 -26.89 15.97
CA GLU T 83 -46.98 -25.74 15.91
C GLU T 83 -46.33 -24.48 16.46
N GLU T 84 -45.56 -24.60 17.54
CA GLU T 84 -44.83 -23.46 18.07
C GLU T 84 -43.83 -22.93 17.06
N THR T 85 -43.13 -23.84 16.37
CA THR T 85 -42.24 -23.44 15.30
C THR T 85 -43.00 -22.77 14.16
N LYS T 86 -44.25 -23.18 13.95
CA LYS T 86 -45.07 -22.59 12.89
C LYS T 86 -45.51 -21.18 13.23
N GLU T 87 -45.31 -20.73 14.47
CA GLU T 87 -45.76 -19.40 14.88
C GLU T 87 -44.93 -18.29 14.26
N SER T 88 -43.77 -18.60 13.68
CA SER T 88 -42.93 -17.61 13.03
C SER T 88 -42.77 -17.88 11.54
N HIS T 89 -43.66 -18.69 10.98
CA HIS T 89 -43.59 -19.07 9.57
C HIS T 89 -43.89 -17.88 8.67
N VAL U 1 -34.56 -35.41 15.19
CA VAL U 1 -34.31 -36.76 15.66
C VAL U 1 -34.58 -37.76 14.55
N SER U 2 -35.83 -37.79 14.09
CA SER U 2 -36.25 -38.65 13.01
C SER U 2 -37.34 -37.91 12.23
N THR U 3 -38.14 -38.66 11.47
CA THR U 3 -39.20 -38.05 10.69
C THR U 3 -40.29 -37.48 11.60
N LEU U 4 -40.95 -36.44 11.11
CA LEU U 4 -42.10 -35.83 11.76
C LEU U 4 -43.00 -35.20 10.71
N ILE U 5 -43.83 -34.25 11.10
CA ILE U 5 -44.68 -33.54 10.14
C ILE U 5 -44.62 -32.05 10.41
N PRO U 6 -43.54 -31.37 10.02
CA PRO U 6 -43.38 -29.94 10.35
C PRO U 6 -44.52 -29.10 9.80
N PRO U 7 -45.04 -29.46 8.61
CA PRO U 7 -46.12 -28.64 8.05
C PRO U 7 -47.48 -28.95 8.65
N LYS U 8 -47.72 -30.21 9.03
CA LYS U 8 -49.05 -30.64 9.46
C LYS U 8 -49.45 -30.07 10.81
N VAL U 9 -48.58 -29.26 11.42
CA VAL U 9 -48.88 -28.64 12.70
C VAL U 9 -49.79 -27.43 12.54
N VAL U 10 -50.25 -27.15 11.33
CA VAL U 10 -51.27 -26.11 11.13
C VAL U 10 -52.58 -26.48 11.79
N SER U 11 -52.71 -27.72 12.28
CA SER U 11 -53.88 -28.10 13.07
C SER U 11 -53.95 -27.34 14.39
N SER U 12 -52.82 -27.24 15.10
CA SER U 12 -52.83 -26.69 16.45
C SER U 12 -53.08 -25.19 16.44
N LYS U 13 -52.72 -24.51 15.36
CA LYS U 13 -52.97 -23.09 15.20
C LYS U 13 -53.06 -22.73 13.73
N ASN U 14 -54.10 -21.99 13.37
CA ASN U 14 -54.21 -21.44 12.04
C ASN U 14 -53.25 -20.27 11.88
N ILE U 15 -52.79 -20.06 10.64
CA ILE U 15 -51.84 -18.99 10.37
C ILE U 15 -52.50 -17.64 10.61
N GLY U 16 -51.78 -16.75 11.28
CA GLY U 16 -52.24 -15.40 11.46
C GLY U 16 -53.35 -15.19 12.47
N SER U 17 -53.03 -15.28 13.77
CA SER U 17 -54.04 -15.04 14.80
C SER U 17 -54.59 -13.62 14.71
N ALA U 18 -53.71 -12.63 14.56
CA ALA U 18 -54.18 -11.27 14.28
C ALA U 18 -54.87 -11.16 12.93
N PRO U 19 -54.33 -11.72 11.84
CA PRO U 19 -55.10 -11.77 10.59
C PRO U 19 -56.40 -12.55 10.72
N ASN U 20 -56.45 -13.58 11.56
CA ASN U 20 -57.70 -14.30 11.78
C ASN U 20 -58.73 -13.42 12.47
N ALA U 21 -58.31 -12.65 13.48
CA ALA U 21 -59.23 -11.73 14.15
C ALA U 21 -59.72 -10.64 13.18
N LYS U 22 -58.80 -10.11 12.37
CA LYS U 22 -59.18 -9.13 11.37
C LYS U 22 -60.16 -9.71 10.36
N ARG U 23 -59.93 -10.95 9.92
CA ARG U 23 -60.81 -11.56 8.94
C ARG U 23 -62.17 -11.92 9.56
N ILE U 24 -62.18 -12.28 10.84
CA ILE U 24 -63.44 -12.55 11.51
C ILE U 24 -64.26 -11.28 11.68
N ALA U 25 -63.61 -10.16 11.98
CA ALA U 25 -64.31 -8.88 11.95
C ALA U 25 -64.78 -8.56 10.54
N ASN U 26 -63.97 -8.88 9.53
CA ASN U 26 -64.33 -8.69 8.14
C ASN U 26 -65.55 -9.49 7.70
N VAL U 27 -65.68 -10.73 8.18
CA VAL U 27 -66.80 -11.57 7.79
C VAL U 27 -68.11 -10.99 8.34
N VAL U 28 -68.11 -10.63 9.62
CA VAL U 28 -69.29 -10.03 10.23
C VAL U 28 -69.59 -8.67 9.60
N HIS U 29 -68.55 -7.92 9.24
CA HIS U 29 -68.77 -6.60 8.67
C HIS U 29 -69.32 -6.67 7.26
N PHE U 30 -68.73 -7.49 6.40
CA PHE U 30 -69.15 -7.58 5.01
C PHE U 30 -70.46 -8.33 4.85
N TYR U 31 -70.66 -9.41 5.62
CA TYR U 31 -71.90 -10.18 5.51
C TYR U 31 -73.09 -9.37 5.98
N LYS U 32 -72.99 -8.78 7.17
CA LYS U 32 -74.08 -7.97 7.72
C LYS U 32 -74.04 -6.55 7.16
N SER U 33 -73.99 -6.49 5.83
CA SER U 33 -73.94 -5.24 5.08
C SER U 33 -75.03 -5.26 4.03
N LEU U 34 -75.59 -4.09 3.72
CA LEU U 34 -76.68 -4.02 2.77
C LEU U 34 -76.21 -4.45 1.38
N PRO U 35 -77.11 -5.01 0.57
CA PRO U 35 -76.71 -5.46 -0.78
C PRO U 35 -76.24 -4.31 -1.66
N GLN U 36 -77.09 -3.29 -1.85
CA GLN U 36 -76.65 -2.05 -2.47
C GLN U 36 -77.47 -0.91 -1.85
N GLY U 37 -76.93 -0.31 -0.79
CA GLY U 37 -77.55 0.81 -0.13
C GLY U 37 -78.98 0.52 0.32
N PRO U 38 -79.22 -0.71 0.75
CA PRO U 38 -80.59 -1.11 1.11
C PRO U 38 -81.06 -0.42 2.37
N ALA U 39 -82.39 -0.35 2.53
CA ALA U 39 -83.12 0.24 3.64
C ALA U 39 -82.98 1.77 3.65
N PRO U 40 -83.49 2.48 2.63
CA PRO U 40 -83.39 3.95 2.62
C PRO U 40 -84.41 4.67 3.49
N ALA U 41 -85.71 4.48 3.21
CA ALA U 41 -86.80 5.07 3.99
C ALA U 41 -86.68 6.60 4.10
N ILE U 42 -86.96 7.30 2.99
CA ILE U 42 -86.78 8.75 2.97
C ILE U 42 -88.11 9.49 3.12
N LYS U 43 -89.14 9.06 2.38
CA LYS U 43 -90.37 9.84 2.30
C LYS U 43 -91.16 9.77 3.61
N ALA U 44 -91.84 10.87 3.93
CA ALA U 44 -92.68 10.96 5.12
C ALA U 44 -93.53 12.21 5.04
N ASN U 45 -94.80 12.08 5.42
CA ASN U 45 -95.74 13.20 5.34
C ASN U 45 -96.91 12.93 6.28
N THR U 46 -96.98 13.68 7.36
CA THR U 46 -98.12 13.64 8.29
C THR U 46 -98.12 14.96 9.05
N ARG U 47 -99.04 15.85 8.67
CA ARG U 47 -99.12 17.20 9.23
C ARG U 47 -97.78 17.92 9.17
N LEU U 48 -96.87 17.62 10.11
CA LEU U 48 -95.57 18.29 10.11
C LEU U 48 -94.53 17.53 9.30
N ALA U 49 -94.68 16.21 9.19
CA ALA U 49 -93.71 15.40 8.47
C ALA U 49 -93.68 15.73 6.98
N ARG U 50 -94.80 16.21 6.42
CA ARG U 50 -94.79 16.67 5.03
C ARG U 50 -93.84 17.85 4.86
N TYR U 51 -93.54 18.55 5.96
CA TYR U 51 -92.50 19.58 5.92
C TYR U 51 -91.14 19.03 6.30
N LYS U 52 -91.10 18.06 7.21
CA LYS U 52 -89.81 17.54 7.68
C LYS U 52 -89.08 16.80 6.57
N ALA U 53 -89.74 15.87 5.90
CA ALA U 53 -89.09 15.10 4.85
C ALA U 53 -88.89 15.91 3.58
N LYS U 54 -89.49 17.09 3.49
CA LYS U 54 -89.38 17.95 2.31
C LYS U 54 -88.44 19.13 2.56
N TYR U 55 -88.61 19.84 3.68
CA TYR U 55 -87.85 21.05 3.96
C TYR U 55 -86.58 20.79 4.78
N PHE U 56 -86.55 19.74 5.59
CA PHE U 56 -85.36 19.36 6.32
C PHE U 56 -84.57 18.27 5.61
N ASP U 57 -84.93 17.97 4.37
CA ASP U 57 -84.22 17.00 3.55
C ASP U 57 -83.02 17.64 2.89
N GLY U 58 -81.96 16.86 2.75
CA GLY U 58 -80.68 17.34 2.29
C GLY U 58 -80.50 17.43 0.80
N ASP U 59 -81.59 17.32 0.02
CA ASP U 59 -81.47 17.49 -1.43
C ASP U 59 -81.02 18.91 -1.76
N ASN U 60 -81.50 19.90 -1.02
CA ASN U 60 -81.08 21.28 -1.19
C ASN U 60 -80.20 21.76 -0.03
N ALA U 61 -80.73 21.76 1.19
CA ALA U 61 -80.00 22.19 2.39
C ALA U 61 -79.49 23.62 2.24
N SER U 62 -80.15 24.40 1.40
CA SER U 62 -79.74 25.76 1.11
C SER U 62 -80.17 26.68 2.26
N GLY U 63 -80.19 27.98 2.00
CA GLY U 63 -80.62 28.92 3.02
C GLY U 63 -82.11 29.07 3.19
N LYS U 64 -82.90 28.83 2.14
CA LYS U 64 -84.34 28.96 2.27
C LYS U 64 -84.95 27.90 3.19
N PRO U 65 -84.36 26.72 3.35
CA PRO U 65 -84.95 25.73 4.27
C PRO U 65 -85.06 26.21 5.70
N LEU U 66 -84.11 27.02 6.17
CA LEU U 66 -84.27 27.65 7.48
C LEU U 66 -85.15 28.89 7.38
N TRP U 67 -85.08 29.60 6.26
CA TRP U 67 -85.82 30.86 6.11
C TRP U 67 -87.33 30.65 6.07
N HIS U 68 -87.79 29.45 5.74
CA HIS U 68 -89.23 29.19 5.83
C HIS U 68 -89.73 29.38 7.25
N PHE U 69 -88.93 28.99 8.24
CA PHE U 69 -89.28 29.22 9.64
C PHE U 69 -89.38 30.71 9.94
N ALA U 70 -88.45 31.51 9.41
CA ALA U 70 -88.49 32.96 9.63
C ALA U 70 -89.73 33.59 9.00
N LEU U 71 -90.05 33.19 7.77
CA LEU U 71 -91.25 33.72 7.12
C LEU U 71 -92.51 33.36 7.90
N GLY U 72 -92.61 32.10 8.34
CA GLY U 72 -93.77 31.68 9.11
C GLY U 72 -93.91 32.37 10.45
N ILE U 73 -92.80 32.50 11.17
CA ILE U 73 -92.82 33.18 12.46
C ILE U 73 -93.16 34.66 12.25
N ILE U 74 -92.73 35.24 11.13
CA ILE U 74 -93.11 36.63 10.83
C ILE U 74 -94.61 36.73 10.58
N ALA U 75 -95.18 35.76 9.87
CA ALA U 75 -96.61 35.72 9.67
C ALA U 75 -97.35 35.63 11.00
N PHE U 76 -96.85 34.81 11.92
CA PHE U 76 -97.45 34.69 13.25
C PHE U 76 -97.30 35.98 14.05
N GLY U 77 -96.11 36.56 14.04
CA GLY U 77 -95.85 37.76 14.82
C GLY U 77 -96.55 39.00 14.33
N TYR U 78 -96.78 39.12 13.02
CA TYR U 78 -97.55 40.26 12.54
C TYR U 78 -98.97 40.22 13.09
N SER U 79 -99.61 39.06 13.06
CA SER U 79 -100.92 38.92 13.69
C SER U 79 -100.83 39.09 15.20
N MET U 80 -99.70 38.69 15.79
CA MET U 80 -99.50 38.90 17.22
C MET U 80 -99.47 40.38 17.57
N GLU U 81 -98.79 41.18 16.75
CA GLU U 81 -98.77 42.62 16.97
C GLU U 81 -100.13 43.23 16.69
N TYR U 82 -100.83 42.72 15.67
CA TYR U 82 -102.16 43.22 15.36
C TYR U 82 -103.13 42.99 16.51
N TYR U 83 -103.09 41.79 17.11
CA TYR U 83 -103.95 41.49 18.24
C TYR U 83 -103.44 42.14 19.53
N PHE U 84 -102.16 42.52 19.56
CA PHE U 84 -101.55 43.06 20.77
C PHE U 84 -101.52 44.60 20.75
N HIS U 85 -100.89 45.19 19.74
CA HIS U 85 -100.65 46.63 19.71
C HIS U 85 -101.93 47.45 19.67
N PHE V 1 -95.96 41.20 39.83
CA PHE V 1 -96.48 41.29 38.47
C PHE V 1 -96.31 39.96 37.75
N TYR V 2 -95.56 39.98 36.64
CA TYR V 2 -95.36 38.79 35.81
C TYR V 2 -93.97 38.23 36.11
N PHE V 3 -93.91 37.43 37.17
CA PHE V 3 -92.69 36.73 37.56
C PHE V 3 -92.84 35.23 37.52
N MET V 4 -93.98 34.71 38.02
CA MET V 4 -94.25 33.28 38.00
C MET V 4 -95.00 32.88 36.74
N ASN V 5 -94.53 33.39 35.59
CA ASN V 5 -95.17 33.08 34.30
C ASN V 5 -94.19 32.61 33.24
N GLN V 6 -92.89 32.87 33.39
CA GLN V 6 -91.88 32.38 32.47
C GLN V 6 -90.68 31.78 33.19
N LEU V 7 -90.61 31.96 34.52
CA LEU V 7 -89.51 31.37 35.28
C LEU V 7 -89.51 29.85 35.17
N THR V 8 -90.49 29.20 35.78
CA THR V 8 -90.62 27.75 35.61
C THR V 8 -91.00 27.41 34.17
N TYR V 9 -91.90 28.20 33.58
CA TYR V 9 -92.33 27.99 32.21
C TYR V 9 -91.19 28.07 31.20
N GLY V 10 -90.10 28.74 31.55
CA GLY V 10 -88.94 28.74 30.69
C GLY V 10 -87.92 27.69 31.07
N PHE V 11 -87.66 27.54 32.38
CA PHE V 11 -86.64 26.59 32.83
C PHE V 11 -87.09 25.15 32.67
N LEU V 12 -88.35 24.92 32.32
CA LEU V 12 -88.79 23.55 32.05
C LEU V 12 -87.99 22.91 30.92
N LEU V 13 -87.77 23.65 29.84
CA LEU V 13 -86.93 23.15 28.76
C LEU V 13 -85.50 22.91 29.22
N MET V 14 -84.98 23.79 30.08
CA MET V 14 -83.63 23.60 30.61
C MET V 14 -83.52 22.32 31.42
N ILE V 15 -84.52 22.02 32.24
CA ILE V 15 -84.50 20.79 33.02
C ILE V 15 -84.64 19.58 32.11
N THR V 16 -85.50 19.67 31.10
CA THR V 16 -85.79 18.52 30.25
C THR V 16 -84.67 18.20 29.26
N LEU V 17 -83.91 19.21 28.81
CA LEU V 17 -82.92 18.99 27.76
C LEU V 17 -81.85 17.99 28.19
N LEU V 18 -81.59 17.90 29.51
CA LEU V 18 -80.61 16.95 30.01
C LEU V 18 -81.00 15.52 29.66
N ILE V 19 -82.25 15.12 29.94
CA ILE V 19 -82.71 13.81 29.53
C ILE V 19 -82.97 13.73 28.03
N LEU V 20 -83.28 14.84 27.38
CA LEU V 20 -83.65 14.83 25.97
C LEU V 20 -82.46 14.59 25.06
N PHE V 21 -81.49 15.52 25.06
CA PHE V 21 -80.37 15.44 24.13
C PHE V 21 -79.45 14.28 24.47
N SER V 22 -79.12 14.14 25.76
CA SER V 22 -78.08 13.19 26.18
C SER V 22 -78.40 11.77 25.75
N GLN V 23 -79.66 11.36 25.83
CA GLN V 23 -80.05 10.08 25.23
C GLN V 23 -80.49 10.26 23.77
N PHE V 24 -80.66 11.50 23.32
CA PHE V 24 -81.22 11.74 22.01
C PHE V 24 -80.25 12.37 21.03
N PHE V 25 -79.66 13.51 21.36
CA PHE V 25 -78.86 14.28 20.41
C PHE V 25 -77.44 13.73 20.31
N LEU V 26 -76.62 13.96 21.33
CA LEU V 26 -75.26 13.44 21.33
C LEU V 26 -75.21 11.94 21.12
N PRO V 27 -76.24 11.17 21.44
CA PRO V 27 -76.21 9.74 21.10
C PRO V 27 -75.99 9.49 19.63
N MET V 28 -76.60 10.31 18.75
CA MET V 28 -76.44 10.10 17.32
C MET V 28 -74.99 10.26 16.90
N ILE V 29 -74.36 11.38 17.27
CA ILE V 29 -72.98 11.62 16.87
C ILE V 29 -72.04 10.62 17.53
N LEU V 30 -72.28 10.28 18.79
CA LEU V 30 -71.41 9.32 19.47
C LEU V 30 -71.47 7.96 18.80
N ARG V 31 -72.68 7.45 18.53
CA ARG V 31 -72.79 6.14 17.88
C ARG V 31 -72.20 6.18 16.48
N LEU V 32 -72.44 7.26 15.74
CA LEU V 32 -71.90 7.37 14.39
C LEU V 32 -70.38 7.38 14.40
N TYR V 33 -69.77 8.16 15.30
CA TYR V 33 -68.31 8.23 15.37
C TYR V 33 -67.73 6.89 15.82
N VAL V 34 -68.38 6.24 16.79
CA VAL V 34 -67.88 4.95 17.26
C VAL V 34 -67.95 3.92 16.14
N SER V 35 -69.05 3.90 15.40
CA SER V 35 -69.19 2.97 14.29
C SER V 35 -68.14 3.24 13.21
N ARG V 36 -67.91 4.52 12.90
CA ARG V 36 -66.86 4.87 11.95
C ARG V 36 -65.49 4.46 12.46
N LEU V 37 -65.29 4.48 13.77
CA LEU V 37 -64.05 3.95 14.35
C LEU V 37 -63.96 2.44 14.15
N PHE V 38 -65.09 1.75 14.27
CA PHE V 38 -65.09 0.31 14.04
C PHE V 38 -64.68 -0.02 12.62
N ILE V 39 -65.17 0.75 11.64
CA ILE V 39 -64.73 0.56 10.27
C ILE V 39 -63.26 0.92 10.13
N SER V 40 -62.76 1.81 11.00
CA SER V 40 -61.36 2.21 10.92
C SER V 40 -60.44 1.14 11.48
N LYS V 41 -61.00 0.14 12.16
CA LYS V 41 -60.21 -0.94 12.73
C LYS V 41 -60.57 -2.28 12.12
N LEU W 1 -105.17 31.59 25.92
CA LEU W 1 -104.06 30.82 26.48
C LEU W 1 -102.95 31.75 26.95
N THR W 2 -101.71 31.26 26.91
CA THR W 2 -100.56 31.99 27.44
C THR W 2 -99.53 32.22 26.35
N THR W 3 -98.92 33.41 26.38
CA THR W 3 -97.93 33.76 25.38
C THR W 3 -96.58 33.09 25.66
N PHE W 4 -96.26 32.85 26.93
CA PHE W 4 -94.99 32.25 27.27
C PHE W 4 -94.89 30.82 26.73
N SER W 5 -95.99 30.06 26.80
CA SER W 5 -96.00 28.72 26.24
C SER W 5 -95.75 28.75 24.74
N LEU W 6 -96.38 29.71 24.04
CA LEU W 6 -96.12 29.84 22.61
C LEU W 6 -94.68 30.25 22.33
N TYR W 7 -94.09 31.05 23.21
CA TYR W 7 -92.69 31.42 23.06
C TYR W 7 -91.78 30.20 23.19
N THR W 8 -92.03 29.36 24.21
CA THR W 8 -91.20 28.18 24.42
C THR W 8 -91.52 27.08 23.41
N ILE W 9 -92.66 27.18 22.74
CA ILE W 9 -93.08 26.14 21.80
C ILE W 9 -92.10 26.02 20.64
N ILE W 10 -91.52 27.14 20.20
CA ILE W 10 -90.57 27.08 19.10
C ILE W 10 -89.38 26.20 19.48
N VAL W 11 -88.87 26.37 20.70
CA VAL W 11 -87.78 25.53 21.18
C VAL W 11 -88.24 24.07 21.28
N LEU W 12 -89.43 23.87 21.85
CA LEU W 12 -89.93 22.51 22.02
C LEU W 12 -90.13 21.80 20.69
N LEU W 13 -90.30 22.56 19.61
CA LEU W 13 -90.51 21.97 18.29
C LEU W 13 -89.23 21.91 17.46
N VAL W 14 -88.23 22.72 17.78
CA VAL W 14 -86.98 22.75 17.01
C VAL W 14 -85.94 21.81 17.58
N ILE W 15 -85.89 21.66 18.91
CA ILE W 15 -84.82 20.90 19.55
C ILE W 15 -84.84 19.45 19.09
N THR W 16 -86.02 18.83 19.06
CA THR W 16 -86.12 17.43 18.64
C THR W 16 -86.04 17.28 17.13
N SER W 17 -86.57 18.25 16.38
CA SER W 17 -86.66 18.11 14.92
C SER W 17 -85.31 18.28 14.24
N LEU W 18 -84.50 19.24 14.69
CA LEU W 18 -83.25 19.53 14.00
C LEU W 18 -82.29 18.34 14.00
N TYR W 19 -82.50 17.37 14.89
CA TYR W 19 -81.69 16.17 14.92
C TYR W 19 -82.47 14.93 14.54
N THR W 20 -83.80 14.95 14.72
CA THR W 20 -84.63 13.81 14.33
C THR W 20 -85.25 13.99 12.95
N LEU W 21 -85.11 15.16 12.33
CA LEU W 21 -85.67 15.41 11.01
C LEU W 21 -84.68 15.96 9.99
N THR W 22 -83.75 16.83 10.40
CA THR W 22 -82.79 17.39 9.45
C THR W 22 -81.92 16.30 8.85
N ASN W 23 -81.52 15.32 9.65
CA ASN W 23 -80.86 14.13 9.13
C ASN W 23 -81.84 13.35 8.26
N ASN W 24 -81.30 12.67 7.25
CA ASN W 24 -82.17 11.99 6.28
C ASN W 24 -82.91 10.83 6.93
N ASN W 25 -82.18 9.82 7.37
CA ASN W 25 -82.78 8.67 8.08
C ASN W 25 -81.90 8.24 9.25
N ASN W 26 -81.22 9.19 9.88
CA ASN W 26 -80.18 8.91 10.86
C ASN W 26 -79.06 8.08 10.21
N LYS W 27 -78.47 8.68 9.18
CA LYS W 27 -77.42 8.03 8.43
C LYS W 27 -76.05 8.58 8.83
N ILE W 28 -75.04 7.70 8.77
CA ILE W 28 -73.70 8.04 9.26
C ILE W 28 -72.89 8.86 8.28
N ILE W 29 -73.41 9.10 7.07
CA ILE W 29 -72.60 9.74 6.03
C ILE W 29 -72.48 11.25 6.26
N GLY W 30 -73.39 11.85 7.03
CA GLY W 30 -73.33 13.28 7.26
C GLY W 30 -73.84 14.13 6.11
N SER W 31 -75.16 14.28 6.01
CA SER W 31 -75.79 15.00 4.91
C SER W 31 -75.27 16.43 4.76
N ARG W 32 -75.57 17.05 3.60
CA ARG W 32 -75.14 18.42 3.36
C ARG W 32 -75.73 19.37 4.40
N TRP W 33 -77.02 19.23 4.69
CA TRP W 33 -77.59 19.91 5.83
C TRP W 33 -77.01 19.38 7.14
N LEU W 34 -76.82 18.06 7.25
CA LEU W 34 -76.27 17.47 8.45
C LEU W 34 -74.80 17.80 8.65
N ILE W 35 -74.14 18.42 7.66
CA ILE W 35 -72.79 18.91 7.87
C ILE W 35 -72.76 19.96 8.98
N SER W 36 -73.88 20.65 9.22
CA SER W 36 -73.89 21.65 10.28
C SER W 36 -73.58 21.03 11.63
N GLN W 37 -74.33 20.00 12.03
CA GLN W 37 -74.03 19.30 13.26
C GLN W 37 -72.67 18.63 13.17
N GLU W 38 -72.35 18.05 12.02
CA GLU W 38 -71.09 17.37 11.80
C GLU W 38 -69.89 18.27 12.04
N ALA W 39 -70.05 19.58 11.90
CA ALA W 39 -68.99 20.52 12.24
C ALA W 39 -69.11 21.05 13.66
N ILE W 40 -70.32 21.32 14.13
CA ILE W 40 -70.53 21.99 15.41
C ILE W 40 -70.20 21.08 16.58
N TYR W 41 -70.69 19.83 16.56
CA TYR W 41 -70.55 18.96 17.72
C TYR W 41 -69.10 18.65 18.02
N ASP W 42 -68.29 18.46 16.99
CA ASP W 42 -66.88 18.13 17.19
C ASP W 42 -66.11 19.30 17.81
N THR W 43 -66.34 20.52 17.32
CA THR W 43 -65.73 21.68 17.96
C THR W 43 -66.23 21.84 19.39
N ILE W 44 -67.50 21.49 19.64
CA ILE W 44 -68.01 21.55 20.99
C ILE W 44 -67.25 20.58 21.89
N MET W 45 -67.08 19.34 21.43
CA MET W 45 -66.38 18.34 22.24
C MET W 45 -64.92 18.73 22.43
N ASN W 46 -64.33 19.40 21.43
CA ASN W 46 -62.95 19.84 21.57
C ASN W 46 -62.79 20.71 22.79
N MET W 47 -63.61 21.75 22.92
CA MET W 47 -63.54 22.59 24.11
C MET W 47 -63.96 21.83 25.36
N THR W 48 -64.99 20.98 25.24
CA THR W 48 -65.53 20.31 26.42
C THR W 48 -64.47 19.45 27.10
N LYS W 49 -63.82 18.56 26.35
CA LYS W 49 -62.72 17.79 26.91
C LYS W 49 -61.53 18.68 27.19
N GLY W 50 -61.37 19.77 26.42
CA GLY W 50 -60.26 20.67 26.62
C GLY W 50 -60.36 21.46 27.91
N GLN W 51 -61.31 22.38 27.96
CA GLN W 51 -61.45 23.29 29.08
C GLN W 51 -61.74 22.59 30.39
N ILE W 52 -62.39 21.43 30.36
CA ILE W 52 -62.74 20.72 31.58
C ILE W 52 -61.81 19.53 31.73
N GLY W 53 -60.62 19.64 31.12
CA GLY W 53 -59.67 18.55 31.05
C GLY W 53 -59.45 17.78 32.35
N GLY W 54 -59.11 16.51 32.23
CA GLY W 54 -58.98 15.64 33.37
C GLY W 54 -60.18 14.73 33.50
N LYS W 55 -60.24 14.05 34.66
CA LYS W 55 -61.40 13.21 34.95
C LYS W 55 -62.66 14.04 35.12
N ASN W 56 -62.53 15.35 35.26
CA ASN W 56 -63.68 16.24 35.29
C ASN W 56 -64.21 16.55 33.89
N TRP W 57 -63.53 16.10 32.84
CA TRP W 57 -64.03 16.33 31.49
C TRP W 57 -65.31 15.54 31.23
N GLY W 58 -65.34 14.28 31.64
CA GLY W 58 -66.52 13.47 31.45
C GLY W 58 -67.60 13.67 32.47
N LEU W 59 -67.34 14.48 33.49
CA LEU W 59 -68.34 14.66 34.54
C LEU W 59 -69.58 15.37 34.04
N TYR W 60 -69.42 16.43 33.24
CA TYR W 60 -70.56 17.21 32.77
C TYR W 60 -70.44 17.66 31.32
N PHE W 61 -69.58 17.04 30.51
CA PHE W 61 -69.51 17.41 29.10
C PHE W 61 -70.85 17.31 28.41
N PRO W 62 -71.63 16.24 28.61
CA PRO W 62 -72.99 16.23 28.04
C PRO W 62 -73.84 17.39 28.54
N MET W 63 -73.69 17.76 29.81
CA MET W 63 -74.39 18.94 30.30
C MET W 63 -73.99 20.18 29.52
N ILE W 64 -72.71 20.26 29.13
CA ILE W 64 -72.25 21.40 28.33
C ILE W 64 -72.90 21.38 26.97
N PHE W 65 -72.86 20.23 26.29
CA PHE W 65 -73.48 20.12 24.97
C PHE W 65 -74.96 20.46 25.04
N THR W 66 -75.57 20.22 26.20
CA THR W 66 -76.96 20.63 26.38
C THR W 66 -77.07 22.12 26.64
N LEU W 67 -76.46 22.60 27.72
CA LEU W 67 -76.66 23.98 28.15
C LEU W 67 -76.23 25.01 27.13
N PHE W 68 -75.30 24.65 26.22
CA PHE W 68 -74.82 25.63 25.26
C PHE W 68 -75.93 26.10 24.33
N MET W 69 -76.75 25.18 23.84
CA MET W 69 -77.71 25.49 22.80
C MET W 69 -78.96 26.19 23.31
N PHE W 70 -79.28 26.10 24.60
CA PHE W 70 -80.54 26.65 25.10
C PHE W 70 -80.62 28.15 24.89
N ILE W 71 -79.61 28.88 25.36
CA ILE W 71 -79.61 30.33 25.24
C ILE W 71 -79.49 30.74 23.78
N PHE W 72 -78.64 30.03 23.02
CA PHE W 72 -78.45 30.37 21.61
C PHE W 72 -79.75 30.26 20.83
N ILE W 73 -80.53 29.21 21.11
CA ILE W 73 -81.82 29.06 20.45
C ILE W 73 -82.81 30.11 20.95
N ALA W 74 -82.83 30.34 22.27
CA ALA W 74 -83.81 31.29 22.81
C ALA W 74 -83.60 32.70 22.28
N ASN W 75 -82.35 33.08 22.03
CA ASN W 75 -82.07 34.39 21.48
C ASN W 75 -82.17 34.44 19.95
N LEU W 76 -82.46 33.30 19.30
CA LEU W 76 -82.55 33.30 17.85
C LEU W 76 -83.67 34.18 17.33
N ILE W 77 -84.61 34.57 18.21
CA ILE W 77 -85.70 35.47 17.81
C ILE W 77 -85.17 36.89 17.98
N SER W 78 -84.46 37.36 16.97
CA SER W 78 -83.95 38.73 16.96
C SER W 78 -84.13 39.45 15.63
N MET W 79 -84.30 38.76 14.50
CA MET W 79 -84.35 39.38 13.19
C MET W 79 -85.73 39.48 12.58
N ILE W 80 -86.78 39.17 13.34
CA ILE W 80 -88.14 39.18 12.78
C ILE W 80 -88.68 40.61 12.81
N PRO W 81 -89.65 40.96 11.96
CA PRO W 81 -90.23 42.32 12.00
C PRO W 81 -90.87 42.66 13.34
N TYR W 82 -91.37 41.66 14.07
CA TYR W 82 -91.77 41.83 15.46
C TYR W 82 -90.99 40.91 16.38
N SER W 83 -89.67 40.81 16.18
CA SER W 83 -88.85 39.81 16.86
C SER W 83 -88.90 39.96 18.37
N PHE W 84 -88.86 38.84 19.08
CA PHE W 84 -88.89 38.83 20.52
C PHE W 84 -88.15 37.61 21.04
N ALA W 85 -86.94 37.83 21.57
CA ALA W 85 -86.27 36.80 22.33
C ALA W 85 -86.72 36.89 23.78
N LEU W 86 -87.79 36.18 24.11
CA LEU W 86 -88.38 36.13 25.45
C LEU W 86 -89.02 37.47 25.83
N SER W 87 -89.84 37.97 24.90
CA SER W 87 -90.73 39.11 25.10
C SER W 87 -90.07 40.33 25.73
N ALA W 88 -88.82 40.62 25.33
CA ALA W 88 -88.05 41.76 25.83
C ALA W 88 -87.90 41.77 27.35
N HIS W 89 -88.25 40.65 28.02
CA HIS W 89 -88.02 40.53 29.46
C HIS W 89 -86.94 39.51 29.78
N LEU W 90 -87.11 38.27 29.34
CA LEU W 90 -86.06 37.25 29.37
C LEU W 90 -85.38 37.13 30.72
N VAL W 91 -86.16 36.91 31.78
CA VAL W 91 -85.57 36.70 33.11
C VAL W 91 -84.79 35.39 33.19
N PHE W 92 -84.68 34.66 32.07
CA PHE W 92 -84.09 33.33 32.06
C PHE W 92 -82.62 33.32 32.48
N ILE W 93 -81.84 34.32 32.08
CA ILE W 93 -80.41 34.32 32.41
C ILE W 93 -80.22 34.34 33.92
N ILE W 94 -81.16 34.95 34.65
CA ILE W 94 -81.12 34.91 36.10
C ILE W 94 -81.19 33.48 36.59
N SER W 95 -82.00 32.65 35.95
CA SER W 95 -82.13 31.25 36.35
C SER W 95 -80.83 30.49 36.14
N LEU W 96 -80.14 30.75 35.04
CA LEU W 96 -78.94 30.01 34.68
C LEU W 96 -77.67 30.54 35.33
N SER W 97 -77.71 31.75 35.89
CA SER W 97 -76.47 32.35 36.40
C SER W 97 -76.19 31.95 37.85
N ILE W 98 -76.99 32.46 38.80
CA ILE W 98 -76.68 32.28 40.20
C ILE W 98 -76.82 30.82 40.62
N VAL W 99 -77.78 30.11 40.01
CA VAL W 99 -77.94 28.69 40.31
C VAL W 99 -76.69 27.92 39.89
N ILE W 100 -76.12 28.25 38.73
CA ILE W 100 -74.90 27.57 38.30
C ILE W 100 -73.72 27.94 39.20
N TRP W 101 -73.66 29.20 39.66
CA TRP W 101 -72.61 29.57 40.59
C TRP W 101 -72.73 28.79 41.89
N LEU W 102 -73.95 28.63 42.40
CA LEU W 102 -74.16 27.83 43.60
C LEU W 102 -73.86 26.36 43.34
N GLY W 103 -74.08 25.90 42.12
CA GLY W 103 -73.65 24.55 41.76
C GLY W 103 -72.15 24.40 41.76
N ASN W 104 -71.42 25.44 41.36
CA ASN W 104 -69.96 25.42 41.48
C ASN W 104 -69.54 25.35 42.93
N THR W 105 -70.17 26.17 43.79
CA THR W 105 -69.88 26.11 45.22
C THR W 105 -70.24 24.77 45.82
N ILE W 106 -71.23 24.08 45.23
CA ILE W 106 -71.60 22.74 45.68
C ILE W 106 -70.57 21.71 45.22
N LEU W 107 -70.12 21.82 43.98
CA LEU W 107 -69.03 20.98 43.49
C LEU W 107 -67.79 21.17 44.36
N GLY W 108 -67.64 22.35 44.94
CA GLY W 108 -66.66 22.54 46.00
C GLY W 108 -67.14 22.11 47.37
N LEU W 109 -68.44 21.87 47.54
CA LEU W 109 -69.01 21.54 48.84
C LEU W 109 -69.57 20.13 48.91
N TYR W 110 -70.05 19.58 47.80
CA TYR W 110 -70.57 18.21 47.75
C TYR W 110 -69.48 17.21 47.42
N LYS W 111 -68.61 17.54 46.47
CA LYS W 111 -67.49 16.66 46.15
C LYS W 111 -66.22 17.10 46.88
N HIS W 112 -65.91 18.41 46.83
CA HIS W 112 -64.71 18.92 47.49
C HIS W 112 -64.95 19.24 48.97
N GLY W 113 -66.15 19.68 49.32
CA GLY W 113 -66.53 19.80 50.72
C GLY W 113 -65.67 20.78 51.50
N TRP W 114 -65.19 20.33 52.66
CA TRP W 114 -64.49 21.20 53.59
C TRP W 114 -63.18 21.73 53.03
N VAL W 115 -62.70 21.17 51.91
CA VAL W 115 -61.54 21.73 51.24
C VAL W 115 -61.89 23.02 50.50
N PHE W 116 -63.13 23.48 50.59
CA PHE W 116 -63.57 24.66 49.86
C PHE W 116 -62.83 25.92 50.28
N PHE W 117 -62.20 25.92 51.45
CA PHE W 117 -61.38 27.06 51.86
C PHE W 117 -59.97 27.00 51.29
N SER W 118 -59.65 25.96 50.50
CA SER W 118 -58.35 25.82 49.88
C SER W 118 -58.35 26.06 48.37
N LEU W 119 -59.18 26.97 47.87
CA LEU W 119 -59.16 27.29 46.45
C LEU W 119 -59.10 28.79 46.16
N PHE W 120 -59.66 29.63 47.03
CA PHE W 120 -59.71 31.07 46.77
C PHE W 120 -58.34 31.72 46.67
N VAL W 121 -57.31 31.11 47.27
CA VAL W 121 -55.96 31.65 47.20
C VAL W 121 -55.18 30.78 46.21
N PRO W 122 -55.18 31.15 44.93
CA PRO W 122 -54.51 30.30 43.92
C PRO W 122 -53.05 30.03 44.22
N ALA W 123 -52.29 31.08 44.56
CA ALA W 123 -50.84 30.93 44.69
C ALA W 123 -50.35 31.13 46.12
N GLY W 124 -50.53 32.32 46.67
CA GLY W 124 -49.89 32.65 47.93
C GLY W 124 -50.74 33.53 48.82
N THR W 125 -50.16 34.65 49.25
CA THR W 125 -50.81 35.57 50.16
C THR W 125 -51.31 34.78 51.36
N PRO W 126 -50.42 34.28 52.21
CA PRO W 126 -50.86 33.47 53.36
C PRO W 126 -51.55 34.35 54.39
N LEU W 127 -51.86 33.77 55.56
CA LEU W 127 -52.60 34.43 56.64
C LEU W 127 -52.21 35.89 56.80
N PRO W 128 -50.93 36.23 56.59
CA PRO W 128 -50.55 37.65 56.54
C PRO W 128 -51.19 38.43 55.40
N LEU W 129 -51.67 37.76 54.34
CA LEU W 129 -52.25 38.48 53.21
C LEU W 129 -53.44 37.76 52.58
N VAL W 130 -53.95 36.70 53.21
CA VAL W 130 -55.05 35.93 52.59
C VAL W 130 -56.31 36.78 52.43
N PRO W 131 -56.73 37.59 53.41
CA PRO W 131 -58.02 38.26 53.28
C PRO W 131 -58.14 39.15 52.05
N LEU W 132 -57.06 39.84 51.68
CA LEU W 132 -57.14 40.71 50.50
C LEU W 132 -57.40 39.90 49.24
N LEU W 133 -56.71 38.76 49.09
CA LEU W 133 -56.94 37.89 47.93
C LEU W 133 -58.35 37.32 47.94
N VAL W 134 -58.84 36.92 49.12
CA VAL W 134 -60.19 36.39 49.20
C VAL W 134 -61.21 37.47 48.88
N ILE W 135 -60.86 38.73 49.17
CA ILE W 135 -61.77 39.86 48.92
C ILE W 135 -62.04 40.07 47.44
N ILE W 136 -61.16 39.65 46.56
CA ILE W 136 -61.36 39.74 45.12
C ILE W 136 -61.81 38.40 44.54
N GLU W 137 -61.40 37.29 45.18
CA GLU W 137 -61.95 35.99 44.77
C GLU W 137 -63.45 35.96 44.98
N THR W 138 -63.93 36.53 46.08
CA THR W 138 -65.37 36.61 46.32
C THR W 138 -66.05 37.44 45.24
N LEU W 139 -65.46 38.56 44.85
CA LEU W 139 -66.03 39.38 43.79
C LEU W 139 -66.08 38.60 42.48
N SER W 140 -65.02 37.85 42.19
CA SER W 140 -64.97 37.07 40.96
C SER W 140 -66.06 36.01 40.93
N TYR W 141 -66.22 35.27 42.03
CA TYR W 141 -67.27 34.26 42.09
C TYR W 141 -68.64 34.91 41.97
N PHE W 142 -68.83 36.05 42.64
CA PHE W 142 -70.12 36.73 42.59
C PHE W 142 -70.45 37.19 41.17
N ALA W 143 -69.47 37.78 40.49
CA ALA W 143 -69.70 38.37 39.18
C ALA W 143 -69.59 37.38 38.03
N ARG W 144 -69.11 36.15 38.27
CA ARG W 144 -69.13 35.15 37.21
C ARG W 144 -70.56 34.85 36.76
N ALA W 145 -71.52 34.97 37.68
CA ALA W 145 -72.91 34.84 37.30
C ALA W 145 -73.30 35.95 36.32
N ILE W 146 -73.04 37.20 36.66
CA ILE W 146 -73.41 38.30 35.78
C ILE W 146 -72.59 38.33 34.50
N SER W 147 -71.42 37.67 34.48
CA SER W 147 -70.61 37.63 33.27
C SER W 147 -71.25 36.76 32.20
N LEU W 148 -71.91 35.69 32.61
CA LEU W 148 -72.72 34.87 31.71
C LEU W 148 -74.21 35.17 31.86
N GLY W 149 -74.58 35.91 32.90
CA GLY W 149 -75.97 36.30 33.12
C GLY W 149 -76.20 37.73 32.66
N LEU W 150 -77.14 37.89 31.73
CA LEU W 150 -77.55 39.14 31.11
C LEU W 150 -76.50 39.68 30.16
N ARG W 151 -75.28 39.14 30.15
CA ARG W 151 -74.26 39.63 29.25
C ARG W 151 -74.61 39.28 27.81
N LEU W 152 -74.70 37.98 27.51
CA LEU W 152 -75.31 37.59 26.24
C LEU W 152 -76.73 38.11 26.15
N GLY W 153 -77.41 38.21 27.29
CA GLY W 153 -78.75 38.75 27.31
C GLY W 153 -78.81 40.21 26.87
N SER W 154 -77.94 41.04 27.42
CA SER W 154 -77.90 42.44 26.99
C SER W 154 -77.51 42.56 25.53
N ASN W 155 -76.52 41.77 25.09
CA ASN W 155 -76.11 41.79 23.70
C ASN W 155 -77.29 41.49 22.78
N ILE W 156 -78.01 40.41 23.08
CA ILE W 156 -79.16 40.04 22.25
C ILE W 156 -80.23 41.11 22.31
N LEU W 157 -80.55 41.59 23.52
CA LEU W 157 -81.65 42.53 23.68
C LEU W 157 -81.38 43.81 22.90
N ALA W 158 -80.15 44.32 22.98
CA ALA W 158 -79.80 45.53 22.25
C ALA W 158 -79.76 45.28 20.75
N GLY W 159 -79.12 44.19 20.32
CA GLY W 159 -79.02 43.93 18.89
C GLY W 159 -80.37 43.72 18.23
N HIS W 160 -81.36 43.32 19.03
CA HIS W 160 -82.71 43.17 18.51
C HIS W 160 -83.54 44.45 18.61
N LEU W 161 -83.52 45.13 19.75
CA LEU W 161 -84.36 46.31 19.95
C LEU W 161 -83.79 47.55 19.29
N LEU W 162 -82.57 47.50 18.75
CA LEU W 162 -82.09 48.61 17.94
C LEU W 162 -82.94 48.81 16.70
N MET W 163 -83.60 47.76 16.23
CA MET W 163 -84.50 47.89 15.09
C MET W 163 -85.69 48.78 15.43
N VAL W 164 -86.14 48.75 16.70
CA VAL W 164 -87.25 49.62 17.11
C VAL W 164 -86.84 51.08 16.98
N ILE W 165 -85.64 51.42 17.46
CA ILE W 165 -85.14 52.79 17.32
C ILE W 165 -84.96 53.14 15.85
N LEU W 166 -84.43 52.19 15.06
CA LEU W 166 -84.19 52.45 13.64
C LEU W 166 -85.51 52.77 12.92
N ALA W 167 -86.54 51.97 13.15
CA ALA W 167 -87.83 52.25 12.54
C ALA W 167 -88.40 53.57 13.02
N GLY W 168 -88.47 53.74 14.35
CA GLY W 168 -89.09 54.94 14.90
C GLY W 168 -88.43 56.22 14.42
N LEU W 169 -87.10 56.22 14.30
CA LEU W 169 -86.42 57.41 13.82
C LEU W 169 -86.49 57.51 12.29
N THR W 170 -85.87 56.57 11.58
CA THR W 170 -85.81 56.67 10.12
C THR W 170 -86.98 55.95 9.47
N PHE W 171 -88.20 56.23 9.95
CA PHE W 171 -89.38 55.90 9.15
C PHE W 171 -89.42 56.71 7.86
N ASN W 172 -88.91 57.93 7.87
CA ASN W 172 -88.97 58.84 6.73
C ASN W 172 -87.61 59.01 6.06
N PHE W 173 -86.87 57.91 5.88
CA PHE W 173 -85.65 57.97 5.09
C PHE W 173 -85.96 58.29 3.64
N MET W 174 -87.02 57.67 3.10
CA MET W 174 -87.41 57.90 1.71
C MET W 174 -88.91 57.82 1.46
N LEU W 175 -89.73 57.60 2.48
CA LEU W 175 -91.15 57.29 2.27
C LEU W 175 -91.89 58.40 1.54
N ILE W 176 -92.00 59.58 2.17
CA ILE W 176 -92.70 60.70 1.55
C ILE W 176 -91.88 61.97 1.72
N ASN W 177 -91.09 62.32 0.71
CA ASN W 177 -90.25 63.50 0.76
C ASN W 177 -89.56 63.71 -0.57
N LEU W 178 -88.79 64.79 -0.66
CA LEU W 178 -87.78 64.95 -1.70
C LEU W 178 -86.42 64.44 -1.26
N PHE W 179 -86.31 63.89 -0.06
CA PHE W 179 -85.07 63.30 0.44
C PHE W 179 -85.00 61.80 0.18
N THR W 180 -85.94 61.27 -0.61
CA THR W 180 -85.99 59.85 -0.91
C THR W 180 -84.83 59.36 -1.76
N LEU W 181 -84.06 60.28 -2.35
CA LEU W 181 -83.00 59.92 -3.28
C LEU W 181 -81.72 59.50 -2.57
N VAL W 182 -80.57 59.73 -3.22
CA VAL W 182 -79.28 59.33 -2.67
C VAL W 182 -78.90 60.13 -1.44
N PHE W 183 -79.65 61.18 -1.12
CA PHE W 183 -79.24 62.10 -0.06
C PHE W 183 -79.27 61.42 1.31
N GLY W 184 -80.36 60.76 1.66
CA GLY W 184 -80.52 60.14 2.95
C GLY W 184 -80.64 58.64 2.94
N PHE W 185 -80.52 58.01 1.77
CA PHE W 185 -80.68 56.56 1.65
C PHE W 185 -79.58 55.79 2.34
N VAL W 186 -78.48 56.45 2.71
CA VAL W 186 -77.42 55.78 3.47
C VAL W 186 -77.85 55.54 4.92
N PRO W 187 -78.67 56.39 5.54
CA PRO W 187 -79.10 56.11 6.92
C PRO W 187 -79.87 54.82 7.08
N LEU W 188 -80.66 54.42 6.09
CA LEU W 188 -81.42 53.19 6.18
C LEU W 188 -80.55 51.95 6.04
N ALA W 189 -79.26 52.11 5.71
CA ALA W 189 -78.38 50.96 5.53
C ALA W 189 -77.82 50.45 6.86
N MET W 190 -78.14 51.12 7.97
CA MET W 190 -77.65 50.66 9.26
C MET W 190 -78.44 49.48 9.78
N ILE W 191 -79.65 49.25 9.26
CA ILE W 191 -80.49 48.17 9.76
C ILE W 191 -79.86 46.82 9.48
N LEU W 192 -79.38 46.61 8.25
CA LEU W 192 -78.75 45.34 7.91
C LEU W 192 -77.44 45.16 8.67
N ALA W 193 -76.72 46.26 8.92
CA ALA W 193 -75.54 46.19 9.76
C ALA W 193 -75.90 45.76 11.17
N ILE W 194 -77.01 46.28 11.70
CA ILE W 194 -77.48 45.87 13.02
C ILE W 194 -77.86 44.40 13.01
N MET W 195 -78.45 43.93 11.91
CA MET W 195 -78.81 42.53 11.79
C MET W 195 -77.58 41.64 11.81
N MET W 196 -76.55 42.00 11.04
CA MET W 196 -75.30 41.23 11.02
C MET W 196 -74.64 41.27 12.39
N LEU W 197 -74.65 42.44 13.04
CA LEU W 197 -74.09 42.56 14.38
C LEU W 197 -74.79 41.67 15.38
N GLU W 198 -76.13 41.69 15.39
CA GLU W 198 -76.88 40.83 16.30
C GLU W 198 -76.62 39.35 16.00
N PHE W 199 -76.58 39.01 14.71
CA PHE W 199 -76.41 37.61 14.33
C PHE W 199 -75.05 37.07 14.76
N ALA W 200 -73.99 37.85 14.56
CA ALA W 200 -72.68 37.39 15.01
C ALA W 200 -72.58 37.42 16.52
N ILE W 201 -73.13 38.45 17.15
CA ILE W 201 -73.01 38.63 18.59
C ILE W 201 -73.72 37.51 19.33
N GLY W 202 -74.90 37.09 18.87
CA GLY W 202 -75.61 36.02 19.53
C GLY W 202 -74.86 34.71 19.54
N ILE W 203 -74.36 34.29 18.38
CA ILE W 203 -73.62 33.02 18.32
C ILE W 203 -72.34 33.10 19.13
N ILE W 204 -71.60 34.20 18.97
CA ILE W 204 -70.35 34.35 19.71
C ILE W 204 -70.62 34.39 21.21
N GLN W 205 -71.72 35.04 21.61
CA GLN W 205 -72.07 35.13 23.02
C GLN W 205 -72.52 33.81 23.60
N GLY W 206 -73.22 32.98 22.82
CA GLY W 206 -73.52 31.64 23.29
C GLY W 206 -72.26 30.82 23.49
N TYR W 207 -71.35 30.88 22.52
CA TYR W 207 -70.09 30.17 22.66
C TYR W 207 -69.31 30.67 23.87
N VAL W 208 -69.30 31.99 24.08
CA VAL W 208 -68.60 32.58 25.20
C VAL W 208 -69.27 32.18 26.51
N TRP W 209 -70.60 32.08 26.50
CA TRP W 209 -71.31 31.63 27.69
C TRP W 209 -70.86 30.22 28.06
N ALA W 210 -70.78 29.33 27.07
CA ALA W 210 -70.32 27.98 27.33
C ALA W 210 -68.90 27.99 27.86
N ILE W 211 -68.03 28.79 27.24
CA ILE W 211 -66.63 28.83 27.67
C ILE W 211 -66.51 29.36 29.08
N LEU W 212 -67.24 30.42 29.41
CA LEU W 212 -67.19 30.98 30.76
C LEU W 212 -67.73 29.98 31.78
N THR W 213 -68.78 29.24 31.41
CA THR W 213 -69.28 28.20 32.29
C THR W 213 -68.21 27.15 32.55
N ALA W 214 -67.53 26.70 31.50
CA ALA W 214 -66.47 25.71 31.68
C ALA W 214 -65.35 26.25 32.54
N SER W 215 -64.97 27.51 32.31
CA SER W 215 -63.89 28.12 33.07
C SER W 215 -64.23 28.23 34.55
N TYR W 216 -65.46 28.63 34.85
CA TYR W 216 -65.88 28.68 36.25
C TYR W 216 -65.95 27.29 36.85
N LEU W 217 -66.43 26.31 36.09
CA LEU W 217 -66.65 24.97 36.64
C LEU W 217 -65.34 24.26 36.93
N LYS W 218 -64.36 24.36 36.03
CA LYS W 218 -63.09 23.69 36.25
C LYS W 218 -62.29 24.37 37.36
N ASP W 219 -62.55 25.65 37.61
CA ASP W 219 -61.86 26.35 38.70
C ASP W 219 -62.27 25.78 40.05
N ALA W 220 -63.57 25.49 40.23
CA ALA W 220 -64.06 24.89 41.46
C ALA W 220 -64.11 23.37 41.41
N VAL W 221 -63.74 22.76 40.27
CA VAL W 221 -63.69 21.31 40.14
C VAL W 221 -62.27 20.78 40.23
N TYR W 222 -61.27 21.66 40.19
CA TYR W 222 -59.88 21.23 40.30
C TYR W 222 -59.17 22.27 41.18
N LEU W 223 -59.06 21.98 42.47
CA LEU W 223 -58.45 22.91 43.40
C LEU W 223 -56.94 22.81 43.34
N HIS W 224 -56.29 23.97 43.22
CA HIS W 224 -54.84 24.03 43.13
C HIS W 224 -54.22 24.26 44.49
N MET X 1 -83.20 5.11 14.26
CA MET X 1 -82.89 6.53 14.31
C MET X 1 -82.69 7.00 15.74
N LEU X 2 -83.80 7.29 16.41
CA LEU X 2 -83.78 7.87 17.75
C LEU X 2 -83.80 6.75 18.78
N LYS X 3 -82.92 6.85 19.77
CA LYS X 3 -82.88 5.93 20.89
C LYS X 3 -82.90 6.73 22.18
N ARG X 4 -82.96 6.02 23.30
CA ARG X 4 -82.83 6.63 24.62
C ARG X 4 -81.76 5.86 25.39
N PHE X 5 -80.51 6.28 25.25
CA PHE X 5 -79.40 5.61 25.91
C PHE X 5 -79.40 5.97 27.39
N PRO X 6 -78.71 5.20 28.24
CA PRO X 6 -78.72 5.51 29.68
C PRO X 6 -77.84 6.70 30.04
N THR X 7 -78.39 7.90 29.97
CA THR X 7 -77.62 9.10 30.30
C THR X 7 -77.67 9.39 31.80
N PRO X 8 -76.54 9.25 32.49
CA PRO X 8 -76.53 9.52 33.93
C PRO X 8 -76.41 11.01 34.22
N ILE X 9 -77.52 11.60 34.63
CA ILE X 9 -77.54 13.00 35.06
C ILE X 9 -78.28 13.04 36.39
N LEU X 10 -78.83 11.90 36.80
CA LEU X 10 -79.49 11.77 38.08
C LEU X 10 -78.53 11.80 39.25
N LYS X 11 -77.45 11.00 39.19
CA LYS X 11 -76.40 11.06 40.19
C LYS X 11 -75.20 11.89 39.74
N VAL X 12 -75.29 12.52 38.57
CA VAL X 12 -74.21 13.34 38.06
C VAL X 12 -74.60 14.81 38.12
N TYR X 13 -75.80 15.12 37.62
CA TYR X 13 -76.30 16.49 37.60
C TYR X 13 -77.29 16.76 38.73
N TRP X 14 -77.26 15.97 39.80
CA TRP X 14 -78.10 16.24 40.96
C TRP X 14 -77.76 17.55 41.65
N PRO X 15 -76.49 17.93 41.85
CA PRO X 15 -76.19 19.14 42.62
C PRO X 15 -76.68 20.42 41.96
N PHE X 16 -76.45 20.57 40.66
CA PHE X 16 -76.92 21.77 39.97
C PHE X 16 -78.44 21.85 40.01
N PHE X 17 -79.13 20.72 39.83
CA PHE X 17 -80.59 20.71 39.90
C PHE X 17 -81.07 21.12 41.28
N VAL X 18 -80.44 20.61 42.33
CA VAL X 18 -80.84 20.99 43.69
C VAL X 18 -80.63 22.48 43.91
N ALA X 19 -79.49 23.01 43.47
CA ALA X 19 -79.24 24.44 43.59
C ALA X 19 -80.27 25.25 42.82
N GLY X 20 -80.64 24.78 41.62
CA GLY X 20 -81.64 25.48 40.84
C GLY X 20 -83.01 25.45 41.48
N ALA X 21 -83.35 24.36 42.15
CA ALA X 21 -84.60 24.29 42.90
C ALA X 21 -84.59 25.29 44.04
N ALA X 22 -83.47 25.37 44.77
CA ALA X 22 -83.36 26.38 45.83
C ALA X 22 -83.48 27.78 45.26
N VAL X 23 -82.92 28.00 44.07
CA VAL X 23 -82.99 29.32 43.44
C VAL X 23 -84.44 29.64 43.04
N TYR X 24 -85.16 28.66 42.49
CA TYR X 24 -86.56 28.88 42.15
C TYR X 24 -87.39 29.18 43.38
N TYR X 25 -87.11 28.47 44.48
CA TYR X 25 -87.80 28.76 45.73
C TYR X 25 -87.49 30.16 46.25
N GLY X 26 -86.21 30.55 46.19
CA GLY X 26 -85.86 31.90 46.59
C GLY X 26 -86.53 32.95 45.70
N MET X 27 -86.65 32.65 44.41
CA MET X 27 -87.35 33.55 43.50
C MET X 27 -88.82 33.65 43.85
N SER X 28 -89.44 32.52 44.20
CA SER X 28 -90.84 32.56 44.62
C SER X 28 -91.00 33.39 45.88
N LYS X 29 -90.08 33.23 46.84
CA LYS X 29 -90.15 34.00 48.07
C LYS X 29 -89.96 35.49 47.81
N ALA X 30 -89.00 35.84 46.94
CA ALA X 30 -88.79 37.24 46.57
C ALA X 30 -89.92 37.77 45.72
N ALA X 31 -90.72 36.90 45.11
CA ALA X 31 -91.92 37.34 44.41
C ALA X 31 -92.98 37.81 45.40
N ASP X 32 -92.78 37.54 46.68
CA ASP X 32 -93.73 37.94 47.71
C ASP X 32 -93.11 38.79 48.80
N LEU X 33 -91.79 38.70 49.01
CA LEU X 33 -91.13 39.37 50.13
C LEU X 33 -90.17 40.45 49.68
N SER X 34 -89.12 40.08 48.94
CA SER X 34 -88.12 41.07 48.56
C SER X 34 -88.67 42.08 47.57
N SER X 35 -89.36 41.60 46.52
CA SER X 35 -89.96 42.49 45.54
C SER X 35 -91.37 42.91 45.92
N ASN X 36 -92.08 42.09 46.70
CA ASN X 36 -93.43 42.41 47.15
C ASN X 36 -94.36 42.75 45.98
N THR X 37 -94.28 41.96 44.93
CA THR X 37 -95.14 42.17 43.76
C THR X 37 -95.68 40.83 43.26
N GLU Y 1 18.27 -2.17 -16.54
CA GLU Y 1 17.17 -1.26 -16.32
C GLU Y 1 16.71 -1.33 -14.87
N VAL Y 2 17.22 -2.32 -14.14
CA VAL Y 2 16.90 -2.44 -12.72
C VAL Y 2 17.53 -1.30 -11.94
N GLU Y 3 18.73 -0.88 -12.32
CA GLU Y 3 19.40 0.22 -11.64
C GLU Y 3 18.61 1.52 -11.78
N MET Y 4 18.11 1.80 -12.98
CA MET Y 4 17.29 3.00 -13.19
C MET Y 4 16.00 2.91 -12.40
N ARG Y 5 15.40 1.71 -12.32
CA ARG Y 5 14.20 1.55 -11.51
C ARG Y 5 14.47 1.83 -10.04
N LEU Y 6 15.55 1.28 -9.49
CA LEU Y 6 15.87 1.51 -8.08
C LEU Y 6 16.15 2.99 -7.82
N LYS Y 7 16.93 3.63 -8.69
CA LYS Y 7 17.24 5.03 -8.48
C LYS Y 7 16.02 5.93 -8.65
N SER Y 8 15.15 5.62 -9.61
CA SER Y 8 13.93 6.40 -9.80
C SER Y 8 12.98 6.24 -8.63
N ILE Y 9 12.86 5.02 -8.10
CA ILE Y 9 12.07 4.83 -6.90
C ILE Y 9 12.69 5.59 -5.73
N LYS Y 10 14.01 5.63 -5.64
CA LYS Y 10 14.66 6.41 -4.58
C LYS Y 10 14.35 7.89 -4.73
N ASN Y 11 14.39 8.40 -5.96
CA ASN Y 11 14.06 9.80 -6.18
C ASN Y 11 12.61 10.09 -5.83
N ILE Y 12 11.71 9.18 -6.18
CA ILE Y 12 10.30 9.34 -5.83
C ILE Y 12 10.14 9.32 -4.31
N GLU Y 13 10.95 8.51 -3.63
CA GLU Y 13 10.90 8.47 -2.17
C GLU Y 13 11.38 9.80 -1.56
N LYS Y 14 12.44 10.37 -2.13
CA LYS Y 14 12.89 11.68 -1.66
C LYS Y 14 11.83 12.74 -1.88
N ILE Y 15 11.19 12.72 -3.05
CA ILE Y 15 10.11 13.66 -3.32
C ILE Y 15 8.96 13.44 -2.36
N THR Y 16 8.66 12.18 -2.04
CA THR Y 16 7.60 11.88 -1.10
C THR Y 16 7.93 12.41 0.29
N LYS Y 17 9.20 12.29 0.70
CA LYS Y 17 9.60 12.84 1.99
C LYS Y 17 9.45 14.36 2.00
N THR Y 18 9.82 15.02 0.90
CA THR Y 18 9.63 16.46 0.82
C THR Y 18 8.15 16.83 0.90
N MET Y 19 7.30 16.08 0.20
CA MET Y 19 5.87 16.29 0.32
C MET Y 19 5.38 16.04 1.73
N LYS Y 20 5.96 15.09 2.45
CA LYS Y 20 5.58 14.86 3.84
C LYS Y 20 5.94 16.05 4.72
N ILE Y 21 7.10 16.65 4.48
CA ILE Y 21 7.47 17.85 5.23
C ILE Y 21 6.50 18.98 4.93
N VAL Y 22 6.17 19.18 3.66
CA VAL Y 22 5.20 20.21 3.30
C VAL Y 22 3.84 19.92 3.94
N ALA Y 23 3.49 18.64 4.01
CA ALA Y 23 2.25 18.24 4.66
C ALA Y 23 2.26 18.61 6.13
N SER Y 24 3.38 18.36 6.81
CA SER Y 24 3.47 18.74 8.22
C SER Y 24 3.30 20.24 8.38
N THR Y 25 3.97 21.01 7.51
CA THR Y 25 3.90 22.46 7.60
C THR Y 25 2.47 22.96 7.41
N ARG Y 26 1.75 22.40 6.44
CA ARG Y 26 0.36 22.83 6.23
C ARG Y 26 -0.56 22.29 7.31
N LEU Y 27 -0.27 21.10 7.84
CA LEU Y 27 -1.15 20.46 8.81
C LEU Y 27 -1.12 21.17 10.14
N SER Y 28 0.04 21.73 10.50
CA SER Y 28 0.10 22.53 11.73
C SER Y 28 -0.91 23.66 11.69
N LYS Y 29 -0.91 24.44 10.60
CA LYS Y 29 -1.85 25.55 10.46
C LYS Y 29 -3.29 25.05 10.37
N ALA Y 30 -3.52 23.97 9.61
CA ALA Y 30 -4.89 23.49 9.46
C ALA Y 30 -5.47 23.05 10.81
N GLU Y 31 -4.69 22.34 11.61
CA GLU Y 31 -5.14 21.97 12.94
C GLU Y 31 -5.33 23.19 13.82
N LYS Y 32 -4.41 24.16 13.75
CA LYS Y 32 -4.56 25.37 14.55
C LYS Y 32 -5.88 26.06 14.26
N ALA Y 33 -6.24 26.16 12.98
CA ALA Y 33 -7.52 26.76 12.64
C ALA Y 33 -8.69 25.91 13.11
N LYS Y 34 -8.66 24.60 12.83
CA LYS Y 34 -9.79 23.75 13.14
C LYS Y 34 -10.08 23.73 14.63
N ILE Y 35 -9.06 23.88 15.47
CA ILE Y 35 -9.27 23.85 16.91
C ILE Y 35 -10.27 24.91 17.34
N SER Y 36 -10.04 26.16 16.94
CA SER Y 36 -10.97 27.21 17.32
C SER Y 36 -12.25 27.16 16.50
N ALA Y 37 -12.16 26.73 15.23
CA ALA Y 37 -13.34 26.74 14.37
C ALA Y 37 -14.41 25.77 14.87
N LYS Y 38 -13.99 24.60 15.35
CA LYS Y 38 -14.95 23.63 15.86
C LYS Y 38 -15.74 24.22 17.03
N LYS Y 39 -15.05 24.87 17.96
CA LYS Y 39 -15.73 25.51 19.08
C LYS Y 39 -16.62 26.65 18.60
N MET Y 40 -16.16 27.40 17.59
CA MET Y 40 -16.96 28.50 17.06
C MET Y 40 -18.28 27.99 16.51
N ASP Y 41 -18.23 26.89 15.77
CA ASP Y 41 -19.47 26.31 15.24
C ASP Y 41 -20.31 25.68 16.33
N GLU Y 42 -19.67 25.09 17.35
CA GLU Y 42 -20.42 24.52 18.46
C GLU Y 42 -21.18 25.60 19.22
N ALA Y 43 -20.66 26.83 19.24
CA ALA Y 43 -21.36 27.90 19.93
C ALA Y 43 -22.75 28.14 19.36
N GLU Y 44 -22.89 28.27 18.03
CA GLU Y 44 -24.18 28.43 17.38
C GLU Y 44 -24.95 27.11 17.29
N GLN Y 45 -24.25 25.98 17.25
CA GLN Y 45 -24.90 24.70 17.37
C GLN Y 45 -25.64 24.54 18.70
N LEU Y 46 -25.09 25.09 19.77
CA LEU Y 46 -25.79 25.11 21.05
C LEU Y 46 -27.15 25.77 20.92
N PHE Y 47 -27.25 26.86 20.19
CA PHE Y 47 -28.54 27.42 19.84
C PHE Y 47 -29.37 26.50 18.96
N TYR Y 48 -28.75 25.91 17.93
CA TYR Y 48 -29.49 24.97 17.08
C TYR Y 48 -29.92 23.74 17.86
N LYS Y 49 -29.26 23.45 18.98
CA LYS Y 49 -29.78 22.47 19.92
C LYS Y 49 -30.73 23.13 20.92
N ASN Y 50 -30.46 24.38 21.28
CA ASN Y 50 -31.38 25.09 22.16
C ASN Y 50 -32.74 25.24 21.50
N ALA Y 51 -32.76 25.41 20.19
CA ALA Y 51 -33.98 25.46 19.40
C ALA Y 51 -33.78 24.50 18.24
N GLU Y 52 -34.54 23.40 18.24
CA GLU Y 52 -34.51 22.45 17.14
C GLU Y 52 -34.61 23.19 15.81
N THR Y 53 -33.49 23.30 15.11
CA THR Y 53 -33.37 24.21 13.99
C THR Y 53 -33.42 23.43 12.67
N LYS Y 54 -34.37 22.50 12.59
CA LYS Y 54 -34.58 21.75 11.37
C LYS Y 54 -35.07 22.67 10.27
N ASN Y 55 -34.42 22.58 9.11
CA ASN Y 55 -34.74 23.41 7.96
C ASN Y 55 -35.49 22.58 6.93
N LEU Y 56 -36.67 23.05 6.55
CA LEU Y 56 -37.48 22.40 5.52
C LEU Y 56 -37.38 23.20 4.24
N ASP Y 57 -37.12 22.51 3.14
CA ASP Y 57 -37.03 23.10 1.82
C ASP Y 57 -35.88 24.09 1.71
N LYS Y 67 -32.85 25.84 -6.86
CA LYS Y 67 -32.69 26.96 -5.95
C LYS Y 67 -32.02 26.52 -4.65
N GLU Y 68 -31.66 25.24 -4.58
CA GLU Y 68 -30.95 24.70 -3.43
C GLU Y 68 -29.54 24.32 -3.88
N LEU Y 69 -28.55 24.95 -3.25
CA LEU Y 69 -27.17 24.90 -3.69
C LEU Y 69 -26.58 23.52 -3.47
N ILE Y 70 -25.51 23.22 -4.21
CA ILE Y 70 -24.74 21.99 -4.03
C ILE Y 70 -23.30 22.38 -3.71
N VAL Y 71 -22.76 21.80 -2.64
CA VAL Y 71 -21.47 22.24 -2.09
C VAL Y 71 -20.60 21.01 -1.82
N ALA Y 72 -19.30 21.26 -1.63
CA ALA Y 72 -18.34 20.23 -1.28
C ALA Y 72 -17.17 20.84 -0.50
N ILE Y 73 -16.32 19.99 0.05
CA ILE Y 73 -15.18 20.42 0.87
C ILE Y 73 -13.89 19.90 0.25
N THR Y 74 -13.01 20.81 -0.14
CA THR Y 74 -11.69 20.48 -0.66
C THR Y 74 -10.84 21.74 -0.66
N SER Y 75 -9.58 21.60 -0.25
CA SER Y 75 -8.65 22.71 -0.14
C SER Y 75 -7.95 22.92 -1.49
N ASP Y 76 -6.89 23.74 -1.50
CA ASP Y 76 -6.23 24.15 -2.74
C ASP Y 76 -5.24 23.12 -3.26
N LYS Y 77 -5.49 21.83 -3.02
CA LYS Y 77 -4.66 20.76 -3.53
C LYS Y 77 -5.45 19.89 -4.51
N GLY Y 78 -4.74 19.25 -5.43
CA GLY Y 78 -5.32 18.39 -6.44
C GLY Y 78 -5.33 16.93 -6.08
N LEU Y 79 -6.22 16.54 -5.16
CA LEU Y 79 -6.47 15.16 -4.78
C LEU Y 79 -5.32 14.58 -3.98
N CYS Y 80 -5.64 13.76 -2.97
CA CYS Y 80 -4.64 12.98 -2.26
C CYS Y 80 -5.32 11.70 -1.76
N GLY Y 81 -5.26 10.66 -2.58
CA GLY Y 81 -5.77 9.35 -2.20
C GLY Y 81 -7.28 9.24 -2.32
N SER Y 82 -7.98 9.79 -1.32
CA SER Y 82 -9.43 9.87 -1.36
C SER Y 82 -9.91 11.25 -0.92
N ILE Y 83 -9.02 12.26 -0.94
CA ILE Y 83 -9.40 13.61 -0.53
C ILE Y 83 -10.39 14.21 -1.51
N HIS Y 84 -10.08 14.13 -2.81
CA HIS Y 84 -10.95 14.69 -3.83
C HIS Y 84 -11.93 13.69 -4.42
N SER Y 85 -11.59 12.39 -4.39
CA SER Y 85 -12.44 11.39 -5.05
C SER Y 85 -13.78 11.23 -4.33
N GLN Y 86 -13.74 11.11 -2.99
CA GLN Y 86 -14.98 10.90 -2.25
C GLN Y 86 -15.92 12.09 -2.38
N LEU Y 87 -15.37 13.30 -2.34
CA LEU Y 87 -16.20 14.48 -2.55
C LEU Y 87 -16.75 14.53 -3.97
N ALA Y 88 -15.97 14.08 -4.95
CA ALA Y 88 -16.44 14.05 -6.33
C ALA Y 88 -17.60 13.07 -6.49
N LYS Y 89 -17.53 11.92 -5.81
CA LYS Y 89 -18.65 10.98 -5.87
C LYS Y 89 -19.93 11.60 -5.31
N ALA Y 90 -19.83 12.28 -4.17
CA ALA Y 90 -21.00 12.94 -3.61
C ALA Y 90 -21.50 14.06 -4.51
N VAL Y 91 -20.56 14.75 -5.17
CA VAL Y 91 -20.95 15.80 -6.12
C VAL Y 91 -21.72 15.21 -7.29
N ARG Y 92 -21.27 14.07 -7.82
CA ARG Y 92 -21.98 13.41 -8.92
C ARG Y 92 -23.34 12.90 -8.47
N ARG Y 93 -23.42 12.38 -7.24
CA ARG Y 93 -24.70 11.94 -6.70
C ARG Y 93 -25.68 13.11 -6.59
N HIS Y 94 -25.21 14.26 -6.09
CA HIS Y 94 -26.06 15.44 -6.01
C HIS Y 94 -26.47 15.92 -7.40
N LEU Y 95 -25.54 15.87 -8.36
CA LEU Y 95 -25.87 16.27 -9.72
C LEU Y 95 -26.96 15.38 -10.30
N ASN Y 96 -26.89 14.08 -10.05
CA ASN Y 96 -27.96 13.19 -10.48
C ASN Y 96 -29.26 13.50 -9.75
N ASP Y 97 -29.20 13.67 -8.43
CA ASP Y 97 -30.42 13.85 -7.64
C ASP Y 97 -31.04 15.22 -7.91
N GLN Y 98 -30.22 16.26 -7.91
CA GLN Y 98 -30.68 17.64 -8.09
C GLN Y 98 -29.88 18.28 -9.21
N PRO Y 99 -30.17 17.91 -10.47
CA PRO Y 99 -29.45 18.54 -11.59
C PRO Y 99 -29.58 20.04 -11.61
N ASN Y 100 -30.74 20.58 -11.22
CA ASN Y 100 -30.95 22.02 -11.13
C ASN Y 100 -30.39 22.62 -9.84
N ALA Y 101 -29.50 21.90 -9.14
CA ALA Y 101 -28.89 22.44 -7.93
C ALA Y 101 -27.63 23.22 -8.30
N ASP Y 102 -27.57 24.47 -7.87
CA ASP Y 102 -26.39 25.28 -8.10
C ASP Y 102 -25.20 24.74 -7.32
N ILE Y 103 -24.02 24.81 -7.92
CA ILE Y 103 -22.78 24.31 -7.33
C ILE Y 103 -21.96 25.50 -6.86
N VAL Y 104 -21.36 25.36 -5.69
CA VAL Y 104 -20.39 26.32 -5.17
C VAL Y 104 -19.02 25.67 -5.33
N THR Y 105 -18.24 26.15 -6.29
CA THR Y 105 -16.94 25.59 -6.61
C THR Y 105 -15.89 26.23 -5.71
N ILE Y 106 -15.37 25.44 -4.77
CA ILE Y 106 -14.50 25.96 -3.72
C ILE Y 106 -13.11 25.40 -3.93
N GLY Y 107 -12.11 26.28 -3.84
CA GLY Y 107 -10.74 25.86 -4.02
C GLY Y 107 -10.44 25.52 -5.46
N ASP Y 108 -9.65 24.47 -5.68
CA ASP Y 108 -9.35 24.04 -7.03
C ASP Y 108 -9.93 22.67 -7.35
N LYS Y 109 -9.58 21.65 -6.56
CA LYS Y 109 -10.04 20.30 -6.87
C LYS Y 109 -11.56 20.21 -6.83
N ILE Y 110 -12.18 20.78 -5.80
CA ILE Y 110 -13.62 20.85 -5.77
C ILE Y 110 -14.14 21.74 -6.88
N LYS Y 111 -13.41 22.80 -7.22
CA LYS Y 111 -13.81 23.66 -8.33
C LYS Y 111 -13.84 22.87 -9.64
N MET Y 112 -12.77 22.13 -9.92
CA MET Y 112 -12.73 21.30 -11.13
C MET Y 112 -13.79 20.22 -11.12
N GLN Y 113 -14.03 19.57 -9.97
CA GLN Y 113 -15.03 18.51 -9.91
C GLN Y 113 -16.43 19.08 -10.13
N LEU Y 114 -16.71 20.26 -9.55
CA LEU Y 114 -18.01 20.89 -9.73
C LEU Y 114 -18.22 21.41 -11.14
N LEU Y 115 -17.15 21.87 -11.80
CA LEU Y 115 -17.27 22.30 -13.19
C LEU Y 115 -17.49 21.11 -14.11
N ARG Y 116 -17.15 19.90 -13.65
CA ARG Y 116 -17.27 18.71 -14.49
C ARG Y 116 -18.72 18.31 -14.75
N THR Y 117 -19.56 18.28 -13.72
CA THR Y 117 -20.88 17.67 -13.84
C THR Y 117 -21.86 18.58 -14.57
N HIS Y 118 -22.16 19.75 -14.00
CA HIS Y 118 -23.17 20.66 -14.52
C HIS Y 118 -22.55 22.03 -14.73
N PRO Y 119 -22.43 22.47 -15.98
CA PRO Y 119 -22.00 23.86 -16.23
C PRO Y 119 -22.94 24.89 -15.62
N ASN Y 120 -24.24 24.59 -15.56
CA ASN Y 120 -25.21 25.53 -15.02
C ASN Y 120 -25.31 25.49 -13.50
N ASN Y 121 -24.52 24.63 -12.85
CA ASN Y 121 -24.54 24.54 -11.39
C ASN Y 121 -23.52 25.45 -10.72
N ILE Y 122 -22.26 25.46 -11.19
CA ILE Y 122 -21.24 26.29 -10.57
C ILE Y 122 -21.61 27.76 -10.74
N LYS Y 123 -21.86 28.43 -9.63
CA LYS Y 123 -22.24 29.83 -9.66
C LYS Y 123 -21.03 30.70 -9.29
N LEU Y 124 -20.02 30.08 -8.71
CA LEU Y 124 -18.76 30.73 -8.41
C LEU Y 124 -17.62 29.81 -8.80
N SER Y 125 -16.48 30.40 -9.15
CA SER Y 125 -15.27 29.62 -9.37
C SER Y 125 -14.11 30.37 -8.72
N ILE Y 126 -13.89 30.12 -7.44
CA ILE Y 126 -12.82 30.75 -6.68
C ILE Y 126 -11.77 29.70 -6.37
N ASN Y 127 -10.51 30.04 -6.60
CA ASN Y 127 -9.41 29.10 -6.45
C ASN Y 127 -8.56 29.46 -5.25
N GLY Y 128 -7.67 28.53 -4.91
CA GLY Y 128 -6.67 28.78 -3.88
C GLY Y 128 -7.21 29.08 -2.50
N ILE Y 129 -8.33 28.47 -2.12
CA ILE Y 129 -8.84 28.62 -0.77
C ILE Y 129 -7.93 27.95 0.24
N GLY Y 130 -7.40 26.77 -0.10
CA GLY Y 130 -6.48 26.06 0.76
C GLY Y 130 -5.07 26.57 0.66
N LYS Y 131 -4.90 27.89 0.78
CA LYS Y 131 -3.57 28.46 0.80
C LYS Y 131 -2.85 28.20 2.12
N ASP Y 132 -3.59 28.19 3.23
CA ASP Y 132 -3.02 28.05 4.56
C ASP Y 132 -4.13 27.67 5.52
N ALA Y 133 -3.87 27.86 6.81
CA ALA Y 133 -4.88 27.63 7.84
C ALA Y 133 -6.20 28.33 7.49
N PRO Y 134 -7.32 27.81 7.98
CA PRO Y 134 -8.59 28.52 7.78
C PRO Y 134 -8.61 29.84 8.53
N THR Y 135 -8.60 30.94 7.78
CA THR Y 135 -8.60 32.27 8.35
C THR Y 135 -10.03 32.76 8.53
N PHE Y 136 -10.29 33.43 9.65
CA PHE Y 136 -11.63 33.94 9.90
C PHE Y 136 -12.07 34.94 8.85
N GLN Y 137 -11.19 35.86 8.45
CA GLN Y 137 -11.59 36.91 7.52
C GLN Y 137 -11.77 36.37 6.10
N GLU Y 138 -10.90 35.46 5.67
CA GLU Y 138 -11.04 34.90 4.33
C GLU Y 138 -12.33 34.09 4.21
N SER Y 139 -12.59 33.23 5.20
CA SER Y 139 -13.84 32.46 5.19
C SER Y 139 -15.05 33.40 5.28
N ALA Y 140 -14.97 34.42 6.12
CA ALA Y 140 -16.08 35.35 6.25
C ALA Y 140 -16.34 36.11 4.95
N LEU Y 141 -15.28 36.53 4.26
CA LEU Y 141 -15.46 37.21 2.99
C LEU Y 141 -16.01 36.28 1.93
N ILE Y 142 -15.57 35.01 1.94
CA ILE Y 142 -16.13 34.03 1.01
C ILE Y 142 -17.63 33.88 1.24
N ALA Y 143 -18.02 33.78 2.51
CA ALA Y 143 -19.45 33.67 2.83
C ALA Y 143 -20.21 34.93 2.44
N ASP Y 144 -19.65 36.10 2.73
CA ASP Y 144 -20.32 37.36 2.43
C ASP Y 144 -20.55 37.51 0.93
N LYS Y 145 -19.55 37.13 0.13
CA LYS Y 145 -19.75 37.03 -1.30
C LYS Y 145 -20.81 36.00 -1.65
N LEU Y 146 -20.80 34.84 -0.99
CA LEU Y 146 -21.86 33.85 -1.21
C LEU Y 146 -23.22 34.39 -0.78
N LEU Y 147 -23.26 35.11 0.34
CA LEU Y 147 -24.48 35.76 0.81
C LEU Y 147 -24.89 36.94 -0.05
N SER Y 148 -24.17 37.21 -1.13
CA SER Y 148 -24.44 38.34 -2.01
C SER Y 148 -24.41 38.00 -3.49
N VAL Y 149 -24.07 36.76 -3.85
CA VAL Y 149 -23.80 36.44 -5.24
C VAL Y 149 -25.09 36.37 -6.06
N MET Y 150 -25.93 35.38 -5.79
CA MET Y 150 -27.20 35.20 -6.49
C MET Y 150 -28.36 34.94 -5.54
N LYS Y 151 -28.36 35.60 -4.38
CA LYS Y 151 -29.35 35.35 -3.32
C LYS Y 151 -29.25 33.90 -2.83
N ALA Y 152 -28.05 33.52 -2.42
CA ALA Y 152 -27.86 32.22 -1.78
C ALA Y 152 -28.58 32.17 -0.44
N GLY Y 153 -28.87 33.33 0.16
CA GLY Y 153 -29.80 33.37 1.27
C GLY Y 153 -31.20 32.98 0.86
N THR Y 154 -31.61 33.33 -0.37
CA THR Y 154 -32.90 32.90 -0.88
C THR Y 154 -32.93 31.41 -1.19
N TYR Y 155 -31.76 30.77 -1.28
CA TYR Y 155 -31.71 29.33 -1.43
C TYR Y 155 -32.39 28.68 -0.23
N PRO Y 156 -33.57 28.08 -0.40
CA PRO Y 156 -34.31 27.60 0.77
C PRO Y 156 -33.55 26.61 1.62
N LYS Y 157 -32.80 25.69 1.00
CA LYS Y 157 -31.96 24.75 1.70
C LYS Y 157 -30.60 24.69 1.02
N ILE Y 158 -29.58 24.32 1.80
CA ILE Y 158 -28.22 24.18 1.29
C ILE Y 158 -27.53 23.11 2.12
N SER Y 159 -27.02 22.07 1.46
CA SER Y 159 -26.38 20.95 2.12
C SER Y 159 -24.88 21.06 1.93
N ILE Y 160 -24.14 20.95 3.03
CA ILE Y 160 -22.68 21.06 3.01
C ILE Y 160 -22.12 19.65 2.96
N PHE Y 161 -21.74 19.19 1.77
CA PHE Y 161 -21.15 17.87 1.60
C PHE Y 161 -19.69 18.01 2.02
N TYR Y 162 -19.45 17.94 3.32
CA TYR Y 162 -18.17 18.34 3.90
C TYR Y 162 -17.47 17.16 4.55
N ASN Y 163 -16.16 17.20 4.53
CA ASN Y 163 -15.34 16.16 5.13
C ASN Y 163 -15.61 16.08 6.62
N ASP Y 164 -15.65 14.85 7.14
CA ASP Y 164 -15.84 14.58 8.57
C ASP Y 164 -14.70 13.68 9.02
N PRO Y 165 -13.48 14.20 9.11
CA PRO Y 165 -12.34 13.36 9.50
C PRO Y 165 -12.46 12.93 10.95
N VAL Y 166 -12.76 11.66 11.16
CA VAL Y 166 -13.00 11.14 12.51
C VAL Y 166 -11.70 11.20 13.31
N SER Y 167 -10.71 10.38 12.93
CA SER Y 167 -9.38 10.50 13.53
C SER Y 167 -8.30 10.78 12.49
N SER Y 168 -8.18 9.94 11.46
CA SER Y 168 -7.17 10.17 10.43
C SER Y 168 -7.78 10.40 9.05
N LEU Y 169 -8.61 9.47 8.58
CA LEU Y 169 -9.25 9.60 7.27
C LEU Y 169 -10.64 9.00 7.22
N SER Y 170 -11.23 8.63 8.36
CA SER Y 170 -12.57 8.02 8.39
C SER Y 170 -13.59 9.12 8.08
N PHE Y 171 -13.74 9.40 6.79
CA PHE Y 171 -14.56 10.50 6.32
C PHE Y 171 -14.98 10.29 4.86
N GLU Y 172 -15.97 11.09 4.45
CA GLU Y 172 -16.42 11.34 3.10
C GLU Y 172 -17.05 12.72 3.10
N PRO Y 173 -17.51 13.21 1.96
CA PRO Y 173 -18.12 14.55 1.98
C PRO Y 173 -19.53 14.53 2.55
N SER Y 174 -19.65 14.31 3.87
CA SER Y 174 -20.95 14.08 4.48
C SER Y 174 -21.83 15.32 4.35
N GLU Y 175 -23.14 15.09 4.26
CA GLU Y 175 -24.13 16.12 3.97
C GLU Y 175 -24.86 16.51 5.25
N LYS Y 176 -25.05 17.81 5.45
CA LYS Y 176 -25.71 18.36 6.64
C LYS Y 176 -26.64 19.50 6.25
N PRO Y 177 -27.62 19.85 7.08
CA PRO Y 177 -28.50 20.97 6.74
C PRO Y 177 -28.01 22.29 7.33
N ILE Y 178 -28.53 23.39 6.79
CA ILE Y 178 -28.21 24.74 7.25
C ILE Y 178 -29.51 25.44 7.61
N PHE Y 179 -29.52 26.09 8.78
CA PHE Y 179 -30.69 26.83 9.24
C PHE Y 179 -30.69 28.20 8.57
N ASN Y 180 -31.66 28.44 7.69
CA ASN Y 180 -31.69 29.65 6.90
C ASN Y 180 -32.55 30.73 7.57
N ALA Y 181 -32.79 31.81 6.82
CA ALA Y 181 -33.53 32.94 7.37
C ALA Y 181 -34.95 32.54 7.77
N LYS Y 182 -35.62 31.75 6.94
CA LYS Y 182 -36.97 31.30 7.27
C LYS Y 182 -36.96 30.20 8.32
N THR Y 183 -35.97 29.31 8.28
CA THR Y 183 -35.92 28.15 9.15
C THR Y 183 -35.39 28.47 10.55
N ILE Y 184 -34.88 29.69 10.76
CA ILE Y 184 -34.37 30.06 12.07
C ILE Y 184 -35.49 30.62 12.95
N GLU Y 185 -36.26 31.56 12.41
CA GLU Y 185 -37.32 32.19 13.19
C GLU Y 185 -38.43 31.21 13.53
N GLN Y 186 -38.96 30.51 12.52
CA GLN Y 186 -40.06 29.57 12.70
C GLN Y 186 -39.55 28.15 12.90
N SER Y 187 -38.58 28.00 13.74
CA SER Y 187 -38.36 26.60 14.01
C SER Y 187 -39.32 26.12 15.09
N PRO Y 188 -39.69 24.83 15.08
CA PRO Y 188 -40.66 24.35 16.07
C PRO Y 188 -40.24 24.60 17.50
N SER Y 189 -38.95 24.43 17.80
CA SER Y 189 -38.41 24.72 19.12
C SER Y 189 -37.75 26.09 19.15
N PHE Y 190 -37.88 26.86 18.06
CA PHE Y 190 -37.48 28.26 18.10
C PHE Y 190 -38.37 29.08 19.01
N GLY Y 191 -39.50 28.54 19.45
CA GLY Y 191 -40.26 29.19 20.50
C GLY Y 191 -39.48 29.32 21.79
N LYS Y 192 -38.49 28.43 21.98
CA LYS Y 192 -37.65 28.52 23.17
C LYS Y 192 -36.86 29.82 23.18
N PHE Y 193 -35.95 30.00 22.22
CA PHE Y 193 -35.15 31.21 22.11
C PHE Y 193 -35.94 32.26 21.33
N GLU Y 194 -36.18 33.40 21.95
CA GLU Y 194 -37.02 34.45 21.37
C GLU Y 194 -36.20 35.38 20.49
N ILE Y 195 -36.90 36.00 19.53
CA ILE Y 195 -36.31 36.97 18.61
C ILE Y 195 -37.08 38.27 18.71
N ASP Y 196 -36.48 39.33 18.17
CA ASP Y 196 -37.07 40.66 18.22
C ASP Y 196 -37.46 41.10 16.81
N THR Y 197 -38.63 41.71 16.68
CA THR Y 197 -39.06 42.19 15.38
C THR Y 197 -38.10 43.23 14.83
N ASP Y 198 -37.65 44.16 15.67
CA ASP Y 198 -36.76 45.22 15.21
C ASP Y 198 -35.35 44.70 14.96
N ALA Y 199 -34.90 43.72 15.76
CA ALA Y 199 -33.52 43.28 15.66
C ALA Y 199 -33.26 42.49 14.37
N ASN Y 200 -34.31 42.00 13.72
CA ASN Y 200 -34.19 41.22 12.50
C ASN Y 200 -33.24 40.02 12.71
N VAL Y 201 -33.56 39.22 13.73
CA VAL Y 201 -32.69 38.11 14.08
C VAL Y 201 -32.59 37.09 12.96
N PRO Y 202 -33.69 36.64 12.34
CA PRO Y 202 -33.61 35.47 11.43
C PRO Y 202 -32.56 35.57 10.36
N ARG Y 203 -32.46 36.70 9.66
CA ARG Y 203 -31.47 36.84 8.60
C ARG Y 203 -30.05 36.74 9.16
N ASP Y 204 -29.79 37.44 10.25
CA ASP Y 204 -28.46 37.43 10.85
C ASP Y 204 -28.10 36.04 11.37
N LEU Y 205 -29.06 35.33 11.94
CA LEU Y 205 -28.81 33.97 12.40
C LEU Y 205 -28.50 33.06 11.23
N PHE Y 206 -29.22 33.20 10.12
CA PHE Y 206 -28.91 32.41 8.94
C PHE Y 206 -27.49 32.68 8.46
N GLU Y 207 -27.14 33.95 8.33
CA GLU Y 207 -25.81 34.30 7.83
C GLU Y 207 -24.72 33.79 8.76
N TYR Y 208 -24.89 34.00 10.07
CA TYR Y 208 -23.85 33.59 11.00
C TYR Y 208 -23.77 32.08 11.14
N THR Y 209 -24.90 31.37 10.99
CA THR Y 209 -24.87 29.91 10.99
C THR Y 209 -24.11 29.41 9.77
N LEU Y 210 -24.35 30.02 8.61
CA LEU Y 210 -23.55 29.69 7.44
C LEU Y 210 -22.07 29.97 7.69
N ALA Y 211 -21.77 31.09 8.35
CA ALA Y 211 -20.39 31.45 8.61
C ALA Y 211 -19.70 30.42 9.49
N ASN Y 212 -20.29 30.10 10.64
CA ASN Y 212 -19.67 29.15 11.56
C ASN Y 212 -19.57 27.77 10.94
N GLN Y 213 -20.62 27.31 10.27
CA GLN Y 213 -20.57 26.01 9.62
C GLN Y 213 -19.47 25.98 8.56
N MET Y 214 -19.38 27.02 7.73
CA MET Y 214 -18.38 27.07 6.67
C MET Y 214 -16.97 27.12 7.23
N LEU Y 215 -16.73 27.96 8.23
CA LEU Y 215 -15.38 28.04 8.81
C LEU Y 215 -14.98 26.72 9.44
N THR Y 216 -15.88 26.13 10.24
CA THR Y 216 -15.54 24.87 10.87
C THR Y 216 -15.32 23.77 9.84
N ALA Y 217 -16.17 23.73 8.81
CA ALA Y 217 -16.07 22.68 7.80
C ALA Y 217 -14.81 22.84 6.96
N MET Y 218 -14.49 24.07 6.56
CA MET Y 218 -13.28 24.29 5.78
C MET Y 218 -12.03 24.01 6.59
N ALA Y 219 -12.04 24.37 7.88
CA ALA Y 219 -10.90 24.05 8.73
C ALA Y 219 -10.73 22.54 8.88
N GLN Y 220 -11.84 21.83 9.11
CA GLN Y 220 -11.78 20.37 9.20
C GLN Y 220 -11.33 19.76 7.88
N GLY Y 221 -11.79 20.29 6.75
CA GLY Y 221 -11.40 19.75 5.46
C GLY Y 221 -9.93 20.00 5.13
N TYR Y 222 -9.43 21.18 5.46
CA TYR Y 222 -8.01 21.44 5.26
C TYR Y 222 -7.18 20.55 6.16
N ALA Y 223 -7.61 20.34 7.41
CA ALA Y 223 -6.92 19.39 8.28
C ALA Y 223 -6.97 17.98 7.72
N ALA Y 224 -8.12 17.58 7.16
CA ALA Y 224 -8.29 16.24 6.63
C ALA Y 224 -7.51 16.01 5.34
N GLU Y 225 -7.35 17.03 4.51
CA GLU Y 225 -6.54 16.90 3.31
C GLU Y 225 -5.05 16.96 3.65
N ILE Y 226 -4.68 17.75 4.66
CA ILE Y 226 -3.32 17.68 5.18
C ILE Y 226 -3.06 16.29 5.72
N SER Y 227 -4.07 15.66 6.33
CA SER Y 227 -3.99 14.25 6.64
C SER Y 227 -3.85 13.42 5.36
N ALA Y 228 -4.62 13.74 4.32
CA ALA Y 228 -4.44 13.06 3.05
C ALA Y 228 -3.05 13.30 2.49
N ARG Y 229 -2.40 14.38 2.91
CA ARG Y 229 -1.00 14.59 2.62
C ARG Y 229 -0.10 13.94 3.66
N ARG Y 230 -0.67 13.35 4.71
CA ARG Y 230 0.07 12.53 5.66
C ARG Y 230 -0.54 11.16 5.86
N ASN Y 231 -1.65 10.85 5.18
CA ASN Y 231 -2.28 9.52 5.22
C ASN Y 231 -2.55 8.94 3.83
N ALA Y 232 -2.26 9.67 2.75
CA ALA Y 232 -2.25 9.06 1.43
C ALA Y 232 -0.82 8.97 0.89
N MET Y 233 -0.04 10.04 1.04
CA MET Y 233 1.39 9.95 0.73
C MET Y 233 2.09 9.00 1.68
N ASP Y 234 1.54 8.81 2.88
CA ASP Y 234 2.07 7.81 3.80
C ASP Y 234 1.97 6.41 3.20
N ASN Y 235 0.82 6.09 2.60
CA ASN Y 235 0.70 4.82 1.88
C ASN Y 235 1.66 4.78 0.71
N ALA Y 236 1.83 5.91 0.01
CA ALA Y 236 2.80 5.98 -1.09
C ALA Y 236 4.21 5.82 -0.58
N SER Y 237 4.51 6.38 0.60
CA SER Y 237 5.82 6.19 1.21
C SER Y 237 6.06 4.72 1.57
N LYS Y 238 5.01 4.03 2.02
CA LYS Y 238 5.13 2.61 2.29
C LYS Y 238 5.39 1.81 1.01
N ASN Y 239 4.67 2.17 -0.05
CA ASN Y 239 4.89 1.51 -1.34
C ASN Y 239 6.32 1.74 -1.84
N ALA Y 240 6.82 2.97 -1.68
CA ALA Y 240 8.19 3.27 -2.06
C ALA Y 240 9.18 2.50 -1.20
N GLY Y 241 8.94 2.39 0.10
CA GLY Y 241 9.82 1.59 0.94
C GLY Y 241 9.88 0.14 0.51
N ASP Y 242 8.71 -0.46 0.22
CA ASP Y 242 8.67 -1.85 -0.20
C ASP Y 242 9.37 -2.05 -1.54
N MET Y 243 9.07 -1.17 -2.51
CA MET Y 243 9.72 -1.26 -3.81
C MET Y 243 11.22 -1.06 -3.69
N ILE Y 244 11.64 -0.16 -2.80
CA ILE Y 244 13.06 0.14 -2.64
C ILE Y 244 13.78 -1.04 -2.00
N ASN Y 245 13.14 -1.69 -1.04
CA ASN Y 245 13.73 -2.89 -0.44
C ASN Y 245 13.86 -4.00 -1.47
N ARG Y 246 12.80 -4.23 -2.26
CA ARG Y 246 12.84 -5.24 -3.31
C ARG Y 246 13.94 -4.96 -4.33
N TYR Y 247 14.00 -3.71 -4.80
CA TYR Y 247 15.00 -3.35 -5.80
C TYR Y 247 16.42 -3.40 -5.23
N SER Y 248 16.59 -2.98 -3.98
CA SER Y 248 17.89 -3.10 -3.34
C SER Y 248 18.31 -4.55 -3.23
N ILE Y 249 17.37 -5.43 -2.91
CA ILE Y 249 17.67 -6.86 -2.86
C ILE Y 249 18.10 -7.35 -4.23
N LEU Y 250 17.36 -6.98 -5.27
CA LEU Y 250 17.68 -7.43 -6.61
C LEU Y 250 19.05 -6.93 -7.06
N TYR Y 251 19.37 -5.66 -6.77
CA TYR Y 251 20.65 -5.09 -7.21
C TYR Y 251 21.81 -5.64 -6.41
N ASN Y 252 21.66 -5.81 -5.10
CA ASN Y 252 22.71 -6.41 -4.31
C ASN Y 252 22.96 -7.85 -4.74
N ARG Y 253 21.89 -8.59 -5.05
CA ARG Y 253 22.05 -9.95 -5.55
C ARG Y 253 22.71 -9.95 -6.93
N THR Y 254 22.34 -9.01 -7.79
CA THR Y 254 22.89 -8.97 -9.14
C THR Y 254 24.38 -8.63 -9.12
N ARG Y 255 24.78 -7.66 -8.29
CA ARG Y 255 26.19 -7.32 -8.20
C ARG Y 255 27.01 -8.50 -7.67
N GLN Y 256 26.54 -9.14 -6.60
CA GLN Y 256 27.24 -10.29 -6.06
C GLN Y 256 27.34 -11.41 -7.08
N ALA Y 257 26.23 -11.72 -7.76
CA ALA Y 257 26.22 -12.80 -8.74
C ALA Y 257 27.13 -12.47 -9.90
N VAL Y 258 27.19 -11.20 -10.29
CA VAL Y 258 28.08 -10.80 -11.38
C VAL Y 258 29.53 -11.02 -10.97
N ILE Y 259 29.89 -10.62 -9.75
CA ILE Y 259 31.26 -10.83 -9.30
C ILE Y 259 31.58 -12.31 -9.22
N THR Y 260 30.64 -13.11 -8.73
CA THR Y 260 30.87 -14.55 -8.62
C THR Y 260 31.03 -15.17 -10.01
N ASN Y 261 30.17 -14.80 -10.95
CA ASN Y 261 30.28 -15.34 -12.29
C ASN Y 261 31.58 -14.91 -12.93
N GLU Y 262 32.04 -13.70 -12.61
CA GLU Y 262 33.33 -13.25 -13.11
C GLU Y 262 34.46 -14.12 -12.58
N LEU Y 263 34.46 -14.38 -11.29
CA LEU Y 263 35.49 -15.24 -10.71
C LEU Y 263 35.43 -16.63 -11.32
N VAL Y 264 34.22 -17.16 -11.51
CA VAL Y 264 34.06 -18.50 -12.06
C VAL Y 264 34.57 -18.54 -13.49
N ASP Y 265 34.25 -17.51 -14.28
CA ASP Y 265 34.73 -17.46 -15.66
C ASP Y 265 36.25 -17.36 -15.71
N ILE Y 266 36.84 -16.56 -14.82
CA ILE Y 266 38.28 -16.37 -14.83
C ILE Y 266 38.99 -17.66 -14.45
N ILE Y 267 38.46 -18.38 -13.45
CA ILE Y 267 39.08 -19.64 -13.06
C ILE Y 267 38.86 -20.70 -14.13
N THR Y 268 37.64 -20.78 -14.67
CA THR Y 268 37.34 -21.75 -15.72
C THR Y 268 38.18 -21.51 -16.96
N GLY Y 269 38.55 -20.25 -17.21
CA GLY Y 269 39.57 -20.00 -18.21
C GLY Y 269 40.90 -20.61 -17.82
N ALA Y 270 41.29 -20.43 -16.57
CA ALA Y 270 42.53 -21.00 -16.08
C ALA Y 270 42.36 -22.49 -15.82
N SER Z 1 -27.65 23.83 35.47
CA SER Z 1 -26.38 24.21 36.08
C SER Z 1 -26.44 25.63 36.63
N SER Z 2 -25.92 25.81 37.85
CA SER Z 2 -25.95 27.13 38.48
C SER Z 2 -24.93 28.07 37.87
N GLY Z 3 -25.11 29.36 38.12
CA GLY Z 3 -24.25 30.37 37.53
C GLY Z 3 -24.67 30.70 36.10
N LEU Z 4 -23.68 30.94 35.26
CA LEU Z 4 -23.90 31.22 33.84
C LEU Z 4 -22.63 30.90 33.08
N LYS Z 5 -22.77 30.09 32.03
CA LYS Z 5 -21.65 29.68 31.19
C LYS Z 5 -21.59 30.54 29.95
N LEU Z 6 -20.37 30.81 29.48
CA LEU Z 6 -20.16 31.58 28.27
C LEU Z 6 -19.35 30.76 27.28
N GLN Z 7 -19.75 30.81 26.01
CA GLN Z 7 -18.98 30.17 24.96
C GLN Z 7 -18.52 31.24 24.00
N PHE Z 8 -17.38 31.87 24.32
CA PHE Z 8 -16.80 32.92 23.51
C PHE Z 8 -15.72 32.32 22.61
N ALA Z 9 -16.15 31.74 21.48
CA ALA Z 9 -15.26 31.04 20.56
C ALA Z 9 -15.37 31.71 19.19
N LEU Z 10 -14.52 32.70 18.95
CA LEU Z 10 -14.53 33.46 17.71
C LEU Z 10 -13.88 32.66 16.59
N PRO Z 11 -14.14 33.02 15.33
CA PRO Z 11 -13.55 32.26 14.22
C PRO Z 11 -12.04 32.41 14.11
N HIS Z 12 -11.43 33.29 14.92
CA HIS Z 12 -9.98 33.45 15.00
C HIS Z 12 -9.35 32.53 16.03
N GLU Z 13 -9.69 32.71 17.30
CA GLU Z 13 -9.16 31.86 18.37
C GLU Z 13 -10.15 31.86 19.52
N THR Z 14 -10.62 30.66 19.89
CA THR Z 14 -11.64 30.54 20.93
C THR Z 14 -11.10 31.06 22.26
N LEU Z 15 -11.89 31.88 22.93
CA LEU Z 15 -11.45 32.46 24.20
C LEU Z 15 -12.07 31.76 25.40
N TYR Z 16 -13.39 31.76 25.51
CA TYR Z 16 -14.11 31.17 26.62
C TYR Z 16 -14.90 29.96 26.13
N SER Z 17 -15.05 28.97 27.00
CA SER Z 17 -15.81 27.76 26.67
C SER Z 17 -16.59 27.35 27.92
N GLY Z 18 -17.83 27.84 28.04
CA GLY Z 18 -18.72 27.38 29.08
C GLY Z 18 -18.28 27.68 30.50
N SER Z 19 -17.31 28.58 30.67
CA SER Z 19 -16.83 28.91 32.01
C SER Z 19 -17.91 29.68 32.77
N GLU Z 20 -17.97 29.44 34.08
CA GLU Z 20 -18.93 30.13 34.92
C GLU Z 20 -18.57 31.60 35.05
N VAL Z 21 -19.58 32.41 35.38
CA VAL Z 21 -19.42 33.85 35.42
C VAL Z 21 -20.57 34.45 36.19
N THR Z 22 -20.40 35.68 36.66
CA THR Z 22 -21.47 36.43 37.31
C THR Z 22 -22.09 37.47 36.39
N GLN Z 23 -21.40 37.88 35.33
CA GLN Z 23 -21.94 38.83 34.37
C GLN Z 23 -21.14 38.76 33.08
N VAL Z 24 -21.82 38.94 31.95
CA VAL Z 24 -21.17 39.00 30.63
C VAL Z 24 -21.68 40.19 29.83
N ASN Z 25 -22.01 41.29 30.51
CA ASN Z 25 -22.64 42.47 29.91
C ASN Z 25 -21.97 42.87 28.61
N LEU Z 26 -22.77 42.98 27.54
CA LEU Z 26 -22.25 43.27 26.21
C LEU Z 26 -23.19 44.20 25.46
N PRO Z 27 -22.66 44.94 24.47
CA PRO Z 27 -23.43 45.90 23.62
C PRO Z 27 -24.17 45.30 22.43
N ALA Z 28 -25.41 44.85 22.67
CA ALA Z 28 -26.19 44.18 21.63
C ALA Z 28 -26.57 45.16 20.51
N LYS Z 29 -27.12 44.59 19.42
CA LYS Z 29 -27.48 45.39 18.25
C LYS Z 29 -28.62 46.35 18.57
N SER Z 30 -29.60 45.89 19.33
CA SER Z 30 -30.69 46.77 19.73
C SER Z 30 -30.41 47.51 21.03
N GLY Z 31 -29.36 47.14 21.75
CA GLY Z 31 -29.07 47.80 23.00
C GLY Z 31 -27.92 47.23 23.80
N ARG Z 32 -28.00 47.34 25.13
CA ARG Z 32 -26.94 46.87 26.02
C ARG Z 32 -27.43 45.62 26.73
N ILE Z 33 -26.78 44.49 26.45
CA ILE Z 33 -27.19 43.19 26.94
C ILE Z 33 -26.43 42.90 28.21
N GLY Z 34 -27.05 43.21 29.35
CA GLY Z 34 -26.43 42.95 30.64
C GLY Z 34 -26.85 41.64 31.25
N VAL Z 35 -26.63 40.53 30.53
CA VAL Z 35 -26.98 39.22 31.06
C VAL Z 35 -25.98 38.90 32.16
N LEU Z 36 -26.47 38.85 33.41
CA LEU Z 36 -25.60 38.54 34.55
C LEU Z 36 -25.57 37.04 34.82
N ALA Z 37 -26.72 36.45 35.12
CA ALA Z 37 -26.78 35.03 35.44
C ALA Z 37 -28.00 34.44 34.76
N ASN Z 38 -27.88 33.16 34.42
CA ASN Z 38 -28.97 32.40 33.81
C ASN Z 38 -29.38 33.00 32.47
N HIS Z 39 -29.86 34.25 32.51
CA HIS Z 39 -30.45 34.92 31.36
C HIS Z 39 -31.68 34.15 30.89
N VAL Z 40 -32.20 34.48 29.72
CA VAL Z 40 -33.40 33.81 29.21
C VAL Z 40 -33.12 33.40 27.77
N PRO Z 41 -33.93 32.50 27.24
CA PRO Z 41 -33.65 32.02 25.89
C PRO Z 41 -33.89 33.12 24.87
N THR Z 42 -32.81 33.76 24.46
CA THR Z 42 -32.79 34.83 23.47
C THR Z 42 -31.35 35.08 23.07
N VAL Z 43 -31.09 35.11 21.77
CA VAL Z 43 -29.76 35.29 21.21
C VAL Z 43 -29.79 36.51 20.29
N GLU Z 44 -28.80 37.39 20.45
CA GLU Z 44 -28.84 38.66 19.75
C GLU Z 44 -27.54 38.87 18.99
N GLN Z 45 -27.65 39.35 17.75
CA GLN Z 45 -26.49 39.88 17.07
C GLN Z 45 -25.95 41.07 17.86
N LEU Z 46 -24.63 41.19 17.91
CA LEU Z 46 -24.02 42.17 18.79
C LEU Z 46 -23.42 43.32 18.00
N LEU Z 47 -23.32 44.47 18.68
CA LEU Z 47 -22.74 45.74 18.26
C LEU Z 47 -21.41 45.98 18.95
N PRO Z 48 -20.47 46.66 18.28
CA PRO Z 48 -19.13 46.85 18.88
C PRO Z 48 -19.18 47.55 20.21
N GLY Z 49 -18.87 46.82 21.27
CA GLY Z 49 -18.88 47.39 22.61
C GLY Z 49 -17.88 46.73 23.53
N VAL Z 50 -18.22 46.63 24.80
CA VAL Z 50 -17.35 46.05 25.82
C VAL Z 50 -18.06 44.84 26.42
N VAL Z 51 -17.35 43.73 26.49
CA VAL Z 51 -17.84 42.51 27.13
C VAL Z 51 -17.04 42.33 28.40
N GLU Z 52 -17.53 42.89 29.50
CA GLU Z 52 -16.90 42.75 30.81
C GLU Z 52 -17.37 41.44 31.39
N VAL Z 53 -16.73 40.34 31.00
CA VAL Z 53 -17.15 39.01 31.40
C VAL Z 53 -16.82 38.84 32.87
N MET Z 54 -17.81 39.07 33.73
CA MET Z 54 -17.62 39.00 35.18
C MET Z 54 -17.66 37.53 35.57
N GLU Z 55 -16.49 36.93 35.73
CA GLU Z 55 -16.37 35.56 36.17
C GLU Z 55 -16.67 35.50 37.67
N GLY Z 56 -16.42 34.34 38.30
CA GLY Z 56 -16.39 34.33 39.74
C GLY Z 56 -15.36 35.30 40.28
N SER Z 57 -14.31 35.58 39.51
CA SER Z 57 -13.35 36.63 39.80
C SER Z 57 -13.78 37.91 39.09
N ASN Z 58 -12.87 38.89 39.04
CA ASN Z 58 -13.16 40.21 38.49
C ASN Z 58 -13.66 40.18 37.06
N SER Z 59 -14.34 41.24 36.64
CA SER Z 59 -14.92 41.35 35.30
C SER Z 59 -13.87 41.86 34.33
N LYS Z 60 -13.32 40.96 33.52
CA LYS Z 60 -12.36 41.35 32.49
C LYS Z 60 -13.08 42.14 31.39
N LYS Z 61 -12.57 43.32 31.06
CA LYS Z 61 -13.17 44.19 30.05
C LYS Z 61 -12.36 44.13 28.77
N PHE Z 62 -13.03 43.79 27.67
CA PHE Z 62 -12.40 43.66 26.36
C PHE Z 62 -13.34 44.26 25.32
N PHE Z 63 -12.95 45.39 24.74
CA PHE Z 63 -13.74 46.01 23.69
C PHE Z 63 -13.80 45.07 22.49
N ILE Z 64 -14.96 44.44 22.29
CA ILE Z 64 -15.16 43.43 21.27
C ILE Z 64 -15.97 44.03 20.12
N SER Z 65 -15.46 43.86 18.90
CA SER Z 65 -16.01 44.52 17.72
C SER Z 65 -17.08 43.70 17.03
N GLY Z 66 -17.84 42.89 17.76
CA GLY Z 66 -18.96 42.18 17.18
C GLY Z 66 -19.12 40.74 17.61
N GLY Z 67 -20.28 40.16 17.33
CA GLY Z 67 -20.53 38.77 17.58
C GLY Z 67 -22.00 38.52 17.82
N PHE Z 68 -22.30 37.31 18.26
CA PHE Z 68 -23.62 36.92 18.74
C PHE Z 68 -23.45 36.03 19.95
N ALA Z 69 -24.16 36.33 21.03
CA ALA Z 69 -24.03 35.62 22.30
C ALA Z 69 -25.33 34.84 22.53
N THR Z 70 -25.31 33.55 22.18
CA THR Z 70 -26.48 32.72 22.31
C THR Z 70 -26.71 32.35 23.76
N VAL Z 71 -27.82 32.85 24.32
CA VAL Z 71 -28.17 32.57 25.71
C VAL Z 71 -28.97 31.28 25.73
N GLN Z 72 -28.26 30.17 25.78
CA GLN Z 72 -28.88 28.85 25.75
C GLN Z 72 -29.57 28.63 27.08
N PRO Z 73 -30.60 27.79 27.10
CA PRO Z 73 -31.40 27.66 28.34
C PRO Z 73 -30.58 27.16 29.51
N ASP Z 74 -29.41 26.60 29.28
CA ASP Z 74 -28.54 26.10 30.33
C ASP Z 74 -27.62 27.17 30.90
N SER Z 75 -28.06 28.44 30.88
CA SER Z 75 -27.24 29.56 31.32
C SER Z 75 -25.92 29.59 30.58
N GLN Z 76 -25.98 29.13 29.32
CA GLN Z 76 -24.82 29.09 28.45
C GLN Z 76 -24.91 30.25 27.47
N LEU Z 77 -23.91 31.13 27.50
CA LEU Z 77 -23.87 32.31 26.63
C LEU Z 77 -22.85 32.03 25.53
N CYS Z 78 -23.34 31.53 24.39
CA CYS Z 78 -22.46 31.17 23.28
C CYS Z 78 -22.12 32.44 22.51
N VAL Z 79 -21.05 33.12 22.94
CA VAL Z 79 -20.66 34.38 22.33
C VAL Z 79 -19.67 34.13 21.20
N THR Z 80 -20.18 33.76 20.03
CA THR Z 80 -19.33 33.51 18.86
C THR Z 80 -18.99 34.86 18.24
N ALA Z 81 -18.02 35.53 18.83
CA ALA Z 81 -17.57 36.84 18.38
C ALA Z 81 -16.82 36.69 17.05
N ILE Z 82 -16.28 37.80 16.56
CA ILE Z 82 -15.48 37.79 15.34
C ILE Z 82 -14.04 38.17 15.71
N GLU Z 83 -13.86 38.79 16.88
CA GLU Z 83 -12.56 39.27 17.31
C GLU Z 83 -12.36 38.97 18.78
N ALA Z 84 -11.08 38.88 19.18
CA ALA Z 84 -10.68 38.70 20.55
C ALA Z 84 -10.01 39.98 21.06
N PHE Z 85 -9.98 40.14 22.38
CA PHE Z 85 -9.45 41.37 22.95
C PHE Z 85 -9.04 41.16 24.41
N PRO Z 86 -7.90 41.68 24.81
CA PRO Z 86 -7.49 41.56 26.22
C PRO Z 86 -8.08 42.67 27.07
N LEU Z 87 -7.84 42.56 28.39
CA LEU Z 87 -8.14 43.66 29.30
C LEU Z 87 -7.00 44.66 29.34
N GLU Z 88 -5.89 44.37 28.66
CA GLU Z 88 -4.77 45.30 28.57
C GLU Z 88 -4.33 45.63 27.15
N SER Z 89 -4.32 44.65 26.23
CA SER Z 89 -3.90 44.92 24.86
C SER Z 89 -4.99 45.65 24.08
N PHE Z 90 -6.23 45.54 24.53
CA PHE Z 90 -7.33 46.27 23.92
C PHE Z 90 -7.45 47.69 24.44
N SER Z 91 -6.37 48.23 25.01
CA SER Z 91 -6.36 49.57 25.61
C SER Z 91 -5.13 50.32 25.13
N GLN Z 92 -5.33 51.34 24.31
CA GLN Z 92 -4.24 52.13 23.77
C GLN Z 92 -4.77 53.46 23.27
N GLU Z 93 -3.86 54.40 23.04
CA GLU Z 93 -4.21 55.76 22.63
C GLU Z 93 -3.95 56.02 21.15
N ASN Z 94 -2.67 55.99 20.74
CA ASN Z 94 -2.31 56.35 19.37
C ASN Z 94 -2.88 55.37 18.36
N ILE Z 95 -2.89 54.07 18.69
CA ILE Z 95 -3.39 53.07 17.74
C ILE Z 95 -4.89 53.23 17.52
N LYS Z 96 -5.60 53.87 18.44
CA LYS Z 96 -7.05 54.03 18.31
C LYS Z 96 -7.47 55.38 17.76
N ASN Z 97 -6.52 56.27 17.42
CA ASN Z 97 -6.85 57.61 16.92
C ASN Z 97 -6.38 57.84 15.49
N LEU Z 98 -5.20 57.35 15.14
CA LEU Z 98 -4.67 57.59 13.80
C LEU Z 98 -5.14 56.55 12.79
N LEU Z 99 -5.38 55.31 13.24
CA LEU Z 99 -5.75 54.24 12.30
C LEU Z 99 -7.10 54.49 11.65
N ALA Z 100 -8.11 54.87 12.43
CA ALA Z 100 -9.42 55.17 11.86
C ALA Z 100 -9.33 56.35 10.89
N GLU Z 101 -8.61 57.40 11.29
CA GLU Z 101 -8.49 58.58 10.43
C GLU Z 101 -7.75 58.27 9.14
N ALA Z 102 -6.70 57.45 9.21
CA ALA Z 102 -6.03 57.02 7.99
C ALA Z 102 -6.98 56.19 7.12
N LYS Z 103 -7.80 55.36 7.76
CA LYS Z 103 -8.85 54.63 7.05
C LYS Z 103 -9.87 55.56 6.41
N LYS Z 104 -10.03 56.78 6.95
CA LYS Z 104 -10.94 57.75 6.32
C LYS Z 104 -10.48 58.09 4.92
N ASN Z 105 -9.21 57.85 4.61
CA ASN Z 105 -8.75 57.93 3.23
C ASN Z 105 -9.47 56.90 2.35
N VAL Z 106 -9.66 55.68 2.86
CA VAL Z 106 -10.37 54.67 2.09
C VAL Z 106 -11.81 55.11 1.83
N SER Z 107 -12.38 55.89 2.75
CA SER Z 107 -13.73 56.42 2.57
C SER Z 107 -13.84 57.33 1.36
N SER Z 108 -12.71 57.79 0.83
CA SER Z 108 -12.72 58.56 -0.40
C SER Z 108 -12.95 57.70 -1.63
N SER Z 109 -13.26 56.42 -1.48
CA SER Z 109 -13.50 55.55 -2.63
C SER Z 109 -14.94 55.74 -3.11
N ASP Z 110 -15.38 54.89 -4.04
CA ASP Z 110 -16.69 55.04 -4.64
C ASP Z 110 -17.80 54.70 -3.64
N ALA Z 111 -19.04 54.73 -4.13
CA ALA Z 111 -20.20 54.70 -3.24
C ALA Z 111 -20.31 53.40 -2.44
N ARG Z 112 -20.19 52.25 -3.09
CA ARG Z 112 -20.31 50.98 -2.36
C ARG Z 112 -19.14 50.79 -1.41
N GLU Z 113 -17.95 51.22 -1.81
CA GLU Z 113 -16.79 51.15 -0.92
C GLU Z 113 -16.98 52.03 0.31
N ALA Z 114 -17.48 53.25 0.14
CA ALA Z 114 -17.76 54.09 1.30
C ALA Z 114 -18.86 53.49 2.16
N ALA Z 115 -19.86 52.89 1.53
CA ALA Z 115 -20.93 52.25 2.29
C ALA Z 115 -20.38 51.11 3.14
N GLU Z 116 -19.42 50.36 2.60
CA GLU Z 116 -18.77 49.32 3.39
C GLU Z 116 -17.94 49.92 4.52
N ALA Z 117 -17.07 50.89 4.20
CA ALA Z 117 -16.14 51.45 5.16
C ALA Z 117 -16.79 52.35 6.20
N ALA Z 118 -18.07 52.70 6.02
CA ALA Z 118 -18.76 53.48 7.03
C ALA Z 118 -18.77 52.77 8.37
N ILE Z 119 -18.73 51.45 8.38
CA ILE Z 119 -18.55 50.72 9.63
C ILE Z 119 -17.20 51.03 10.25
N GLN Z 120 -16.13 51.01 9.44
CA GLN Z 120 -14.80 51.29 9.97
C GLN Z 120 -14.68 52.73 10.41
N VAL Z 121 -15.56 53.60 9.91
CA VAL Z 121 -15.49 55.02 10.28
C VAL Z 121 -15.53 55.17 11.80
N GLU Z 122 -16.41 54.43 12.47
CA GLU Z 122 -16.48 54.51 13.92
C GLU Z 122 -15.96 53.27 14.62
N VAL Z 123 -15.29 52.37 13.90
CA VAL Z 123 -14.89 51.10 14.50
C VAL Z 123 -13.87 51.31 15.62
N LEU Z 124 -12.84 52.13 15.35
CA LEU Z 124 -11.74 52.25 16.30
C LEU Z 124 -12.12 53.06 17.53
N GLU Z 125 -13.10 53.95 17.39
CA GLU Z 125 -13.54 54.74 18.53
C GLU Z 125 -14.04 53.86 19.67
N ASN Z 126 -14.65 52.71 19.36
CA ASN Z 126 -15.23 51.85 20.39
C ASN Z 126 -14.16 51.28 21.32
N LEU Z 127 -13.02 50.87 20.76
CA LEU Z 127 -11.96 50.30 21.59
C LEU Z 127 -11.38 51.35 22.54
N GLN Z 128 -11.08 52.54 22.01
CA GLN Z 128 -10.56 53.60 22.87
C GLN Z 128 -11.60 54.03 23.89
N SER Z 129 -12.88 53.90 23.56
CA SER Z 129 -13.93 54.23 24.52
C SER Z 129 -13.99 53.21 25.65
N VAL Z 130 -14.01 51.92 25.31
CA VAL Z 130 -14.18 50.86 26.30
C VAL Z 130 -12.89 50.50 27.02
N LEU Z 131 -11.76 51.07 26.60
CA LEU Z 131 -10.50 50.77 27.26
C LEU Z 131 -10.46 51.31 28.68
N LYS Z 132 -11.16 52.43 28.91
CA LYS Z 132 -11.19 53.10 30.21
C LYS Z 132 -9.79 53.45 30.69
N SER AA 1 -21.81 48.83 10.74
CA SER AA 1 -22.70 49.98 10.90
C SER AA 1 -23.60 50.16 9.67
N ALA AA 2 -22.98 50.44 8.52
CA ALA AA 2 -23.70 50.58 7.26
C ALA AA 2 -23.84 49.25 6.53
N TRP AA 3 -23.78 48.13 7.25
CA TRP AA 3 -24.04 46.83 6.64
C TRP AA 3 -25.46 46.71 6.12
N ARG AA 4 -26.38 47.53 6.65
CA ARG AA 4 -27.78 47.38 6.29
C ARG AA 4 -28.03 47.69 4.82
N LYS AA 5 -27.41 48.73 4.30
CA LYS AA 5 -27.88 49.28 3.03
C LYS AA 5 -27.25 48.61 1.81
N ALA AA 6 -25.95 48.78 1.62
CA ALA AA 6 -25.30 48.42 0.36
C ALA AA 6 -24.00 47.64 0.53
N GLY AA 7 -23.83 46.94 1.64
CA GLY AA 7 -22.63 46.15 1.85
C GLY AA 7 -22.68 44.84 1.08
N ILE AA 8 -22.06 43.82 1.68
CA ILE AA 8 -22.06 42.46 1.14
C ILE AA 8 -22.86 41.52 2.03
N SER AA 9 -22.47 41.38 3.29
CA SER AA 9 -23.20 40.55 4.24
C SER AA 9 -22.70 40.86 5.64
N TYR AA 10 -23.38 40.25 6.63
CA TYR AA 10 -22.97 40.40 8.02
C TYR AA 10 -21.52 39.98 8.22
N ALA AA 11 -21.10 38.93 7.53
CA ALA AA 11 -19.71 38.50 7.61
C ALA AA 11 -18.77 39.58 7.10
N ALA AA 12 -19.15 40.25 6.01
CA ALA AA 12 -18.32 41.35 5.50
C ALA AA 12 -18.15 42.43 6.55
N TYR AA 13 -19.25 42.81 7.22
CA TYR AA 13 -19.18 43.89 8.22
C TYR AA 13 -18.33 43.48 9.41
N LEU AA 14 -18.59 42.30 9.97
CA LEU AA 14 -17.82 41.87 11.12
C LEU AA 14 -16.35 41.64 10.76
N ASN AA 15 -16.06 41.27 9.51
CA ASN AA 15 -14.68 41.05 9.10
C ASN AA 15 -13.94 42.37 8.92
N VAL AA 16 -14.62 43.37 8.34
CA VAL AA 16 -14.01 44.69 8.26
C VAL AA 16 -13.79 45.24 9.66
N ALA AA 17 -14.72 44.98 10.57
CA ALA AA 17 -14.54 45.37 11.97
C ALA AA 17 -13.34 44.66 12.57
N ALA AA 18 -13.16 43.37 12.23
CA ALA AA 18 -11.99 42.64 12.69
C ALA AA 18 -10.71 43.26 12.14
N GLN AA 19 -10.71 43.65 10.87
CA GLN AA 19 -9.53 44.26 10.27
C GLN AA 19 -9.20 45.58 10.94
N ALA AA 20 -10.23 46.39 11.23
CA ALA AA 20 -9.99 47.65 11.91
C ALA AA 20 -9.53 47.44 13.35
N ILE AA 21 -10.15 46.49 14.05
CA ILE AA 21 -9.80 46.23 15.46
C ILE AA 21 -8.36 45.74 15.56
N ARG AA 22 -7.96 44.87 14.63
CA ARG AA 22 -6.56 44.48 14.53
C ARG AA 22 -5.69 45.69 14.22
N SER AA 23 -6.16 46.57 13.33
CA SER AA 23 -5.47 47.84 13.12
C SER AA 23 -5.47 48.68 14.39
N SER AA 24 -6.46 48.49 15.26
CA SER AA 24 -6.44 49.13 16.56
C SER AA 24 -5.61 48.31 17.53
N LEU AA 25 -4.45 47.86 17.09
CA LEU AA 25 -3.56 47.01 17.88
C LEU AA 25 -2.22 46.94 17.17
N LYS AA 26 -1.19 46.61 17.95
CA LYS AA 26 0.18 46.51 17.45
C LYS AA 26 0.55 45.05 17.18
N THR AA 27 1.84 44.80 16.97
CA THR AA 27 2.30 43.47 16.64
C THR AA 27 2.28 42.54 17.86
N GLU AA 28 2.26 43.11 19.06
CA GLU AA 28 2.29 42.29 20.27
C GLU AA 28 0.99 41.51 20.48
N LEU AA 29 -0.05 41.80 19.71
CA LEU AA 29 -1.30 41.04 19.75
C LEU AA 29 -1.61 40.32 18.44
N GLN AA 30 -1.41 40.99 17.30
CA GLN AA 30 -1.78 40.44 16.00
C GLN AA 30 -0.89 39.26 15.63
N THR AA 31 -1.43 38.04 15.70
CA THR AA 31 -0.67 36.85 15.35
C THR AA 31 -0.51 36.76 13.83
N ALA AA 32 0.15 35.69 13.39
CA ALA AA 32 0.42 35.52 11.97
C ALA AA 32 -0.86 35.32 11.17
N SER AA 33 -1.82 34.57 11.72
CA SER AA 33 -3.07 34.32 10.99
C SER AA 33 -3.84 35.61 10.75
N VAL AA 34 -3.60 36.64 11.57
CA VAL AA 34 -4.18 37.95 11.29
C VAL AA 34 -3.65 38.51 9.98
N LEU AA 35 -2.45 38.10 9.55
CA LEU AA 35 -1.95 38.55 8.25
C LEU AA 35 -2.78 37.98 7.12
N ASN AA 36 -3.05 36.67 7.14
CA ASN AA 36 -3.93 36.09 6.13
C ASN AA 36 -5.34 36.63 6.27
N ARG AA 37 -5.75 36.94 7.49
CA ARG AA 37 -7.01 37.65 7.69
C ARG AA 37 -7.00 38.99 6.96
N SER AA 38 -5.83 39.62 6.89
CA SER AA 38 -5.69 40.84 6.12
C SER AA 38 -5.25 40.54 4.70
N GLN AA 39 -4.26 39.66 4.54
CA GLN AA 39 -3.89 39.20 3.22
C GLN AA 39 -4.75 38.02 2.82
N THR AA 40 -5.89 38.31 2.22
CA THR AA 40 -6.81 37.29 1.73
C THR AA 40 -6.51 37.08 0.25
N ASP AA 41 -5.98 35.92 -0.10
CA ASP AA 41 -5.65 35.60 -1.47
C ASP AA 41 -6.74 34.79 -2.17
N ALA AA 42 -7.87 34.57 -1.51
CA ALA AA 42 -9.01 33.91 -2.14
C ALA AA 42 -9.47 34.75 -3.31
N PHE AA 43 -9.38 34.20 -4.51
CA PHE AA 43 -9.67 34.92 -5.74
C PHE AA 43 -11.06 34.53 -6.23
N TYR AA 44 -12.02 35.44 -6.08
CA TYR AA 44 -13.42 35.16 -6.37
C TYR AA 44 -13.73 35.46 -7.84
N THR AA 45 -13.99 34.41 -8.61
CA THR AA 45 -14.48 34.52 -9.98
C THR AA 45 -15.77 33.71 -10.09
N GLN AA 46 -16.90 34.39 -9.94
CA GLN AA 46 -18.19 33.72 -10.01
C GLN AA 46 -18.35 33.16 -11.42
N TYR AA 47 -18.59 31.87 -11.53
CA TYR AA 47 -18.74 31.21 -12.81
C TYR AA 47 -20.09 31.60 -13.41
N LYS AA 48 -20.60 30.79 -14.34
CA LYS AA 48 -21.90 31.05 -14.93
C LYS AA 48 -22.52 29.74 -15.37
N ASN AA 49 -23.65 29.83 -16.08
CA ASN AA 49 -24.29 28.64 -16.63
C ASN AA 49 -23.43 28.00 -17.70
N GLY AA 50 -22.73 28.81 -18.49
CA GLY AA 50 -21.86 28.31 -19.52
C GLY AA 50 -20.43 28.19 -19.04
N THR AA 51 -20.27 28.04 -17.73
CA THR AA 51 -18.97 27.96 -17.09
C THR AA 51 -18.13 29.18 -17.44
N ALA AA 52 -18.65 30.35 -17.06
CA ALA AA 52 -17.96 31.63 -17.27
C ALA AA 52 -17.43 32.14 -15.93
N ALA AA 53 -16.28 31.63 -15.52
CA ALA AA 53 -15.54 32.19 -14.39
C ALA AA 53 -14.92 33.50 -14.86
N SER AA 54 -15.60 34.62 -14.56
CA SER AA 54 -15.28 35.90 -15.18
C SER AA 54 -13.87 36.35 -14.81
N GLU AA 55 -13.63 36.65 -13.54
CA GLU AA 55 -12.35 37.21 -13.13
C GLU AA 55 -12.06 36.88 -11.68
N PRO AA 56 -10.93 36.24 -11.39
CA PRO AA 56 -10.62 35.81 -10.01
C PRO AA 56 -10.14 36.97 -9.15
N THR AA 57 -11.03 37.93 -8.92
CA THR AA 57 -10.70 39.05 -8.04
C THR AA 57 -10.47 38.53 -6.62
N PRO AA 58 -9.43 39.00 -5.94
CA PRO AA 58 -9.22 38.56 -4.55
C PRO AA 58 -10.46 38.86 -3.72
N ILE AA 59 -10.84 37.89 -2.89
CA ILE AA 59 -12.10 37.96 -2.18
C ILE AA 59 -12.16 39.19 -1.27
#